data_7U3D
#
_entry.id   7U3D
#
_cell.length_a   94.881
_cell.length_b   145.379
_cell.length_c   229.466
_cell.angle_alpha   90.000
_cell.angle_beta   90.000
_cell.angle_gamma   90.000
#
_symmetry.space_group_name_H-M   'P 2 21 21'
#
loop_
_entity.id
_entity.type
_entity.pdbx_description
1 polymer 'Glycogen debranching enzyme GlgX'
2 branched 4,6-dideoxy-4-{[(1S,4R,5S,6S)-4,5,6-trihydroxy-3-(hydroxymethyl)cyclohex-2-en-1-yl]amino}-alpha-D-glucopyranose-(1-4)-alpha-D-glucopyranose-(1-4)-alpha-D-glucopyranose
3 non-polymer "9,9'-[(2R,3R,3aS,5S,7aR,9R,10R,10aS,12S,14aR)-3,5,10,12-tetrahydroxy-5,12-dioxidooctahydro-2H,7H-difuro[3,2-d:3',2'-j][1,3,7,9,2,8]tetraoxadiphosphacyclododecine-2,9-diyl]bis(2-amino-1,9-dihydro-6H-purin-6-one)"
4 water water
#
_entity_poly.entity_id   1
_entity_poly.type   'polypeptide(L)'
_entity_poly.pdbx_seq_one_letter_code
;GSHMQVWPGQAYPLGATYDGAGTNFAVFSEAAHRIELCLLHDDGSETAVELRETDAFVRHAYLPGVMPGQRYGFRVHGPY
APERGLRCNAAKLLLDPYARAVSGRVRWGEAVYGYPFGRPDARNDLDSAPDTMTSVVVNPYFDWGDDRRPRTEYHHTVIY
EAHVKGLTMLHPDLPEELRGTYAGLAHPSVIGHLRELGVTALELMPVHQFVNDHRLVDAGLSNYWGYNTIGFFAPHNAYA
SWGDRGQQVLEFKSAVRALHQAGIEVILDVVYNHTAEGNHLGPTLSMRGLDNPSYYRLADDPRYYMDTTGTGNSLLMRSP
HVLQLIMDSLRYWVTEMHVDGFRFDLAATLARQFHEVDRLSSFFDLVQQDPVVSQVKLIAEPWDVGEGGYQVGNFPPLWT
EWNGKYRDCVRDLWRGEPRTLAEFASRLTGSSDLYQDDGRRPLASVNFVTCHDGFTLRDLVSYNEKRNEANGEGNRDGEN
YNRSWNCGEEGETEDVGITELRARQMRNFLATLMLSQGVPMLSHGDEFGRTQGGNNNAYCQDNEVSWVRWPKENSEAEAT
LLRFTRSMVRLRREHPVFRRRRFFHGRPVEGTHDELTDIAWFTPEGEEMTSRDWQAAHAQALTVFLNGNAISEPGTQGER
IADDSFLLMFNASAKELEFVVPDSHGRYWRMVVDTSDPEGMPPQQGPELAGGERVTLAPLSLTVLRRPA
;
_entity_poly.pdbx_strand_id   A,F,B,C
#
# COMPACT_ATOMS: atom_id res chain seq x y z
N GLN A 5 34.12 -0.70 2.09
CA GLN A 5 33.30 -0.64 0.88
C GLN A 5 32.35 0.56 0.86
N VAL A 6 32.51 1.42 -0.16
CA VAL A 6 31.76 2.66 -0.30
C VAL A 6 31.24 2.77 -1.72
N TRP A 7 29.93 2.92 -1.87
CA TRP A 7 29.28 3.12 -3.14
C TRP A 7 28.84 4.58 -3.29
N PRO A 8 28.65 5.06 -4.51
CA PRO A 8 28.18 6.43 -4.69
C PRO A 8 26.84 6.69 -4.02
N GLY A 9 25.89 5.76 -4.13
CA GLY A 9 24.61 5.91 -3.47
C GLY A 9 23.71 6.95 -4.11
N GLN A 10 23.00 7.69 -3.27
CA GLN A 10 21.98 8.63 -3.73
C GLN A 10 22.01 9.89 -2.88
N ALA A 11 21.58 10.98 -3.47
CA ALA A 11 21.52 12.24 -2.73
C ALA A 11 20.19 12.45 -2.01
N TYR A 12 19.24 11.52 -2.15
CA TYR A 12 17.89 11.63 -1.63
C TYR A 12 17.45 10.30 -1.05
N PRO A 13 16.72 10.30 0.07
CA PRO A 13 16.40 11.47 0.90
C PRO A 13 17.59 11.93 1.73
N LEU A 14 17.47 13.10 2.36
CA LEU A 14 18.54 13.59 3.23
C LEU A 14 18.60 12.77 4.53
N GLY A 15 19.80 12.61 5.06
CA GLY A 15 20.00 11.85 6.27
C GLY A 15 20.55 10.46 6.02
N ALA A 16 20.41 9.62 7.05
CA ALA A 16 20.79 8.21 7.01
C ALA A 16 19.56 7.36 6.70
N THR A 17 19.52 6.74 5.53
CA THR A 17 18.44 5.85 5.15
C THR A 17 18.95 4.41 5.10
N TYR A 18 18.36 3.54 5.91
CA TYR A 18 18.71 2.13 5.97
C TYR A 18 17.73 1.34 5.11
N ASP A 19 18.26 0.47 4.25
CA ASP A 19 17.44 -0.30 3.32
C ASP A 19 17.31 -1.78 3.70
N GLY A 20 18.09 -2.27 4.67
CA GLY A 20 18.17 -3.68 4.96
C GLY A 20 19.52 -4.28 4.66
N ALA A 21 20.21 -3.78 3.64
CA ALA A 21 21.56 -4.22 3.30
C ALA A 21 22.62 -3.25 3.75
N GLY A 22 22.23 -2.05 4.15
CA GLY A 22 23.18 -1.01 4.51
C GLY A 22 22.47 0.33 4.48
N THR A 23 23.28 1.39 4.60
CA THR A 23 22.72 2.70 4.87
C THR A 23 23.26 3.74 3.88
N ASN A 24 22.34 4.46 3.25
CA ASN A 24 22.65 5.65 2.46
C ASN A 24 22.76 6.87 3.36
N PHE A 25 23.76 7.71 3.09
CA PHE A 25 24.04 8.92 3.84
C PHE A 25 24.09 10.09 2.86
N ALA A 26 23.28 11.12 3.12
CA ALA A 26 23.24 12.32 2.28
C ALA A 26 23.08 13.57 3.15
N VAL A 27 23.96 14.55 2.96
CA VAL A 27 23.96 15.76 3.76
C VAL A 27 24.24 16.97 2.86
N PHE A 28 23.54 18.08 3.14
CA PHE A 28 23.68 19.30 2.36
C PHE A 28 24.75 20.22 2.95
N SER A 29 25.53 20.85 2.07
CA SER A 29 26.38 21.97 2.45
C SER A 29 26.87 22.64 1.19
N GLU A 30 26.58 23.93 1.05
CA GLU A 30 27.18 24.65 -0.06
C GLU A 30 28.58 25.14 0.26
N ALA A 31 28.91 25.32 1.54
CA ALA A 31 30.19 25.93 1.89
C ALA A 31 31.33 24.93 2.00
N ALA A 32 31.06 23.63 2.01
CA ALA A 32 32.08 22.64 2.29
C ALA A 32 32.99 22.40 1.09
N HIS A 33 34.29 22.23 1.37
CA HIS A 33 35.25 21.75 0.37
C HIS A 33 35.31 20.23 0.33
N ARG A 34 35.26 19.59 1.50
CA ARG A 34 35.13 18.15 1.66
C ARG A 34 34.24 17.87 2.87
N ILE A 35 33.50 16.77 2.82
CA ILE A 35 32.70 16.30 3.94
C ILE A 35 33.08 14.87 4.29
N GLU A 36 33.39 14.62 5.55
CA GLU A 36 33.73 13.29 6.05
C GLU A 36 32.57 12.75 6.87
N LEU A 37 32.05 11.59 6.46
CA LEU A 37 31.15 10.82 7.30
C LEU A 37 32.00 10.08 8.32
N CYS A 38 31.71 10.25 9.60
CA CYS A 38 32.45 9.59 10.67
C CYS A 38 31.54 8.56 11.31
N LEU A 39 32.08 7.40 11.60
CA LEU A 39 31.32 6.27 12.14
C LEU A 39 31.96 5.95 13.47
N LEU A 40 31.31 6.36 14.56
CA LEU A 40 31.88 6.20 15.88
C LEU A 40 31.70 4.77 16.36
N HIS A 41 32.69 4.26 17.07
CA HIS A 41 32.61 2.95 17.70
C HIS A 41 32.53 3.15 19.21
N ASP A 42 31.97 2.14 19.89
CA ASP A 42 31.71 2.26 21.32
C ASP A 42 32.95 2.57 22.17
N ASP A 43 34.16 2.52 21.59
CA ASP A 43 35.39 2.81 22.31
C ASP A 43 35.91 4.23 22.05
N GLY A 44 35.09 5.11 21.47
CA GLY A 44 35.50 6.44 21.12
C GLY A 44 36.09 6.58 19.73
N SER A 45 36.71 5.51 19.21
CA SER A 45 37.39 5.56 17.93
C SER A 45 36.41 5.82 16.78
N GLU A 46 36.97 6.17 15.64
CA GLU A 46 36.20 6.62 14.49
C GLU A 46 36.75 5.99 13.22
N THR A 47 35.86 5.65 12.31
CA THR A 47 36.22 5.30 10.94
C THR A 47 35.64 6.40 10.05
N ALA A 48 36.54 7.16 9.41
CA ALA A 48 36.15 8.24 8.51
C ALA A 48 36.02 7.75 7.08
N VAL A 49 35.05 8.31 6.38
CA VAL A 49 34.78 8.01 4.97
C VAL A 49 34.41 9.32 4.30
N GLU A 50 34.98 9.59 3.14
CA GLU A 50 34.61 10.82 2.41
C GLU A 50 33.27 10.62 1.73
N LEU A 51 32.41 11.63 1.83
CA LEU A 51 31.21 11.69 1.00
C LEU A 51 31.61 12.48 -0.23
N ARG A 52 32.02 11.75 -1.27
CA ARG A 52 32.67 12.29 -2.46
C ARG A 52 31.67 12.70 -3.53
N GLU A 53 30.70 11.83 -3.83
CA GLU A 53 29.68 12.19 -4.81
C GLU A 53 28.86 13.37 -4.30
N THR A 54 28.78 14.42 -5.11
CA THR A 54 28.06 15.65 -4.76
C THR A 54 27.04 16.00 -5.84
N ASP A 55 25.83 16.38 -5.43
CA ASP A 55 24.77 16.74 -6.37
C ASP A 55 23.91 17.86 -5.85
N ALA A 56 23.94 19.00 -6.52
CA ALA A 56 23.30 20.22 -6.02
C ALA A 56 23.67 20.42 -4.55
N PHE A 57 24.97 20.29 -4.28
CA PHE A 57 25.61 20.50 -2.99
C PHE A 57 25.17 19.52 -1.92
N VAL A 58 24.56 18.39 -2.30
CA VAL A 58 24.36 17.30 -1.36
C VAL A 58 25.42 16.23 -1.63
N ARG A 59 26.26 16.00 -0.64
CA ARG A 59 27.26 14.95 -0.69
C ARG A 59 26.67 13.66 -0.13
N HIS A 60 27.00 12.55 -0.78
CA HIS A 60 26.34 11.30 -0.43
C HIS A 60 27.24 10.11 -0.75
N ALA A 61 27.04 9.04 0.01
CA ALA A 61 27.64 7.73 -0.20
C ALA A 61 26.67 6.70 0.33
N TYR A 62 26.75 5.48 -0.20
CA TYR A 62 26.05 4.34 0.36
C TYR A 62 27.07 3.37 0.94
N LEU A 63 26.86 2.95 2.18
CA LEU A 63 27.79 2.06 2.88
C LEU A 63 27.11 0.72 3.11
N PRO A 64 27.43 -0.30 2.35
CA PRO A 64 26.80 -1.61 2.59
C PRO A 64 27.26 -2.19 3.91
N GLY A 65 26.32 -2.83 4.61
CA GLY A 65 26.61 -3.41 5.90
C GLY A 65 26.46 -2.50 7.10
N VAL A 66 26.32 -1.18 6.89
CA VAL A 66 26.10 -0.28 8.01
C VAL A 66 24.66 -0.40 8.51
N MET A 67 24.48 -0.57 9.82
CA MET A 67 23.25 -1.07 10.41
C MET A 67 22.61 -0.09 11.38
N PRO A 68 21.30 -0.23 11.64
CA PRO A 68 20.67 0.58 12.69
C PRO A 68 21.33 0.38 14.05
N GLY A 69 21.45 1.48 14.81
CA GLY A 69 22.25 1.50 16.01
C GLY A 69 23.63 2.09 15.82
N GLN A 70 24.02 2.34 14.56
CA GLN A 70 25.31 2.91 14.24
C GLN A 70 25.36 4.39 14.60
N ARG A 71 26.29 4.76 15.45
CA ARG A 71 26.54 6.17 15.74
C ARG A 71 27.41 6.78 14.64
N TYR A 72 27.00 7.95 14.15
CA TYR A 72 27.74 8.61 13.09
C TYR A 72 27.68 10.12 13.31
N GLY A 73 28.43 10.83 12.48
CA GLY A 73 28.48 12.28 12.51
C GLY A 73 29.23 12.74 11.28
N PHE A 74 29.23 14.06 11.08
CA PHE A 74 29.87 14.67 9.92
C PHE A 74 30.99 15.58 10.33
N ARG A 75 32.07 15.58 9.55
CA ARG A 75 33.13 16.57 9.67
C ARG A 75 33.25 17.30 8.35
N VAL A 76 33.11 18.63 8.40
CA VAL A 76 33.16 19.48 7.21
C VAL A 76 34.51 20.17 7.16
N HIS A 77 35.28 19.91 6.11
CA HIS A 77 36.45 20.71 5.80
C HIS A 77 35.99 21.85 4.91
N GLY A 78 36.36 23.07 5.29
CA GLY A 78 35.88 24.24 4.63
C GLY A 78 36.37 25.47 5.35
N PRO A 79 36.03 26.63 4.83
CA PRO A 79 36.68 27.85 5.30
C PRO A 79 36.15 28.27 6.66
N TYR A 80 37.07 28.66 7.54
CA TYR A 80 36.72 29.31 8.78
C TYR A 80 37.02 30.80 8.58
N ALA A 81 35.97 31.58 8.35
CA ALA A 81 36.11 33.02 8.10
C ALA A 81 34.87 33.70 8.65
N PRO A 82 34.90 34.07 9.94
CA PRO A 82 33.73 34.73 10.54
C PRO A 82 33.40 36.08 9.93
N GLU A 83 34.40 36.81 9.42
CA GLU A 83 34.11 38.02 8.66
C GLU A 83 33.16 37.74 7.50
N ARG A 84 33.30 36.58 6.87
CA ARG A 84 32.41 36.21 5.77
C ARG A 84 31.28 35.31 6.21
N GLY A 85 31.13 35.05 7.50
CA GLY A 85 30.04 34.22 7.95
C GLY A 85 30.24 32.74 7.74
N LEU A 86 31.47 32.30 7.51
CA LEU A 86 31.78 30.89 7.33
C LEU A 86 32.42 30.36 8.59
N ARG A 87 31.81 29.34 9.20
CA ARG A 87 32.32 28.80 10.46
C ARG A 87 32.57 27.30 10.39
N CYS A 88 32.96 26.81 9.22
CA CYS A 88 33.31 25.39 9.07
C CYS A 88 34.56 25.08 9.86
N ASN A 89 34.54 23.93 10.54
CA ASN A 89 35.63 23.57 11.44
C ASN A 89 35.64 22.05 11.58
N ALA A 90 36.57 21.39 10.88
CA ALA A 90 36.56 19.93 10.82
C ALA A 90 36.87 19.26 12.15
N ALA A 91 37.35 20.00 13.15
CA ALA A 91 37.58 19.37 14.45
C ALA A 91 36.28 19.11 15.21
N LYS A 92 35.15 19.59 14.72
CA LYS A 92 33.86 19.41 15.38
C LYS A 92 33.09 18.29 14.71
N LEU A 93 32.69 17.30 15.51
CA LEU A 93 31.79 16.23 15.08
C LEU A 93 30.38 16.79 15.05
N LEU A 94 29.87 17.06 13.86
CA LEU A 94 28.58 17.71 13.67
C LEU A 94 27.44 16.69 13.62
N LEU A 95 26.30 17.11 14.15
CA LEU A 95 25.07 16.33 14.09
C LEU A 95 24.48 16.35 12.69
N ASP A 96 23.92 15.22 12.29
CA ASP A 96 23.12 15.17 11.08
C ASP A 96 21.79 15.89 11.33
N PRO A 97 21.53 17.04 10.72
CA PRO A 97 20.26 17.74 10.98
C PRO A 97 19.04 16.88 10.75
N TYR A 98 19.19 15.80 9.97
CA TYR A 98 18.10 14.88 9.69
C TYR A 98 18.14 13.65 10.59
N ALA A 99 19.01 13.63 11.61
CA ALA A 99 19.13 12.48 12.50
C ALA A 99 17.76 12.04 13.02
N ARG A 100 17.40 10.78 12.74
CA ARG A 100 16.16 10.22 13.27
C ARG A 100 16.24 9.95 14.76
N ALA A 101 17.44 9.85 15.30
CA ALA A 101 17.64 9.56 16.71
C ALA A 101 18.96 10.18 17.10
N VAL A 102 18.94 10.92 18.22
CA VAL A 102 20.10 11.59 18.76
C VAL A 102 20.41 10.95 20.10
N SER A 103 21.63 10.48 20.28
CA SER A 103 22.01 9.80 21.51
C SER A 103 22.91 10.71 22.35
N GLY A 104 22.74 10.64 23.68
CA GLY A 104 23.63 11.35 24.57
C GLY A 104 23.22 12.78 24.90
N ARG A 105 24.20 13.62 25.21
CA ARG A 105 23.97 14.88 25.90
C ARG A 105 25.23 15.73 25.74
N VAL A 106 25.06 17.04 25.72
CA VAL A 106 26.21 17.93 25.57
C VAL A 106 26.96 18.00 26.90
N ARG A 107 28.27 17.74 26.87
CA ARG A 107 29.14 17.90 28.04
C ARG A 107 29.87 19.23 27.88
N TRP A 108 29.46 20.22 28.66
CA TRP A 108 29.87 21.60 28.41
C TRP A 108 31.34 21.80 28.75
N GLY A 109 32.13 22.13 27.75
CA GLY A 109 33.51 22.53 27.91
C GLY A 109 33.90 23.34 26.70
N GLU A 110 35.19 23.65 26.61
CA GLU A 110 35.60 24.45 25.46
C GLU A 110 35.52 23.69 24.14
N ALA A 111 35.58 22.35 24.17
CA ALA A 111 35.66 21.55 22.95
C ALA A 111 34.43 21.68 22.07
N VAL A 112 33.27 22.06 22.64
CA VAL A 112 32.05 22.14 21.84
C VAL A 112 31.85 23.50 21.20
N TYR A 113 32.81 24.41 21.34
CA TYR A 113 32.75 25.75 20.78
C TYR A 113 33.65 25.87 19.56
N GLY A 114 33.22 26.67 18.59
CA GLY A 114 34.03 26.82 17.39
C GLY A 114 35.19 27.76 17.53
N TYR A 115 35.22 28.54 18.61
CA TYR A 115 36.19 29.58 18.89
C TYR A 115 36.84 29.33 20.24
N PRO A 116 38.07 29.81 20.45
CA PRO A 116 38.70 29.69 21.78
C PRO A 116 38.17 30.77 22.70
N PHE A 117 38.01 30.41 23.99
CA PHE A 117 37.25 31.22 24.94
C PHE A 117 37.80 32.63 25.13
N GLY A 118 38.99 32.94 24.63
CA GLY A 118 39.47 34.30 24.76
C GLY A 118 39.25 35.17 23.54
N ARG A 119 39.03 34.55 22.38
CA ARG A 119 39.03 35.28 21.12
C ARG A 119 37.88 34.78 20.24
N PRO A 120 36.76 35.49 20.20
CA PRO A 120 35.59 34.99 19.44
C PRO A 120 35.84 34.83 17.94
N ASP A 121 36.86 35.44 17.37
CA ASP A 121 37.09 35.33 15.94
C ASP A 121 38.21 34.36 15.57
N ALA A 122 38.80 33.69 16.55
CA ALA A 122 39.78 32.65 16.29
C ALA A 122 39.10 31.28 16.15
N ARG A 123 39.85 30.31 15.63
CA ARG A 123 39.36 28.95 15.43
C ARG A 123 39.79 28.05 16.58
N ASN A 124 38.83 27.28 17.10
CA ASN A 124 39.02 26.32 18.19
C ASN A 124 39.20 24.94 17.56
N ASP A 125 40.39 24.36 17.72
CA ASP A 125 40.75 23.11 17.05
C ASP A 125 40.59 21.88 17.94
N LEU A 126 39.87 21.99 19.04
CA LEU A 126 39.63 20.85 19.92
C LEU A 126 38.64 19.89 19.27
N ASP A 127 38.89 18.59 19.45
CA ASP A 127 37.94 17.60 18.97
C ASP A 127 36.71 17.65 19.85
N SER A 128 35.55 17.74 19.22
CA SER A 128 34.31 17.84 19.96
C SER A 128 33.63 16.50 20.17
N ALA A 129 34.08 15.45 19.49
CA ALA A 129 33.37 14.17 19.53
C ALA A 129 33.13 13.62 20.92
N PRO A 130 34.07 13.67 21.88
CA PRO A 130 33.77 13.12 23.21
C PRO A 130 32.81 13.97 24.04
N ASP A 131 32.43 15.16 23.58
CA ASP A 131 31.57 16.04 24.35
C ASP A 131 30.21 16.34 23.73
N THR A 132 29.96 15.97 22.47
CA THR A 132 28.71 16.27 21.80
C THR A 132 27.76 15.07 21.82
N MET A 133 26.54 15.31 21.35
CA MET A 133 25.58 14.30 20.98
C MET A 133 25.94 13.71 19.62
N THR A 134 25.44 12.51 19.36
CA THR A 134 25.75 11.78 18.13
C THR A 134 24.45 11.32 17.49
N SER A 135 24.47 11.24 16.16
CA SER A 135 23.34 10.74 15.41
C SER A 135 23.38 9.22 15.32
N VAL A 136 22.21 8.61 15.20
CA VAL A 136 22.05 7.17 15.24
C VAL A 136 21.21 6.76 14.03
N VAL A 137 21.67 5.72 13.33
CA VAL A 137 20.90 5.11 12.25
C VAL A 137 19.76 4.32 12.85
N VAL A 138 18.54 4.54 12.34
CA VAL A 138 17.38 3.83 12.91
C VAL A 138 16.72 2.94 11.87
N ASN A 139 16.12 1.86 12.36
CA ASN A 139 15.27 1.00 11.57
C ASN A 139 13.87 1.60 11.54
N PRO A 140 13.35 1.99 10.37
CA PRO A 140 12.07 2.71 10.31
C PRO A 140 10.84 1.85 10.62
N TYR A 141 10.99 0.54 10.80
CA TYR A 141 9.86 -0.36 10.92
C TYR A 141 9.03 -0.11 12.17
N PHE A 142 7.71 -0.15 12.01
CA PHE A 142 6.76 -0.09 13.11
C PHE A 142 5.43 -0.60 12.61
N ASP A 143 4.82 -1.54 13.32
CA ASP A 143 3.54 -2.08 12.89
C ASP A 143 2.45 -1.24 13.54
N TRP A 144 1.82 -0.39 12.73
CA TRP A 144 0.77 0.48 13.24
C TRP A 144 -0.56 -0.24 13.41
N GLY A 145 -0.75 -1.38 12.74
CA GLY A 145 -1.99 -2.12 12.92
C GLY A 145 -3.17 -1.41 12.27
N ASP A 146 -4.29 -1.37 13.01
CA ASP A 146 -5.51 -0.69 12.61
C ASP A 146 -5.45 0.82 12.80
N ASP A 147 -4.29 1.38 13.12
CA ASP A 147 -4.20 2.78 13.55
C ASP A 147 -4.94 3.72 12.60
N ARG A 148 -5.83 4.54 13.15
CA ARG A 148 -6.51 5.57 12.37
C ARG A 148 -6.29 6.94 12.99
N ARG A 149 -5.99 7.91 12.15
CA ARG A 149 -5.98 9.32 12.54
C ARG A 149 -7.41 9.74 12.82
N PRO A 150 -7.72 10.23 14.02
CA PRO A 150 -9.11 10.51 14.35
C PRO A 150 -9.75 11.54 13.43
N ARG A 151 -8.96 12.48 12.93
CA ARG A 151 -9.43 13.60 12.13
C ARG A 151 -10.71 14.20 12.73
N THR A 152 -10.60 14.55 14.00
CA THR A 152 -11.68 15.24 14.71
C THR A 152 -11.83 16.65 14.17
N GLU A 153 -13.04 16.96 13.67
CA GLU A 153 -13.30 18.31 13.20
C GLU A 153 -13.07 19.33 14.32
N TYR A 154 -12.80 20.58 13.92
CA TYR A 154 -12.49 21.61 14.90
C TYR A 154 -13.67 21.86 15.85
N HIS A 155 -14.91 21.80 15.33
CA HIS A 155 -16.04 22.07 16.24
C HIS A 155 -16.34 20.88 17.22
N HIS A 156 -15.44 19.91 17.31
CA HIS A 156 -15.52 18.87 18.34
C HIS A 156 -14.23 18.79 19.13
N THR A 157 -13.30 19.73 18.94
CA THR A 157 -11.94 19.58 19.43
C THR A 157 -11.83 20.23 20.80
N VAL A 158 -11.21 19.52 21.73
CA VAL A 158 -10.82 20.03 23.05
C VAL A 158 -9.34 19.76 23.21
N ILE A 159 -8.53 20.80 23.21
CA ILE A 159 -7.09 20.65 23.28
C ILE A 159 -6.62 20.67 24.74
N TYR A 160 -5.60 19.87 25.03
CA TYR A 160 -5.00 19.70 26.36
C TYR A 160 -3.48 19.83 26.22
N GLU A 161 -2.93 21.00 26.54
CA GLU A 161 -1.49 21.19 26.45
C GLU A 161 -0.80 20.55 27.64
N ALA A 162 0.24 19.76 27.37
CA ALA A 162 0.91 18.99 28.41
C ALA A 162 2.41 18.91 28.16
N HIS A 163 3.16 18.82 29.25
CA HIS A 163 4.58 18.48 29.21
C HIS A 163 4.74 16.98 29.42
N VAL A 164 5.52 16.34 28.55
CA VAL A 164 5.61 14.87 28.59
C VAL A 164 6.08 14.42 29.96
N LYS A 165 7.14 15.05 30.47
CA LYS A 165 7.69 14.62 31.75
C LYS A 165 6.79 15.05 32.91
N GLY A 166 6.40 16.32 32.94
CA GLY A 166 5.61 16.82 34.05
C GLY A 166 4.23 16.19 34.18
N LEU A 167 3.65 15.79 33.06
CA LEU A 167 2.31 15.19 33.11
C LEU A 167 2.26 13.94 33.99
N THR A 168 3.28 13.07 33.89
CA THR A 168 3.23 11.77 34.56
C THR A 168 4.36 11.52 35.53
N MET A 169 5.27 12.47 35.75
CA MET A 169 6.41 12.23 36.65
C MET A 169 5.97 11.79 38.04
N LEU A 170 4.79 12.22 38.49
CA LEU A 170 4.30 11.98 39.85
C LEU A 170 3.03 11.14 39.86
N HIS A 171 2.73 10.42 38.76
CA HIS A 171 1.52 9.63 38.70
C HIS A 171 1.67 8.31 39.45
N PRO A 172 0.87 8.07 40.50
CA PRO A 172 1.09 6.88 41.35
C PRO A 172 0.80 5.55 40.68
N ASP A 173 0.02 5.52 39.59
CA ASP A 173 -0.30 4.25 38.95
C ASP A 173 0.80 3.77 38.02
N LEU A 174 1.81 4.56 37.77
CA LEU A 174 2.82 4.18 36.80
C LEU A 174 4.07 3.68 37.52
N PRO A 175 4.62 2.54 37.11
CA PRO A 175 5.94 2.14 37.60
C PRO A 175 6.95 3.27 37.41
N GLU A 176 7.94 3.34 38.29
CA GLU A 176 8.86 4.48 38.24
C GLU A 176 9.59 4.59 36.91
N GLU A 177 9.82 3.45 36.23
CA GLU A 177 10.53 3.46 34.95
C GLU A 177 9.80 4.28 33.90
N LEU A 178 8.47 4.42 34.03
CA LEU A 178 7.67 5.06 33.00
C LEU A 178 7.27 6.49 33.34
N ARG A 179 7.40 6.90 34.61
CA ARG A 179 6.99 8.23 35.02
C ARG A 179 7.82 9.29 34.30
N GLY A 180 7.14 10.22 33.64
CA GLY A 180 7.82 11.28 32.93
C GLY A 180 8.36 10.93 31.54
N THR A 181 7.88 9.86 30.91
CA THR A 181 8.44 9.38 29.65
C THR A 181 7.34 9.18 28.61
N TYR A 182 7.75 8.93 27.35
CA TYR A 182 6.77 8.68 26.28
C TYR A 182 5.93 7.46 26.57
N ALA A 183 6.56 6.41 27.11
CA ALA A 183 5.84 5.22 27.54
C ALA A 183 4.78 5.57 28.57
N GLY A 184 5.14 6.43 29.52
CA GLY A 184 4.15 6.91 30.48
C GLY A 184 2.88 7.43 29.81
N LEU A 185 3.05 8.21 28.73
CA LEU A 185 1.89 8.80 28.03
C LEU A 185 0.90 7.75 27.55
N ALA A 186 1.33 6.51 27.37
CA ALA A 186 0.48 5.45 26.84
C ALA A 186 -0.15 4.60 27.94
N HIS A 187 0.10 4.91 29.20
CA HIS A 187 -0.48 4.12 30.27
C HIS A 187 -2.00 4.30 30.26
N PRO A 188 -2.75 3.23 30.50
CA PRO A 188 -4.21 3.37 30.47
C PRO A 188 -4.76 4.32 31.52
N SER A 189 -4.04 4.54 32.63
CA SER A 189 -4.47 5.53 33.62
C SER A 189 -4.31 6.95 33.10
N VAL A 190 -3.27 7.20 32.32
CA VAL A 190 -3.08 8.53 31.76
C VAL A 190 -4.11 8.77 30.66
N ILE A 191 -4.18 7.85 29.71
CA ILE A 191 -5.15 7.96 28.62
C ILE A 191 -6.55 8.04 29.18
N GLY A 192 -6.85 7.20 30.18
CA GLY A 192 -8.18 7.21 30.76
C GLY A 192 -8.53 8.53 31.41
N HIS A 193 -7.55 9.18 32.06
CA HIS A 193 -7.79 10.52 32.60
C HIS A 193 -8.12 11.53 31.50
N LEU A 194 -7.41 11.48 30.37
CA LEU A 194 -7.70 12.40 29.27
C LEU A 194 -9.06 12.12 28.65
N ARG A 195 -9.41 10.83 28.48
CA ARG A 195 -10.69 10.47 27.88
C ARG A 195 -11.85 10.96 28.74
N GLU A 196 -11.74 10.79 30.07
CA GLU A 196 -12.82 11.20 30.95
C GLU A 196 -12.92 12.71 31.05
N LEU A 197 -11.82 13.42 30.88
CA LEU A 197 -11.86 14.88 30.88
C LEU A 197 -12.54 15.44 29.64
N GLY A 198 -12.63 14.66 28.56
CA GLY A 198 -13.20 15.12 27.32
C GLY A 198 -12.19 15.57 26.28
N VAL A 199 -10.90 15.34 26.54
CA VAL A 199 -9.83 15.80 25.66
C VAL A 199 -9.87 15.03 24.36
N THR A 200 -9.83 15.75 23.24
CA THR A 200 -9.74 15.15 21.92
C THR A 200 -8.38 15.30 21.27
N ALA A 201 -7.57 16.26 21.70
CA ALA A 201 -6.23 16.42 21.16
C ALA A 201 -5.29 16.74 22.30
N LEU A 202 -4.17 16.01 22.35
CA LEU A 202 -3.11 16.20 23.34
C LEU A 202 -2.01 16.98 22.65
N GLU A 203 -1.79 18.22 23.08
CA GLU A 203 -0.73 19.04 22.52
C GLU A 203 0.48 18.93 23.42
N LEU A 204 1.56 18.36 22.90
CA LEU A 204 2.76 18.13 23.68
C LEU A 204 3.74 19.27 23.46
N MET A 205 4.27 19.78 24.54
CA MET A 205 5.33 20.77 24.56
C MET A 205 6.57 20.16 23.90
N PRO A 206 7.59 20.97 23.51
CA PRO A 206 8.60 20.49 22.54
C PRO A 206 9.19 19.11 22.78
N VAL A 207 8.94 18.17 21.85
CA VAL A 207 9.54 16.83 21.90
C VAL A 207 10.70 16.66 20.93
N HIS A 208 10.88 17.59 19.97
CA HIS A 208 12.07 17.55 19.14
C HIS A 208 13.31 17.61 20.03
N GLN A 209 14.30 16.79 19.71
CA GLN A 209 15.52 16.76 20.50
C GLN A 209 16.05 18.18 20.73
N PHE A 210 16.34 18.49 21.97
CA PHE A 210 16.83 19.82 22.32
C PHE A 210 18.02 19.70 23.26
N VAL A 211 18.59 20.86 23.61
CA VAL A 211 19.88 20.94 24.31
C VAL A 211 19.67 21.70 25.61
N ASN A 212 20.31 21.19 26.68
CA ASN A 212 20.34 21.80 28.00
C ASN A 212 21.32 22.97 28.02
N ASP A 213 20.78 24.19 27.92
CA ASP A 213 21.61 25.40 27.76
C ASP A 213 22.74 25.45 28.79
N HIS A 214 23.92 25.85 28.32
CA HIS A 214 25.08 25.98 29.20
C HIS A 214 24.81 26.98 30.33
N ARG A 215 24.08 28.06 30.05
CA ARG A 215 23.86 29.05 31.10
C ARG A 215 22.98 28.49 32.21
N LEU A 216 22.05 27.59 31.86
CA LEU A 216 21.21 26.94 32.88
C LEU A 216 22.02 25.91 33.67
N VAL A 217 22.79 25.06 32.98
CA VAL A 217 23.55 24.02 33.66
C VAL A 217 24.54 24.65 34.63
N ASP A 218 25.21 25.72 34.20
CA ASP A 218 26.09 26.45 35.12
C ASP A 218 25.31 27.42 35.98
N ALA A 219 24.16 26.99 36.48
CA ALA A 219 23.42 27.71 37.51
C ALA A 219 22.65 26.76 38.41
N GLY A 220 22.78 25.45 38.24
CA GLY A 220 21.95 24.49 38.94
C GLY A 220 20.58 24.28 38.34
N LEU A 221 20.33 24.83 37.16
CA LEU A 221 19.06 24.73 36.48
C LEU A 221 19.21 23.83 35.26
N SER A 222 18.13 23.68 34.49
CA SER A 222 18.20 22.98 33.22
C SER A 222 17.09 23.51 32.34
N ASN A 223 17.10 23.10 31.08
CA ASN A 223 16.03 23.48 30.17
C ASN A 223 14.95 22.42 30.28
N TYR A 224 13.85 22.80 30.92
CA TYR A 224 12.73 21.88 31.14
C TYR A 224 11.70 21.93 30.01
N TRP A 225 11.33 23.12 29.51
CA TRP A 225 10.29 23.19 28.47
C TRP A 225 10.78 22.69 27.11
N GLY A 226 12.02 23.00 26.74
CA GLY A 226 12.63 22.48 25.51
C GLY A 226 12.59 23.37 24.28
N TYR A 227 12.43 24.68 24.42
CA TYR A 227 12.45 25.59 23.27
C TYR A 227 13.90 25.90 22.89
N ASN A 228 14.64 24.83 22.62
CA ASN A 228 16.02 25.00 22.20
C ASN A 228 16.36 23.76 21.36
N THR A 229 15.88 23.74 20.12
CA THR A 229 15.88 22.52 19.33
C THR A 229 17.22 22.34 18.63
N ILE A 230 17.74 21.11 18.66
CA ILE A 230 18.90 20.74 17.88
C ILE A 230 18.57 19.67 16.84
N GLY A 231 17.67 18.74 17.16
CA GLY A 231 17.27 17.75 16.19
C GLY A 231 15.78 17.78 15.84
N PHE A 232 15.46 18.27 14.64
CA PHE A 232 14.09 18.46 14.22
C PHE A 232 13.41 17.18 13.76
N PHE A 233 14.16 16.07 13.66
CA PHE A 233 13.61 14.78 13.25
C PHE A 233 13.67 13.73 14.35
N ALA A 234 14.22 14.08 15.51
CA ALA A 234 14.41 13.07 16.55
C ALA A 234 13.57 13.40 17.79
N PRO A 235 12.87 12.42 18.36
CA PRO A 235 12.22 12.65 19.66
C PRO A 235 13.27 12.81 20.74
N HIS A 236 13.04 13.79 21.62
CA HIS A 236 13.99 14.12 22.68
C HIS A 236 14.33 12.88 23.50
N ASN A 237 15.63 12.60 23.66
CA ASN A 237 16.01 11.29 24.21
C ASN A 237 15.80 11.22 25.73
N ALA A 238 15.85 12.35 26.43
CA ALA A 238 15.66 12.35 27.88
C ALA A 238 14.23 12.01 28.31
N TYR A 239 13.26 12.01 27.38
CA TYR A 239 11.90 11.59 27.69
C TYR A 239 11.63 10.12 27.38
N ALA A 240 12.67 9.32 27.10
CA ALA A 240 12.50 7.95 26.64
C ALA A 240 13.05 6.98 27.68
N SER A 241 12.17 6.18 28.28
CA SER A 241 12.65 5.16 29.22
C SER A 241 13.47 4.07 28.53
N TRP A 242 13.20 3.80 27.25
CA TRP A 242 13.70 2.61 26.59
C TRP A 242 15.15 2.70 26.11
N GLY A 243 15.77 3.89 26.14
CA GLY A 243 17.10 4.09 25.59
C GLY A 243 17.13 5.17 24.52
N ASP A 244 18.35 5.54 24.12
CA ASP A 244 18.51 6.66 23.18
C ASP A 244 19.23 6.26 21.88
N ARG A 245 19.33 4.96 21.59
CA ARG A 245 20.03 4.54 20.37
C ARG A 245 19.06 4.09 19.27
N GLY A 246 17.87 4.65 19.23
CA GLY A 246 16.83 4.19 18.32
C GLY A 246 15.54 3.85 19.05
N GLN A 247 15.65 3.49 20.32
CA GLN A 247 14.45 3.11 21.06
C GLN A 247 13.52 4.30 21.30
N GLN A 248 14.07 5.52 21.42
CA GLN A 248 13.23 6.70 21.65
C GLN A 248 12.22 6.90 20.54
N VAL A 249 12.58 6.49 19.32
CA VAL A 249 11.64 6.53 18.20
C VAL A 249 10.49 5.56 18.45
N LEU A 250 10.82 4.30 18.75
CA LEU A 250 9.81 3.26 18.97
C LEU A 250 8.89 3.63 20.13
N GLU A 251 9.45 4.21 21.18
CA GLU A 251 8.63 4.59 22.33
C GLU A 251 7.67 5.72 21.97
N PHE A 252 8.13 6.71 21.20
CA PHE A 252 7.22 7.77 20.79
C PHE A 252 6.09 7.22 19.92
N LYS A 253 6.41 6.32 18.99
CA LYS A 253 5.37 5.72 18.15
C LYS A 253 4.36 4.94 18.97
N SER A 254 4.84 4.15 19.94
CA SER A 254 3.94 3.45 20.87
C SER A 254 2.97 4.41 21.50
N ALA A 255 3.47 5.56 21.96
CA ALA A 255 2.59 6.52 22.62
C ALA A 255 1.51 7.01 21.65
N VAL A 256 1.92 7.39 20.43
CA VAL A 256 0.93 7.83 19.45
C VAL A 256 -0.04 6.72 19.11
N ARG A 257 0.46 5.50 18.91
CA ARG A 257 -0.45 4.39 18.61
C ARG A 257 -1.46 4.18 19.74
N ALA A 258 -1.01 4.27 21.00
CA ALA A 258 -1.93 4.10 22.13
C ALA A 258 -2.94 5.22 22.20
N LEU A 259 -2.51 6.46 21.99
CA LEU A 259 -3.45 7.57 22.07
C LEU A 259 -4.47 7.53 20.93
N HIS A 260 -4.04 7.18 19.71
CA HIS A 260 -5.01 7.05 18.62
C HIS A 260 -6.03 5.95 18.91
N GLN A 261 -5.61 4.88 19.57
CA GLN A 261 -6.57 3.84 19.92
C GLN A 261 -7.67 4.36 20.85
N ALA A 262 -7.35 5.30 21.74
CA ALA A 262 -8.37 5.98 22.51
C ALA A 262 -9.02 7.15 21.77
N GLY A 263 -8.70 7.34 20.49
CA GLY A 263 -9.32 8.41 19.74
C GLY A 263 -8.81 9.81 20.06
N ILE A 264 -7.58 9.92 20.54
CA ILE A 264 -6.99 11.19 20.93
C ILE A 264 -5.90 11.56 19.94
N GLU A 265 -5.96 12.78 19.42
CA GLU A 265 -4.93 13.26 18.52
C GLU A 265 -3.70 13.71 19.28
N VAL A 266 -2.56 13.71 18.59
CA VAL A 266 -1.32 14.28 19.09
C VAL A 266 -1.01 15.52 18.28
N ILE A 267 -0.86 16.65 18.98
CA ILE A 267 -0.37 17.89 18.39
C ILE A 267 1.01 18.15 18.94
N LEU A 268 1.92 18.58 18.09
CA LEU A 268 3.29 18.85 18.49
C LEU A 268 3.56 20.35 18.48
N ASP A 269 3.97 20.86 19.63
CA ASP A 269 4.63 22.16 19.74
C ASP A 269 5.96 22.09 18.97
N VAL A 270 6.14 22.89 17.93
CA VAL A 270 7.35 22.84 17.10
C VAL A 270 7.99 24.21 17.02
N VAL A 271 9.30 24.26 17.24
CA VAL A 271 10.04 25.53 17.29
C VAL A 271 11.07 25.61 16.15
N TYR A 272 10.64 26.06 14.97
CA TYR A 272 11.56 26.10 13.84
C TYR A 272 12.30 27.43 13.70
N ASN A 273 11.98 28.43 14.53
CA ASN A 273 12.50 29.76 14.27
C ASN A 273 13.92 29.97 14.81
N HIS A 274 14.45 29.02 15.57
CA HIS A 274 15.81 29.18 16.11
C HIS A 274 16.31 27.82 16.57
N THR A 275 17.61 27.73 16.81
CA THR A 275 18.22 26.47 17.22
C THR A 275 19.04 26.66 18.50
N ALA A 276 19.58 25.55 19.00
CA ALA A 276 20.34 25.52 20.23
C ALA A 276 21.77 26.01 20.06
N GLU A 277 22.20 26.27 18.82
CA GLU A 277 23.55 26.76 18.63
C GLU A 277 23.70 28.21 19.05
N GLY A 278 22.59 28.94 19.24
CA GLY A 278 22.62 30.29 19.80
C GLY A 278 23.33 31.29 18.89
N ASN A 279 23.79 32.38 19.50
CA ASN A 279 24.47 33.44 18.75
C ASN A 279 25.91 33.02 18.48
N HIS A 280 26.75 33.98 18.07
CA HIS A 280 28.11 33.63 17.67
C HIS A 280 28.95 33.12 18.83
N LEU A 281 28.52 33.26 20.07
CA LEU A 281 29.23 32.68 21.20
C LEU A 281 28.65 31.34 21.64
N GLY A 282 27.62 30.84 20.96
CA GLY A 282 27.10 29.52 21.26
C GLY A 282 28.00 28.44 20.70
N PRO A 283 27.64 27.20 21.00
CA PRO A 283 28.45 26.06 20.55
C PRO A 283 28.31 25.82 19.04
N THR A 284 29.18 24.96 18.51
CA THR A 284 29.06 24.49 17.13
C THR A 284 28.68 23.02 17.18
N LEU A 285 27.39 22.74 17.05
CA LEU A 285 26.89 21.38 17.10
C LEU A 285 26.47 20.85 15.74
N SER A 286 25.62 21.57 15.00
CA SER A 286 25.22 21.05 13.69
C SER A 286 25.38 22.00 12.50
N MET A 287 24.54 23.03 12.45
CA MET A 287 24.39 23.76 11.19
C MET A 287 25.42 24.88 11.05
N ARG A 288 25.84 25.48 12.15
CA ARG A 288 26.88 26.50 12.06
C ARG A 288 28.14 25.94 11.43
N GLY A 289 28.46 24.68 11.74
CA GLY A 289 29.62 24.05 11.14
C GLY A 289 29.38 23.48 9.76
N LEU A 290 28.12 23.24 9.40
CA LEU A 290 27.85 22.63 8.09
C LEU A 290 27.82 23.68 6.99
N ASP A 291 26.88 24.62 7.09
CA ASP A 291 26.79 25.75 6.14
C ASP A 291 26.13 26.91 6.88
N ASN A 292 26.95 27.73 7.53
CA ASN A 292 26.41 28.80 8.36
C ASN A 292 25.61 29.83 7.57
N PRO A 293 26.09 30.36 6.46
CA PRO A 293 25.28 31.35 5.73
C PRO A 293 24.05 30.75 5.07
N SER A 294 23.97 29.42 4.90
CA SER A 294 22.74 28.87 4.34
C SER A 294 21.67 28.69 5.40
N TYR A 295 22.05 28.43 6.66
CA TYR A 295 21.07 28.05 7.67
C TYR A 295 20.55 29.22 8.49
N TYR A 296 21.35 30.25 8.73
CA TYR A 296 20.99 31.28 9.70
C TYR A 296 20.91 32.65 9.04
N ARG A 297 19.91 33.44 9.44
CA ARG A 297 19.83 34.83 9.02
C ARG A 297 20.95 35.63 9.70
N LEU A 298 21.93 36.06 8.91
CA LEU A 298 23.08 36.77 9.46
C LEU A 298 22.90 38.27 9.37
N ALA A 299 23.50 38.95 10.35
CA ALA A 299 23.58 40.40 10.38
C ALA A 299 24.43 40.93 9.23
N ASP A 300 24.37 42.27 9.05
CA ASP A 300 25.16 42.95 8.02
C ASP A 300 26.65 42.78 8.26
N ASP A 301 27.07 42.64 9.50
CA ASP A 301 28.39 42.10 9.80
C ASP A 301 28.18 40.60 10.00
N PRO A 302 28.57 39.76 9.03
CA PRO A 302 28.14 38.36 9.03
C PRO A 302 28.69 37.55 10.18
N ARG A 303 29.61 38.12 10.97
CA ARG A 303 30.04 37.46 12.20
C ARG A 303 28.87 37.16 13.11
N TYR A 304 27.84 37.99 13.06
CA TYR A 304 26.79 38.06 14.07
C TYR A 304 25.45 37.59 13.50
N TYR A 305 24.58 37.18 14.41
CA TYR A 305 23.31 36.58 14.04
C TYR A 305 22.17 37.54 14.34
N MET A 306 21.30 37.73 13.35
CA MET A 306 19.97 38.23 13.65
C MET A 306 19.28 37.24 14.57
N ASP A 307 18.40 37.75 15.43
CA ASP A 307 17.72 36.87 16.38
C ASP A 307 16.21 37.01 16.32
N THR A 308 15.49 36.42 17.28
CA THR A 308 14.04 36.31 17.26
C THR A 308 13.46 36.74 18.59
N THR A 309 13.86 37.93 19.07
CA THR A 309 13.62 38.36 20.45
C THR A 309 14.25 37.39 21.44
N GLY A 310 15.58 37.41 21.43
CA GLY A 310 16.36 36.92 22.55
C GLY A 310 16.42 35.42 22.67
N THR A 311 16.55 34.71 21.55
CA THR A 311 16.85 33.30 21.59
C THR A 311 18.25 32.98 21.11
N GLY A 312 18.90 33.92 20.43
CA GLY A 312 20.29 33.78 20.04
C GLY A 312 20.49 33.79 18.55
N ASN A 313 19.68 33.05 17.80
CA ASN A 313 19.83 33.00 16.36
C ASN A 313 18.46 32.89 15.71
N SER A 314 18.46 32.76 14.40
CA SER A 314 17.21 32.81 13.65
C SER A 314 17.43 32.07 12.35
N LEU A 315 16.59 31.08 12.08
CA LEU A 315 16.72 30.33 10.84
C LEU A 315 16.35 31.20 9.65
N LEU A 316 17.10 31.04 8.56
CA LEU A 316 16.90 31.74 7.30
C LEU A 316 15.68 31.21 6.55
N MET A 317 14.53 31.86 6.73
CA MET A 317 13.26 31.31 6.22
C MET A 317 13.11 31.41 4.71
N ARG A 318 13.97 32.16 4.03
CA ARG A 318 13.95 32.24 2.58
C ARG A 318 14.95 31.28 1.94
N SER A 319 15.70 30.55 2.75
CA SER A 319 16.71 29.61 2.26
C SER A 319 16.03 28.33 1.80
N PRO A 320 16.29 27.88 0.57
CA PRO A 320 15.59 26.69 0.07
C PRO A 320 15.87 25.45 0.90
N HIS A 321 17.07 25.29 1.45
CA HIS A 321 17.30 24.09 2.23
C HIS A 321 16.81 24.21 3.68
N VAL A 322 16.62 25.42 4.20
CA VAL A 322 15.86 25.57 5.43
C VAL A 322 14.39 25.18 5.22
N LEU A 323 13.78 25.65 4.13
CA LEU A 323 12.40 25.31 3.83
C LEU A 323 12.24 23.81 3.63
N GLN A 324 13.18 23.19 2.92
CA GLN A 324 13.13 21.75 2.71
C GLN A 324 13.25 20.99 4.03
N LEU A 325 14.14 21.44 4.91
CA LEU A 325 14.27 20.81 6.22
C LEU A 325 12.96 20.89 7.02
N ILE A 326 12.34 22.06 7.06
CA ILE A 326 11.12 22.23 7.84
C ILE A 326 10.00 21.38 7.26
N MET A 327 9.81 21.42 5.95
CA MET A 327 8.78 20.60 5.30
C MET A 327 9.06 19.11 5.47
N ASP A 328 10.32 18.69 5.25
CA ASP A 328 10.68 17.29 5.49
C ASP A 328 10.38 16.90 6.93
N SER A 329 10.68 17.79 7.88
CA SER A 329 10.41 17.52 9.29
C SER A 329 8.92 17.37 9.54
N LEU A 330 8.14 18.37 9.12
CA LEU A 330 6.69 18.28 9.23
C LEU A 330 6.17 16.98 8.62
N ARG A 331 6.56 16.68 7.39
CA ARG A 331 6.08 15.47 6.73
C ARG A 331 6.51 14.23 7.49
N TYR A 332 7.71 14.24 8.03
CA TYR A 332 8.19 13.07 8.75
C TYR A 332 7.32 12.81 9.98
N TRP A 333 7.10 13.85 10.79
CA TRP A 333 6.33 13.67 12.01
C TRP A 333 4.90 13.27 11.72
N VAL A 334 4.32 13.72 10.59
CA VAL A 334 2.98 13.30 10.24
C VAL A 334 2.97 11.88 9.66
N THR A 335 3.75 11.64 8.62
CA THR A 335 3.64 10.40 7.85
C THR A 335 4.21 9.21 8.62
N GLU A 336 5.28 9.42 9.37
CA GLU A 336 5.94 8.31 10.01
C GLU A 336 5.73 8.25 11.52
N MET A 337 5.67 9.39 12.20
CA MET A 337 5.32 9.38 13.60
C MET A 337 3.83 9.46 13.84
N HIS A 338 3.04 9.72 12.78
CA HIS A 338 1.58 9.70 12.79
C HIS A 338 0.94 10.82 13.62
N VAL A 339 1.63 11.95 13.83
CA VAL A 339 1.01 13.03 14.62
C VAL A 339 -0.02 13.76 13.78
N ASP A 340 -0.87 14.51 14.47
CA ASP A 340 -2.12 15.00 13.87
C ASP A 340 -2.12 16.50 13.60
N GLY A 341 -1.11 17.23 14.03
CA GLY A 341 -1.11 18.67 13.86
C GLY A 341 0.05 19.30 14.60
N PHE A 342 0.24 20.60 14.32
CA PHE A 342 1.37 21.31 14.91
C PHE A 342 0.95 22.68 15.41
N ARG A 343 1.59 23.10 16.51
CA ARG A 343 1.53 24.47 16.99
C ARG A 343 2.87 25.13 16.67
N PHE A 344 2.85 26.14 15.81
CA PHE A 344 4.06 26.82 15.36
C PHE A 344 4.28 28.12 16.10
N ASP A 345 5.55 28.47 16.26
CA ASP A 345 5.94 29.83 16.61
C ASP A 345 6.98 30.30 15.59
N LEU A 346 6.55 31.14 14.66
CA LEU A 346 7.40 31.63 13.59
C LEU A 346 7.95 33.02 13.88
N ALA A 347 8.03 33.42 15.14
CA ALA A 347 8.47 34.77 15.49
C ALA A 347 9.91 35.03 15.09
N ALA A 348 10.19 36.27 14.69
CA ALA A 348 11.55 36.73 14.47
C ALA A 348 11.58 38.23 14.64
N THR A 349 12.78 38.77 14.77
CA THR A 349 13.01 40.20 14.78
C THR A 349 13.81 40.52 13.53
N LEU A 350 13.16 41.19 12.58
CA LEU A 350 13.82 41.56 11.35
C LEU A 350 14.28 43.01 11.40
N ALA A 351 15.41 43.29 10.74
CA ALA A 351 15.82 44.67 10.58
C ALA A 351 14.72 45.44 9.84
N ARG A 352 14.68 46.75 10.10
CA ARG A 352 13.67 47.66 9.53
C ARG A 352 13.33 47.38 8.08
N GLN A 353 14.35 47.20 7.24
CA GLN A 353 14.16 47.20 5.80
C GLN A 353 13.37 45.98 5.32
N PHE A 354 13.45 44.88 6.05
CA PHE A 354 12.81 43.62 5.66
C PHE A 354 11.52 43.43 6.45
N HIS A 355 10.57 42.72 5.82
CA HIS A 355 9.23 42.58 6.38
C HIS A 355 8.84 41.11 6.52
N GLU A 356 7.98 40.84 7.50
CA GLU A 356 7.57 39.45 7.79
C GLU A 356 6.79 38.87 6.61
N VAL A 357 6.03 39.68 5.88
CA VAL A 357 5.27 39.11 4.75
C VAL A 357 6.21 38.44 3.74
N ASP A 358 7.36 39.03 3.45
CA ASP A 358 8.32 38.42 2.49
C ASP A 358 9.17 37.35 3.17
N ARG A 359 9.34 37.41 4.49
CA ARG A 359 10.15 36.38 5.15
C ARG A 359 9.42 35.03 5.13
N LEU A 360 8.11 35.04 5.30
CA LEU A 360 7.34 33.79 5.46
C LEU A 360 6.49 33.44 4.24
N SER A 361 6.52 34.24 3.19
CA SER A 361 5.64 33.93 2.02
C SER A 361 5.85 32.53 1.44
N SER A 362 7.08 32.09 1.24
CA SER A 362 7.39 30.77 0.68
C SER A 362 6.93 29.68 1.64
N PHE A 363 7.24 29.89 2.90
CA PHE A 363 6.85 28.95 3.96
C PHE A 363 5.33 28.73 3.92
N PHE A 364 4.56 29.80 3.92
CA PHE A 364 3.11 29.63 3.87
C PHE A 364 2.68 28.98 2.56
N ASP A 365 3.33 29.36 1.46
CA ASP A 365 3.10 28.72 0.15
C ASP A 365 3.31 27.22 0.24
N LEU A 366 4.47 26.80 0.75
CA LEU A 366 4.79 25.39 0.92
C LEU A 366 3.73 24.67 1.73
N VAL A 367 3.36 25.23 2.89
CA VAL A 367 2.43 24.56 3.80
C VAL A 367 1.07 24.41 3.13
N GLN A 368 0.59 25.45 2.45
CA GLN A 368 -0.75 25.40 1.89
C GLN A 368 -0.85 24.37 0.77
N GLN A 369 0.20 24.21 -0.02
CA GLN A 369 0.07 23.32 -1.17
C GLN A 369 0.40 21.87 -0.86
N ASP A 370 1.10 21.59 0.23
CA ASP A 370 1.59 20.23 0.44
C ASP A 370 0.43 19.30 0.79
N PRO A 371 0.28 18.17 0.09
CA PRO A 371 -0.89 17.30 0.35
C PRO A 371 -0.94 16.72 1.76
N VAL A 372 0.19 16.48 2.39
CA VAL A 372 0.20 15.93 3.74
C VAL A 372 0.10 17.02 4.80
N VAL A 373 0.99 18.00 4.76
CA VAL A 373 1.06 19.01 5.81
C VAL A 373 -0.22 19.84 5.88
N SER A 374 -0.78 20.23 4.74
CA SER A 374 -1.92 21.15 4.73
C SER A 374 -3.20 20.52 5.27
N GLN A 375 -3.23 19.20 5.44
CA GLN A 375 -4.43 18.52 5.91
C GLN A 375 -4.37 18.12 7.40
N VAL A 376 -3.38 18.60 8.16
CA VAL A 376 -3.34 18.38 9.60
C VAL A 376 -3.67 19.71 10.27
N LYS A 377 -3.86 19.66 11.58
CA LYS A 377 -4.19 20.88 12.31
C LYS A 377 -2.98 21.84 12.32
N LEU A 378 -3.21 23.07 11.86
CA LEU A 378 -2.16 24.07 11.70
C LEU A 378 -2.49 25.27 12.61
N ILE A 379 -1.75 25.39 13.70
CA ILE A 379 -2.05 26.35 14.75
C ILE A 379 -0.81 27.22 14.95
N ALA A 380 -1.00 28.53 14.87
CA ALA A 380 0.10 29.47 14.98
C ALA A 380 -0.03 30.29 16.26
N GLU A 381 1.11 30.53 16.91
CA GLU A 381 1.16 31.55 17.93
C GLU A 381 1.49 32.88 17.28
N PRO A 382 0.60 33.87 17.34
CA PRO A 382 0.90 35.17 16.72
C PRO A 382 2.01 35.91 17.46
N TRP A 383 2.60 36.88 16.75
CA TRP A 383 3.45 37.86 17.43
C TRP A 383 2.65 38.52 18.56
N ASP A 384 3.34 38.89 19.64
CA ASP A 384 2.59 39.51 20.73
C ASP A 384 2.26 40.97 20.41
N VAL A 385 1.29 41.50 21.18
CA VAL A 385 0.47 42.63 20.74
C VAL A 385 1.31 43.84 20.35
N GLY A 386 2.33 44.15 21.13
CA GLY A 386 3.15 45.29 20.77
C GLY A 386 3.98 45.08 19.52
N GLU A 387 5.00 44.23 19.60
CA GLU A 387 6.03 44.11 18.55
C GLU A 387 5.44 43.39 17.34
N GLY A 388 4.66 44.15 16.58
CA GLY A 388 3.83 43.62 15.52
C GLY A 388 4.54 42.98 14.35
N GLY A 389 4.42 41.67 14.23
CA GLY A 389 4.76 41.01 12.99
C GLY A 389 3.47 40.49 12.39
N TYR A 390 3.22 39.20 12.55
CA TYR A 390 1.88 38.64 12.30
C TYR A 390 1.12 38.68 13.63
N GLN A 391 0.22 39.65 13.74
CA GLN A 391 -0.61 39.77 14.93
C GLN A 391 -1.80 38.83 14.84
N VAL A 392 -2.44 38.59 15.98
CA VAL A 392 -3.64 37.78 16.01
C VAL A 392 -4.65 38.32 15.01
N GLY A 393 -5.25 37.43 14.22
CA GLY A 393 -6.17 37.81 13.17
C GLY A 393 -5.57 37.93 11.79
N ASN A 394 -4.23 37.80 11.68
CA ASN A 394 -3.49 38.09 10.45
C ASN A 394 -2.94 36.87 9.72
N PHE A 395 -2.81 35.74 10.39
CA PHE A 395 -2.32 34.55 9.71
C PHE A 395 -3.26 34.18 8.56
N PRO A 396 -2.76 33.48 7.54
CA PRO A 396 -3.60 33.20 6.36
C PRO A 396 -4.74 32.28 6.74
N PRO A 397 -5.84 32.29 5.97
CA PRO A 397 -7.10 31.68 6.45
C PRO A 397 -7.10 30.17 6.54
N LEU A 398 -6.00 29.50 6.21
CA LEU A 398 -5.93 28.07 6.42
C LEU A 398 -5.54 27.74 7.84
N TRP A 399 -4.99 28.73 8.56
CA TRP A 399 -4.43 28.58 9.89
C TRP A 399 -5.46 28.92 10.95
N THR A 400 -5.36 28.22 12.09
CA THR A 400 -6.00 28.64 13.33
C THR A 400 -4.91 29.22 14.22
N GLU A 401 -5.32 29.99 15.25
CA GLU A 401 -4.36 30.75 16.06
C GLU A 401 -4.71 30.73 17.54
N TRP A 402 -3.68 30.61 18.37
CA TRP A 402 -3.78 30.99 19.77
C TRP A 402 -4.31 32.42 19.89
N ASN A 403 -5.51 32.58 20.45
CA ASN A 403 -6.11 33.91 20.55
C ASN A 403 -5.76 34.54 21.90
N GLY A 404 -4.64 35.26 21.94
CA GLY A 404 -4.21 35.91 23.17
C GLY A 404 -5.15 37.00 23.64
N LYS A 405 -5.96 37.55 22.72
CA LYS A 405 -6.92 38.57 23.13
C LYS A 405 -8.07 37.96 23.91
N TYR A 406 -8.44 36.71 23.59
CA TYR A 406 -9.40 35.98 24.41
C TYR A 406 -8.88 35.85 25.85
N ARG A 407 -7.64 35.38 26.01
CA ARG A 407 -7.01 35.26 27.33
C ARG A 407 -7.09 36.57 28.12
N ASP A 408 -6.68 37.67 27.50
CA ASP A 408 -6.61 38.95 28.19
C ASP A 408 -7.99 39.46 28.57
N CYS A 409 -8.95 39.30 27.67
CA CYS A 409 -10.27 39.88 27.89
C CYS A 409 -11.00 39.15 29.01
N VAL A 410 -10.96 37.81 29.00
CA VAL A 410 -11.66 37.00 29.99
C VAL A 410 -11.02 37.15 31.36
N ARG A 411 -9.69 37.33 31.40
CA ARG A 411 -9.01 37.67 32.65
C ARG A 411 -9.44 39.04 33.17
N ASP A 412 -9.60 40.01 32.27
CA ASP A 412 -9.99 41.35 32.68
C ASP A 412 -11.42 41.37 33.22
N LEU A 413 -12.32 40.62 32.59
CA LEU A 413 -13.73 40.59 33.00
C LEU A 413 -13.88 40.05 34.42
N TRP A 414 -13.26 38.91 34.70
CA TRP A 414 -13.36 38.33 36.02
C TRP A 414 -12.49 39.05 37.05
N ARG A 415 -11.58 39.94 36.61
CA ARG A 415 -10.90 40.93 37.43
C ARG A 415 -11.75 42.14 37.76
N GLY A 416 -12.85 42.32 37.05
CA GLY A 416 -13.59 43.57 37.15
C GLY A 416 -12.91 44.77 36.52
N GLU A 417 -12.15 44.61 35.43
CA GLU A 417 -11.61 45.76 34.71
C GLU A 417 -12.72 46.61 34.09
N PRO A 418 -12.52 47.96 34.02
CA PRO A 418 -13.62 48.89 33.73
C PRO A 418 -14.55 48.63 32.56
N ARG A 419 -14.06 48.57 31.33
CA ARG A 419 -14.99 48.50 30.20
C ARG A 419 -14.57 47.30 29.40
N THR A 420 -15.06 46.15 29.84
CA THR A 420 -14.70 44.86 29.29
C THR A 420 -15.87 44.16 28.63
N LEU A 421 -17.11 44.51 29.00
CA LEU A 421 -18.27 43.75 28.53
C LEU A 421 -18.36 43.75 27.01
N ALA A 422 -18.02 44.86 26.38
CA ALA A 422 -18.09 44.94 24.92
C ALA A 422 -17.16 43.91 24.27
N GLU A 423 -15.86 44.04 24.53
CA GLU A 423 -14.91 43.08 23.98
C GLU A 423 -15.26 41.66 24.41
N PHE A 424 -15.72 41.48 25.67
CA PHE A 424 -16.05 40.14 26.14
C PHE A 424 -17.11 39.50 25.26
N ALA A 425 -18.18 40.22 24.94
CA ALA A 425 -19.23 39.66 24.10
C ALA A 425 -18.66 39.18 22.77
N SER A 426 -17.66 39.90 22.25
CA SER A 426 -17.05 39.50 21.00
C SER A 426 -16.20 38.22 21.18
N ARG A 427 -15.33 38.19 22.20
CA ARG A 427 -14.50 37.00 22.43
C ARG A 427 -15.36 35.79 22.77
N LEU A 428 -16.45 36.00 23.54
CA LEU A 428 -17.33 34.89 23.89
C LEU A 428 -17.96 34.25 22.65
N THR A 429 -18.16 35.04 21.59
CA THR A 429 -18.82 34.58 20.38
C THR A 429 -17.85 34.38 19.20
N GLY A 430 -16.58 34.06 19.49
CA GLY A 430 -15.65 33.62 18.46
C GLY A 430 -14.70 34.65 17.87
N SER A 431 -14.68 35.87 18.40
CA SER A 431 -13.77 36.94 17.96
C SER A 431 -13.96 37.30 16.48
N SER A 432 -15.21 37.64 16.14
CA SER A 432 -15.58 38.03 14.78
C SER A 432 -14.72 39.17 14.23
N ASP A 433 -14.28 40.09 15.09
CA ASP A 433 -13.46 41.23 14.67
C ASP A 433 -12.04 40.84 14.33
N LEU A 434 -11.59 39.65 14.69
CA LEU A 434 -10.29 39.16 14.27
C LEU A 434 -10.34 38.21 13.08
N TYR A 435 -11.47 37.53 12.87
CA TYR A 435 -11.51 36.40 11.95
C TYR A 435 -12.63 36.45 10.90
N GLN A 436 -13.60 37.32 11.03
CA GLN A 436 -14.71 37.28 10.06
C GLN A 436 -14.36 37.88 8.71
N ASP A 437 -13.70 39.04 8.71
CA ASP A 437 -13.37 39.80 7.48
C ASP A 437 -12.36 39.08 6.60
N ASP A 438 -11.46 38.27 7.15
CA ASP A 438 -10.45 37.55 6.35
C ASP A 438 -11.00 36.22 5.78
N GLY A 439 -12.25 35.91 6.07
CA GLY A 439 -12.98 34.75 5.55
C GLY A 439 -12.85 33.54 6.41
N ARG A 440 -12.68 33.70 7.69
CA ARG A 440 -12.48 32.52 8.53
C ARG A 440 -13.74 32.21 9.32
N ARG A 441 -13.70 31.12 10.06
CA ARG A 441 -14.78 30.68 10.92
C ARG A 441 -14.46 31.03 12.37
N PRO A 442 -15.44 30.93 13.27
CA PRO A 442 -15.12 31.09 14.71
C PRO A 442 -14.21 29.99 15.22
N LEU A 443 -14.14 28.86 14.50
CA LEU A 443 -13.21 27.79 14.82
C LEU A 443 -11.75 28.15 14.59
N ALA A 444 -11.43 29.37 14.13
CA ALA A 444 -10.03 29.77 13.95
C ALA A 444 -9.39 30.26 15.25
N SER A 445 -10.21 30.59 16.25
CA SER A 445 -9.73 31.12 17.53
C SER A 445 -9.54 29.97 18.51
N VAL A 446 -8.29 29.56 18.75
CA VAL A 446 -7.99 28.69 19.89
C VAL A 446 -8.08 29.55 21.16
N ASN A 447 -9.12 29.33 21.94
CA ASN A 447 -9.33 30.09 23.16
C ASN A 447 -8.62 29.40 24.32
N PHE A 448 -8.23 30.21 25.32
CA PHE A 448 -7.59 29.69 26.52
C PHE A 448 -7.48 30.82 27.53
N VAL A 449 -7.50 30.46 28.80
CA VAL A 449 -7.30 31.42 29.88
C VAL A 449 -5.89 31.29 30.44
N THR A 450 -5.30 30.10 30.39
CA THR A 450 -3.94 29.87 30.81
C THR A 450 -3.30 28.92 29.81
N CYS A 451 -1.97 28.95 29.77
CA CYS A 451 -1.18 27.96 29.06
C CYS A 451 0.16 27.88 29.79
N HIS A 452 1.13 27.20 29.18
CA HIS A 452 2.41 27.04 29.85
C HIS A 452 3.10 28.38 30.10
N ASP A 453 2.85 29.38 29.24
CA ASP A 453 3.34 30.76 29.47
C ASP A 453 2.47 31.50 30.47
N GLY A 454 3.03 31.89 31.60
CA GLY A 454 2.27 32.62 32.60
C GLY A 454 1.81 31.75 33.74
N PHE A 455 0.80 32.24 34.45
CA PHE A 455 0.27 31.56 35.62
C PHE A 455 -0.50 30.31 35.24
N THR A 456 -0.41 29.27 36.06
CA THR A 456 -1.43 28.23 36.08
C THR A 456 -2.76 28.86 36.49
N LEU A 457 -3.86 28.13 36.25
CA LEU A 457 -5.17 28.60 36.68
C LEU A 457 -5.20 28.97 38.15
N ARG A 458 -4.74 28.06 39.01
CA ARG A 458 -4.76 28.32 40.44
C ARG A 458 -3.94 29.57 40.80
N ASP A 459 -2.78 29.75 40.13
CA ASP A 459 -1.96 30.93 40.41
C ASP A 459 -2.58 32.20 39.86
N LEU A 460 -3.37 32.09 38.77
CA LEU A 460 -4.05 33.24 38.19
C LEU A 460 -5.04 33.89 39.17
N VAL A 461 -5.55 33.14 40.14
CA VAL A 461 -6.47 33.68 41.14
C VAL A 461 -5.80 33.77 42.51
N SER A 462 -4.49 33.54 42.59
CA SER A 462 -3.79 33.54 43.85
C SER A 462 -2.66 34.56 43.93
N TYR A 463 -2.30 35.23 42.84
CA TYR A 463 -1.18 36.16 42.89
C TYR A 463 -1.42 37.40 42.02
N ASN A 464 -1.05 38.57 42.54
CA ASN A 464 -1.10 39.79 41.73
C ASN A 464 0.15 39.95 40.86
N GLU A 465 1.29 39.43 41.31
CA GLU A 465 2.55 39.63 40.63
C GLU A 465 3.33 38.33 40.67
N LYS A 466 4.20 38.14 39.67
CA LYS A 466 4.93 36.88 39.50
C LYS A 466 6.05 36.76 40.54
N ARG A 467 6.50 35.51 40.75
CA ARG A 467 7.62 35.21 41.66
C ARG A 467 8.60 34.26 40.94
N ASN A 468 9.50 34.83 40.15
CA ASN A 468 10.38 34.06 39.28
C ASN A 468 11.85 34.15 39.68
N GLU A 469 12.13 34.38 40.97
CA GLU A 469 13.52 34.54 41.39
C GLU A 469 14.32 33.24 41.28
N ALA A 470 13.67 32.09 41.52
CA ALA A 470 14.37 30.83 41.39
C ALA A 470 14.86 30.58 39.97
N ASN A 471 14.29 31.27 38.96
CA ASN A 471 14.68 31.07 37.56
C ASN A 471 16.02 31.70 37.23
N GLY A 472 16.59 32.50 38.12
CA GLY A 472 17.96 32.93 37.95
C GLY A 472 18.17 34.19 37.12
N GLU A 473 17.11 34.86 36.71
CA GLU A 473 17.23 36.11 35.95
C GLU A 473 16.69 37.31 36.72
N GLY A 474 16.81 37.30 38.04
CA GLY A 474 16.44 38.47 38.85
C GLY A 474 15.02 38.96 38.69
N ASN A 475 14.07 38.04 38.49
CA ASN A 475 12.64 38.32 38.30
C ASN A 475 12.36 39.05 37.01
N ARG A 476 13.32 39.13 36.10
CA ARG A 476 13.13 39.88 34.87
C ARG A 476 12.45 39.06 33.78
N ASP A 477 12.44 37.75 33.88
CA ASP A 477 11.85 36.91 32.87
C ASP A 477 10.34 36.79 33.07
N GLY A 478 9.64 36.46 31.99
CA GLY A 478 8.21 36.24 32.05
C GLY A 478 7.40 37.53 32.11
N GLU A 479 6.10 37.37 31.90
CA GLU A 479 5.21 38.51 31.74
C GLU A 479 5.06 39.29 33.04
N ASN A 480 4.98 40.61 32.90
CA ASN A 480 4.85 41.46 34.07
C ASN A 480 3.39 41.82 34.36
N TYR A 481 2.54 41.79 33.34
CA TYR A 481 1.16 42.25 33.42
C TYR A 481 0.24 41.05 33.22
N ASN A 482 -0.02 40.35 34.32
CA ASN A 482 -0.70 39.07 34.27
C ASN A 482 -2.21 39.18 34.25
N ARG A 483 -2.77 40.36 34.56
CA ARG A 483 -4.21 40.55 34.67
C ARG A 483 -4.79 39.55 35.66
N SER A 484 -4.14 39.45 36.80
CA SER A 484 -4.56 38.54 37.85
C SER A 484 -5.02 39.33 39.07
N TRP A 485 -5.87 38.67 39.86
CA TRP A 485 -6.30 39.19 41.16
C TRP A 485 -6.23 38.05 42.16
N ASN A 486 -5.51 38.25 43.26
CA ASN A 486 -5.24 37.17 44.20
C ASN A 486 -6.44 36.84 45.10
N CYS A 487 -7.60 37.45 44.86
CA CYS A 487 -8.83 37.26 45.62
C CYS A 487 -8.72 37.70 47.08
N GLY A 488 -7.79 38.58 47.40
CA GLY A 488 -7.71 39.17 48.72
C GLY A 488 -6.44 38.86 49.48
N GLU A 489 -5.54 38.04 48.96
CA GLU A 489 -4.28 37.82 49.65
C GLU A 489 -3.27 37.26 48.65
N GLU A 490 -2.04 37.75 48.74
CA GLU A 490 -0.98 37.25 47.88
C GLU A 490 -0.47 35.93 48.44
N GLY A 491 -0.55 34.87 47.64
CA GLY A 491 -0.03 33.58 48.05
C GLY A 491 -1.09 32.67 48.61
N GLU A 492 -0.63 31.58 49.20
CA GLU A 492 -1.56 30.66 49.82
C GLU A 492 -2.17 31.27 51.08
N THR A 493 -3.38 30.82 51.41
CA THR A 493 -4.15 31.34 52.54
C THR A 493 -4.82 30.19 53.26
N GLU A 494 -5.11 30.39 54.54
CA GLU A 494 -6.02 29.49 55.22
C GLU A 494 -7.38 30.11 55.45
N ASP A 495 -7.56 31.36 55.03
CA ASP A 495 -8.87 32.00 55.08
C ASP A 495 -9.88 31.24 54.23
N VAL A 496 -10.93 30.77 54.88
CA VAL A 496 -12.01 30.01 54.24
C VAL A 496 -12.72 30.89 53.22
N GLY A 497 -12.84 32.18 53.48
CA GLY A 497 -13.54 33.04 52.51
C GLY A 497 -12.77 33.24 51.23
N ILE A 498 -11.46 33.38 51.32
CA ILE A 498 -10.64 33.63 50.11
C ILE A 498 -10.52 32.32 49.35
N THR A 499 -10.54 31.19 50.06
CA THR A 499 -10.43 29.87 49.41
C THR A 499 -11.72 29.57 48.66
N GLU A 500 -12.86 29.97 49.19
CA GLU A 500 -14.13 29.71 48.50
C GLU A 500 -14.17 30.53 47.22
N LEU A 501 -13.70 31.77 47.30
CA LEU A 501 -13.73 32.66 46.15
C LEU A 501 -12.74 32.22 45.08
N ARG A 502 -11.55 31.77 45.50
CA ARG A 502 -10.59 31.23 44.53
C ARG A 502 -11.15 30.03 43.80
N ALA A 503 -11.84 29.13 44.52
CA ALA A 503 -12.44 27.98 43.87
C ALA A 503 -13.54 28.41 42.90
N ARG A 504 -14.41 29.34 43.32
CA ARG A 504 -15.44 29.83 42.41
C ARG A 504 -14.82 30.51 41.19
N GLN A 505 -13.77 31.32 41.38
CA GLN A 505 -13.14 32.01 40.25
C GLN A 505 -12.56 31.03 39.25
N MET A 506 -11.98 29.92 39.72
CA MET A 506 -11.46 28.93 38.80
C MET A 506 -12.59 28.24 38.02
N ARG A 507 -13.76 28.05 38.64
CA ARG A 507 -14.89 27.54 37.89
C ARG A 507 -15.41 28.60 36.91
N ASN A 508 -15.29 29.89 37.24
CA ASN A 508 -15.68 30.94 36.31
C ASN A 508 -14.86 30.87 35.02
N PHE A 509 -13.53 30.74 35.15
CA PHE A 509 -12.66 30.70 33.97
C PHE A 509 -12.96 29.47 33.11
N LEU A 510 -13.10 28.30 33.74
CA LEU A 510 -13.32 27.07 32.99
C LEU A 510 -14.68 27.06 32.32
N ALA A 511 -15.72 27.54 33.02
CA ALA A 511 -17.05 27.62 32.43
C ALA A 511 -17.09 28.61 31.28
N THR A 512 -16.45 29.78 31.44
CA THR A 512 -16.35 30.76 30.37
C THR A 512 -15.65 30.17 29.14
N LEU A 513 -14.55 29.47 29.34
CA LEU A 513 -13.85 28.85 28.22
C LEU A 513 -14.76 27.87 27.49
N MET A 514 -15.45 27.00 28.24
CA MET A 514 -16.18 25.92 27.62
C MET A 514 -17.48 26.37 26.95
N LEU A 515 -17.99 27.56 27.28
CA LEU A 515 -19.19 28.08 26.64
C LEU A 515 -18.89 29.03 25.48
N SER A 516 -17.62 29.31 25.20
CA SER A 516 -17.30 30.27 24.17
C SER A 516 -17.12 29.59 22.82
N GLN A 517 -17.52 30.30 21.76
CA GLN A 517 -17.27 29.87 20.40
C GLN A 517 -15.78 29.88 20.12
N GLY A 518 -15.34 28.95 19.26
CA GLY A 518 -13.92 28.72 19.05
C GLY A 518 -13.50 27.33 19.44
N VAL A 519 -12.20 27.12 19.65
CA VAL A 519 -11.65 25.83 20.06
C VAL A 519 -11.02 26.01 21.42
N PRO A 520 -11.50 25.35 22.46
CA PRO A 520 -10.94 25.57 23.80
C PRO A 520 -9.66 24.78 24.02
N MET A 521 -8.75 25.38 24.78
CA MET A 521 -7.51 24.71 25.11
C MET A 521 -7.33 24.73 26.62
N LEU A 522 -7.06 23.57 27.20
CA LEU A 522 -6.83 23.43 28.63
C LEU A 522 -5.34 23.27 28.88
N SER A 523 -4.88 23.82 30.00
CA SER A 523 -3.47 23.76 30.40
C SER A 523 -3.33 22.66 31.45
N HIS A 524 -2.40 21.72 31.22
CA HIS A 524 -2.35 20.49 32.00
C HIS A 524 -2.21 20.76 33.49
N GLY A 525 -3.01 20.04 34.28
CA GLY A 525 -3.06 20.24 35.71
C GLY A 525 -4.01 21.31 36.18
N ASP A 526 -4.59 22.11 35.28
CA ASP A 526 -5.58 23.05 35.76
C ASP A 526 -6.82 22.32 36.28
N GLU A 527 -7.05 21.08 35.81
CA GLU A 527 -8.14 20.29 36.35
C GLU A 527 -7.88 19.86 37.79
N PHE A 528 -6.62 19.78 38.21
CA PHE A 528 -6.28 19.55 39.61
C PHE A 528 -5.88 20.82 40.34
N GLY A 529 -6.12 21.98 39.76
CA GLY A 529 -5.61 23.22 40.33
C GLY A 529 -4.12 23.19 40.63
N ARG A 530 -3.29 22.87 39.63
CA ARG A 530 -1.84 22.85 39.78
C ARG A 530 -1.32 24.25 40.08
N THR A 531 -0.33 24.35 40.97
CA THR A 531 0.32 25.62 41.28
C THR A 531 1.80 25.55 40.99
N GLN A 532 2.36 26.70 40.58
CA GLN A 532 3.80 26.86 40.43
C GLN A 532 4.36 27.77 41.51
N GLY A 533 3.64 27.96 42.61
CA GLY A 533 4.07 28.91 43.64
C GLY A 533 4.20 30.34 43.17
N GLY A 534 3.41 30.74 42.17
CA GLY A 534 3.51 32.06 41.59
C GLY A 534 4.66 32.27 40.61
N ASN A 535 5.46 31.25 40.33
CA ASN A 535 6.37 31.29 39.19
C ASN A 535 5.55 31.29 37.92
N ASN A 536 5.62 32.37 37.13
CA ASN A 536 4.83 32.46 35.91
C ASN A 536 5.65 32.19 34.67
N ASN A 537 6.88 31.67 34.83
CA ASN A 537 7.68 31.33 33.65
C ASN A 537 8.64 30.21 34.06
N ALA A 538 8.13 28.99 34.11
CA ALA A 538 8.85 27.91 34.79
C ALA A 538 9.65 27.06 33.80
N TYR A 539 10.24 27.72 32.80
CA TYR A 539 10.92 27.04 31.70
C TYR A 539 12.13 26.24 32.19
N CYS A 540 12.75 26.64 33.30
CA CYS A 540 13.98 26.01 33.75
C CYS A 540 13.79 25.21 35.04
N GLN A 541 12.54 24.90 35.40
CA GLN A 541 12.22 24.24 36.67
C GLN A 541 11.75 22.81 36.39
N ASP A 542 12.71 21.91 36.26
CA ASP A 542 12.47 20.48 36.09
C ASP A 542 12.42 19.82 37.47
N ASN A 543 11.34 20.10 38.18
CA ASN A 543 11.22 19.77 39.60
C ASN A 543 9.74 19.93 39.99
N GLU A 544 9.46 19.88 41.30
CA GLU A 544 8.09 19.89 41.81
C GLU A 544 7.39 21.22 41.60
N VAL A 545 8.10 22.29 41.26
CA VAL A 545 7.44 23.52 40.84
C VAL A 545 6.47 23.23 39.70
N SER A 546 6.91 22.39 38.76
CA SER A 546 6.28 22.23 37.45
C SER A 546 5.49 20.94 37.26
N TRP A 547 5.92 19.83 37.87
CA TRP A 547 5.27 18.56 37.61
C TRP A 547 3.85 18.55 38.18
N VAL A 548 2.99 17.73 37.58
CA VAL A 548 1.61 17.62 38.04
C VAL A 548 1.56 16.75 39.28
N ARG A 549 0.89 17.23 40.33
CA ARG A 549 0.53 16.39 41.47
C ARG A 549 -0.85 15.82 41.19
N TRP A 550 -0.95 14.49 41.24
CA TRP A 550 -2.12 13.69 40.98
C TRP A 550 -2.87 13.40 42.28
N PRO A 551 -4.19 13.54 42.28
CA PRO A 551 -4.94 13.38 43.54
C PRO A 551 -5.01 11.96 44.08
N LYS A 552 -5.69 11.81 45.21
CA LYS A 552 -6.17 10.52 45.69
C LYS A 552 -7.47 10.73 46.47
N GLU A 558 -11.90 12.54 42.93
CA GLU A 558 -13.29 12.91 43.22
C GLU A 558 -13.36 14.36 43.72
N ALA A 559 -12.36 15.17 43.38
CA ALA A 559 -12.34 16.57 43.80
C ALA A 559 -13.38 17.36 43.03
N THR A 560 -13.90 18.40 43.65
CA THR A 560 -14.96 19.21 43.04
C THR A 560 -14.50 19.82 41.72
N LEU A 561 -13.29 20.35 41.67
CA LEU A 561 -12.80 21.00 40.44
C LEU A 561 -12.76 20.00 39.29
N LEU A 562 -12.19 18.82 39.48
CA LEU A 562 -12.10 17.84 38.40
C LEU A 562 -13.50 17.46 37.91
N ARG A 563 -14.40 17.24 38.83
CA ARG A 563 -15.82 16.88 38.54
C ARG A 563 -16.46 18.03 37.76
N PHE A 564 -16.19 19.26 38.15
CA PHE A 564 -16.78 20.44 37.49
C PHE A 564 -16.21 20.59 36.09
N THR A 565 -14.91 20.40 35.93
CA THR A 565 -14.29 20.49 34.61
C THR A 565 -14.80 19.39 33.67
N ARG A 566 -14.77 18.13 34.12
CA ARG A 566 -15.25 17.03 33.26
C ARG A 566 -16.66 17.30 32.77
N SER A 567 -17.53 17.81 33.65
CA SER A 567 -18.92 18.04 33.27
C SER A 567 -19.08 19.29 32.41
N MET A 568 -18.22 20.30 32.58
CA MET A 568 -18.32 21.45 31.68
C MET A 568 -17.87 21.06 30.27
N VAL A 569 -16.80 20.26 30.16
CA VAL A 569 -16.43 19.74 28.84
C VAL A 569 -17.57 18.91 28.25
N ARG A 570 -18.25 18.13 29.10
CA ARG A 570 -19.36 17.30 28.64
C ARG A 570 -20.52 18.17 28.18
N LEU A 571 -20.78 19.26 28.91
CA LEU A 571 -21.85 20.16 28.50
C LEU A 571 -21.61 20.67 27.08
N ARG A 572 -20.37 21.09 26.80
CA ARG A 572 -20.03 21.59 25.46
C ARG A 572 -20.20 20.49 24.41
N ARG A 573 -19.69 19.29 24.69
CA ARG A 573 -19.79 18.19 23.72
C ARG A 573 -21.24 17.84 23.40
N GLU A 574 -22.13 17.96 24.38
CA GLU A 574 -23.53 17.59 24.17
C GLU A 574 -24.36 18.65 23.47
N HIS A 575 -23.82 19.84 23.24
CA HIS A 575 -24.68 20.91 22.75
C HIS A 575 -24.00 21.69 21.64
N PRO A 576 -24.42 21.53 20.38
CA PRO A 576 -23.69 22.18 19.27
C PRO A 576 -23.77 23.71 19.29
N VAL A 577 -24.68 24.30 20.06
CA VAL A 577 -24.80 25.76 20.02
C VAL A 577 -23.55 26.46 20.57
N PHE A 578 -22.71 25.76 21.31
CA PHE A 578 -21.52 26.37 21.90
C PHE A 578 -20.28 26.24 21.02
N ARG A 579 -20.35 25.44 19.96
CA ARG A 579 -19.25 25.13 19.08
C ARG A 579 -19.72 25.21 17.62
N ARG A 580 -20.33 26.33 17.26
CA ARG A 580 -20.86 26.55 15.92
C ARG A 580 -19.75 26.73 14.88
N ARG A 581 -20.10 26.51 13.62
CA ARG A 581 -19.18 26.65 12.50
C ARG A 581 -19.34 27.98 11.77
N ARG A 582 -20.35 28.77 12.14
CA ARG A 582 -20.60 30.08 11.56
C ARG A 582 -20.67 31.10 12.69
N PHE A 583 -20.39 32.36 12.36
CA PHE A 583 -20.57 33.42 13.33
C PHE A 583 -22.04 33.67 13.53
N PHE A 584 -22.40 34.16 14.72
CA PHE A 584 -23.81 34.42 14.98
C PHE A 584 -24.35 35.49 14.04
N HIS A 585 -25.48 35.17 13.40
CA HIS A 585 -26.14 36.09 12.49
C HIS A 585 -26.69 37.30 13.23
N GLY A 586 -27.18 37.09 14.45
CA GLY A 586 -27.81 38.16 15.16
C GLY A 586 -29.26 38.38 14.77
N ARG A 587 -29.65 39.64 14.72
CA ARG A 587 -31.03 40.11 14.69
C ARG A 587 -31.76 40.01 13.34
N PRO A 588 -31.15 40.36 12.19
CA PRO A 588 -31.95 40.45 10.95
C PRO A 588 -32.62 39.13 10.60
N VAL A 589 -33.52 39.21 9.62
CA VAL A 589 -34.28 38.06 9.15
C VAL A 589 -34.82 38.29 7.74
N LEU A 596 -35.07 33.94 12.00
CA LEU A 596 -34.90 33.67 13.44
C LEU A 596 -33.82 34.56 14.06
N THR A 597 -33.88 34.78 15.37
CA THR A 597 -32.83 35.47 16.11
C THR A 597 -32.02 34.44 16.88
N ASP A 598 -30.72 34.34 16.57
CA ASP A 598 -29.90 33.27 17.12
C ASP A 598 -29.14 33.67 18.37
N ILE A 599 -29.01 34.98 18.64
CA ILE A 599 -28.33 35.45 19.83
C ILE A 599 -28.97 36.77 20.22
N ALA A 600 -29.05 37.00 21.53
CA ALA A 600 -29.61 38.23 22.06
C ALA A 600 -28.92 38.53 23.39
N TRP A 601 -28.80 39.82 23.69
CA TRP A 601 -28.05 40.33 24.81
C TRP A 601 -28.95 41.18 25.69
N PHE A 602 -28.94 40.92 27.00
CA PHE A 602 -29.87 41.55 27.93
C PHE A 602 -29.13 42.09 29.15
N THR A 603 -29.62 43.22 29.69
CA THR A 603 -29.25 43.65 31.03
C THR A 603 -29.72 42.62 32.06
N PRO A 604 -29.11 42.62 33.26
CA PRO A 604 -29.61 41.71 34.30
C PRO A 604 -31.09 41.90 34.62
N GLU A 605 -31.57 43.14 34.55
CA GLU A 605 -32.99 43.41 34.71
C GLU A 605 -33.82 42.90 33.54
N GLY A 606 -33.20 42.41 32.47
CA GLY A 606 -33.91 41.64 31.48
C GLY A 606 -34.41 42.37 30.26
N GLU A 607 -33.80 43.49 29.87
CA GLU A 607 -34.21 44.14 28.63
C GLU A 607 -33.02 44.28 27.69
N GLU A 608 -33.33 44.49 26.41
CA GLU A 608 -32.33 44.50 25.35
C GLU A 608 -31.24 45.52 25.61
N MET A 609 -29.99 45.08 25.46
CA MET A 609 -28.84 45.96 25.53
C MET A 609 -28.90 47.02 24.43
N THR A 610 -28.80 48.28 24.82
CA THR A 610 -28.61 49.36 23.86
C THR A 610 -27.13 49.67 23.71
N SER A 611 -26.79 50.57 22.78
CA SER A 611 -25.40 50.98 22.64
C SER A 611 -24.93 51.80 23.84
N ARG A 612 -25.84 52.34 24.64
CA ARG A 612 -25.49 53.01 25.89
C ARG A 612 -25.05 52.04 26.98
N ASP A 613 -25.61 50.84 26.99
CA ASP A 613 -25.35 49.94 28.08
C ASP A 613 -23.97 49.29 27.96
N TRP A 614 -23.47 49.09 26.74
CA TRP A 614 -22.17 48.45 26.57
C TRP A 614 -21.04 49.33 27.09
N GLN A 615 -21.23 50.65 27.11
CA GLN A 615 -20.13 51.57 27.43
C GLN A 615 -20.22 52.19 28.82
N ALA A 616 -21.23 51.82 29.61
CA ALA A 616 -21.36 52.40 30.94
C ALA A 616 -20.35 51.79 31.90
N ALA A 617 -19.81 52.62 32.80
CA ALA A 617 -18.86 52.14 33.79
C ALA A 617 -19.42 50.96 34.60
N HIS A 618 -20.70 51.03 34.97
CA HIS A 618 -21.28 49.99 35.80
C HIS A 618 -21.50 48.68 35.05
N ALA A 619 -21.24 48.62 33.76
CA ALA A 619 -21.58 47.44 32.97
C ALA A 619 -20.64 46.27 33.26
N GLN A 620 -21.02 45.44 34.23
CA GLN A 620 -20.24 44.26 34.61
C GLN A 620 -21.09 42.99 34.63
N ALA A 621 -22.27 42.98 34.02
CA ALA A 621 -23.14 41.82 34.13
C ALA A 621 -23.99 41.70 32.87
N LEU A 622 -24.19 40.48 32.41
CA LEU A 622 -24.82 40.22 31.12
C LEU A 622 -25.70 38.99 31.20
N THR A 623 -26.76 39.00 30.41
CA THR A 623 -27.50 37.79 30.08
C THR A 623 -27.41 37.57 28.58
N VAL A 624 -26.82 36.45 28.17
CA VAL A 624 -26.69 36.07 26.77
C VAL A 624 -27.69 34.96 26.44
N PHE A 625 -28.43 35.12 25.36
CA PHE A 625 -29.38 34.13 24.91
C PHE A 625 -28.86 33.47 23.65
N LEU A 626 -28.79 32.15 23.66
CA LEU A 626 -28.26 31.34 22.57
C LEU A 626 -29.38 30.45 22.07
N ASN A 627 -29.75 30.64 20.80
CA ASN A 627 -30.95 30.04 20.23
C ASN A 627 -30.57 28.74 19.51
N GLY A 628 -31.00 27.60 20.07
CA GLY A 628 -30.64 26.28 19.59
C GLY A 628 -31.43 25.80 18.39
N ASN A 629 -32.53 26.48 18.07
CA ASN A 629 -33.26 26.28 16.85
C ASN A 629 -32.78 27.19 15.73
N ALA A 630 -31.63 27.84 15.92
CA ALA A 630 -31.16 28.81 14.94
C ALA A 630 -29.79 28.43 14.37
N ILE A 631 -29.41 27.16 14.44
CA ILE A 631 -28.13 26.72 13.90
C ILE A 631 -28.34 26.43 12.41
N SER A 632 -27.81 27.31 11.56
CA SER A 632 -28.09 27.20 10.13
C SER A 632 -27.15 26.24 9.41
N GLU A 633 -25.93 26.03 9.90
CA GLU A 633 -24.97 25.20 9.17
C GLU A 633 -25.36 23.71 9.25
N PRO A 634 -25.35 23.00 8.13
CA PRO A 634 -25.75 21.58 8.15
C PRO A 634 -24.67 20.68 8.75
N GLY A 635 -25.11 19.50 9.17
CA GLY A 635 -24.20 18.45 9.58
C GLY A 635 -23.56 17.75 8.39
N THR A 636 -22.80 16.70 8.66
CA THR A 636 -22.00 16.08 7.62
C THR A 636 -22.85 15.43 6.53
N GLN A 637 -24.13 15.13 6.78
CA GLN A 637 -24.99 14.58 5.73
C GLN A 637 -26.07 15.56 5.30
N GLY A 638 -25.80 16.85 5.46
CA GLY A 638 -26.68 17.93 5.08
C GLY A 638 -27.92 18.13 5.91
N GLU A 639 -28.03 17.47 7.07
CA GLU A 639 -29.23 17.61 7.89
C GLU A 639 -29.09 18.81 8.81
N ARG A 640 -30.23 19.30 9.28
CA ARG A 640 -30.26 20.42 10.21
C ARG A 640 -29.69 20.01 11.57
N ILE A 641 -28.84 20.85 12.14
CA ILE A 641 -28.39 20.67 13.51
C ILE A 641 -29.36 21.39 14.42
N ALA A 642 -29.89 20.68 15.41
CA ALA A 642 -30.76 21.27 16.42
C ALA A 642 -30.18 21.04 17.81
N ASP A 643 -30.53 21.95 18.71
CA ASP A 643 -29.99 21.95 20.06
C ASP A 643 -31.00 22.67 20.94
N ASP A 644 -30.83 22.51 22.25
CA ASP A 644 -31.59 23.30 23.22
C ASP A 644 -31.11 24.75 23.21
N SER A 645 -31.95 25.64 23.74
CA SER A 645 -31.58 27.04 23.87
C SER A 645 -31.06 27.31 25.28
N PHE A 646 -30.27 28.38 25.41
CA PHE A 646 -29.58 28.63 26.67
C PHE A 646 -29.63 30.09 27.05
N LEU A 647 -29.61 30.35 28.35
CA LEU A 647 -29.38 31.69 28.89
C LEU A 647 -28.10 31.66 29.74
N LEU A 648 -27.16 32.54 29.42
CA LEU A 648 -25.91 32.63 30.18
C LEU A 648 -25.97 33.93 30.93
N MET A 649 -26.05 33.83 32.26
CA MET A 649 -26.06 34.99 33.13
C MET A 649 -24.70 35.11 33.81
N PHE A 650 -24.00 36.21 33.52
CA PHE A 650 -22.67 36.51 34.05
C PHE A 650 -22.80 37.64 35.06
N ASN A 651 -22.33 37.42 36.28
CA ASN A 651 -22.20 38.50 37.25
C ASN A 651 -20.72 38.73 37.48
N ALA A 652 -20.11 39.56 36.62
CA ALA A 652 -18.72 39.96 36.77
C ALA A 652 -18.56 41.13 37.72
N SER A 653 -19.63 41.54 38.39
CA SER A 653 -19.57 42.56 39.40
C SER A 653 -19.22 41.92 40.75
N ALA A 654 -18.92 42.78 41.72
CA ALA A 654 -18.51 42.31 43.03
C ALA A 654 -19.62 42.41 44.08
N LYS A 655 -20.87 42.50 43.65
CA LYS A 655 -22.00 42.41 44.57
C LYS A 655 -22.98 41.36 44.08
N GLU A 656 -23.77 40.85 45.01
CA GLU A 656 -24.99 40.15 44.66
C GLU A 656 -25.79 41.02 43.72
N LEU A 657 -26.38 40.38 42.71
CA LEU A 657 -27.12 41.06 41.65
C LEU A 657 -28.33 40.23 41.29
N GLU A 658 -29.45 40.90 41.08
CA GLU A 658 -30.69 40.22 40.70
C GLU A 658 -30.81 40.21 39.18
N PHE A 659 -31.09 39.03 38.64
CA PHE A 659 -31.32 38.83 37.22
C PHE A 659 -32.76 38.42 37.03
N VAL A 660 -33.37 38.91 35.95
CA VAL A 660 -34.70 38.47 35.55
C VAL A 660 -34.56 37.62 34.31
N VAL A 661 -35.27 36.50 34.27
CA VAL A 661 -35.23 35.62 33.10
C VAL A 661 -35.99 36.29 31.96
N PRO A 662 -35.33 36.64 30.85
CA PRO A 662 -35.95 37.36 29.72
C PRO A 662 -36.74 36.45 28.79
N ASP A 663 -37.95 36.09 29.19
CA ASP A 663 -38.70 35.10 28.42
C ASP A 663 -40.18 35.36 28.64
N SER A 664 -41.01 34.69 27.84
CA SER A 664 -42.46 34.71 27.97
C SER A 664 -42.86 34.22 29.35
N HIS A 665 -44.10 34.49 29.72
CA HIS A 665 -44.55 34.37 31.12
C HIS A 665 -44.78 32.95 31.58
N GLY A 666 -44.61 31.95 30.73
CA GLY A 666 -45.00 30.61 31.10
C GLY A 666 -44.11 29.51 30.56
N ARG A 667 -42.84 29.83 30.35
CA ARG A 667 -41.88 28.85 29.87
C ARG A 667 -40.84 28.61 30.96
N TYR A 668 -40.51 27.34 31.20
CA TYR A 668 -39.63 26.93 32.28
C TYR A 668 -38.23 26.61 31.75
N TRP A 669 -37.23 26.95 32.54
CA TRP A 669 -35.82 26.74 32.20
C TRP A 669 -35.18 25.89 33.28
N ARG A 670 -34.24 25.05 32.88
CA ARG A 670 -33.47 24.26 33.83
C ARG A 670 -32.14 24.96 34.13
N MET A 671 -31.86 25.18 35.40
CA MET A 671 -30.53 25.62 35.77
C MET A 671 -29.57 24.44 35.62
N VAL A 672 -28.53 24.61 34.80
CA VAL A 672 -27.57 23.54 34.58
C VAL A 672 -26.15 23.93 34.98
N VAL A 673 -25.81 25.21 35.00
CA VAL A 673 -24.52 25.68 35.53
C VAL A 673 -24.80 26.73 36.59
N ASP A 674 -24.13 26.61 37.73
CA ASP A 674 -24.09 27.67 38.73
C ASP A 674 -22.74 27.57 39.43
N THR A 675 -21.83 28.50 39.14
CA THR A 675 -20.48 28.35 39.67
C THR A 675 -20.40 28.68 41.15
N SER A 676 -21.42 29.32 41.73
CA SER A 676 -21.36 29.59 43.16
C SER A 676 -21.75 28.39 44.01
N ASP A 677 -22.17 27.28 43.41
CA ASP A 677 -22.38 26.06 44.18
C ASP A 677 -21.04 25.39 44.48
N PRO A 678 -20.65 25.24 45.75
CA PRO A 678 -19.28 24.80 46.05
C PRO A 678 -19.01 23.31 45.85
N GLU A 679 -20.04 22.47 45.71
CA GLU A 679 -19.83 21.07 45.37
C GLU A 679 -19.77 20.86 43.85
N GLY A 680 -20.00 21.88 43.05
CA GLY A 680 -19.91 21.78 41.61
C GLY A 680 -21.24 21.56 40.93
N MET A 681 -21.68 22.53 40.14
CA MET A 681 -22.89 22.44 39.33
C MET A 681 -22.60 22.95 37.93
N PRO A 682 -22.45 22.07 36.91
CA PRO A 682 -22.56 20.59 36.92
C PRO A 682 -21.41 19.95 37.72
N PRO A 683 -21.50 18.65 38.05
CA PRO A 683 -22.59 17.72 37.68
C PRO A 683 -23.86 17.82 38.54
N GLN A 684 -23.88 18.57 39.64
CA GLN A 684 -25.12 18.76 40.40
C GLN A 684 -26.20 19.40 39.53
N GLN A 685 -27.45 19.13 39.87
CA GLN A 685 -28.59 19.55 39.06
C GLN A 685 -29.39 20.59 39.82
N GLY A 686 -29.53 21.79 39.24
CA GLY A 686 -30.24 22.86 39.86
C GLY A 686 -31.74 22.86 39.56
N PRO A 687 -32.45 23.90 40.03
CA PRO A 687 -33.92 23.90 39.95
C PRO A 687 -34.42 24.40 38.61
N GLU A 688 -35.73 24.54 38.45
CA GLU A 688 -36.26 25.13 37.23
C GLU A 688 -36.88 26.49 37.51
N LEU A 689 -36.71 27.42 36.59
CA LEU A 689 -37.17 28.79 36.72
C LEU A 689 -38.07 29.14 35.54
N ALA A 690 -38.95 30.10 35.76
CA ALA A 690 -39.88 30.56 34.75
C ALA A 690 -39.46 31.93 34.24
N GLY A 691 -39.75 32.19 32.97
CA GLY A 691 -39.48 33.50 32.43
C GLY A 691 -40.17 34.58 33.24
N GLY A 692 -39.44 35.64 33.57
CA GLY A 692 -39.94 36.72 34.40
C GLY A 692 -39.55 36.61 35.85
N GLU A 693 -39.06 35.46 36.29
CA GLU A 693 -38.64 35.26 37.67
C GLU A 693 -37.35 36.03 37.96
N ARG A 694 -37.21 36.48 39.21
CA ARG A 694 -35.99 37.13 39.70
C ARG A 694 -35.15 36.13 40.48
N VAL A 695 -33.89 36.00 40.09
CA VAL A 695 -32.91 35.17 40.79
C VAL A 695 -31.67 36.01 41.03
N THR A 696 -31.13 35.96 42.24
CA THR A 696 -29.95 36.73 42.58
C THR A 696 -28.72 35.86 42.40
N LEU A 697 -27.65 36.43 41.86
CA LEU A 697 -26.38 35.75 41.63
C LEU A 697 -25.30 36.31 42.55
N ALA A 698 -24.49 35.41 43.10
CA ALA A 698 -23.39 35.80 43.95
C ALA A 698 -22.42 36.69 43.17
N PRO A 699 -21.64 37.53 43.86
CA PRO A 699 -20.59 38.26 43.16
C PRO A 699 -19.65 37.28 42.47
N LEU A 700 -19.10 37.73 41.33
CA LEU A 700 -18.17 36.91 40.54
C LEU A 700 -18.70 35.48 40.37
N SER A 701 -19.81 35.37 39.64
CA SER A 701 -20.45 34.08 39.46
C SER A 701 -21.10 34.01 38.09
N LEU A 702 -21.40 32.78 37.69
CA LEU A 702 -21.96 32.48 36.39
C LEU A 702 -23.09 31.47 36.56
N THR A 703 -24.22 31.73 35.94
CA THR A 703 -25.34 30.79 35.97
C THR A 703 -25.80 30.58 34.54
N VAL A 704 -26.04 29.31 34.17
CA VAL A 704 -26.47 28.94 32.83
C VAL A 704 -27.80 28.20 32.94
N LEU A 705 -28.78 28.60 32.13
CA LEU A 705 -30.12 28.04 32.09
C LEU A 705 -30.37 27.39 30.74
N ARG A 706 -31.00 26.22 30.73
CA ARG A 706 -31.28 25.47 29.51
C ARG A 706 -32.78 25.27 29.32
N ARG A 707 -33.28 25.56 28.12
CA ARG A 707 -34.69 25.32 27.75
C ARG A 707 -34.77 24.51 26.46
N PRO A 708 -35.56 23.42 26.42
CA PRO A 708 -35.75 22.59 25.23
C PRO A 708 -36.15 23.36 23.98
N MET B 4 -32.84 17.15 -4.18
CA MET B 4 -31.56 16.52 -4.49
C MET B 4 -30.49 16.69 -3.41
N GLN B 5 -29.96 15.60 -2.91
CA GLN B 5 -29.08 15.64 -1.75
C GLN B 5 -27.80 16.41 -2.02
N VAL B 6 -27.46 17.34 -1.11
CA VAL B 6 -26.20 18.08 -1.14
C VAL B 6 -25.63 18.11 0.27
N TRP B 7 -24.44 17.54 0.46
CA TRP B 7 -23.76 17.55 1.73
C TRP B 7 -22.60 18.55 1.73
N PRO B 8 -22.17 18.99 2.92
CA PRO B 8 -21.09 19.99 2.97
C PRO B 8 -19.78 19.53 2.35
N GLY B 9 -19.39 18.27 2.55
CA GLY B 9 -18.24 17.75 1.86
C GLY B 9 -16.90 18.24 2.38
N GLN B 10 -15.93 18.32 1.47
CA GLN B 10 -14.53 18.60 1.80
C GLN B 10 -13.99 19.72 0.91
N ALA B 11 -13.11 20.53 1.47
CA ALA B 11 -12.39 21.52 0.67
C ALA B 11 -11.18 20.94 -0.05
N TYR B 12 -10.95 19.64 0.08
CA TYR B 12 -9.71 19.05 -0.36
C TYR B 12 -9.94 17.58 -0.68
N PRO B 13 -9.37 17.04 -1.78
CA PRO B 13 -8.58 17.86 -2.72
C PRO B 13 -9.43 18.73 -3.65
N LEU B 14 -8.75 19.61 -4.35
CA LEU B 14 -9.44 20.50 -5.27
C LEU B 14 -9.89 19.74 -6.52
N GLY B 15 -11.07 20.10 -7.01
CA GLY B 15 -11.66 19.48 -8.17
C GLY B 15 -12.82 18.56 -7.82
N ALA B 16 -13.07 17.61 -8.72
CA ALA B 16 -14.12 16.60 -8.56
C ALA B 16 -13.48 15.28 -8.17
N THR B 17 -13.74 14.82 -6.95
CA THR B 17 -13.19 13.58 -6.43
C THR B 17 -14.32 12.59 -6.21
N TYR B 18 -14.26 11.47 -6.91
CA TYR B 18 -15.25 10.43 -6.85
C TYR B 18 -14.81 9.40 -5.82
N ASP B 19 -15.71 9.04 -4.90
CA ASP B 19 -15.39 8.10 -3.83
C ASP B 19 -16.12 6.77 -3.94
N GLY B 20 -16.98 6.61 -4.94
CA GLY B 20 -17.72 5.37 -5.11
C GLY B 20 -19.21 5.51 -4.92
N ALA B 21 -19.65 6.38 -4.02
CA ALA B 21 -21.06 6.67 -3.82
C ALA B 21 -21.46 8.07 -4.24
N GLY B 22 -20.51 8.90 -4.62
CA GLY B 22 -20.76 10.30 -4.86
C GLY B 22 -19.47 11.00 -5.21
N THR B 23 -19.58 12.32 -5.39
CA THR B 23 -18.45 13.12 -5.81
C THR B 23 -18.34 14.39 -4.98
N ASN B 24 -17.15 14.65 -4.48
CA ASN B 24 -16.83 15.89 -3.82
C ASN B 24 -16.41 16.90 -4.87
N PHE B 25 -16.95 18.11 -4.78
CA PHE B 25 -16.57 19.23 -5.63
C PHE B 25 -15.97 20.32 -4.76
N ALA B 26 -14.86 20.89 -5.21
CA ALA B 26 -14.16 21.95 -4.48
C ALA B 26 -13.39 22.81 -5.46
N VAL B 27 -13.63 24.12 -5.39
CA VAL B 27 -13.13 25.08 -6.36
C VAL B 27 -12.79 26.35 -5.63
N PHE B 28 -11.67 26.97 -6.02
CA PHE B 28 -11.15 28.13 -5.33
C PHE B 28 -11.55 29.41 -6.05
N SER B 29 -11.95 30.41 -5.26
CA SER B 29 -12.14 31.78 -5.70
C SER B 29 -12.20 32.71 -4.50
N GLU B 30 -11.30 33.69 -4.42
CA GLU B 30 -11.55 34.68 -3.39
C GLU B 30 -12.32 35.88 -3.91
N ALA B 31 -12.49 36.01 -5.22
CA ALA B 31 -13.35 37.07 -5.76
C ALA B 31 -14.84 36.70 -5.73
N ALA B 32 -15.17 35.41 -5.61
CA ALA B 32 -16.54 34.98 -5.77
C ALA B 32 -17.44 35.54 -4.67
N HIS B 33 -18.65 35.94 -5.06
CA HIS B 33 -19.75 36.17 -4.13
C HIS B 33 -20.58 34.89 -3.91
N ARG B 34 -20.91 34.17 -4.99
CA ARG B 34 -21.57 32.87 -4.88
C ARG B 34 -21.06 31.99 -6.00
N ILE B 35 -21.00 30.69 -5.74
CA ILE B 35 -20.49 29.72 -6.72
C ILE B 35 -21.51 28.62 -6.92
N GLU B 36 -22.04 28.50 -8.13
CA GLU B 36 -22.96 27.43 -8.49
C GLU B 36 -22.22 26.36 -9.28
N LEU B 37 -22.33 25.12 -8.79
CA LEU B 37 -21.93 23.93 -9.54
C LEU B 37 -23.07 23.52 -10.46
N CYS B 38 -22.80 23.44 -11.76
CA CYS B 38 -23.83 23.10 -12.73
C CYS B 38 -23.56 21.71 -13.27
N LEU B 39 -24.53 20.82 -13.08
CA LEU B 39 -24.44 19.46 -13.58
C LEU B 39 -25.12 19.41 -14.95
N LEU B 40 -24.33 19.17 -15.99
CA LEU B 40 -24.88 19.10 -17.33
C LEU B 40 -25.44 17.70 -17.61
N HIS B 41 -26.54 17.67 -18.35
CA HIS B 41 -27.15 16.44 -18.82
C HIS B 41 -26.96 16.33 -20.33
N ASP B 42 -27.07 15.09 -20.82
CA ASP B 42 -26.84 14.85 -22.24
C ASP B 42 -27.86 15.56 -23.13
N ASP B 43 -28.98 16.01 -22.58
CA ASP B 43 -30.01 16.67 -23.37
C ASP B 43 -29.86 18.19 -23.41
N GLY B 44 -28.73 18.73 -22.95
CA GLY B 44 -28.49 20.16 -22.96
C GLY B 44 -29.00 20.92 -21.75
N SER B 45 -29.75 20.28 -20.85
CA SER B 45 -30.24 20.91 -19.63
C SER B 45 -29.18 20.90 -18.53
N GLU B 46 -29.46 21.65 -17.46
CA GLU B 46 -28.58 21.82 -16.31
C GLU B 46 -29.35 21.67 -15.02
N THR B 47 -28.70 21.08 -14.02
CA THR B 47 -29.12 21.13 -12.64
C THR B 47 -28.04 21.91 -11.89
N ALA B 48 -28.42 23.01 -11.28
CA ALA B 48 -27.48 23.86 -10.58
C ALA B 48 -27.66 23.70 -9.07
N VAL B 49 -26.54 23.65 -8.37
CA VAL B 49 -26.46 23.46 -6.92
C VAL B 49 -25.38 24.39 -6.38
N GLU B 50 -25.71 25.16 -5.35
CA GLU B 50 -24.74 26.11 -4.79
C GLU B 50 -23.67 25.36 -3.99
N LEU B 51 -22.42 25.83 -4.14
CA LEU B 51 -21.33 25.42 -3.25
C LEU B 51 -21.31 26.44 -2.11
N ARG B 52 -22.06 26.12 -1.06
CA ARG B 52 -22.26 27.05 0.04
C ARG B 52 -21.08 27.05 1.00
N GLU B 53 -20.57 25.88 1.35
CA GLU B 53 -19.49 25.76 2.31
C GLU B 53 -18.20 26.35 1.76
N THR B 54 -17.61 27.30 2.47
CA THR B 54 -16.41 27.97 2.02
C THR B 54 -15.33 27.86 3.09
N ASP B 55 -14.14 27.44 2.69
CA ASP B 55 -13.03 27.34 3.63
C ASP B 55 -11.76 27.89 2.97
N ALA B 56 -11.22 28.96 3.54
CA ALA B 56 -10.11 29.71 2.95
C ALA B 56 -10.36 29.98 1.47
N PHE B 57 -11.58 30.44 1.17
CA PHE B 57 -12.02 30.82 -0.18
C PHE B 57 -12.13 29.63 -1.13
N VAL B 58 -12.22 28.40 -0.62
CA VAL B 58 -12.51 27.24 -1.42
C VAL B 58 -13.95 26.85 -1.12
N ARG B 59 -14.80 26.91 -2.14
CA ARG B 59 -16.18 26.47 -2.00
C ARG B 59 -16.30 25.00 -2.35
N HIS B 60 -17.17 24.31 -1.65
CA HIS B 60 -17.16 22.87 -1.80
C HIS B 60 -18.49 22.30 -1.38
N ALA B 61 -18.77 21.09 -1.89
CA ALA B 61 -19.98 20.34 -1.63
C ALA B 61 -19.76 18.93 -2.11
N TYR B 62 -20.35 17.97 -1.40
CA TYR B 62 -20.31 16.57 -1.80
C TYR B 62 -21.70 16.18 -2.29
N LEU B 63 -21.77 15.52 -3.43
CA LEU B 63 -23.06 15.22 -4.06
C LEU B 63 -23.23 13.72 -4.19
N PRO B 64 -24.06 13.09 -3.37
CA PRO B 64 -24.25 11.64 -3.49
C PRO B 64 -24.95 11.27 -4.78
N GLY B 65 -24.51 10.16 -5.37
CA GLY B 65 -25.10 9.67 -6.60
C GLY B 65 -24.52 10.26 -7.87
N VAL B 66 -23.65 11.26 -7.77
CA VAL B 66 -22.97 11.81 -8.95
C VAL B 66 -21.79 10.91 -9.27
N MET B 67 -21.68 10.52 -10.52
CA MET B 67 -20.86 9.40 -10.97
C MET B 67 -19.90 9.80 -12.08
N PRO B 68 -18.82 9.01 -12.29
CA PRO B 68 -17.93 9.28 -13.43
C PRO B 68 -18.69 9.33 -14.74
N GLY B 69 -18.26 10.25 -15.61
CA GLY B 69 -18.95 10.57 -16.84
C GLY B 69 -19.85 11.78 -16.76
N GLN B 70 -20.15 12.26 -15.54
CA GLN B 70 -20.99 13.44 -15.37
C GLN B 70 -20.24 14.70 -15.84
N ARG B 71 -20.87 15.45 -16.73
CA ARG B 71 -20.30 16.72 -17.16
C ARG B 71 -20.75 17.81 -16.20
N TYR B 72 -19.82 18.67 -15.81
CA TYR B 72 -20.11 19.72 -14.85
C TYR B 72 -19.34 20.99 -15.20
N GLY B 73 -19.76 22.08 -14.59
CA GLY B 73 -19.01 23.31 -14.64
C GLY B 73 -19.34 24.19 -13.45
N PHE B 74 -18.79 25.40 -13.46
CA PHE B 74 -18.97 26.33 -12.38
C PHE B 74 -19.51 27.64 -12.92
N ARG B 75 -20.48 28.23 -12.23
CA ARG B 75 -20.90 29.60 -12.49
C ARG B 75 -20.55 30.44 -11.26
N VAL B 76 -19.68 31.43 -11.46
CA VAL B 76 -19.27 32.32 -10.38
C VAL B 76 -20.07 33.61 -10.48
N HIS B 77 -20.87 33.91 -9.47
CA HIS B 77 -21.49 35.22 -9.32
C HIS B 77 -20.53 36.10 -8.52
N GLY B 78 -20.19 37.26 -9.09
CA GLY B 78 -19.14 38.10 -8.56
C GLY B 78 -19.05 39.35 -9.38
N PRO B 79 -18.21 40.31 -8.95
CA PRO B 79 -18.15 41.61 -9.65
C PRO B 79 -17.62 41.48 -11.07
N TYR B 80 -18.20 42.28 -11.96
CA TYR B 80 -17.65 42.52 -13.28
C TYR B 80 -17.18 43.97 -13.29
N ALA B 81 -15.90 44.17 -12.96
CA ALA B 81 -15.29 45.50 -12.94
C ALA B 81 -13.88 45.36 -13.51
N PRO B 82 -13.74 45.52 -14.84
CA PRO B 82 -12.41 45.33 -15.44
C PRO B 82 -11.39 46.36 -14.97
N GLU B 83 -11.78 47.60 -14.73
CA GLU B 83 -10.86 48.59 -14.16
C GLU B 83 -10.29 48.14 -12.82
N ARG B 84 -10.91 47.16 -12.16
CA ARG B 84 -10.33 46.56 -10.97
C ARG B 84 -9.75 45.18 -11.23
N GLY B 85 -9.74 44.71 -12.48
CA GLY B 85 -9.26 43.38 -12.79
C GLY B 85 -10.25 42.25 -12.57
N LEU B 86 -11.50 42.55 -12.25
CA LEU B 86 -12.51 41.53 -11.99
C LEU B 86 -13.37 41.32 -13.23
N ARG B 87 -13.45 40.07 -13.70
CA ARG B 87 -14.14 39.73 -14.94
C ARG B 87 -15.12 38.58 -14.73
N CYS B 88 -15.65 38.43 -13.51
CA CYS B 88 -16.65 37.40 -13.27
C CYS B 88 -17.91 37.63 -14.10
N ASN B 89 -18.47 36.54 -14.63
CA ASN B 89 -19.64 36.63 -15.47
C ASN B 89 -20.38 35.30 -15.37
N ALA B 90 -21.49 35.30 -14.64
CA ALA B 90 -22.16 34.06 -14.29
C ALA B 90 -22.86 33.42 -15.48
N ALA B 91 -22.98 34.12 -16.60
CA ALA B 91 -23.53 33.50 -17.80
C ALA B 91 -22.56 32.52 -18.45
N LYS B 92 -21.34 32.42 -17.96
CA LYS B 92 -20.30 31.59 -18.58
C LYS B 92 -20.05 30.33 -17.75
N LEU B 93 -20.28 29.17 -18.34
CA LEU B 93 -19.98 27.93 -17.66
C LEU B 93 -18.47 27.70 -17.65
N LEU B 94 -17.85 27.75 -16.48
CA LEU B 94 -16.39 27.73 -16.37
C LEU B 94 -15.83 26.32 -16.24
N LEU B 95 -14.69 26.10 -16.87
CA LEU B 95 -13.96 24.86 -16.72
C LEU B 95 -13.34 24.75 -15.34
N ASP B 96 -13.54 23.61 -14.71
CA ASP B 96 -12.82 23.26 -13.50
C ASP B 96 -11.31 23.20 -13.78
N PRO B 97 -10.49 24.08 -13.18
CA PRO B 97 -9.05 24.03 -13.46
C PRO B 97 -8.42 22.69 -13.15
N TYR B 98 -9.02 21.92 -12.24
CA TYR B 98 -8.51 20.62 -11.83
C TYR B 98 -9.13 19.47 -12.59
N ALA B 99 -9.98 19.75 -13.58
CA ALA B 99 -10.63 18.72 -14.38
C ALA B 99 -9.66 17.64 -14.85
N ARG B 100 -9.98 16.39 -14.50
CA ARG B 100 -9.17 15.24 -14.92
C ARG B 100 -9.45 14.82 -16.36
N ALA B 101 -10.55 15.30 -16.94
CA ALA B 101 -10.93 14.98 -18.30
C ALA B 101 -11.80 16.12 -18.82
N VAL B 102 -11.55 16.54 -20.05
CA VAL B 102 -12.27 17.64 -20.69
C VAL B 102 -12.88 17.11 -21.97
N SER B 103 -14.16 17.40 -22.19
CA SER B 103 -14.90 16.91 -23.34
C SER B 103 -15.32 18.06 -24.25
N GLY B 104 -15.37 17.75 -25.54
CA GLY B 104 -15.75 18.75 -26.51
C GLY B 104 -14.57 19.60 -26.95
N ARG B 105 -14.94 20.76 -27.49
CA ARG B 105 -14.05 21.69 -28.17
C ARG B 105 -14.76 23.03 -28.13
N VAL B 106 -14.02 24.10 -28.42
CA VAL B 106 -14.63 25.43 -28.40
C VAL B 106 -15.25 25.72 -29.76
N ARG B 107 -16.53 26.10 -29.73
CA ARG B 107 -17.28 26.60 -30.89
C ARG B 107 -17.24 28.12 -30.82
N TRP B 108 -16.52 28.75 -31.75
CA TRP B 108 -16.23 30.17 -31.61
C TRP B 108 -17.45 31.01 -31.97
N GLY B 109 -17.80 31.89 -31.05
CA GLY B 109 -18.91 32.81 -31.22
C GLY B 109 -18.95 33.72 -30.02
N GLU B 110 -20.00 34.54 -29.96
CA GLU B 110 -20.08 35.53 -28.90
C GLU B 110 -20.18 34.91 -27.52
N ALA B 111 -20.82 33.74 -27.41
CA ALA B 111 -21.15 33.18 -26.10
C ALA B 111 -19.90 32.90 -25.26
N VAL B 112 -18.79 32.49 -25.88
CA VAL B 112 -17.60 32.14 -25.10
C VAL B 112 -16.81 33.36 -24.66
N TYR B 113 -17.26 34.56 -24.97
CA TYR B 113 -16.57 35.77 -24.54
C TYR B 113 -17.33 36.44 -23.40
N GLY B 114 -16.58 37.06 -22.48
CA GLY B 114 -17.21 37.67 -21.33
C GLY B 114 -17.62 39.12 -21.48
N TYR B 115 -17.31 39.75 -22.62
CA TYR B 115 -17.61 41.13 -22.93
C TYR B 115 -18.54 41.22 -24.15
N PRO B 116 -19.31 42.29 -24.29
CA PRO B 116 -20.21 42.41 -25.43
C PRO B 116 -19.44 42.77 -26.69
N PHE B 117 -19.99 42.42 -27.83
CA PHE B 117 -19.14 42.46 -29.01
C PHE B 117 -18.97 43.86 -29.61
N GLY B 118 -19.33 44.93 -28.90
CA GLY B 118 -18.88 46.26 -29.30
C GLY B 118 -17.82 46.84 -28.38
N ARG B 119 -18.04 46.68 -27.06
CA ARG B 119 -17.26 47.30 -25.99
C ARG B 119 -16.41 46.26 -25.26
N PRO B 120 -15.12 46.49 -25.06
CA PRO B 120 -14.28 45.52 -24.33
C PRO B 120 -14.52 45.48 -22.80
N ASP B 121 -15.09 46.54 -22.21
CA ASP B 121 -15.21 46.64 -20.76
C ASP B 121 -16.66 46.64 -20.27
N ALA B 122 -17.61 46.25 -21.11
CA ALA B 122 -18.98 45.98 -20.71
C ALA B 122 -19.14 44.46 -20.53
N ARG B 123 -20.39 44.00 -20.33
CA ARG B 123 -20.68 42.61 -19.98
C ARG B 123 -21.65 41.93 -20.94
N ASN B 124 -21.37 40.66 -21.25
CA ASN B 124 -22.04 39.86 -22.27
C ASN B 124 -22.76 38.70 -21.58
N ASP B 125 -24.04 38.49 -21.94
CA ASP B 125 -24.96 37.71 -21.12
C ASP B 125 -25.36 36.38 -21.74
N LEU B 126 -24.89 36.06 -22.93
CA LEU B 126 -25.25 34.77 -23.52
C LEU B 126 -24.58 33.62 -22.77
N ASP B 127 -25.28 32.49 -22.73
CA ASP B 127 -24.81 31.32 -22.01
C ASP B 127 -23.77 30.58 -22.86
N SER B 128 -22.59 30.37 -22.30
CA SER B 128 -21.48 29.76 -23.02
C SER B 128 -21.53 28.25 -23.01
N ALA B 129 -22.34 27.65 -22.13
CA ALA B 129 -22.31 26.20 -21.93
C ALA B 129 -22.37 25.39 -23.23
N PRO B 130 -23.26 25.66 -24.19
CA PRO B 130 -23.30 24.83 -25.42
C PRO B 130 -22.15 25.08 -26.38
N ASP B 131 -21.22 26.00 -26.10
CA ASP B 131 -20.13 26.32 -27.02
C ASP B 131 -18.74 26.11 -26.44
N THR B 132 -18.61 25.68 -25.18
CA THR B 132 -17.32 25.49 -24.54
C THR B 132 -17.04 24.01 -24.36
N MET B 133 -15.79 23.72 -24.01
CA MET B 133 -15.51 22.43 -23.43
C MET B 133 -16.11 22.38 -22.03
N THR B 134 -16.33 21.15 -21.55
CA THR B 134 -16.92 20.89 -20.24
C THR B 134 -16.05 19.89 -19.49
N SER B 135 -15.98 20.05 -18.17
CA SER B 135 -15.28 19.12 -17.32
C SER B 135 -16.12 17.85 -17.14
N VAL B 136 -15.45 16.74 -16.83
CA VAL B 136 -16.06 15.44 -16.68
C VAL B 136 -15.52 14.81 -15.42
N VAL B 137 -16.39 14.18 -14.62
CA VAL B 137 -15.93 13.44 -13.45
C VAL B 137 -15.30 12.12 -13.91
N VAL B 138 -14.19 11.75 -13.28
CA VAL B 138 -13.34 10.64 -13.70
C VAL B 138 -13.33 9.56 -12.62
N ASN B 139 -13.39 8.30 -13.03
CA ASN B 139 -13.13 7.20 -12.13
C ASN B 139 -11.61 6.99 -12.09
N PRO B 140 -10.95 7.13 -10.94
CA PRO B 140 -9.49 7.12 -10.92
C PRO B 140 -8.85 5.76 -11.12
N TYR B 141 -9.62 4.69 -11.24
CA TYR B 141 -9.05 3.34 -11.16
C TYR B 141 -8.29 3.00 -12.43
N PHE B 142 -7.10 2.45 -12.25
CA PHE B 142 -6.30 1.91 -13.35
C PHE B 142 -5.36 0.86 -12.78
N ASP B 143 -5.35 -0.34 -13.39
CA ASP B 143 -4.51 -1.44 -12.93
C ASP B 143 -3.15 -1.35 -13.62
N TRP B 144 -2.15 -0.84 -12.91
CA TRP B 144 -0.81 -0.72 -13.48
C TRP B 144 -0.05 -2.04 -13.48
N GLY B 145 -0.57 -3.07 -12.80
CA GLY B 145 0.16 -4.30 -12.58
C GLY B 145 1.58 -4.06 -12.09
N ASP B 146 2.54 -4.60 -12.84
CA ASP B 146 3.95 -4.57 -12.46
C ASP B 146 4.67 -3.31 -12.97
N ASP B 147 3.94 -2.25 -13.30
CA ASP B 147 4.56 -1.02 -13.82
C ASP B 147 5.71 -0.58 -12.93
N ARG B 148 6.84 -0.34 -13.57
CA ARG B 148 8.02 0.14 -12.88
C ARG B 148 8.51 1.37 -13.63
N ARG B 149 8.80 2.43 -12.90
CA ARG B 149 9.43 3.58 -13.52
C ARG B 149 10.87 3.22 -13.91
N PRO B 150 11.30 3.53 -15.13
CA PRO B 150 12.63 3.04 -15.55
C PRO B 150 13.76 3.60 -14.72
N ARG B 151 13.66 4.86 -14.29
CA ARG B 151 14.71 5.52 -13.51
C ARG B 151 16.07 5.38 -14.18
N THR B 152 16.08 5.60 -15.50
CA THR B 152 17.33 5.66 -16.25
C THR B 152 18.12 6.88 -15.81
N GLU B 153 19.33 6.65 -15.29
CA GLU B 153 20.17 7.77 -14.95
C GLU B 153 20.51 8.59 -16.18
N TYR B 154 20.96 9.82 -15.93
CA TYR B 154 21.17 10.78 -17.00
C TYR B 154 22.33 10.37 -17.92
N HIS B 155 23.41 9.82 -17.36
CA HIS B 155 24.51 9.35 -18.20
C HIS B 155 24.17 8.07 -19.01
N HIS B 156 22.93 7.56 -18.97
CA HIS B 156 22.46 6.53 -19.87
C HIS B 156 21.28 7.00 -20.72
N THR B 157 21.00 8.31 -20.74
CA THR B 157 19.76 8.84 -21.30
C THR B 157 19.94 9.31 -22.74
N VAL B 158 18.95 8.98 -23.58
CA VAL B 158 18.82 9.54 -24.91
C VAL B 158 17.38 9.99 -25.05
N ILE B 159 17.18 11.30 -25.23
CA ILE B 159 15.82 11.84 -25.31
C ILE B 159 15.39 11.91 -26.76
N TYR B 160 14.13 11.58 -26.98
CA TYR B 160 13.51 11.63 -28.30
C TYR B 160 12.27 12.50 -28.15
N GLU B 161 12.33 13.72 -28.69
CA GLU B 161 11.17 14.62 -28.68
C GLU B 161 10.25 14.22 -29.81
N ALA B 162 8.96 14.00 -29.49
CA ALA B 162 8.01 13.53 -30.48
C ALA B 162 6.67 14.20 -30.27
N HIS B 163 5.92 14.34 -31.35
CA HIS B 163 4.57 14.86 -31.30
C HIS B 163 3.61 13.69 -31.40
N VAL B 164 2.64 13.65 -30.47
CA VAL B 164 1.80 12.48 -30.31
C VAL B 164 1.05 12.16 -31.60
N LYS B 165 0.57 13.20 -32.30
CA LYS B 165 -0.18 12.96 -33.52
C LYS B 165 0.76 12.69 -34.69
N GLY B 166 1.77 13.54 -34.87
CA GLY B 166 2.64 13.45 -36.02
C GLY B 166 3.52 12.22 -36.04
N LEU B 167 3.82 11.66 -34.86
CA LEU B 167 4.70 10.49 -34.80
C LEU B 167 4.08 9.27 -35.48
N THR B 168 2.77 9.12 -35.41
CA THR B 168 2.09 7.89 -35.82
C THR B 168 0.96 8.15 -36.80
N MET B 169 0.80 9.40 -37.25
CA MET B 169 -0.33 9.73 -38.11
C MET B 169 -0.25 9.02 -39.46
N LEU B 170 0.96 8.71 -39.92
CA LEU B 170 1.13 8.03 -41.20
C LEU B 170 1.82 6.67 -41.06
N HIS B 171 1.76 6.04 -39.88
CA HIS B 171 2.42 4.75 -39.70
C HIS B 171 1.62 3.63 -40.34
N PRO B 172 2.16 2.91 -41.35
CA PRO B 172 1.35 1.90 -42.07
C PRO B 172 1.00 0.65 -41.27
N ASP B 173 1.68 0.34 -40.16
CA ASP B 173 1.38 -0.86 -39.38
C ASP B 173 0.20 -0.68 -38.45
N LEU B 174 -0.23 0.55 -38.22
CA LEU B 174 -1.28 0.79 -37.24
C LEU B 174 -2.64 0.80 -37.93
N PRO B 175 -3.67 0.27 -37.26
CA PRO B 175 -5.05 0.50 -37.73
C PRO B 175 -5.35 1.98 -37.74
N GLU B 176 -6.24 2.37 -38.68
CA GLU B 176 -6.51 3.79 -38.94
C GLU B 176 -6.90 4.58 -37.68
N GLU B 177 -7.72 3.99 -36.80
CA GLU B 177 -8.22 4.73 -35.64
C GLU B 177 -7.21 4.83 -34.50
N LEU B 178 -6.10 4.09 -34.56
CA LEU B 178 -4.98 4.31 -33.65
C LEU B 178 -4.00 5.37 -34.15
N ARG B 179 -4.02 5.69 -35.45
CA ARG B 179 -3.03 6.58 -36.02
C ARG B 179 -3.21 7.99 -35.48
N GLY B 180 -2.10 8.59 -35.04
CA GLY B 180 -2.16 9.89 -34.42
C GLY B 180 -2.73 9.95 -33.02
N THR B 181 -2.85 8.82 -32.30
CA THR B 181 -3.48 8.81 -30.99
C THR B 181 -2.53 8.33 -29.88
N TYR B 182 -2.94 8.54 -28.63
CA TYR B 182 -2.20 8.00 -27.48
C TYR B 182 -2.04 6.48 -27.60
N ALA B 183 -3.10 5.79 -28.05
CA ALA B 183 -3.06 4.34 -28.16
C ALA B 183 -2.07 3.90 -29.23
N GLY B 184 -1.94 4.67 -30.31
CA GLY B 184 -0.91 4.41 -31.29
C GLY B 184 0.50 4.43 -30.72
N LEU B 185 0.74 5.28 -29.71
CA LEU B 185 2.06 5.26 -29.05
C LEU B 185 2.35 3.89 -28.44
N ALA B 186 1.31 3.19 -27.98
CA ALA B 186 1.45 1.87 -27.36
C ALA B 186 1.63 0.76 -28.38
N HIS B 187 1.56 1.07 -29.67
CA HIS B 187 1.62 0.02 -30.66
C HIS B 187 3.02 -0.60 -30.68
N PRO B 188 3.12 -1.93 -30.83
CA PRO B 188 4.45 -2.57 -30.76
C PRO B 188 5.39 -2.13 -31.86
N SER B 189 4.88 -1.74 -33.04
CA SER B 189 5.74 -1.23 -34.10
C SER B 189 6.41 0.09 -33.70
N VAL B 190 5.65 1.01 -33.10
CA VAL B 190 6.22 2.30 -32.71
C VAL B 190 7.24 2.08 -31.59
N ILE B 191 6.83 1.36 -30.55
CA ILE B 191 7.74 1.03 -29.45
C ILE B 191 8.96 0.28 -29.94
N GLY B 192 8.79 -0.56 -30.97
CA GLY B 192 9.94 -1.27 -31.50
C GLY B 192 10.94 -0.34 -32.13
N HIS B 193 10.46 0.62 -32.93
CA HIS B 193 11.36 1.57 -33.57
C HIS B 193 12.13 2.42 -32.54
N LEU B 194 11.44 2.89 -31.49
CA LEU B 194 12.11 3.65 -30.43
C LEU B 194 13.13 2.80 -29.70
N ARG B 195 12.79 1.54 -29.44
CA ARG B 195 13.74 0.63 -28.80
C ARG B 195 15.01 0.48 -29.65
N GLU B 196 14.85 0.22 -30.95
CA GLU B 196 15.99 -0.05 -31.81
C GLU B 196 16.78 1.21 -32.10
N LEU B 197 16.19 2.37 -31.89
CA LEU B 197 16.95 3.61 -32.01
C LEU B 197 17.83 3.86 -30.79
N GLY B 198 17.67 3.10 -29.71
CA GLY B 198 18.39 3.40 -28.48
C GLY B 198 17.76 4.50 -27.64
N VAL B 199 16.50 4.83 -27.90
CA VAL B 199 15.79 5.87 -27.16
C VAL B 199 15.46 5.36 -25.77
N THR B 200 15.74 6.18 -24.75
CA THR B 200 15.41 5.84 -23.37
C THR B 200 14.37 6.78 -22.77
N ALA B 201 14.10 7.91 -23.39
CA ALA B 201 13.14 8.88 -22.88
C ALA B 201 12.40 9.52 -24.06
N LEU B 202 11.10 9.27 -24.11
CA LEU B 202 10.19 9.92 -25.06
C LEU B 202 9.64 11.19 -24.42
N GLU B 203 10.07 12.35 -24.90
CA GLU B 203 9.49 13.61 -24.49
C GLU B 203 8.36 13.92 -25.45
N LEU B 204 7.16 14.12 -24.91
CA LEU B 204 5.99 14.43 -25.72
C LEU B 204 5.76 15.93 -25.75
N MET B 205 5.58 16.47 -26.96
CA MET B 205 5.03 17.81 -27.10
C MET B 205 3.68 17.91 -26.38
N PRO B 206 3.24 19.13 -26.03
CA PRO B 206 2.20 19.29 -24.99
C PRO B 206 1.00 18.34 -25.08
N VAL B 207 0.72 17.59 -24.00
CA VAL B 207 -0.44 16.69 -23.95
C VAL B 207 -1.50 17.17 -22.98
N HIS B 208 -1.28 18.27 -22.27
CA HIS B 208 -2.37 18.89 -21.52
C HIS B 208 -3.40 19.42 -22.49
N GLN B 209 -4.67 19.25 -22.15
CA GLN B 209 -5.79 19.75 -22.92
C GLN B 209 -5.60 21.20 -23.30
N PHE B 210 -5.51 21.49 -24.59
CA PHE B 210 -5.33 22.85 -25.06
C PHE B 210 -6.48 23.22 -25.99
N VAL B 211 -6.48 24.48 -26.45
CA VAL B 211 -7.56 25.04 -27.26
C VAL B 211 -7.04 25.36 -28.66
N ASN B 212 -7.84 25.06 -29.69
CA ASN B 212 -7.57 25.55 -31.03
C ASN B 212 -7.85 27.03 -31.11
N ASP B 213 -6.78 27.84 -31.19
CA ASP B 213 -6.87 29.29 -31.22
C ASP B 213 -7.90 29.78 -32.23
N HIS B 214 -8.71 30.75 -31.82
CA HIS B 214 -9.69 31.32 -32.73
C HIS B 214 -9.00 31.91 -33.96
N ARG B 215 -7.85 32.55 -33.74
CA ARG B 215 -7.05 33.12 -34.83
C ARG B 215 -6.66 32.07 -35.87
N LEU B 216 -6.28 30.88 -35.43
CA LEU B 216 -5.84 29.84 -36.36
C LEU B 216 -7.02 29.19 -37.05
N VAL B 217 -8.10 28.97 -36.31
CA VAL B 217 -9.31 28.37 -36.86
C VAL B 217 -9.86 29.24 -37.97
N ASP B 218 -9.90 30.55 -37.74
CA ASP B 218 -10.41 31.51 -38.70
C ASP B 218 -9.54 31.62 -39.94
N ALA B 219 -8.29 31.15 -39.87
CA ALA B 219 -7.37 31.27 -41.00
C ALA B 219 -7.21 29.96 -41.75
N GLY B 220 -8.04 28.95 -41.45
CA GLY B 220 -7.90 27.66 -42.08
C GLY B 220 -6.88 26.74 -41.44
N LEU B 221 -6.16 27.19 -40.41
CA LEU B 221 -5.17 26.39 -39.71
C LEU B 221 -5.75 25.87 -38.38
N SER B 222 -4.88 25.33 -37.55
CA SER B 222 -5.24 24.75 -36.27
C SER B 222 -4.01 24.83 -35.38
N ASN B 223 -4.20 24.72 -34.08
CA ASN B 223 -3.05 24.69 -33.18
C ASN B 223 -2.55 23.26 -33.13
N TYR B 224 -1.46 23.02 -33.84
CA TYR B 224 -0.91 21.68 -33.92
C TYR B 224 -0.07 21.33 -32.71
N TRP B 225 0.86 22.23 -32.29
CA TRP B 225 1.82 21.86 -31.25
C TRP B 225 1.17 21.83 -29.86
N GLY B 226 0.23 22.73 -29.59
CA GLY B 226 -0.52 22.74 -28.34
C GLY B 226 -0.02 23.66 -27.24
N TYR B 227 0.71 24.72 -27.56
CA TYR B 227 1.20 25.62 -26.52
C TYR B 227 0.13 26.63 -26.15
N ASN B 228 -1.07 26.12 -25.83
CA ASN B 228 -2.22 26.94 -25.50
C ASN B 228 -3.10 26.23 -24.45
N THR B 229 -2.48 25.77 -23.37
CA THR B 229 -3.16 24.93 -22.39
C THR B 229 -4.39 25.61 -21.77
N ILE B 230 -5.46 24.83 -21.58
CA ILE B 230 -6.58 25.24 -20.74
C ILE B 230 -6.80 24.23 -19.62
N GLY B 231 -6.44 22.95 -19.84
CA GLY B 231 -6.58 21.96 -18.79
C GLY B 231 -5.29 21.33 -18.31
N PHE B 232 -4.79 21.74 -17.14
CA PHE B 232 -3.48 21.28 -16.70
C PHE B 232 -3.52 19.89 -16.07
N PHE B 233 -4.71 19.31 -15.94
CA PHE B 233 -4.87 17.99 -15.37
C PHE B 233 -5.42 16.97 -16.36
N ALA B 234 -5.78 17.39 -17.57
CA ALA B 234 -6.48 16.52 -18.48
C ALA B 234 -5.61 16.28 -19.71
N PRO B 235 -5.46 15.04 -20.16
CA PRO B 235 -4.77 14.80 -21.44
C PRO B 235 -5.65 15.27 -22.60
N HIS B 236 -5.05 16.05 -23.52
CA HIS B 236 -5.74 16.59 -24.70
C HIS B 236 -6.62 15.55 -25.37
N ASN B 237 -7.90 15.87 -25.51
CA ASN B 237 -8.87 14.86 -25.94
C ASN B 237 -8.79 14.54 -27.42
N ALA B 238 -8.23 15.44 -28.25
CA ALA B 238 -8.16 15.16 -29.68
C ALA B 238 -7.15 14.07 -30.01
N TYR B 239 -6.23 13.77 -29.10
CA TYR B 239 -5.29 12.67 -29.30
C TYR B 239 -5.82 11.33 -28.78
N ALA B 240 -7.08 11.26 -28.34
CA ALA B 240 -7.67 10.01 -27.88
C ALA B 240 -8.70 9.51 -28.88
N SER B 241 -8.60 8.23 -29.24
CA SER B 241 -9.62 7.58 -30.04
C SER B 241 -10.66 6.86 -29.20
N TRP B 242 -10.42 6.65 -27.90
CA TRP B 242 -11.40 5.96 -27.08
C TRP B 242 -12.53 6.84 -26.59
N GLY B 243 -12.45 8.16 -26.75
CA GLY B 243 -13.52 9.06 -26.36
C GLY B 243 -13.06 10.15 -25.40
N ASP B 244 -13.97 11.09 -25.15
CA ASP B 244 -13.62 12.33 -24.45
C ASP B 244 -14.34 12.50 -23.12
N ARG B 245 -14.98 11.45 -22.60
CA ARG B 245 -15.70 11.52 -21.33
C ARG B 245 -15.00 10.73 -20.24
N GLY B 246 -13.67 10.81 -20.18
CA GLY B 246 -12.87 10.02 -19.27
C GLY B 246 -11.99 9.01 -19.98
N GLN B 247 -12.42 8.54 -21.15
CA GLN B 247 -11.67 7.52 -21.89
C GLN B 247 -10.26 8.00 -22.22
N GLN B 248 -10.07 9.32 -22.41
CA GLN B 248 -8.75 9.82 -22.75
C GLN B 248 -7.76 9.64 -21.61
N VAL B 249 -8.25 9.62 -20.36
CA VAL B 249 -7.37 9.30 -19.23
C VAL B 249 -6.93 7.84 -19.32
N LEU B 250 -7.88 6.95 -19.58
CA LEU B 250 -7.55 5.53 -19.71
C LEU B 250 -6.53 5.30 -20.82
N GLU B 251 -6.74 5.93 -21.98
CA GLU B 251 -5.81 5.83 -23.11
C GLU B 251 -4.40 6.22 -22.71
N PHE B 252 -4.24 7.45 -22.17
CA PHE B 252 -2.91 7.94 -21.84
C PHE B 252 -2.20 7.01 -20.86
N LYS B 253 -2.91 6.56 -19.82
CA LYS B 253 -2.33 5.66 -18.83
C LYS B 253 -1.85 4.36 -19.48
N SER B 254 -2.64 3.81 -20.41
CA SER B 254 -2.21 2.56 -21.02
C SER B 254 -1.04 2.78 -21.97
N ALA B 255 -0.89 4.01 -22.52
CA ALA B 255 0.29 4.31 -23.33
C ALA B 255 1.53 4.37 -22.45
N VAL B 256 1.42 5.01 -21.28
CA VAL B 256 2.56 5.04 -20.36
C VAL B 256 2.92 3.63 -19.91
N ARG B 257 1.90 2.82 -19.61
CA ARG B 257 2.15 1.47 -19.11
C ARG B 257 2.86 0.62 -20.16
N ALA B 258 2.48 0.78 -21.43
CA ALA B 258 3.13 0.03 -22.51
C ALA B 258 4.57 0.51 -22.74
N LEU B 259 4.80 1.81 -22.57
CA LEU B 259 6.16 2.35 -22.74
C LEU B 259 7.08 1.93 -21.61
N HIS B 260 6.54 1.80 -20.39
CA HIS B 260 7.33 1.36 -19.25
C HIS B 260 7.66 -0.12 -19.34
N GLN B 261 6.72 -0.92 -19.87
CA GLN B 261 7.01 -2.32 -20.14
C GLN B 261 8.19 -2.47 -21.10
N ALA B 262 8.40 -1.49 -21.97
CA ALA B 262 9.55 -1.46 -22.86
C ALA B 262 10.75 -0.72 -22.26
N GLY B 263 10.63 -0.23 -21.03
CA GLY B 263 11.73 0.46 -20.38
C GLY B 263 11.95 1.89 -20.82
N ILE B 264 10.95 2.53 -21.41
CA ILE B 264 11.10 3.90 -21.91
C ILE B 264 10.39 4.85 -20.96
N GLU B 265 11.09 5.90 -20.57
CA GLU B 265 10.51 6.96 -19.75
C GLU B 265 9.64 7.88 -20.61
N VAL B 266 8.64 8.47 -19.96
CA VAL B 266 7.77 9.46 -20.58
C VAL B 266 8.06 10.81 -19.92
N ILE B 267 8.53 11.77 -20.72
CA ILE B 267 8.71 13.14 -20.29
C ILE B 267 7.64 13.99 -20.98
N LEU B 268 6.99 14.86 -20.23
CA LEU B 268 5.97 15.72 -20.79
C LEU B 268 6.48 17.15 -20.87
N ASP B 269 6.31 17.76 -22.03
CA ASP B 269 6.39 19.21 -22.21
C ASP B 269 5.17 19.86 -21.56
N VAL B 270 5.38 20.73 -20.58
CA VAL B 270 4.28 21.33 -19.84
C VAL B 270 4.40 22.84 -19.89
N VAL B 271 3.26 23.52 -20.09
CA VAL B 271 3.29 24.94 -20.43
C VAL B 271 2.50 25.75 -19.40
N TYR B 272 3.15 26.07 -18.30
CA TYR B 272 2.48 26.70 -17.17
C TYR B 272 2.52 28.22 -17.24
N ASN B 273 3.19 28.81 -18.23
CA ASN B 273 3.41 30.25 -18.28
C ASN B 273 2.21 31.04 -18.80
N HIS B 274 1.27 30.39 -19.46
CA HIS B 274 0.12 31.10 -19.99
C HIS B 274 -1.01 30.09 -20.15
N THR B 275 -2.20 30.60 -20.50
CA THR B 275 -3.37 29.78 -20.72
C THR B 275 -4.08 30.18 -22.01
N ALA B 276 -5.00 29.33 -22.47
CA ALA B 276 -5.72 29.61 -23.71
C ALA B 276 -6.71 30.79 -23.61
N GLU B 277 -6.81 31.46 -22.46
CA GLU B 277 -7.78 32.54 -22.37
C GLU B 277 -7.25 33.85 -22.94
N GLY B 278 -5.97 33.90 -23.27
CA GLY B 278 -5.43 35.03 -23.98
C GLY B 278 -5.44 36.31 -23.18
N ASN B 279 -5.43 37.41 -23.92
CA ASN B 279 -5.44 38.76 -23.39
C ASN B 279 -6.89 39.18 -23.14
N HIS B 280 -7.11 40.46 -22.82
CA HIS B 280 -8.44 40.94 -22.46
C HIS B 280 -9.48 40.71 -23.57
N LEU B 281 -9.06 40.56 -24.81
CA LEU B 281 -10.00 40.28 -25.89
C LEU B 281 -10.22 38.78 -26.11
N GLY B 282 -9.51 37.92 -25.36
CA GLY B 282 -9.69 36.49 -25.48
C GLY B 282 -10.99 36.06 -24.85
N PRO B 283 -11.24 34.75 -24.87
CA PRO B 283 -12.48 34.22 -24.32
C PRO B 283 -12.44 34.13 -22.80
N THR B 284 -13.61 33.83 -22.22
CA THR B 284 -13.75 33.53 -20.79
C THR B 284 -14.15 32.06 -20.68
N LEU B 285 -13.20 31.21 -20.32
CA LEU B 285 -13.39 29.76 -20.31
C LEU B 285 -13.19 29.15 -18.95
N SER B 286 -12.09 29.49 -18.25
CA SER B 286 -11.97 29.02 -16.88
C SER B 286 -11.56 30.05 -15.83
N MET B 287 -10.29 30.48 -15.86
CA MET B 287 -9.72 31.18 -14.71
C MET B 287 -10.10 32.65 -14.69
N ARG B 288 -10.27 33.24 -15.88
CA ARG B 288 -10.63 34.64 -15.97
C ARG B 288 -11.98 34.90 -15.30
N GLY B 289 -12.91 33.95 -15.44
CA GLY B 289 -14.19 34.02 -14.79
C GLY B 289 -14.20 33.54 -13.35
N LEU B 290 -13.20 32.74 -12.95
CA LEU B 290 -13.18 32.23 -11.59
C LEU B 290 -12.62 33.26 -10.62
N ASP B 291 -11.36 33.65 -10.80
CA ASP B 291 -10.77 34.69 -9.97
C ASP B 291 -9.62 35.33 -10.77
N ASN B 292 -9.93 36.41 -11.48
CA ASN B 292 -8.98 36.94 -12.45
C ASN B 292 -7.73 37.50 -11.77
N PRO B 293 -7.82 38.32 -10.71
CA PRO B 293 -6.60 38.85 -10.11
C PRO B 293 -5.77 37.83 -9.35
N SER B 294 -6.30 36.66 -9.04
CA SER B 294 -5.53 35.65 -8.34
C SER B 294 -4.72 34.76 -9.29
N TYR B 295 -5.14 34.65 -10.55
CA TYR B 295 -4.51 33.72 -11.47
C TYR B 295 -3.54 34.40 -12.42
N TYR B 296 -3.87 35.61 -12.88
CA TYR B 296 -3.13 36.25 -13.97
C TYR B 296 -2.38 37.47 -13.46
N ARG B 297 -1.22 37.74 -14.07
CA ARG B 297 -0.46 38.96 -13.81
C ARG B 297 -1.07 40.10 -14.62
N LEU B 298 -1.58 41.11 -13.93
CA LEU B 298 -2.29 42.20 -14.60
C LEU B 298 -1.37 43.39 -14.84
N ALA B 299 -1.63 44.12 -15.93
CA ALA B 299 -0.85 45.30 -16.28
C ALA B 299 -1.08 46.43 -15.27
N ASP B 300 -0.31 47.51 -15.45
CA ASP B 300 -0.51 48.72 -14.67
C ASP B 300 -1.97 49.19 -14.72
N ASP B 301 -2.61 49.03 -15.87
CA ASP B 301 -4.04 49.18 -16.00
C ASP B 301 -4.63 47.78 -15.85
N PRO B 302 -5.36 47.48 -14.76
CA PRO B 302 -5.77 46.09 -14.49
C PRO B 302 -6.71 45.52 -15.53
N ARG B 303 -7.24 46.35 -16.42
CA ARG B 303 -7.99 45.84 -17.57
C ARG B 303 -7.19 44.84 -18.39
N TYR B 304 -5.86 44.99 -18.42
CA TYR B 304 -5.01 44.35 -19.42
C TYR B 304 -4.01 43.42 -18.76
N TYR B 305 -3.35 42.63 -19.60
CA TYR B 305 -2.55 41.50 -19.17
C TYR B 305 -1.07 41.72 -19.51
N MET B 306 -0.20 41.56 -18.51
CA MET B 306 1.22 41.42 -18.80
C MET B 306 1.44 40.23 -19.71
N ASP B 307 2.10 40.45 -20.84
CA ASP B 307 2.33 39.40 -21.82
C ASP B 307 3.83 39.32 -22.09
N THR B 308 4.54 38.56 -21.26
CA THR B 308 5.99 38.47 -21.39
C THR B 308 6.44 37.43 -22.41
N THR B 309 5.52 36.77 -23.12
CA THR B 309 5.86 35.64 -23.99
C THR B 309 5.33 35.72 -25.41
N GLY B 310 4.44 36.67 -25.73
CA GLY B 310 3.74 36.67 -26.98
C GLY B 310 2.46 35.84 -27.04
N THR B 311 2.05 35.21 -25.94
CA THR B 311 0.95 34.25 -25.94
C THR B 311 -0.31 34.79 -25.26
N GLY B 312 -0.45 36.11 -25.13
CA GLY B 312 -1.65 36.69 -24.53
C GLY B 312 -1.64 37.05 -23.05
N ASN B 313 -1.12 36.18 -22.20
CA ASN B 313 -1.23 36.39 -20.77
C ASN B 313 -0.08 35.67 -20.06
N SER B 314 -0.16 35.65 -18.73
CA SER B 314 0.94 35.22 -17.87
C SER B 314 0.36 34.86 -16.52
N LEU B 315 0.65 33.65 -16.05
CA LEU B 315 0.16 33.21 -14.75
C LEU B 315 0.91 33.93 -13.64
N LEU B 316 0.20 34.23 -12.54
CA LEU B 316 0.74 34.98 -11.40
C LEU B 316 1.56 34.02 -10.54
N MET B 317 2.87 34.01 -10.76
CA MET B 317 3.73 33.01 -10.13
C MET B 317 3.94 33.25 -8.63
N ARG B 318 3.55 34.41 -8.11
CA ARG B 318 3.65 34.62 -6.67
C ARG B 318 2.37 34.23 -5.93
N SER B 319 1.30 33.95 -6.67
CA SER B 319 -0.02 33.67 -6.12
C SER B 319 -0.08 32.25 -5.55
N PRO B 320 -0.51 32.07 -4.29
CA PRO B 320 -0.47 30.72 -3.68
C PRO B 320 -1.32 29.66 -4.38
N HIS B 321 -2.45 30.03 -4.97
CA HIS B 321 -3.22 28.98 -5.64
C HIS B 321 -2.72 28.72 -7.07
N VAL B 322 -1.95 29.63 -7.66
CA VAL B 322 -1.26 29.27 -8.90
C VAL B 322 -0.15 28.27 -8.63
N LEU B 323 0.66 28.56 -7.60
CA LEU B 323 1.69 27.62 -7.17
C LEU B 323 1.10 26.26 -6.80
N GLN B 324 -0.01 26.25 -6.06
CA GLN B 324 -0.60 24.99 -5.66
C GLN B 324 -1.14 24.21 -6.86
N LEU B 325 -1.75 24.90 -7.83
CA LEU B 325 -2.23 24.24 -9.05
C LEU B 325 -1.09 23.62 -9.82
N ILE B 326 -0.03 24.38 -10.06
CA ILE B 326 1.11 23.85 -10.79
C ILE B 326 1.64 22.60 -10.09
N MET B 327 1.80 22.66 -8.76
CA MET B 327 2.35 21.51 -8.02
C MET B 327 1.38 20.34 -8.05
N ASP B 328 0.09 20.60 -7.76
CA ASP B 328 -0.92 19.54 -7.82
C ASP B 328 -0.91 18.87 -9.19
N SER B 329 -0.62 19.64 -10.24
CA SER B 329 -0.62 19.11 -11.58
C SER B 329 0.60 18.22 -11.82
N LEU B 330 1.78 18.70 -11.40
CA LEU B 330 3.00 17.91 -11.54
C LEU B 330 2.89 16.61 -10.77
N ARG B 331 2.41 16.70 -9.52
CA ARG B 331 2.24 15.51 -8.70
C ARG B 331 1.25 14.55 -9.35
N TYR B 332 0.16 15.10 -9.92
CA TYR B 332 -0.84 14.25 -10.54
C TYR B 332 -0.26 13.49 -11.74
N TRP B 333 0.50 14.19 -12.59
CA TRP B 333 1.06 13.51 -13.76
C TRP B 333 2.13 12.49 -13.36
N VAL B 334 2.89 12.73 -12.29
CA VAL B 334 3.85 11.73 -11.83
C VAL B 334 3.14 10.58 -11.14
N THR B 335 2.38 10.90 -10.10
CA THR B 335 1.88 9.88 -9.19
C THR B 335 0.73 9.09 -9.81
N GLU B 336 -0.19 9.76 -10.50
CA GLU B 336 -1.37 9.10 -11.06
C GLU B 336 -1.25 8.75 -12.54
N MET B 337 -0.49 9.51 -13.33
CA MET B 337 -0.25 9.21 -14.75
C MET B 337 1.10 8.55 -15.01
N HIS B 338 1.96 8.42 -13.99
CA HIS B 338 3.19 7.63 -14.04
C HIS B 338 4.21 8.19 -15.04
N VAL B 339 4.18 9.48 -15.33
CA VAL B 339 5.23 10.08 -16.15
C VAL B 339 6.50 10.26 -15.32
N ASP B 340 7.62 10.42 -16.03
CA ASP B 340 8.95 10.29 -15.46
C ASP B 340 9.70 11.61 -15.41
N GLY B 341 9.11 12.68 -15.93
CA GLY B 341 9.77 13.96 -15.90
C GLY B 341 9.01 14.95 -16.75
N PHE B 342 9.59 16.14 -16.84
CA PHE B 342 8.94 17.32 -17.39
C PHE B 342 9.96 18.21 -18.07
N ARG B 343 9.51 18.85 -19.14
CA ARG B 343 10.24 19.91 -19.82
C ARG B 343 9.41 21.19 -19.67
N PHE B 344 10.00 22.19 -19.03
CA PHE B 344 9.36 23.45 -18.65
C PHE B 344 9.82 24.61 -19.53
N ASP B 345 8.92 25.56 -19.73
CA ASP B 345 9.31 26.89 -20.21
C ASP B 345 8.62 27.92 -19.31
N LEU B 346 9.38 28.50 -18.40
CA LEU B 346 8.94 29.58 -17.52
C LEU B 346 9.36 30.94 -18.07
N ALA B 347 9.02 31.19 -19.32
CA ALA B 347 9.35 32.46 -19.94
C ALA B 347 8.64 33.60 -19.22
N ALA B 348 9.40 34.61 -18.82
N ASP B 358 13.14 36.60 -8.19
CA ASP B 358 12.20 36.74 -7.09
C ASP B 358 10.89 36.05 -7.42
N ARG B 359 10.41 36.23 -8.67
CA ARG B 359 9.07 35.74 -9.02
C ARG B 359 9.02 34.22 -9.10
N LEU B 360 10.10 33.59 -9.56
CA LEU B 360 10.22 32.13 -9.60
C LEU B 360 10.79 31.54 -8.31
N SER B 361 11.06 32.35 -7.29
CA SER B 361 11.80 31.83 -6.14
C SER B 361 10.98 30.80 -5.37
N SER B 362 9.70 31.07 -5.13
CA SER B 362 8.90 30.12 -4.38
C SER B 362 8.60 28.89 -5.23
N PHE B 363 8.34 29.07 -6.52
CA PHE B 363 8.25 27.94 -7.44
C PHE B 363 9.45 27.00 -7.32
N PHE B 364 10.65 27.55 -7.41
CA PHE B 364 11.84 26.71 -7.28
C PHE B 364 11.90 26.08 -5.90
N ASP B 365 11.49 26.83 -4.86
CA ASP B 365 11.44 26.24 -3.52
C ASP B 365 10.51 25.05 -3.45
N LEU B 366 9.31 25.15 -4.03
CA LEU B 366 8.34 24.05 -4.01
C LEU B 366 8.85 22.83 -4.77
N VAL B 367 9.42 23.05 -5.96
CA VAL B 367 9.96 21.96 -6.74
C VAL B 367 11.04 21.23 -5.95
N GLN B 368 12.03 21.98 -5.46
CA GLN B 368 13.19 21.38 -4.82
C GLN B 368 12.81 20.48 -3.64
N GLN B 369 11.82 20.88 -2.84
CA GLN B 369 11.59 20.12 -1.62
C GLN B 369 10.51 19.07 -1.78
N ASP B 370 9.84 19.02 -2.91
CA ASP B 370 8.71 18.12 -3.00
C ASP B 370 9.20 16.69 -3.25
N PRO B 371 8.83 15.72 -2.43
CA PRO B 371 9.47 14.39 -2.52
C PRO B 371 9.11 13.63 -3.79
N VAL B 372 8.03 13.99 -4.48
CA VAL B 372 7.65 13.31 -5.71
C VAL B 372 8.29 14.05 -6.88
N VAL B 373 8.03 15.36 -6.98
CA VAL B 373 8.46 16.13 -8.14
C VAL B 373 9.98 16.28 -8.19
N SER B 374 10.62 16.58 -7.05
CA SER B 374 12.06 16.81 -7.04
C SER B 374 12.86 15.57 -7.46
N GLN B 375 12.22 14.42 -7.64
CA GLN B 375 12.90 13.16 -7.93
C GLN B 375 12.68 12.69 -9.36
N VAL B 376 11.82 13.35 -10.14
CA VAL B 376 11.68 13.11 -11.58
C VAL B 376 12.66 14.01 -12.33
N LYS B 377 12.79 13.76 -13.64
CA LYS B 377 13.68 14.55 -14.48
C LYS B 377 13.08 15.94 -14.70
N LEU B 378 13.85 16.97 -14.37
CA LEU B 378 13.39 18.36 -14.44
C LEU B 378 14.26 19.06 -15.48
N ILE B 379 13.68 19.29 -16.65
CA ILE B 379 14.40 19.86 -17.77
C ILE B 379 13.78 21.20 -18.10
N ALA B 380 14.62 22.22 -18.26
CA ALA B 380 14.19 23.60 -18.42
C ALA B 380 14.61 24.18 -19.77
N GLU B 381 13.71 24.94 -20.37
CA GLU B 381 14.07 25.82 -21.48
C GLU B 381 14.50 27.16 -20.90
N PRO B 382 15.79 27.49 -20.89
CA PRO B 382 16.25 28.71 -20.20
C PRO B 382 16.24 29.96 -21.09
N TRP B 383 15.04 30.49 -21.34
CA TRP B 383 14.90 31.68 -22.17
C TRP B 383 13.63 32.47 -21.82
N GLN B 391 18.80 33.05 -19.71
CA GLN B 391 18.85 32.30 -18.46
C GLN B 391 19.73 31.04 -18.64
N VAL B 392 20.52 31.01 -19.72
CA VAL B 392 21.30 29.81 -20.04
C VAL B 392 22.40 29.63 -19.00
N GLY B 393 22.35 28.53 -18.27
CA GLY B 393 23.28 28.26 -17.19
C GLY B 393 22.89 28.76 -15.82
N ASN B 394 21.66 29.25 -15.63
CA ASN B 394 21.27 29.89 -14.37
C ASN B 394 20.12 29.21 -13.66
N PHE B 395 19.66 28.04 -14.12
CA PHE B 395 18.68 27.32 -13.34
C PHE B 395 19.36 26.62 -12.16
N PRO B 396 18.61 26.33 -11.10
CA PRO B 396 19.23 25.75 -9.88
C PRO B 396 19.89 24.42 -10.18
N PRO B 397 20.81 23.99 -9.32
CA PRO B 397 21.65 22.82 -9.65
C PRO B 397 20.90 21.50 -9.80
N LEU B 398 19.61 21.44 -9.50
CA LEU B 398 18.85 20.21 -9.76
C LEU B 398 18.19 20.21 -11.14
N TRP B 399 18.21 21.32 -11.85
CA TRP B 399 17.68 21.39 -13.20
C TRP B 399 18.76 21.01 -14.21
N THR B 400 18.38 20.21 -15.21
CA THR B 400 19.11 20.13 -16.47
C THR B 400 18.44 21.11 -17.44
N GLU B 401 19.20 21.53 -18.46
CA GLU B 401 18.71 22.57 -19.35
C GLU B 401 18.98 22.24 -20.81
N TRP B 402 18.03 22.61 -21.67
CA TRP B 402 18.29 22.69 -23.10
C TRP B 402 19.46 23.63 -23.34
N ASN B 403 20.50 23.17 -24.03
CA ASN B 403 21.72 23.95 -24.22
C ASN B 403 21.71 24.53 -25.64
N GLY B 404 21.04 25.67 -25.79
CA GLY B 404 20.98 26.32 -27.08
C GLY B 404 22.32 26.81 -27.58
N LYS B 405 23.26 27.07 -26.66
CA LYS B 405 24.61 27.43 -27.09
C LYS B 405 25.30 26.26 -27.76
N TYR B 406 25.04 25.03 -27.27
CA TYR B 406 25.50 23.85 -27.97
C TYR B 406 24.96 23.83 -29.40
N ARG B 407 23.64 24.00 -29.55
CA ARG B 407 23.03 23.95 -30.87
C ARG B 407 23.62 25.01 -31.80
N ASP B 408 23.79 26.23 -31.31
CA ASP B 408 24.25 27.30 -32.19
C ASP B 408 25.70 27.08 -32.57
N CYS B 409 26.48 26.49 -31.67
CA CYS B 409 27.91 26.36 -31.90
C CYS B 409 28.20 25.20 -32.84
N VAL B 410 27.51 24.08 -32.66
CA VAL B 410 27.67 22.96 -33.57
C VAL B 410 27.13 23.32 -34.96
N ARG B 411 26.03 24.08 -35.00
CA ARG B 411 25.54 24.57 -36.28
C ARG B 411 26.57 25.50 -36.95
N ASP B 412 27.33 26.24 -36.14
CA ASP B 412 28.34 27.14 -36.69
C ASP B 412 29.56 26.37 -37.19
N LEU B 413 29.92 25.28 -36.49
CA LEU B 413 31.08 24.50 -36.90
C LEU B 413 30.93 24.00 -38.32
N TRP B 414 29.80 23.37 -38.62
CA TRP B 414 29.59 22.69 -39.88
C TRP B 414 29.11 23.61 -40.98
N ARG B 415 28.72 24.84 -40.66
CA ARG B 415 28.48 25.78 -41.74
C ARG B 415 29.70 26.64 -42.04
N GLY B 416 30.76 26.52 -41.24
CA GLY B 416 32.02 27.20 -41.51
C GLY B 416 32.24 28.56 -40.88
N GLU B 417 31.45 28.94 -39.87
CA GLU B 417 31.71 30.19 -39.15
C GLU B 417 33.14 30.17 -38.61
N PRO B 418 33.93 31.23 -38.83
CA PRO B 418 35.39 31.06 -38.86
C PRO B 418 36.16 31.18 -37.55
N ARG B 419 35.53 31.29 -36.37
CA ARG B 419 36.31 31.19 -35.13
C ARG B 419 35.55 30.32 -34.10
N THR B 420 35.11 29.15 -34.53
CA THR B 420 34.24 28.33 -33.70
C THR B 420 34.99 27.29 -32.86
N LEU B 421 36.24 26.93 -33.25
CA LEU B 421 36.89 25.76 -32.67
C LEU B 421 37.03 25.85 -31.15
N ALA B 422 37.42 27.02 -30.64
CA ALA B 422 37.62 27.17 -29.20
C ALA B 422 36.32 26.94 -28.42
N GLU B 423 35.22 27.49 -28.91
CA GLU B 423 33.95 27.25 -28.21
C GLU B 423 33.44 25.84 -28.49
N PHE B 424 33.63 25.35 -29.71
CA PHE B 424 33.18 23.99 -30.02
C PHE B 424 33.83 22.97 -29.10
N ALA B 425 35.10 23.17 -28.76
CA ALA B 425 35.78 22.26 -27.84
C ALA B 425 35.07 22.22 -26.48
N SER B 426 34.59 23.39 -26.00
CA SER B 426 33.85 23.43 -24.74
C SER B 426 32.52 22.69 -24.85
N ARG B 427 31.77 23.00 -25.91
CA ARG B 427 30.48 22.34 -26.13
C ARG B 427 30.64 20.84 -26.33
N LEU B 428 31.74 20.42 -26.95
CA LEU B 428 31.95 19.00 -27.16
C LEU B 428 32.19 18.28 -25.83
N THR B 429 32.73 18.99 -24.83
CA THR B 429 33.16 18.36 -23.58
C THR B 429 32.25 18.72 -22.40
N GLY B 430 31.00 19.07 -22.69
CA GLY B 430 30.01 19.29 -21.66
C GLY B 430 29.79 20.72 -21.23
N SER B 431 30.36 21.70 -21.94
CA SER B 431 30.16 23.13 -21.67
C SER B 431 30.43 23.48 -20.20
N SER B 432 31.67 23.26 -19.77
CA SER B 432 32.08 23.56 -18.40
C SER B 432 31.95 25.04 -18.09
N ASP B 433 32.28 25.89 -19.05
CA ASP B 433 32.10 27.33 -18.90
C ASP B 433 30.67 27.72 -18.53
N LEU B 434 29.71 26.83 -18.71
CA LEU B 434 28.31 27.16 -18.41
C LEU B 434 27.81 26.56 -17.12
N TYR B 435 28.36 25.43 -16.70
CA TYR B 435 27.77 24.66 -15.60
C TYR B 435 28.73 24.32 -14.49
N GLN B 436 30.02 24.30 -14.73
CA GLN B 436 30.98 23.84 -13.69
C GLN B 436 30.99 24.69 -12.42
N ASP B 437 30.94 26.01 -12.56
CA ASP B 437 31.02 26.93 -11.39
C ASP B 437 29.75 26.87 -10.55
N ASP B 438 28.63 26.47 -11.16
CA ASP B 438 27.30 26.31 -10.49
C ASP B 438 27.34 25.05 -9.62
N GLY B 439 28.26 24.13 -9.91
CA GLY B 439 28.48 22.88 -9.17
C GLY B 439 27.75 21.75 -9.85
N ARG B 440 27.54 21.85 -11.14
CA ARG B 440 26.78 20.82 -11.83
C ARG B 440 27.73 19.86 -12.50
N ARG B 441 27.14 18.87 -13.16
CA ARG B 441 27.87 17.89 -13.93
C ARG B 441 27.68 18.19 -15.41
N PRO B 442 28.50 17.62 -16.29
CA PRO B 442 28.22 17.76 -17.72
C PRO B 442 26.85 17.26 -18.09
N LEU B 443 26.25 16.36 -17.29
CA LEU B 443 24.93 15.81 -17.57
C LEU B 443 23.81 16.83 -17.43
N ALA B 444 24.09 18.01 -16.87
CA ALA B 444 23.16 19.13 -16.90
C ALA B 444 22.90 19.66 -18.30
N SER B 445 23.76 19.32 -19.27
CA SER B 445 23.71 19.86 -20.64
C SER B 445 22.88 18.94 -21.53
N VAL B 446 21.65 19.34 -21.84
CA VAL B 446 20.86 18.63 -22.84
C VAL B 446 21.23 19.23 -24.19
N ASN B 447 22.08 18.52 -24.92
CA ASN B 447 22.53 18.91 -26.25
C ASN B 447 21.52 18.48 -27.32
N PHE B 448 21.44 19.26 -28.38
CA PHE B 448 20.54 18.96 -29.49
C PHE B 448 20.99 19.76 -30.68
N VAL B 449 20.81 19.20 -31.86
CA VAL B 449 21.08 19.92 -33.11
C VAL B 449 19.82 20.57 -33.65
N THR B 450 18.68 19.89 -33.51
CA THR B 450 17.37 20.41 -33.91
C THR B 450 16.39 20.12 -32.79
N CYS B 451 15.24 20.79 -32.80
CA CYS B 451 14.09 20.28 -32.03
C CYS B 451 12.85 20.68 -32.81
N HIS B 452 11.71 20.72 -32.12
CA HIS B 452 10.49 21.15 -32.77
C HIS B 452 10.54 22.62 -33.18
N ASP B 453 11.25 23.45 -32.41
CA ASP B 453 11.50 24.84 -32.80
C ASP B 453 12.58 24.91 -33.87
N GLY B 454 12.26 25.48 -35.03
CA GLY B 454 13.25 25.68 -36.09
C GLY B 454 13.26 24.56 -37.11
N PHE B 455 14.30 24.59 -37.95
CA PHE B 455 14.51 23.59 -39.00
C PHE B 455 14.59 22.17 -38.43
N THR B 456 13.99 21.22 -39.14
CA THR B 456 14.36 19.82 -38.97
C THR B 456 15.82 19.62 -39.42
N LEU B 457 16.36 18.43 -39.13
CA LEU B 457 17.76 18.18 -39.44
C LEU B 457 18.01 18.27 -40.95
N ARG B 458 17.09 17.76 -41.75
CA ARG B 458 17.28 17.82 -43.20
C ARG B 458 17.06 19.23 -43.74
N ASP B 459 16.06 19.96 -43.23
CA ASP B 459 15.86 21.33 -43.67
C ASP B 459 17.06 22.19 -43.31
N LEU B 460 17.80 21.81 -42.26
CA LEU B 460 18.92 22.62 -41.79
C LEU B 460 20.11 22.54 -42.74
N VAL B 461 20.26 21.45 -43.50
CA VAL B 461 21.31 21.37 -44.51
C VAL B 461 20.77 21.69 -45.90
N SER B 462 19.53 22.20 -45.99
CA SER B 462 18.91 22.44 -47.29
C SER B 462 18.31 23.83 -47.45
N TYR B 463 18.22 24.65 -46.40
CA TYR B 463 17.67 25.98 -46.53
C TYR B 463 18.57 26.98 -45.83
N ASN B 464 18.88 28.09 -46.52
CA ASN B 464 19.52 29.20 -45.84
C ASN B 464 18.52 30.01 -45.02
N GLU B 465 17.27 30.13 -45.47
CA GLU B 465 16.29 30.98 -44.82
C GLU B 465 14.92 30.30 -44.77
N LYS B 466 14.16 30.66 -43.74
CA LYS B 466 12.92 29.99 -43.39
C LYS B 466 11.84 30.29 -44.42
N ARG B 467 10.89 29.36 -44.52
CA ARG B 467 9.81 29.40 -45.52
C ARG B 467 8.44 29.19 -44.83
N ASN B 468 8.07 30.12 -43.94
CA ASN B 468 6.87 29.96 -43.12
C ASN B 468 5.65 30.68 -43.68
N GLU B 469 5.57 30.84 -45.00
CA GLU B 469 4.45 31.61 -45.52
C GLU B 469 3.12 30.87 -45.37
N ALA B 470 3.13 29.57 -45.14
CA ALA B 470 1.86 28.89 -44.92
C ALA B 470 1.31 29.08 -43.52
N ASN B 471 2.08 29.68 -42.60
CA ASN B 471 1.62 29.93 -41.24
C ASN B 471 0.75 31.18 -41.13
N GLY B 472 0.61 31.96 -42.20
CA GLY B 472 -0.28 33.09 -42.19
C GLY B 472 0.19 34.31 -41.44
N GLU B 473 1.50 34.46 -41.22
CA GLU B 473 1.96 35.65 -40.53
C GLU B 473 3.02 36.40 -41.32
N GLY B 474 3.07 36.22 -42.64
CA GLY B 474 4.00 36.97 -43.45
C GLY B 474 5.46 36.64 -43.25
N ASN B 475 5.77 35.42 -42.83
CA ASN B 475 7.16 34.99 -42.55
C ASN B 475 7.78 35.82 -41.42
N ARG B 476 6.93 36.37 -40.55
CA ARG B 476 7.41 37.12 -39.40
C ARG B 476 7.60 36.23 -38.17
N ASP B 477 6.96 35.07 -38.14
CA ASP B 477 7.08 34.11 -37.04
C ASP B 477 8.31 33.23 -37.26
N GLY B 478 8.80 32.66 -36.17
CA GLY B 478 9.94 31.76 -36.22
C GLY B 478 11.28 32.47 -36.16
N GLU B 479 12.33 31.67 -35.91
CA GLU B 479 13.66 32.23 -35.70
C GLU B 479 14.22 32.80 -36.99
N ASN B 480 14.91 33.94 -36.90
CA ASN B 480 15.46 34.56 -38.09
C ASN B 480 16.89 34.16 -38.36
N TYR B 481 17.63 33.70 -37.35
CA TYR B 481 19.03 33.33 -37.50
C TYR B 481 19.16 31.83 -37.20
N ASN B 482 19.02 31.05 -38.25
CA ASN B 482 19.00 29.60 -38.21
C ASN B 482 20.39 28.95 -38.25
N ARG B 483 21.44 29.72 -38.58
CA ARG B 483 22.80 29.19 -38.62
C ARG B 483 22.88 27.94 -39.49
N SER B 484 22.23 28.01 -40.66
CA SER B 484 22.05 26.89 -41.57
C SER B 484 22.77 27.13 -42.88
N TRP B 485 23.15 26.06 -43.56
CA TRP B 485 23.69 26.18 -44.91
C TRP B 485 22.97 25.19 -45.81
N ASN B 486 22.45 25.69 -46.93
CA ASN B 486 21.72 24.88 -47.91
C ASN B 486 22.62 23.97 -48.75
N CYS B 487 23.93 23.99 -48.51
CA CYS B 487 24.87 23.11 -49.21
C CYS B 487 24.96 23.39 -50.71
N GLY B 488 24.60 24.59 -51.16
CA GLY B 488 24.80 25.03 -52.54
C GLY B 488 23.53 25.30 -53.32
N GLU B 489 22.36 24.91 -52.83
CA GLU B 489 21.11 25.19 -53.52
C GLU B 489 20.00 25.35 -52.48
N GLU B 490 19.18 26.40 -52.60
CA GLU B 490 18.07 26.60 -51.69
C GLU B 490 16.93 25.65 -52.06
N GLY B 491 16.69 24.66 -51.20
CA GLY B 491 15.57 23.77 -51.39
C GLY B 491 15.99 22.47 -52.03
N GLU B 492 15.00 21.80 -52.63
CA GLU B 492 15.22 20.49 -53.22
C GLU B 492 16.07 20.59 -54.47
N THR B 493 16.92 19.58 -54.68
CA THR B 493 17.94 19.63 -55.71
C THR B 493 18.03 18.30 -56.46
N GLU B 494 18.41 18.41 -57.73
CA GLU B 494 18.77 17.25 -58.55
C GLU B 494 20.25 16.88 -58.43
N ASP B 495 21.10 17.86 -58.15
CA ASP B 495 22.54 17.66 -58.04
C ASP B 495 22.87 16.53 -57.09
N VAL B 496 23.58 15.52 -57.58
CA VAL B 496 24.00 14.43 -56.72
C VAL B 496 25.12 14.88 -55.78
N GLY B 497 25.93 15.86 -56.21
CA GLY B 497 26.99 16.35 -55.35
C GLY B 497 26.44 17.06 -54.13
N ILE B 498 25.41 17.90 -54.33
CA ILE B 498 24.76 18.57 -53.22
C ILE B 498 24.05 17.55 -52.34
N THR B 499 23.26 16.67 -52.97
CA THR B 499 22.56 15.61 -52.26
C THR B 499 23.49 14.80 -51.38
N GLU B 500 24.67 14.45 -51.89
CA GLU B 500 25.59 13.65 -51.08
C GLU B 500 26.20 14.49 -49.96
N LEU B 501 26.56 15.76 -50.25
CA LEU B 501 27.11 16.63 -49.22
C LEU B 501 26.09 16.85 -48.09
N ARG B 502 24.82 17.10 -48.46
CA ARG B 502 23.74 17.17 -47.48
C ARG B 502 23.67 15.91 -46.63
N ALA B 503 23.77 14.73 -47.24
CA ALA B 503 23.65 13.50 -46.47
C ALA B 503 24.80 13.36 -45.49
N ARG B 504 26.00 13.77 -45.89
CA ARG B 504 27.14 13.75 -44.97
C ARG B 504 26.95 14.79 -43.87
N GLN B 505 26.49 15.99 -44.23
CA GLN B 505 26.27 17.03 -43.22
C GLN B 505 25.35 16.53 -42.12
N MET B 506 24.22 15.93 -42.50
CA MET B 506 23.33 15.31 -41.52
C MET B 506 24.07 14.31 -40.64
N ARG B 507 24.94 13.49 -41.24
CA ARG B 507 25.74 12.55 -40.45
C ARG B 507 26.71 13.28 -39.54
N ASN B 508 27.31 14.38 -40.01
CA ASN B 508 28.17 15.19 -39.15
C ASN B 508 27.41 15.65 -37.90
N PHE B 509 26.21 16.20 -38.09
CA PHE B 509 25.42 16.69 -36.97
C PHE B 509 25.07 15.56 -36.00
N LEU B 510 24.55 14.45 -36.53
CA LEU B 510 24.13 13.34 -35.68
C LEU B 510 25.30 12.74 -34.92
N ALA B 511 26.45 12.60 -35.57
CA ALA B 511 27.63 12.05 -34.91
C ALA B 511 28.20 13.02 -33.88
N THR B 512 28.26 14.32 -34.21
CA THR B 512 28.76 15.29 -33.22
C THR B 512 27.92 15.19 -31.95
N LEU B 513 26.60 15.02 -32.11
CA LEU B 513 25.70 15.00 -30.97
C LEU B 513 25.94 13.78 -30.10
N MET B 514 26.10 12.61 -30.73
CA MET B 514 26.22 11.37 -29.98
C MET B 514 27.61 11.16 -29.38
N LEU B 515 28.61 11.94 -29.80
CA LEU B 515 29.96 11.90 -29.23
C LEU B 515 30.24 13.01 -28.20
N SER B 516 29.25 13.85 -27.88
CA SER B 516 29.42 14.99 -26.99
C SER B 516 29.03 14.64 -25.57
N GLN B 517 29.79 15.16 -24.61
CA GLN B 517 29.41 15.06 -23.21
C GLN B 517 28.08 15.77 -22.96
N GLY B 518 27.31 15.26 -21.99
CA GLY B 518 25.99 15.78 -21.68
C GLY B 518 24.91 14.74 -21.91
N VAL B 519 23.72 15.20 -22.29
CA VAL B 519 22.55 14.36 -22.52
C VAL B 519 21.97 14.69 -23.89
N PRO B 520 22.01 13.76 -24.85
CA PRO B 520 21.60 14.12 -26.21
C PRO B 520 20.09 13.98 -26.42
N MET B 521 19.53 14.94 -27.14
CA MET B 521 18.12 14.92 -27.53
C MET B 521 18.01 14.88 -29.04
N LEU B 522 17.20 13.93 -29.54
CA LEU B 522 16.89 13.78 -30.96
C LEU B 522 15.46 14.24 -31.22
N SER B 523 15.25 14.75 -32.44
CA SER B 523 13.98 15.32 -32.87
C SER B 523 13.28 14.33 -33.80
N HIS B 524 12.05 13.94 -33.44
CA HIS B 524 11.38 12.81 -34.10
C HIS B 524 11.33 12.97 -35.62
N GLY B 525 11.72 11.90 -36.31
CA GLY B 525 11.75 11.88 -37.75
C GLY B 525 13.09 12.25 -38.35
N ASP B 526 14.01 12.80 -37.55
CA ASP B 526 15.33 13.11 -38.07
C ASP B 526 16.07 11.85 -38.48
N GLU B 527 15.85 10.75 -37.76
CA GLU B 527 16.42 9.47 -38.16
C GLU B 527 15.95 9.03 -39.55
N PHE B 528 14.87 9.65 -40.08
CA PHE B 528 14.37 9.42 -41.44
C PHE B 528 14.63 10.57 -42.39
N GLY B 529 15.26 11.65 -41.96
CA GLY B 529 15.36 12.82 -42.82
C GLY B 529 14.04 13.56 -43.04
N ARG B 530 13.20 13.67 -42.01
CA ARG B 530 11.96 14.44 -42.08
C ARG B 530 12.21 15.87 -42.54
N THR B 531 11.32 16.38 -43.41
CA THR B 531 11.37 17.74 -43.89
C THR B 531 10.02 18.43 -43.65
N GLN B 532 10.08 19.73 -43.38
CA GLN B 532 8.90 20.59 -43.33
C GLN B 532 8.90 21.62 -44.46
N GLY B 533 9.64 21.34 -45.53
CA GLY B 533 9.71 22.28 -46.63
C GLY B 533 10.45 23.56 -46.34
N GLY B 534 11.24 23.62 -45.25
CA GLY B 534 11.88 24.87 -44.86
C GLY B 534 11.02 25.73 -43.96
N ASN B 535 9.85 25.24 -43.58
CA ASN B 535 9.05 25.86 -42.55
C ASN B 535 9.75 25.62 -41.21
N ASN B 536 10.31 26.67 -40.62
CA ASN B 536 11.03 26.52 -39.35
C ASN B 536 10.16 26.78 -38.13
N ASN B 537 8.83 26.92 -38.31
CA ASN B 537 8.00 27.16 -37.14
C ASN B 537 6.60 26.61 -37.45
N ALA B 538 6.44 25.29 -37.35
CA ALA B 538 5.25 24.64 -37.89
C ALA B 538 4.18 24.40 -36.83
N TYR B 539 4.04 25.31 -35.86
CA TYR B 539 3.10 25.13 -34.76
C TYR B 539 1.67 25.00 -35.25
N CYS B 540 1.36 25.48 -36.45
CA CYS B 540 -0.01 25.52 -36.91
C CYS B 540 -0.27 24.63 -38.12
N GLN B 541 0.60 23.65 -38.37
CA GLN B 541 0.52 22.79 -39.56
C GLN B 541 0.25 21.35 -39.12
N ASP B 542 -1.02 21.06 -38.89
CA ASP B 542 -1.45 19.71 -38.54
C ASP B 542 -1.79 18.95 -39.83
N ASN B 543 -0.74 18.59 -40.55
CA ASN B 543 -0.86 18.06 -41.91
C ASN B 543 0.47 17.43 -42.31
N GLU B 544 0.62 17.12 -43.59
CA GLU B 544 1.79 16.40 -44.08
C GLU B 544 3.08 17.21 -43.98
N VAL B 545 2.98 18.52 -43.78
CA VAL B 545 4.19 19.32 -43.50
C VAL B 545 4.95 18.74 -42.31
N SER B 546 4.22 18.31 -41.28
CA SER B 546 4.80 17.99 -39.98
C SER B 546 4.80 16.51 -39.65
N TRP B 547 3.86 15.74 -40.18
CA TRP B 547 3.74 14.35 -39.77
C TRP B 547 4.93 13.53 -40.24
N VAL B 548 5.32 12.56 -39.41
CA VAL B 548 6.43 11.70 -39.77
C VAL B 548 6.05 10.85 -40.97
N ARG B 549 6.84 10.94 -42.04
CA ARG B 549 6.71 10.01 -43.16
C ARG B 549 7.48 8.72 -42.80
N TRP B 550 6.77 7.60 -42.71
CA TRP B 550 7.53 6.39 -42.37
C TRP B 550 8.08 5.70 -43.63
N PRO B 551 9.32 5.20 -43.59
CA PRO B 551 10.04 4.81 -44.81
C PRO B 551 9.68 3.42 -45.31
N ALA B 557 17.79 5.40 -49.10
CA ALA B 557 18.50 6.60 -48.65
C ALA B 557 18.20 6.92 -47.18
N GLU B 558 16.91 6.86 -46.81
CA GLU B 558 16.52 6.99 -45.41
C GLU B 558 16.88 5.75 -44.59
N ALA B 559 17.31 4.69 -45.28
CA ALA B 559 17.75 3.47 -44.58
C ALA B 559 19.23 3.63 -44.23
N THR B 560 19.96 4.49 -44.93
CA THR B 560 21.37 4.72 -44.57
C THR B 560 21.38 5.64 -43.35
N LEU B 561 20.56 6.67 -43.38
CA LEU B 561 20.41 7.59 -42.23
C LEU B 561 19.91 6.83 -40.99
N LEU B 562 18.92 5.97 -41.15
CA LEU B 562 18.42 5.20 -40.01
C LEU B 562 19.55 4.33 -39.45
N ARG B 563 20.22 3.58 -40.30
CA ARG B 563 21.28 2.65 -39.87
C ARG B 563 22.38 3.45 -39.18
N PHE B 564 22.77 4.58 -39.77
CA PHE B 564 23.83 5.44 -39.19
C PHE B 564 23.44 5.96 -37.80
N THR B 565 22.21 6.42 -37.60
CA THR B 565 21.72 6.96 -36.30
C THR B 565 21.69 5.88 -35.23
N ARG B 566 21.09 4.73 -35.53
CA ARG B 566 21.02 3.61 -34.56
C ARG B 566 22.42 3.22 -34.11
N SER B 567 23.37 3.13 -35.02
CA SER B 567 24.73 2.71 -34.67
C SER B 567 25.47 3.79 -33.90
N MET B 568 25.28 5.06 -34.28
CA MET B 568 25.85 6.15 -33.49
C MET B 568 25.29 6.16 -32.08
N VAL B 569 24.00 5.88 -31.92
CA VAL B 569 23.45 5.79 -30.56
C VAL B 569 24.04 4.59 -29.83
N ARG B 570 24.30 3.50 -30.56
CA ARG B 570 24.86 2.30 -29.96
C ARG B 570 26.30 2.54 -29.50
N LEU B 571 27.10 3.18 -30.36
CA LEU B 571 28.46 3.55 -29.98
C LEU B 571 28.46 4.32 -28.65
N ARG B 572 27.58 5.31 -28.53
CA ARG B 572 27.48 6.08 -27.28
C ARG B 572 27.10 5.18 -26.12
N ARG B 573 26.08 4.33 -26.31
CA ARG B 573 25.61 3.45 -25.25
C ARG B 573 26.72 2.51 -24.76
N GLU B 574 27.57 2.02 -25.68
CA GLU B 574 28.58 1.04 -25.35
C GLU B 574 29.93 1.62 -24.95
N HIS B 575 30.05 2.94 -24.85
CA HIS B 575 31.32 3.56 -24.46
C HIS B 575 31.12 4.66 -23.43
N PRO B 576 31.45 4.40 -22.16
CA PRO B 576 31.17 5.38 -21.09
C PRO B 576 31.94 6.69 -21.20
N VAL B 577 33.09 6.70 -21.89
CA VAL B 577 33.89 7.92 -22.02
C VAL B 577 33.13 9.01 -22.76
N PHE B 578 32.11 8.65 -23.53
CA PHE B 578 31.31 9.69 -24.20
C PHE B 578 30.23 10.27 -23.30
N ARG B 579 29.96 9.65 -22.16
CA ARG B 579 28.85 10.02 -21.28
C ARG B 579 29.31 10.04 -19.82
N ARG B 580 30.39 10.76 -19.54
CA ARG B 580 30.95 10.79 -18.19
C ARG B 580 30.08 11.60 -17.23
N ARG B 581 30.30 11.34 -15.93
CA ARG B 581 29.59 12.02 -14.85
C ARG B 581 30.37 13.19 -14.28
N ARG B 582 31.66 13.29 -14.60
CA ARG B 582 32.52 14.39 -14.21
C ARG B 582 33.03 15.09 -15.46
N PHE B 583 33.42 16.37 -15.31
CA PHE B 583 34.10 17.05 -16.42
C PHE B 583 35.49 16.48 -16.58
N PHE B 584 35.98 16.51 -17.82
CA PHE B 584 37.34 16.08 -18.09
C PHE B 584 38.33 16.88 -17.24
N HIS B 585 39.35 16.18 -16.71
CA HIS B 585 40.31 16.80 -15.80
C HIS B 585 41.37 17.60 -16.55
N GLY B 586 41.80 17.12 -17.72
CA GLY B 586 42.87 17.75 -18.45
C GLY B 586 44.23 17.23 -18.01
N ARG B 587 45.25 17.99 -18.34
CA ARG B 587 46.58 17.56 -17.94
C ARG B 587 46.87 18.05 -16.52
N PRO B 588 47.27 17.16 -15.60
CA PRO B 588 47.51 17.59 -14.21
C PRO B 588 48.93 18.07 -14.00
N VAL B 589 49.13 19.19 -13.30
CA VAL B 589 50.50 19.70 -13.12
C VAL B 589 51.08 19.29 -11.77
N LEU B 596 47.70 11.11 -14.76
CA LEU B 596 47.16 10.57 -16.01
C LEU B 596 46.35 11.63 -16.76
N THR B 597 46.60 11.75 -18.06
CA THR B 597 45.90 12.72 -18.89
C THR B 597 44.67 12.06 -19.52
N ASP B 598 43.49 12.65 -19.29
CA ASP B 598 42.25 12.06 -19.76
C ASP B 598 41.75 12.64 -21.07
N ILE B 599 42.26 13.79 -21.50
CA ILE B 599 41.83 14.39 -22.76
C ILE B 599 42.98 15.24 -23.30
N ALA B 600 43.12 15.28 -24.61
CA ALA B 600 44.22 15.99 -25.24
C ALA B 600 43.75 16.47 -26.60
N TRP B 601 44.31 17.60 -27.01
CA TRP B 601 43.97 18.25 -28.28
C TRP B 601 45.21 18.33 -29.16
N PHE B 602 45.05 18.01 -30.44
CA PHE B 602 46.17 17.99 -31.37
C PHE B 602 45.80 18.74 -32.65
N THR B 603 46.82 19.26 -33.32
CA THR B 603 46.63 19.75 -34.67
C THR B 603 46.36 18.57 -35.60
N PRO B 604 45.79 18.84 -36.77
CA PRO B 604 45.69 17.77 -37.78
C PRO B 604 47.04 17.17 -38.13
N GLU B 605 48.11 17.96 -38.10
CA GLU B 605 49.43 17.40 -38.32
C GLU B 605 49.97 16.63 -37.12
N GLY B 606 49.21 16.58 -36.03
CA GLY B 606 49.50 15.66 -34.94
C GLY B 606 50.30 16.22 -33.79
N GLU B 607 50.44 17.54 -33.67
CA GLU B 607 51.13 18.16 -32.55
C GLU B 607 50.11 18.65 -31.55
N GLU B 608 50.42 18.50 -30.26
CA GLU B 608 49.54 19.05 -29.24
C GLU B 608 49.31 20.53 -29.49
N MET B 609 48.12 20.99 -29.14
CA MET B 609 47.68 22.32 -29.51
C MET B 609 48.10 23.35 -28.46
N THR B 610 48.71 24.43 -28.94
CA THR B 610 49.12 25.53 -28.09
C THR B 610 47.98 26.54 -27.97
N SER B 611 48.13 27.46 -27.02
CA SER B 611 47.17 28.54 -26.91
C SER B 611 47.11 29.36 -28.19
N ARG B 612 48.23 29.49 -28.90
CA ARG B 612 48.18 30.20 -30.19
C ARG B 612 47.29 29.47 -31.18
N ASP B 613 47.36 28.14 -31.19
CA ASP B 613 46.63 27.34 -32.16
C ASP B 613 45.13 27.58 -32.09
N TRP B 614 44.60 27.94 -30.90
CA TRP B 614 43.17 28.10 -30.75
C TRP B 614 42.63 29.34 -31.45
N GLN B 615 43.46 30.33 -31.79
CA GLN B 615 42.99 31.57 -32.40
C GLN B 615 43.26 31.68 -33.91
N ALA B 616 44.06 30.78 -34.48
CA ALA B 616 44.32 30.79 -35.91
C ALA B 616 43.03 30.93 -36.69
N ALA B 617 42.96 31.93 -37.57
CA ALA B 617 41.70 32.33 -38.20
C ALA B 617 41.02 31.17 -38.92
N HIS B 618 41.78 30.45 -39.74
CA HIS B 618 41.23 29.29 -40.45
C HIS B 618 41.56 27.98 -39.75
N ALA B 619 41.61 28.00 -38.42
CA ALA B 619 41.59 26.79 -37.61
C ALA B 619 40.19 26.22 -37.65
N GLN B 620 39.97 25.23 -38.53
CA GLN B 620 38.68 24.58 -38.63
C GLN B 620 38.82 23.07 -38.57
N ALA B 621 39.90 22.59 -37.95
CA ALA B 621 40.18 21.17 -37.93
C ALA B 621 40.98 20.84 -36.67
N LEU B 622 40.81 19.61 -36.18
CA LEU B 622 41.14 19.31 -34.79
C LEU B 622 41.08 17.79 -34.57
N THR B 623 42.01 17.28 -33.76
CA THR B 623 41.94 15.93 -33.21
C THR B 623 41.76 16.00 -31.70
N VAL B 624 40.75 15.31 -31.19
CA VAL B 624 40.54 15.16 -29.74
C VAL B 624 40.86 13.72 -29.37
N PHE B 625 41.64 13.55 -28.30
CA PHE B 625 41.93 12.24 -27.75
C PHE B 625 41.16 12.10 -26.43
N LEU B 626 40.35 11.05 -26.32
CA LEU B 626 39.59 10.75 -25.12
C LEU B 626 40.15 9.47 -24.51
N ASN B 627 40.58 9.54 -23.25
CA ASN B 627 41.33 8.47 -22.61
C ASN B 627 40.37 7.59 -21.83
N GLY B 628 39.99 6.45 -22.41
CA GLY B 628 39.13 5.50 -21.72
C GLY B 628 39.76 4.85 -20.49
N ASN B 629 41.05 5.05 -20.27
CA ASN B 629 41.73 4.57 -19.07
C ASN B 629 41.68 5.57 -17.92
N ALA B 630 41.01 6.71 -18.10
CA ALA B 630 41.09 7.80 -17.13
C ALA B 630 39.70 8.28 -16.74
N ILE B 631 38.77 7.35 -16.56
CA ILE B 631 37.44 7.68 -16.05
C ILE B 631 37.46 7.47 -14.55
N SER B 632 37.40 8.56 -13.77
CA SER B 632 37.55 8.49 -12.32
C SER B 632 36.25 8.15 -11.60
N GLU B 633 35.09 8.51 -12.14
CA GLU B 633 33.81 8.21 -11.49
C GLU B 633 33.66 6.72 -11.25
N PRO B 634 33.30 6.32 -10.03
CA PRO B 634 32.97 4.90 -9.80
C PRO B 634 31.62 4.55 -10.40
N GLY B 635 31.39 3.24 -10.55
CA GLY B 635 30.08 2.72 -10.90
C GLY B 635 29.21 2.55 -9.66
N THR B 636 28.05 1.93 -9.87
CA THR B 636 27.02 1.87 -8.84
C THR B 636 27.48 1.16 -7.57
N GLN B 637 28.40 0.22 -7.69
CA GLN B 637 28.90 -0.51 -6.54
C GLN B 637 30.36 -0.16 -6.23
N GLY B 638 30.78 1.06 -6.56
CA GLY B 638 32.13 1.53 -6.32
C GLY B 638 33.17 1.07 -7.32
N GLU B 639 32.80 0.24 -8.30
CA GLU B 639 33.75 -0.34 -9.23
C GLU B 639 34.30 0.73 -10.17
N ARG B 640 35.53 0.53 -10.65
CA ARG B 640 36.11 1.45 -11.60
C ARG B 640 35.48 1.24 -12.96
N ILE B 641 35.26 2.33 -13.69
CA ILE B 641 34.70 2.28 -15.03
C ILE B 641 35.84 2.43 -16.03
N ALA B 642 35.94 1.47 -16.94
CA ALA B 642 37.00 1.46 -17.93
C ALA B 642 36.37 1.46 -19.32
N ASP B 643 37.13 1.94 -20.30
CA ASP B 643 36.61 2.01 -21.66
C ASP B 643 37.78 2.04 -22.63
N ASP B 644 37.49 1.77 -23.91
CA ASP B 644 38.45 2.06 -24.96
C ASP B 644 38.68 3.57 -25.06
N SER B 645 39.79 3.93 -25.71
CA SER B 645 40.15 5.31 -25.98
C SER B 645 39.85 5.67 -27.44
N PHE B 646 39.71 6.98 -27.69
CA PHE B 646 39.21 7.42 -28.98
C PHE B 646 39.99 8.63 -29.47
N LEU B 647 40.05 8.74 -30.79
CA LEU B 647 40.56 9.92 -31.49
C LEU B 647 39.44 10.46 -32.36
N LEU B 648 39.11 11.73 -32.19
CA LEU B 648 37.96 12.35 -32.86
C LEU B 648 38.51 13.39 -33.81
N MET B 649 38.43 13.12 -35.11
CA MET B 649 39.08 13.93 -36.13
C MET B 649 38.01 14.72 -36.88
N PHE B 650 38.03 16.03 -36.69
CA PHE B 650 37.06 16.95 -37.26
C PHE B 650 37.72 17.75 -38.36
N ASN B 651 37.18 17.67 -39.56
CA ASN B 651 37.58 18.56 -40.65
C ASN B 651 36.33 19.33 -41.05
N ALA B 652 36.26 20.60 -40.67
CA ALA B 652 35.18 21.46 -41.14
C ALA B 652 35.71 22.58 -42.02
N SER B 653 36.83 22.32 -42.65
CA SER B 653 37.28 23.24 -43.70
C SER B 653 36.57 22.84 -45.00
N ALA B 654 36.69 23.65 -46.04
CA ALA B 654 36.07 23.27 -47.32
C ALA B 654 37.07 22.52 -48.20
N LYS B 655 38.15 21.99 -47.65
CA LYS B 655 39.19 21.29 -48.41
C LYS B 655 39.54 19.96 -47.74
N GLU B 656 40.15 19.07 -48.50
CA GLU B 656 40.71 17.80 -48.01
C GLU B 656 41.85 18.13 -47.06
N LEU B 657 41.97 17.37 -45.99
CA LEU B 657 43.04 17.58 -45.02
C LEU B 657 43.59 16.23 -44.65
N GLU B 658 44.92 16.16 -44.53
CA GLU B 658 45.61 14.98 -44.02
C GLU B 658 45.74 15.10 -42.51
N PHE B 659 45.22 14.12 -41.80
CA PHE B 659 45.41 14.06 -40.35
C PHE B 659 46.51 13.04 -40.04
N VAL B 660 47.20 13.25 -38.94
CA VAL B 660 48.22 12.33 -38.46
C VAL B 660 47.76 11.75 -37.13
N VAL B 661 47.63 10.43 -37.07
CA VAL B 661 47.29 9.73 -35.83
C VAL B 661 48.36 10.02 -34.79
N PRO B 662 48.10 10.82 -33.77
CA PRO B 662 49.16 11.11 -32.80
C PRO B 662 49.34 9.96 -31.81
N ASP B 663 50.39 9.17 -31.98
CA ASP B 663 50.66 8.00 -31.15
C ASP B 663 51.93 7.31 -31.60
N SER B 664 52.34 6.28 -30.85
CA SER B 664 53.47 5.45 -31.24
C SER B 664 53.17 4.70 -32.53
N HIS B 665 54.19 4.57 -33.38
CA HIS B 665 54.04 3.93 -34.69
C HIS B 665 53.55 2.48 -34.57
N GLY B 666 53.75 1.85 -33.41
CA GLY B 666 53.37 0.46 -33.21
C GLY B 666 51.98 0.26 -32.68
N ARG B 667 51.39 1.30 -32.10
CA ARG B 667 50.01 1.21 -31.60
C ARG B 667 49.03 1.38 -32.76
N TYR B 668 48.00 0.55 -32.79
CA TYR B 668 47.03 0.53 -33.87
C TYR B 668 45.65 1.00 -33.40
N TRP B 669 44.95 1.73 -34.29
CA TRP B 669 43.64 2.34 -34.06
C TRP B 669 42.64 1.87 -35.11
N ARG B 670 41.44 1.50 -34.68
CA ARG B 670 40.41 1.02 -35.61
C ARG B 670 39.45 2.14 -35.95
N MET B 671 39.32 2.43 -37.23
CA MET B 671 38.38 3.46 -37.66
C MET B 671 36.95 2.94 -37.49
N VAL B 672 36.17 3.61 -36.64
CA VAL B 672 34.82 3.18 -36.33
C VAL B 672 33.76 4.13 -36.87
N VAL B 673 34.10 5.41 -37.08
CA VAL B 673 33.20 6.39 -37.69
C VAL B 673 33.94 7.06 -38.83
N ASP B 674 33.23 7.24 -39.94
CA ASP B 674 33.71 8.08 -41.02
C ASP B 674 32.46 8.61 -41.72
N THR B 675 32.09 9.87 -41.44
CA THR B 675 30.89 10.39 -42.07
C THR B 675 31.06 10.66 -43.56
N SER B 676 32.24 10.46 -44.13
CA SER B 676 32.41 10.55 -45.59
C SER B 676 31.89 9.33 -46.33
N ASP B 677 31.74 8.20 -45.65
CA ASP B 677 31.24 6.96 -46.26
C ASP B 677 29.76 7.08 -46.62
N PRO B 678 29.39 6.98 -47.91
CA PRO B 678 27.97 7.13 -48.29
C PRO B 678 27.08 5.97 -47.85
N GLU B 679 27.62 4.89 -47.29
CA GLU B 679 26.80 3.76 -46.86
C GLU B 679 26.66 3.65 -45.35
N GLY B 680 27.32 4.53 -44.60
CA GLY B 680 27.18 4.57 -43.16
C GLY B 680 28.31 3.85 -42.46
N MET B 681 29.26 4.61 -41.93
CA MET B 681 30.30 4.06 -41.06
C MET B 681 30.18 4.76 -39.72
N PRO B 682 29.56 4.14 -38.69
CA PRO B 682 28.93 2.81 -38.64
C PRO B 682 27.58 2.71 -39.39
N PRO B 683 27.04 1.49 -39.58
CA PRO B 683 27.49 0.18 -39.11
C PRO B 683 28.69 -0.42 -39.87
N GLN B 684 28.97 0.07 -41.07
CA GLN B 684 30.19 -0.33 -41.75
C GLN B 684 31.40 -0.07 -40.87
N GLN B 685 32.34 -1.01 -40.86
CA GLN B 685 33.52 -0.87 -40.02
C GLN B 685 34.70 -0.54 -40.91
N GLY B 686 35.71 0.10 -40.32
CA GLY B 686 36.77 0.69 -41.08
C GLY B 686 38.13 0.04 -40.86
N PRO B 687 39.16 0.56 -41.60
CA PRO B 687 40.52 0.01 -41.51
C PRO B 687 41.22 0.22 -40.18
N GLU B 688 42.41 -0.37 -40.07
CA GLU B 688 43.29 -0.22 -38.92
C GLU B 688 44.38 0.79 -39.25
N LEU B 689 44.67 1.70 -38.32
CA LEU B 689 45.63 2.78 -38.55
C LEU B 689 46.76 2.72 -37.52
N ALA B 690 47.98 2.90 -38.00
CA ALA B 690 49.11 3.00 -37.10
C ALA B 690 49.28 4.45 -36.67
N GLY B 691 49.71 4.63 -35.42
CA GLY B 691 50.12 5.95 -34.99
C GLY B 691 51.20 6.53 -35.90
N GLY B 692 51.14 7.84 -36.14
CA GLY B 692 52.06 8.50 -37.04
C GLY B 692 51.69 8.36 -38.50
N GLU B 693 50.75 7.47 -38.83
CA GLU B 693 50.27 7.31 -40.19
C GLU B 693 49.30 8.44 -40.55
N ARG B 694 49.39 8.90 -41.80
CA ARG B 694 48.55 9.97 -42.30
C ARG B 694 47.24 9.41 -42.82
N VAL B 695 46.17 10.16 -42.61
CA VAL B 695 44.85 9.81 -43.14
C VAL B 695 44.24 11.07 -43.74
N THR B 696 43.56 10.92 -44.88
CA THR B 696 42.99 12.08 -45.57
C THR B 696 41.48 12.17 -45.30
N LEU B 697 41.05 13.27 -44.68
CA LEU B 697 39.64 13.53 -44.43
C LEU B 697 39.05 14.43 -45.50
N ALA B 698 37.87 14.06 -45.98
CA ALA B 698 37.12 14.88 -46.93
C ALA B 698 36.65 16.18 -46.27
N PRO B 699 36.44 17.23 -47.07
CA PRO B 699 35.95 18.50 -46.49
C PRO B 699 34.62 18.27 -45.78
N LEU B 700 34.48 18.89 -44.60
CA LEU B 700 33.24 18.80 -43.82
C LEU B 700 32.93 17.36 -43.42
N SER B 701 33.85 16.75 -42.68
CA SER B 701 33.79 15.33 -42.41
C SER B 701 34.33 15.05 -41.02
N LEU B 702 33.92 13.90 -40.48
CA LEU B 702 34.27 13.46 -39.13
C LEU B 702 34.71 12.00 -39.20
N THR B 703 35.85 11.68 -38.58
CA THR B 703 36.24 10.28 -38.40
C THR B 703 36.69 10.03 -36.97
N VAL B 704 36.30 8.87 -36.43
CA VAL B 704 36.59 8.45 -35.06
C VAL B 704 37.40 7.16 -35.12
N LEU B 705 38.44 7.07 -34.29
CA LEU B 705 39.29 5.90 -34.17
C LEU B 705 39.23 5.36 -32.75
N ARG B 706 39.48 4.04 -32.59
CA ARG B 706 39.12 3.31 -31.36
C ARG B 706 40.23 2.33 -30.91
N ARG B 707 41.38 2.85 -30.53
CA ARG B 707 42.37 1.97 -29.90
C ARG B 707 41.87 1.43 -28.57
N PRO B 708 41.80 0.11 -28.38
CA PRO B 708 41.59 -0.44 -27.03
C PRO B 708 42.83 -0.21 -26.19
N ALA B 709 42.67 0.47 -25.05
CA ALA B 709 43.79 0.74 -24.15
C ALA B 709 43.45 0.27 -22.73
N MET C 4 8.12 -8.77 35.00
CA MET C 4 8.07 -8.38 33.58
C MET C 4 6.66 -8.47 33.01
N GLN C 5 6.36 -7.60 32.06
CA GLN C 5 5.01 -7.50 31.54
C GLN C 5 4.71 -8.69 30.63
N VAL C 6 3.62 -9.42 30.92
CA VAL C 6 3.11 -10.46 30.05
C VAL C 6 1.65 -10.14 29.72
N TRP C 7 1.35 -9.92 28.43
CA TRP C 7 -0.02 -9.65 28.04
C TRP C 7 -0.63 -10.86 27.33
N PRO C 8 -1.96 -11.02 27.34
CA PRO C 8 -2.56 -12.19 26.68
C PRO C 8 -2.19 -12.30 25.21
N GLY C 9 -2.10 -11.20 24.46
CA GLY C 9 -1.65 -11.29 23.08
C GLY C 9 -2.65 -11.98 22.14
N GLN C 10 -2.13 -12.46 21.01
CA GLN C 10 -2.93 -12.94 19.88
C GLN C 10 -2.49 -14.35 19.50
N ALA C 11 -3.45 -15.21 19.19
CA ALA C 11 -3.13 -16.54 18.71
C ALA C 11 -2.66 -16.57 17.26
N TYR C 12 -2.58 -15.40 16.60
CA TYR C 12 -2.29 -15.30 15.17
C TYR C 12 -1.45 -14.06 14.89
N PRO C 13 -0.48 -14.12 13.98
CA PRO C 13 -0.06 -15.34 13.29
C PRO C 13 0.82 -16.21 14.18
N LEU C 14 1.04 -17.46 13.77
CA LEU C 14 1.90 -18.37 14.53
C LEU C 14 3.36 -17.93 14.46
N GLY C 15 4.09 -18.19 15.53
CA GLY C 15 5.49 -17.80 15.65
C GLY C 15 5.68 -16.55 16.48
N ALA C 16 6.83 -15.89 16.25
CA ALA C 16 7.21 -14.66 16.96
C ALA C 16 7.03 -13.47 16.04
N THR C 17 6.03 -12.63 16.34
CA THR C 17 5.73 -11.46 15.54
C THR C 17 6.05 -10.19 16.33
N TYR C 18 6.99 -9.41 15.81
CA TYR C 18 7.46 -8.18 16.45
C TYR C 18 6.78 -6.99 15.81
N ASP C 19 6.22 -6.09 16.62
CA ASP C 19 5.43 -4.97 16.12
C ASP C 19 6.08 -3.60 16.31
N GLY C 20 7.23 -3.53 16.98
CA GLY C 20 7.79 -2.23 17.32
C GLY C 20 7.96 -1.97 18.81
N ALA C 21 7.00 -2.40 19.63
CA ALA C 21 7.08 -2.23 21.07
C ALA C 21 7.33 -3.54 21.80
N GLY C 22 7.27 -4.66 21.09
CA GLY C 22 7.32 -5.96 21.73
C GLY C 22 6.93 -7.02 20.74
N THR C 23 6.78 -8.23 21.24
CA THR C 23 6.65 -9.42 20.41
C THR C 23 5.50 -10.30 20.86
N ASN C 24 4.66 -10.67 19.90
CA ASN C 24 3.65 -11.70 20.15
C ASN C 24 4.25 -13.07 19.84
N PHE C 25 4.03 -14.03 20.73
CA PHE C 25 4.44 -15.41 20.55
C PHE C 25 3.20 -16.29 20.51
N ALA C 26 3.09 -17.13 19.49
CA ALA C 26 1.96 -18.05 19.35
C ALA C 26 2.49 -19.40 18.86
N VAL C 27 1.98 -20.50 19.42
CA VAL C 27 2.48 -21.83 19.07
C VAL C 27 1.39 -22.87 19.34
N PHE C 28 1.32 -23.87 18.45
CA PHE C 28 0.25 -24.87 18.47
C PHE C 28 0.67 -26.18 19.14
N SER C 29 -0.22 -26.71 19.98
CA SER C 29 -0.08 -28.06 20.53
C SER C 29 -1.42 -28.57 21.06
N GLU C 30 -1.91 -29.65 20.45
CA GLU C 30 -3.05 -30.38 20.99
C GLU C 30 -2.64 -31.32 22.13
N ALA C 31 -1.35 -31.62 22.26
CA ALA C 31 -0.89 -32.54 23.29
C ALA C 31 -0.51 -31.83 24.58
N ALA C 32 0.03 -30.62 24.49
CA ALA C 32 0.52 -29.89 25.65
C ALA C 32 -0.47 -29.84 26.80
N HIS C 33 0.04 -30.06 28.00
CA HIS C 33 -0.63 -29.71 29.25
C HIS C 33 -0.36 -28.24 29.61
N ARG C 34 0.91 -27.82 29.53
CA ARG C 34 1.36 -26.45 29.72
C ARG C 34 2.45 -26.16 28.70
N ILE C 35 2.64 -24.88 28.35
CA ILE C 35 3.71 -24.49 27.41
C ILE C 35 4.42 -23.27 27.95
N GLU C 36 5.75 -23.38 28.12
CA GLU C 36 6.59 -22.29 28.58
C GLU C 36 7.40 -21.72 27.41
N LEU C 37 7.33 -20.40 27.25
CA LEU C 37 8.26 -19.65 26.41
C LEU C 37 9.51 -19.30 27.21
N CYS C 38 10.68 -19.75 26.75
CA CYS C 38 11.94 -19.52 27.44
C CYS C 38 12.74 -18.48 26.69
N LEU C 39 13.04 -17.38 27.35
CA LEU C 39 13.75 -16.25 26.76
C LEU C 39 15.22 -16.40 27.15
N LEU C 40 16.05 -16.78 26.19
CA LEU C 40 17.44 -17.07 26.49
C LEU C 40 18.25 -15.78 26.51
N HIS C 41 19.35 -15.83 27.25
CA HIS C 41 20.29 -14.73 27.38
C HIS C 41 21.68 -15.21 26.98
N ASP C 42 22.54 -14.25 26.64
CA ASP C 42 23.80 -14.58 25.99
C ASP C 42 24.74 -15.36 26.88
N ASP C 43 24.42 -15.47 28.17
CA ASP C 43 25.16 -16.28 29.12
C ASP C 43 24.53 -17.64 29.35
N GLY C 44 23.57 -18.04 28.52
CA GLY C 44 22.94 -19.33 28.64
C GLY C 44 21.82 -19.44 29.66
N SER C 45 21.50 -18.36 30.39
CA SER C 45 20.38 -18.41 31.33
C SER C 45 19.05 -18.24 30.59
N GLU C 46 17.97 -18.65 31.25
CA GLU C 46 16.62 -18.64 30.67
C GLU C 46 15.64 -17.92 31.59
N THR C 47 14.88 -16.99 31.05
CA THR C 47 13.70 -16.46 31.72
C THR C 47 12.49 -17.15 31.11
N ALA C 48 11.85 -18.02 31.90
CA ALA C 48 10.66 -18.75 31.49
C ALA C 48 9.40 -17.97 31.82
N VAL C 49 8.41 -18.06 30.94
CA VAL C 49 7.14 -17.38 31.05
C VAL C 49 6.08 -18.29 30.49
N GLU C 50 5.00 -18.55 31.23
CA GLU C 50 3.97 -19.44 30.71
C GLU C 50 3.15 -18.76 29.62
N LEU C 51 2.94 -19.49 28.52
CA LEU C 51 1.96 -19.10 27.51
C LEU C 51 0.62 -19.62 28.00
N ARG C 52 -0.11 -18.77 28.73
CA ARG C 52 -1.32 -19.25 29.41
C ARG C 52 -2.55 -19.21 28.51
N GLU C 53 -2.74 -18.12 27.75
CA GLU C 53 -3.92 -18.01 26.90
C GLU C 53 -3.86 -19.04 25.77
N THR C 54 -4.92 -19.84 25.64
CA THR C 54 -5.00 -20.92 24.66
C THR C 54 -6.26 -20.74 23.83
N ASP C 55 -6.11 -20.77 22.51
CA ASP C 55 -7.27 -20.66 21.62
C ASP C 55 -7.10 -21.65 20.48
N ALA C 56 -8.02 -22.60 20.42
CA ALA C 56 -7.98 -23.68 19.42
C ALA C 56 -6.65 -24.43 19.51
N PHE C 57 -6.16 -24.62 20.74
CA PHE C 57 -4.92 -25.31 21.07
C PHE C 57 -3.67 -24.52 20.71
N VAL C 58 -3.82 -23.25 20.34
CA VAL C 58 -2.70 -22.34 20.15
C VAL C 58 -2.54 -21.52 21.42
N ARG C 59 -1.37 -21.65 22.05
CA ARG C 59 -1.05 -20.88 23.24
C ARG C 59 -0.23 -19.66 22.87
N HIS C 60 -0.47 -18.54 23.56
CA HIS C 60 0.06 -17.27 23.09
C HIS C 60 0.18 -16.27 24.23
N ALA C 61 1.07 -15.30 24.02
CA ALA C 61 1.24 -14.14 24.89
C ALA C 61 1.95 -13.06 24.09
N TYR C 62 1.66 -11.81 24.45
CA TYR C 62 2.44 -10.67 23.98
C TYR C 62 3.38 -10.20 25.08
N LEU C 63 4.64 -9.93 24.73
CA LEU C 63 5.69 -9.57 25.67
C LEU C 63 6.24 -8.19 25.32
N PRO C 64 5.69 -7.13 25.89
CA PRO C 64 6.16 -5.77 25.54
C PRO C 64 7.63 -5.62 25.89
N GLY C 65 8.39 -5.06 24.96
CA GLY C 65 9.79 -4.83 25.17
C GLY C 65 10.70 -5.91 24.63
N VAL C 66 10.16 -7.03 24.15
CA VAL C 66 11.00 -8.09 23.61
C VAL C 66 11.33 -7.75 22.17
N MET C 67 12.61 -7.79 21.83
CA MET C 67 13.13 -7.13 20.64
C MET C 67 13.73 -8.13 19.65
N PRO C 68 13.84 -7.75 18.38
CA PRO C 68 14.56 -8.60 17.41
C PRO C 68 15.96 -8.89 17.91
N GLY C 69 16.44 -10.08 17.60
CA GLY C 69 17.66 -10.60 18.18
C GLY C 69 17.43 -11.48 19.39
N GLN C 70 16.27 -11.38 20.02
CA GLN C 70 15.96 -12.21 21.17
C GLN C 70 15.96 -13.68 20.77
N ARG C 71 16.81 -14.46 21.40
CA ARG C 71 16.75 -15.90 21.21
C ARG C 71 15.70 -16.50 22.16
N TYR C 72 14.94 -17.46 21.69
CA TYR C 72 13.88 -18.04 22.48
C TYR C 72 13.69 -19.50 22.10
N GLY C 73 12.91 -20.20 22.91
CA GLY C 73 12.51 -21.56 22.60
C GLY C 73 11.24 -21.86 23.37
N PHE C 74 10.76 -23.10 23.21
CA PHE C 74 9.55 -23.56 23.88
C PHE C 74 9.86 -24.83 24.67
N ARG C 75 9.26 -24.94 25.85
CA ARG C 75 9.28 -26.17 26.64
C ARG C 75 7.84 -26.59 26.84
N VAL C 76 7.54 -27.83 26.48
CA VAL C 76 6.20 -28.37 26.57
C VAL C 76 6.18 -29.37 27.71
N HIS C 77 5.28 -29.15 28.67
CA HIS C 77 4.91 -30.13 29.67
C HIS C 77 3.71 -30.90 29.14
N GLY C 78 3.83 -32.21 29.04
CA GLY C 78 2.79 -33.05 28.52
C GLY C 78 3.12 -34.52 28.74
N PRO C 79 2.30 -35.40 28.18
CA PRO C 79 2.54 -36.84 28.38
C PRO C 79 3.76 -37.30 27.60
N TYR C 80 4.64 -38.04 28.26
CA TYR C 80 5.66 -38.82 27.57
C TYR C 80 5.20 -40.27 27.62
N ALA C 81 4.64 -40.74 26.51
CA ALA C 81 4.07 -42.09 26.42
C ALA C 81 4.21 -42.55 24.98
N PRO C 82 5.38 -43.06 24.61
CA PRO C 82 5.58 -43.47 23.20
C PRO C 82 4.57 -44.49 22.73
N GLU C 83 4.07 -45.36 23.61
CA GLU C 83 3.06 -46.34 23.20
C GLU C 83 1.77 -45.67 22.73
N ARG C 84 1.56 -44.40 23.06
CA ARG C 84 0.42 -43.64 22.57
C ARG C 84 0.83 -42.53 21.58
N GLY C 85 2.05 -42.60 21.04
CA GLY C 85 2.55 -41.61 20.11
C GLY C 85 2.96 -40.29 20.74
N LEU C 86 3.01 -40.21 22.07
CA LEU C 86 3.18 -38.95 22.79
C LEU C 86 4.60 -38.86 23.32
N ARG C 87 5.30 -37.80 22.95
CA ARG C 87 6.72 -37.72 23.24
C ARG C 87 7.09 -36.35 23.78
N CYS C 88 6.14 -35.70 24.46
CA CYS C 88 6.40 -34.44 25.15
C CYS C 88 7.40 -34.63 26.28
N ASN C 89 8.34 -33.69 26.38
CA ASN C 89 9.48 -33.86 27.28
C ASN C 89 10.00 -32.46 27.61
N ALA C 90 9.64 -31.96 28.80
CA ALA C 90 9.93 -30.56 29.14
C ALA C 90 11.43 -30.26 29.29
N ALA C 91 12.28 -31.28 29.39
CA ALA C 91 13.72 -31.02 29.41
C ALA C 91 14.29 -30.59 28.04
N LYS C 92 13.50 -30.62 26.98
CA LYS C 92 14.00 -30.25 25.65
C LYS C 92 13.55 -28.84 25.30
N LEU C 93 14.54 -27.98 24.97
CA LEU C 93 14.24 -26.66 24.43
C LEU C 93 13.85 -26.83 22.96
N LEU C 94 12.59 -26.56 22.65
CA LEU C 94 12.06 -26.89 21.35
C LEU C 94 12.12 -25.69 20.41
N LEU C 95 12.61 -25.92 19.21
CA LEU C 95 12.61 -24.91 18.17
C LEU C 95 11.18 -24.50 17.79
N ASP C 96 10.97 -23.21 17.65
CA ASP C 96 9.72 -22.70 17.09
C ASP C 96 9.60 -23.12 15.63
N PRO C 97 8.64 -23.97 15.25
CA PRO C 97 8.51 -24.34 13.82
C PRO C 97 8.31 -23.14 12.90
N TYR C 98 7.79 -22.02 13.40
CA TYR C 98 7.61 -20.81 12.60
C TYR C 98 8.80 -19.85 12.73
N ALA C 99 9.94 -20.30 13.27
CA ALA C 99 11.10 -19.43 13.48
C ALA C 99 11.55 -18.80 12.17
N ARG C 100 11.67 -17.47 12.16
CA ARG C 100 12.12 -16.80 10.94
C ARG C 100 13.64 -16.68 10.84
N ALA C 101 14.36 -16.92 11.94
CA ALA C 101 15.80 -17.02 11.91
C ALA C 101 16.20 -18.06 12.96
N VAL C 102 17.21 -18.88 12.63
CA VAL C 102 17.67 -19.93 13.53
C VAL C 102 19.16 -19.73 13.81
N SER C 103 19.53 -19.83 15.08
CA SER C 103 20.87 -19.57 15.57
C SER C 103 21.51 -20.86 16.07
N GLY C 104 22.79 -21.05 15.76
CA GLY C 104 23.54 -22.21 16.25
C GLY C 104 23.49 -23.42 15.34
N ARG C 105 24.05 -24.53 15.85
CA ARG C 105 23.99 -25.84 15.22
C ARG C 105 23.73 -26.91 16.27
N VAL C 106 23.32 -28.08 15.82
CA VAL C 106 23.16 -29.17 16.77
C VAL C 106 24.53 -29.66 17.21
N ARG C 107 24.68 -29.82 18.52
CA ARG C 107 25.90 -30.35 19.14
C ARG C 107 25.56 -31.76 19.59
N TRP C 108 26.10 -32.75 18.89
CA TRP C 108 25.59 -34.10 19.01
C TRP C 108 26.05 -34.73 20.32
N GLY C 109 25.16 -35.50 20.91
CA GLY C 109 25.31 -35.95 22.28
C GLY C 109 23.96 -36.27 22.86
N GLU C 110 23.98 -36.81 24.08
CA GLU C 110 22.78 -37.43 24.62
C GLU C 110 21.67 -36.42 24.89
N ALA C 111 22.00 -35.17 25.23
CA ALA C 111 20.99 -34.22 25.69
C ALA C 111 19.94 -33.90 24.63
N VAL C 112 20.25 -34.05 23.33
CA VAL C 112 19.33 -33.66 22.28
C VAL C 112 18.38 -34.78 21.87
N TYR C 113 18.47 -35.95 22.50
CA TYR C 113 17.53 -37.02 22.23
C TYR C 113 16.47 -37.09 23.33
N GLY C 114 15.32 -37.65 22.98
CA GLY C 114 14.23 -37.70 23.93
C GLY C 114 14.19 -38.92 24.80
N TYR C 115 15.02 -39.92 24.50
CA TYR C 115 15.15 -41.19 25.19
C TYR C 115 16.60 -41.34 25.68
N PRO C 116 16.85 -42.10 26.73
CA PRO C 116 18.24 -42.36 27.13
C PRO C 116 18.90 -43.36 26.20
N PHE C 117 20.21 -43.17 25.99
CA PHE C 117 20.88 -43.82 24.87
C PHE C 117 20.73 -45.34 24.87
N GLY C 118 20.35 -45.94 25.98
CA GLY C 118 20.14 -47.38 26.01
C GLY C 118 18.69 -47.81 25.89
N ARG C 119 17.77 -47.00 26.44
CA ARG C 119 16.36 -47.37 26.52
C ARG C 119 15.54 -46.49 25.59
N PRO C 120 15.15 -46.99 24.40
CA PRO C 120 14.46 -46.11 23.43
C PRO C 120 13.08 -45.65 23.85
N ASP C 121 12.40 -46.35 24.76
CA ASP C 121 11.06 -45.96 25.18
C ASP C 121 11.02 -45.33 26.56
N ALA C 122 12.18 -45.19 27.22
CA ALA C 122 12.30 -44.41 28.44
C ALA C 122 12.45 -42.93 28.10
N ARG C 123 12.41 -42.08 29.12
CA ARG C 123 12.50 -40.64 28.92
C ARG C 123 13.88 -40.14 29.31
N ASN C 124 14.39 -39.21 28.50
CA ASN C 124 15.66 -38.53 28.70
C ASN C 124 15.39 -37.15 29.28
N ASP C 125 15.92 -36.89 30.46
CA ASP C 125 15.66 -35.64 31.18
C ASP C 125 16.90 -34.77 31.28
N LEU C 126 17.71 -34.75 30.22
CA LEU C 126 18.85 -33.85 30.13
C LEU C 126 18.41 -32.54 29.46
N ASP C 127 18.89 -31.42 29.99
CA ASP C 127 18.54 -30.15 29.39
C ASP C 127 19.15 -30.09 28.00
N SER C 128 18.29 -29.94 27.00
CA SER C 128 18.73 -29.87 25.60
C SER C 128 19.34 -28.52 25.25
N ALA C 129 19.00 -27.47 26.00
CA ALA C 129 19.29 -26.09 25.59
C ALA C 129 20.75 -25.83 25.21
N PRO C 130 21.76 -26.28 25.98
CA PRO C 130 23.15 -25.97 25.59
C PRO C 130 23.62 -26.62 24.29
N ASP C 131 22.84 -27.53 23.69
CA ASP C 131 23.35 -28.31 22.57
C ASP C 131 22.47 -28.25 21.34
N THR C 132 21.42 -27.44 21.34
CA THR C 132 20.49 -27.41 20.23
C THR C 132 20.49 -26.02 19.61
N MET C 133 19.82 -25.93 18.46
CA MET C 133 19.61 -24.64 17.82
C MET C 133 18.57 -23.84 18.60
N THR C 134 18.56 -22.53 18.38
CA THR C 134 17.63 -21.64 19.09
C THR C 134 16.96 -20.69 18.10
N SER C 135 15.68 -20.43 18.34
CA SER C 135 14.95 -19.50 17.48
C SER C 135 15.29 -18.07 17.85
N VAL C 136 15.10 -17.17 16.89
CA VAL C 136 15.51 -15.79 16.99
C VAL C 136 14.37 -14.92 16.49
N VAL C 137 13.95 -13.94 17.31
CA VAL C 137 12.95 -12.94 16.90
C VAL C 137 13.52 -12.05 15.80
N VAL C 138 12.71 -11.74 14.79
CA VAL C 138 13.20 -11.05 13.59
C VAL C 138 12.41 -9.77 13.36
N ASN C 139 13.12 -8.71 12.97
CA ASN C 139 12.55 -7.45 12.45
C ASN C 139 12.22 -7.60 10.97
N PRO C 140 10.94 -7.65 10.58
CA PRO C 140 10.57 -8.00 9.20
C PRO C 140 10.94 -6.96 8.14
N TYR C 141 11.51 -5.82 8.53
CA TYR C 141 11.66 -4.71 7.61
C TYR C 141 12.72 -4.96 6.55
N PHE C 142 12.40 -4.62 5.30
CA PHE C 142 13.37 -4.65 4.21
C PHE C 142 12.88 -3.72 3.11
N ASP C 143 13.76 -2.83 2.63
CA ASP C 143 13.37 -1.90 1.58
C ASP C 143 13.60 -2.57 0.24
N TRP C 144 12.52 -3.00 -0.41
CA TRP C 144 12.61 -3.66 -1.70
C TRP C 144 12.69 -2.67 -2.86
N GLY C 145 12.38 -1.40 -2.62
CA GLY C 145 12.52 -0.40 -3.66
C GLY C 145 11.65 -0.76 -4.85
N ASP C 146 12.25 -0.70 -6.04
CA ASP C 146 11.54 -0.94 -7.30
C ASP C 146 11.40 -2.44 -7.64
N ASP C 147 11.57 -3.35 -6.66
CA ASP C 147 11.60 -4.78 -6.97
C ASP C 147 10.34 -5.25 -7.69
N ARG C 148 10.53 -6.01 -8.76
CA ARG C 148 9.47 -6.67 -9.51
C ARG C 148 9.80 -8.15 -9.66
N ARG C 149 8.83 -9.00 -9.35
CA ARG C 149 8.86 -10.36 -9.85
C ARG C 149 9.02 -10.32 -11.37
N PRO C 150 9.92 -11.12 -11.95
CA PRO C 150 10.05 -11.10 -13.41
C PRO C 150 8.81 -11.61 -14.13
N ARG C 151 8.11 -12.60 -13.59
CA ARG C 151 6.89 -13.16 -14.21
C ARG C 151 7.16 -13.63 -15.64
N THR C 152 8.31 -14.25 -15.83
CA THR C 152 8.67 -14.82 -17.12
C THR C 152 7.82 -16.04 -17.42
N GLU C 153 7.21 -16.06 -18.60
CA GLU C 153 6.39 -17.18 -19.02
C GLU C 153 7.23 -18.43 -19.21
N TYR C 154 6.57 -19.58 -19.08
CA TYR C 154 7.25 -20.86 -19.25
C TYR C 154 7.88 -20.97 -20.64
N HIS C 155 7.18 -20.52 -21.69
CA HIS C 155 7.80 -20.64 -23.00
C HIS C 155 9.00 -19.65 -23.20
N HIS C 156 9.46 -18.94 -22.16
CA HIS C 156 10.71 -18.19 -22.19
C HIS C 156 11.64 -18.60 -21.07
N THR C 157 11.30 -19.63 -20.33
CA THR C 157 12.01 -19.96 -19.10
C THR C 157 13.18 -20.88 -19.36
N VAL C 158 14.30 -20.58 -18.71
CA VAL C 158 15.48 -21.43 -18.69
C VAL C 158 15.92 -21.58 -17.24
N ILE C 159 15.80 -22.77 -16.71
CA ILE C 159 16.06 -23.01 -15.30
C ILE C 159 17.51 -23.45 -15.13
N TYR C 160 18.15 -22.94 -14.10
CA TYR C 160 19.52 -23.28 -13.76
C TYR C 160 19.53 -23.71 -12.29
N GLU C 161 19.74 -24.99 -12.03
CA GLU C 161 19.76 -25.50 -10.68
C GLU C 161 21.15 -25.33 -10.10
N ALA C 162 21.23 -24.82 -8.87
CA ALA C 162 22.52 -24.48 -8.29
C ALA C 162 22.47 -24.64 -6.78
N HIS C 163 23.58 -25.05 -6.22
CA HIS C 163 23.76 -25.08 -4.77
C HIS C 163 24.37 -23.76 -4.32
N VAL C 164 23.82 -23.19 -3.24
CA VAL C 164 24.22 -21.85 -2.81
C VAL C 164 25.70 -21.81 -2.47
N LYS C 165 26.18 -22.80 -1.73
CA LYS C 165 27.59 -22.88 -1.37
C LYS C 165 28.46 -23.16 -2.60
N GLY C 166 28.21 -24.28 -3.29
CA GLY C 166 29.09 -24.74 -4.35
C GLY C 166 29.19 -23.80 -5.53
N LEU C 167 28.18 -22.96 -5.77
CA LEU C 167 28.21 -22.10 -6.93
C LEU C 167 29.31 -21.06 -6.83
N THR C 168 29.56 -20.53 -5.64
CA THR C 168 30.51 -19.45 -5.48
C THR C 168 31.63 -19.76 -4.50
N MET C 169 31.68 -20.96 -3.92
CA MET C 169 32.74 -21.28 -2.98
C MET C 169 34.11 -21.00 -3.59
N LEU C 170 34.26 -21.18 -4.91
CA LEU C 170 35.55 -21.04 -5.57
C LEU C 170 35.56 -19.93 -6.63
N HIS C 171 34.57 -19.03 -6.63
CA HIS C 171 34.59 -17.95 -7.63
C HIS C 171 35.72 -16.97 -7.31
N PRO C 172 36.66 -16.75 -8.22
CA PRO C 172 37.86 -15.97 -7.87
C PRO C 172 37.67 -14.45 -7.82
N ASP C 173 36.56 -13.91 -8.32
CA ASP C 173 36.31 -12.47 -8.29
C ASP C 173 35.73 -11.97 -6.97
N LEU C 174 35.29 -12.87 -6.09
CA LEU C 174 34.57 -12.60 -4.86
C LEU C 174 35.53 -12.52 -3.68
N PRO C 175 35.32 -11.57 -2.77
CA PRO C 175 36.09 -11.58 -1.51
C PRO C 175 35.79 -12.84 -0.71
N GLU C 176 36.82 -13.35 -0.03
CA GLU C 176 36.73 -14.62 0.68
C GLU C 176 35.45 -14.73 1.50
N GLU C 177 35.05 -13.62 2.13
CA GLU C 177 33.90 -13.62 3.04
C GLU C 177 32.60 -13.96 2.33
N LEU C 178 32.51 -13.66 1.03
CA LEU C 178 31.27 -13.87 0.30
C LEU C 178 31.18 -15.25 -0.33
N ARG C 179 32.33 -15.88 -0.58
CA ARG C 179 32.34 -17.15 -1.28
C ARG C 179 31.44 -18.17 -0.57
N GLY C 180 30.55 -18.78 -1.33
CA GLY C 180 29.64 -19.76 -0.78
C GLY C 180 28.49 -19.24 0.04
N THR C 181 28.17 -17.93 -0.04
CA THR C 181 27.13 -17.34 0.81
C THR C 181 26.01 -16.75 -0.04
N TYR C 182 24.90 -16.41 0.63
CA TYR C 182 23.82 -15.69 -0.04
C TYR C 182 24.31 -14.38 -0.65
N ALA C 183 25.17 -13.64 0.08
CA ALA C 183 25.73 -12.39 -0.44
C ALA C 183 26.61 -12.63 -1.66
N GLY C 184 27.22 -13.81 -1.75
CA GLY C 184 27.94 -14.17 -2.96
C GLY C 184 27.02 -14.25 -4.18
N LEU C 185 25.80 -14.75 -3.99
CA LEU C 185 24.87 -14.83 -5.12
C LEU C 185 24.62 -13.47 -5.74
N ALA C 186 24.60 -12.41 -4.92
CA ALA C 186 24.31 -11.07 -5.42
C ALA C 186 25.52 -10.39 -6.06
N HIS C 187 26.72 -10.98 -5.94
CA HIS C 187 27.91 -10.41 -6.55
C HIS C 187 27.70 -10.27 -8.06
N PRO C 188 28.00 -9.10 -8.63
CA PRO C 188 27.80 -8.91 -10.09
C PRO C 188 28.53 -9.92 -10.99
N SER C 189 29.65 -10.52 -10.56
CA SER C 189 30.29 -11.52 -11.42
C SER C 189 29.43 -12.78 -11.54
N VAL C 190 28.75 -13.15 -10.45
CA VAL C 190 27.85 -14.30 -10.45
C VAL C 190 26.60 -13.98 -11.26
N ILE C 191 25.99 -12.82 -11.01
CA ILE C 191 24.76 -12.47 -11.71
C ILE C 191 25.03 -12.31 -13.21
N GLY C 192 26.18 -11.73 -13.56
CA GLY C 192 26.51 -11.54 -14.96
C GLY C 192 26.75 -12.85 -15.69
N HIS C 193 27.38 -13.82 -15.02
CA HIS C 193 27.51 -15.16 -15.61
C HIS C 193 26.14 -15.73 -15.92
N LEU C 194 25.25 -15.78 -14.92
CA LEU C 194 23.91 -16.35 -15.12
C LEU C 194 23.21 -15.66 -16.28
N ARG C 195 23.32 -14.33 -16.38
CA ARG C 195 22.66 -13.57 -17.43
C ARG C 195 23.21 -13.90 -18.81
N GLU C 196 24.53 -13.94 -18.96
CA GLU C 196 25.09 -14.24 -20.28
C GLU C 196 24.90 -15.69 -20.65
N LEU C 197 24.68 -16.55 -19.66
CA LEU C 197 24.28 -17.92 -19.94
C LEU C 197 22.87 -18.00 -20.49
N GLY C 198 22.05 -16.97 -20.26
CA GLY C 198 20.67 -16.97 -20.69
C GLY C 198 19.69 -17.49 -19.67
N VAL C 199 20.11 -17.65 -18.41
CA VAL C 199 19.27 -18.21 -17.37
C VAL C 199 18.17 -17.22 -17.03
N THR C 200 16.97 -17.75 -16.78
CA THR C 200 15.88 -16.90 -16.32
C THR C 200 15.38 -17.24 -14.92
N ALA C 201 15.67 -18.44 -14.43
CA ALA C 201 15.21 -18.87 -13.13
C ALA C 201 16.33 -19.66 -12.49
N LEU C 202 16.84 -19.15 -11.39
CA LEU C 202 17.85 -19.84 -10.59
C LEU C 202 17.13 -20.68 -9.53
N GLU C 203 17.27 -21.98 -9.61
CA GLU C 203 16.63 -22.88 -8.67
C GLU C 203 17.66 -23.23 -7.60
N LEU C 204 17.41 -22.80 -6.38
CA LEU C 204 18.33 -23.09 -5.27
C LEU C 204 18.03 -24.45 -4.67
N MET C 205 19.06 -25.24 -4.49
CA MET C 205 18.92 -26.42 -3.65
C MET C 205 18.61 -25.97 -2.22
N PRO C 206 18.06 -26.88 -1.37
CA PRO C 206 17.38 -26.45 -0.13
C PRO C 206 18.05 -25.36 0.70
N VAL C 207 17.39 -24.20 0.82
CA VAL C 207 17.87 -23.15 1.69
C VAL C 207 17.12 -23.07 3.01
N HIS C 208 16.09 -23.90 3.21
CA HIS C 208 15.44 -23.93 4.52
C HIS C 208 16.42 -24.47 5.55
N GLN C 209 16.45 -23.83 6.72
CA GLN C 209 17.37 -24.26 7.75
C GLN C 209 17.26 -25.76 7.96
N PHE C 210 18.37 -26.46 7.76
CA PHE C 210 18.44 -27.90 7.90
C PHE C 210 19.52 -28.26 8.91
N VAL C 211 19.57 -29.55 9.28
CA VAL C 211 20.46 -30.03 10.33
C VAL C 211 21.51 -30.94 9.72
N ASN C 212 22.73 -30.82 10.22
CA ASN C 212 23.86 -31.68 9.86
C ASN C 212 23.74 -33.04 10.58
N ASP C 213 23.33 -34.09 9.85
CA ASP C 213 22.96 -35.38 10.44
C ASP C 213 24.05 -35.93 11.36
N HIS C 214 23.61 -36.56 12.46
CA HIS C 214 24.52 -37.24 13.36
C HIS C 214 25.28 -38.36 12.66
N ARG C 215 24.60 -39.11 11.79
CA ARG C 215 25.25 -40.21 11.07
C ARG C 215 26.41 -39.68 10.23
N LEU C 216 26.24 -38.52 9.59
CA LEU C 216 27.30 -37.95 8.78
C LEU C 216 28.39 -37.31 9.63
N VAL C 217 28.02 -36.63 10.72
CA VAL C 217 29.00 -35.90 11.50
C VAL C 217 30.04 -36.86 12.06
N ASP C 218 29.61 -37.97 12.66
CA ASP C 218 30.63 -38.88 13.17
C ASP C 218 30.99 -39.93 12.13
N ALA C 219 31.18 -39.43 10.91
CA ALA C 219 31.88 -40.14 9.85
C ALA C 219 32.83 -39.20 9.12
N GLY C 220 33.09 -38.00 9.66
CA GLY C 220 33.91 -37.01 9.01
C GLY C 220 33.26 -36.28 7.85
N LEU C 221 31.94 -36.43 7.66
CA LEU C 221 31.23 -35.79 6.57
C LEU C 221 30.27 -34.72 7.11
N SER C 222 29.48 -34.15 6.21
CA SER C 222 28.37 -33.30 6.61
C SER C 222 27.24 -33.46 5.59
N ASN C 223 26.10 -32.85 5.89
CA ASN C 223 25.00 -32.80 4.94
C ASN C 223 25.22 -31.60 4.04
N TYR C 224 25.63 -31.86 2.79
CA TYR C 224 25.88 -30.77 1.86
C TYR C 224 24.59 -30.31 1.18
N TRP C 225 23.75 -31.22 0.69
CA TRP C 225 22.61 -30.76 -0.11
C TRP C 225 21.50 -30.13 0.73
N GLY C 226 21.36 -30.53 1.99
CA GLY C 226 20.36 -29.95 2.86
C GLY C 226 18.99 -30.58 2.82
N TYR C 227 18.85 -31.84 2.38
CA TYR C 227 17.54 -32.47 2.37
C TYR C 227 17.21 -33.03 3.75
N ASN C 228 17.29 -32.16 4.79
CA ASN C 228 17.00 -32.57 6.16
C ASN C 228 16.57 -31.32 6.94
N THR C 229 15.30 -30.91 6.74
CA THR C 229 14.89 -29.58 7.18
C THR C 229 14.37 -29.59 8.62
N ILE C 230 14.69 -28.53 9.36
CA ILE C 230 14.16 -28.35 10.71
C ILE C 230 13.39 -27.02 10.82
N GLY C 231 13.79 -26.02 10.05
CA GLY C 231 13.08 -24.76 10.09
C GLY C 231 12.57 -24.34 8.73
N PHE C 232 11.25 -24.40 8.55
CA PHE C 232 10.67 -24.18 7.23
C PHE C 232 10.49 -22.70 6.92
N PHE C 233 10.71 -21.82 7.89
CA PHE C 233 10.59 -20.38 7.67
C PHE C 233 11.92 -19.64 7.75
N ALA C 234 13.03 -20.34 7.95
CA ALA C 234 14.31 -19.67 8.14
C ALA C 234 15.33 -20.01 7.04
N PRO C 235 16.06 -19.01 6.53
CA PRO C 235 17.16 -19.31 5.61
C PRO C 235 18.31 -19.97 6.37
N HIS C 236 18.84 -21.05 5.78
CA HIS C 236 19.87 -21.85 6.43
C HIS C 236 21.06 -20.98 6.85
N ASN C 237 21.44 -21.06 8.13
CA ASN C 237 22.37 -20.07 8.66
C ASN C 237 23.80 -20.30 8.19
N ALA C 238 24.18 -21.54 7.90
CA ALA C 238 25.56 -21.81 7.50
C ALA C 238 25.90 -21.18 6.16
N TYR C 239 24.92 -20.64 5.42
CA TYR C 239 25.14 -19.98 4.14
C TYR C 239 25.13 -18.46 4.23
N ALA C 240 25.07 -17.90 5.45
CA ALA C 240 25.09 -16.46 5.64
C ALA C 240 26.44 -16.04 6.18
N SER C 241 27.07 -15.07 5.51
CA SER C 241 28.29 -14.48 6.03
C SER C 241 28.02 -13.37 7.02
N TRP C 242 26.79 -12.89 7.12
CA TRP C 242 26.50 -11.72 7.95
C TRP C 242 26.10 -12.06 9.38
N GLY C 243 25.85 -13.32 9.71
CA GLY C 243 25.47 -13.71 11.05
C GLY C 243 24.22 -14.58 11.07
N ASP C 244 23.94 -15.12 12.25
CA ASP C 244 22.84 -16.07 12.41
C ASP C 244 21.77 -15.63 13.41
N ARG C 245 21.72 -14.34 13.77
CA ARG C 245 20.70 -13.82 14.68
C ARG C 245 19.73 -12.87 13.98
N GLY C 246 19.40 -13.15 12.72
CA GLY C 246 18.53 -12.28 11.93
C GLY C 246 19.18 -11.78 10.66
N GLN C 247 20.51 -11.66 10.66
CA GLN C 247 21.25 -11.21 9.47
C GLN C 247 21.06 -12.13 8.28
N GLN C 248 20.85 -13.44 8.53
CA GLN C 248 20.67 -14.39 7.43
C GLN C 248 19.41 -14.08 6.63
N VAL C 249 18.39 -13.48 7.26
CA VAL C 249 17.20 -13.03 6.53
C VAL C 249 17.56 -11.88 5.60
N LEU C 250 18.16 -10.82 6.15
CA LEU C 250 18.62 -9.70 5.32
C LEU C 250 19.50 -10.17 4.18
N GLU C 251 20.36 -11.16 4.43
CA GLU C 251 21.28 -11.63 3.39
C GLU C 251 20.51 -12.30 2.27
N PHE C 252 19.56 -13.18 2.60
CA PHE C 252 18.76 -13.81 1.56
C PHE C 252 17.96 -12.79 0.76
N LYS C 253 17.25 -11.89 1.44
CA LYS C 253 16.42 -10.91 0.74
C LYS C 253 17.27 -10.05 -0.19
N SER C 254 18.44 -9.61 0.26
CA SER C 254 19.27 -8.79 -0.61
C SER C 254 19.77 -9.60 -1.82
N ALA C 255 19.91 -10.92 -1.66
CA ALA C 255 20.28 -11.76 -2.81
C ALA C 255 19.16 -11.79 -3.84
N VAL C 256 17.92 -11.95 -3.38
CA VAL C 256 16.78 -11.96 -4.29
C VAL C 256 16.56 -10.59 -4.92
N ARG C 257 16.76 -9.52 -4.15
CA ARG C 257 16.70 -8.17 -4.72
C ARG C 257 17.69 -8.03 -5.87
N ALA C 258 18.93 -8.47 -5.67
CA ALA C 258 19.91 -8.35 -6.73
C ALA C 258 19.50 -9.17 -7.94
N LEU C 259 19.06 -10.41 -7.71
CA LEU C 259 18.70 -11.29 -8.83
C LEU C 259 17.55 -10.70 -9.64
N HIS C 260 16.48 -10.25 -8.97
CA HIS C 260 15.36 -9.65 -9.68
C HIS C 260 15.79 -8.44 -10.51
N GLN C 261 16.68 -7.61 -9.96
CA GLN C 261 17.25 -6.48 -10.67
C GLN C 261 17.85 -6.88 -12.02
N ALA C 262 18.45 -8.06 -12.11
CA ALA C 262 18.98 -8.60 -13.34
C ALA C 262 17.92 -9.31 -14.18
N GLY C 263 16.71 -9.45 -13.68
CA GLY C 263 15.66 -10.10 -14.44
C GLY C 263 15.53 -11.58 -14.19
N ILE C 264 16.10 -12.10 -13.11
CA ILE C 264 16.18 -13.53 -12.86
C ILE C 264 15.27 -13.92 -11.69
N GLU C 265 14.39 -14.89 -11.94
CA GLU C 265 13.52 -15.43 -10.89
C GLU C 265 14.32 -16.33 -9.95
N VAL C 266 13.76 -16.61 -8.78
CA VAL C 266 14.35 -17.50 -7.79
C VAL C 266 13.34 -18.60 -7.51
N ILE C 267 13.77 -19.84 -7.68
CA ILE C 267 12.93 -20.98 -7.36
C ILE C 267 13.58 -21.70 -6.19
N LEU C 268 12.77 -22.19 -5.27
CA LEU C 268 13.27 -22.84 -4.07
C LEU C 268 12.93 -24.33 -4.10
N ASP C 269 13.94 -25.16 -4.04
CA ASP C 269 13.73 -26.58 -3.74
C ASP C 269 13.28 -26.69 -2.28
N VAL C 270 12.10 -27.27 -2.04
CA VAL C 270 11.51 -27.30 -0.70
C VAL C 270 11.21 -28.74 -0.33
N VAL C 271 11.59 -29.13 0.89
CA VAL C 271 11.50 -30.52 1.33
C VAL C 271 10.48 -30.65 2.46
N TYR C 272 9.21 -30.77 2.14
CA TYR C 272 8.14 -30.81 3.14
C TYR C 272 7.72 -32.22 3.51
N ASN C 273 8.33 -33.25 2.94
CA ASN C 273 7.87 -34.61 3.18
C ASN C 273 8.38 -35.14 4.52
N HIS C 274 9.58 -34.75 4.95
CA HIS C 274 10.21 -35.27 6.14
C HIS C 274 10.92 -34.13 6.87
N THR C 275 11.33 -34.41 8.12
CA THR C 275 12.07 -33.47 8.96
C THR C 275 13.39 -34.07 9.43
N ALA C 276 14.21 -33.21 10.05
CA ALA C 276 15.50 -33.58 10.60
C ALA C 276 15.40 -34.47 11.83
N GLU C 277 14.20 -34.73 12.35
CA GLU C 277 14.12 -35.53 13.57
C GLU C 277 14.14 -37.03 13.31
N GLY C 278 14.10 -37.46 12.06
CA GLY C 278 14.23 -38.86 11.70
C GLY C 278 13.20 -39.74 12.38
N ASN C 279 13.57 -41.00 12.60
CA ASN C 279 12.66 -41.98 13.17
C ASN C 279 12.67 -41.89 14.69
N HIS C 280 12.09 -42.90 15.35
CA HIS C 280 11.94 -42.90 16.79
C HIS C 280 13.28 -42.86 17.52
N LEU C 281 14.39 -43.11 16.82
CA LEU C 281 15.70 -43.00 17.42
C LEU C 281 16.38 -41.68 17.07
N GLY C 282 15.70 -40.79 16.34
CA GLY C 282 16.24 -39.48 16.04
C GLY C 282 16.15 -38.51 17.21
N PRO C 283 16.57 -37.27 16.96
CA PRO C 283 16.61 -36.27 18.04
C PRO C 283 15.27 -35.57 18.25
N THR C 284 15.05 -35.10 19.48
CA THR C 284 13.87 -34.29 19.80
C THR C 284 14.27 -32.82 19.66
N LEU C 285 13.84 -32.18 18.56
CA LEU C 285 14.25 -30.82 18.26
C LEU C 285 13.09 -29.86 18.13
N SER C 286 12.06 -30.17 17.34
CA SER C 286 10.87 -29.33 17.42
C SER C 286 9.55 -30.09 17.52
N MET C 287 9.13 -30.73 16.43
CA MET C 287 7.74 -31.18 16.37
C MET C 287 7.49 -32.39 17.27
N ARG C 288 8.49 -33.27 17.42
CA ARG C 288 8.35 -34.46 18.27
C ARG C 288 7.95 -34.09 19.69
N GLY C 289 8.51 -33.01 20.21
CA GLY C 289 8.24 -32.57 21.56
C GLY C 289 7.03 -31.66 21.67
N LEU C 290 6.65 -31.02 20.56
CA LEU C 290 5.50 -30.12 20.59
C LEU C 290 4.19 -30.90 20.51
N ASP C 291 3.96 -31.58 19.40
CA ASP C 291 2.75 -32.39 19.29
C ASP C 291 3.06 -33.52 18.30
N ASN C 292 3.53 -34.63 18.83
CA ASN C 292 4.03 -35.69 17.96
C ASN C 292 2.92 -36.27 17.08
N PRO C 293 1.76 -36.67 17.61
CA PRO C 293 0.74 -37.25 16.72
C PRO C 293 0.18 -36.25 15.70
N SER C 294 0.24 -34.95 15.97
CA SER C 294 -0.34 -33.99 15.03
C SER C 294 0.57 -33.73 13.83
N TYR C 295 1.87 -33.97 13.97
CA TYR C 295 2.83 -33.58 12.94
C TYR C 295 3.34 -34.75 12.11
N TYR C 296 3.41 -35.96 12.66
CA TYR C 296 4.06 -37.08 11.99
C TYR C 296 3.09 -38.22 11.75
N ARG C 297 3.31 -38.95 10.66
CA ARG C 297 2.50 -40.12 10.34
C ARG C 297 3.07 -41.30 11.11
N LEU C 298 2.32 -41.77 12.11
CA LEU C 298 2.76 -42.85 12.98
C LEU C 298 2.26 -44.20 12.45
N ALA C 299 3.03 -45.26 12.72
CA ALA C 299 2.64 -46.60 12.32
C ALA C 299 1.42 -47.04 13.11
N ASP C 300 0.91 -48.24 12.82
CA ASP C 300 -0.13 -48.80 13.69
C ASP C 300 0.49 -49.43 14.93
N ASP C 301 1.47 -48.75 15.48
CA ASP C 301 2.23 -48.97 16.68
C ASP C 301 2.83 -47.59 16.91
N PRO C 302 2.17 -46.74 17.69
CA PRO C 302 2.45 -45.31 17.61
C PRO C 302 3.86 -44.93 18.06
N ARG C 303 4.64 -45.88 18.56
CA ARG C 303 6.05 -45.63 18.85
C ARG C 303 6.84 -45.30 17.58
N TYR C 304 6.44 -45.84 16.43
CA TYR C 304 7.29 -45.91 15.26
C TYR C 304 6.70 -45.11 14.11
N TYR C 305 7.60 -44.61 13.26
CA TYR C 305 7.25 -43.64 12.23
C TYR C 305 7.15 -44.34 10.87
N MET C 306 6.07 -44.06 10.15
CA MET C 306 5.94 -44.51 8.78
C MET C 306 6.68 -43.57 7.84
N ASP C 307 7.34 -44.16 6.85
CA ASP C 307 8.30 -43.43 6.04
C ASP C 307 8.21 -43.90 4.60
N THR C 308 7.71 -43.03 3.73
CA THR C 308 7.74 -43.27 2.28
C THR C 308 8.87 -42.49 1.60
N THR C 309 10.01 -42.32 2.28
CA THR C 309 11.08 -41.47 1.77
C THR C 309 12.48 -42.08 1.90
N GLY C 310 12.70 -43.05 2.78
CA GLY C 310 14.06 -43.43 3.10
C GLY C 310 14.82 -42.41 3.92
N THR C 311 14.13 -41.47 4.58
CA THR C 311 14.82 -40.40 5.30
C THR C 311 14.39 -40.32 6.76
N GLY C 312 13.81 -41.39 7.31
CA GLY C 312 13.37 -41.40 8.70
C GLY C 312 11.90 -41.16 9.05
N ASN C 313 11.32 -40.04 8.62
CA ASN C 313 9.94 -39.76 9.03
C ASN C 313 9.18 -39.20 7.83
N SER C 314 7.94 -38.79 8.10
CA SER C 314 7.03 -38.33 7.06
C SER C 314 5.95 -37.50 7.74
N LEU C 315 5.66 -36.32 7.21
CA LEU C 315 4.68 -35.43 7.82
C LEU C 315 3.25 -35.91 7.57
N LEU C 316 2.37 -35.61 8.53
CA LEU C 316 0.98 -36.05 8.48
C LEU C 316 0.20 -35.10 7.58
N MET C 317 -0.09 -35.55 6.35
CA MET C 317 -0.57 -34.61 5.35
C MET C 317 -2.07 -34.31 5.45
N ARG C 318 -2.78 -35.01 6.31
CA ARG C 318 -4.18 -34.68 6.57
C ARG C 318 -4.35 -33.83 7.83
N SER C 319 -3.27 -33.55 8.55
CA SER C 319 -3.36 -32.82 9.79
C SER C 319 -3.55 -31.33 9.50
N PRO C 320 -4.66 -30.73 9.93
CA PRO C 320 -4.89 -29.31 9.65
C PRO C 320 -3.71 -28.39 9.95
N HIS C 321 -2.94 -28.68 11.00
CA HIS C 321 -1.84 -27.79 11.33
C HIS C 321 -0.55 -28.11 10.57
N VAL C 322 -0.45 -29.29 9.95
CA VAL C 322 0.66 -29.53 9.03
C VAL C 322 0.44 -28.77 7.72
N LEU C 323 -0.78 -28.81 7.21
CA LEU C 323 -1.10 -28.09 5.98
C LEU C 323 -1.00 -26.59 6.18
N GLN C 324 -1.35 -26.10 7.37
CA GLN C 324 -1.21 -24.67 7.64
C GLN C 324 0.26 -24.26 7.67
N LEU C 325 1.12 -25.10 8.28
CA LEU C 325 2.54 -24.78 8.28
C LEU C 325 3.09 -24.70 6.85
N ILE C 326 2.76 -25.70 6.02
CA ILE C 326 3.27 -25.73 4.65
C ILE C 326 2.79 -24.50 3.88
N MET C 327 1.47 -24.23 3.90
CA MET C 327 0.93 -23.08 3.19
C MET C 327 1.47 -21.76 3.75
N ASP C 328 1.63 -21.66 5.07
CA ASP C 328 2.25 -20.48 5.68
C ASP C 328 3.70 -20.34 5.27
N SER C 329 4.42 -21.46 5.12
CA SER C 329 5.79 -21.42 4.68
C SER C 329 5.89 -20.92 3.23
N LEU C 330 5.09 -21.54 2.35
CA LEU C 330 5.07 -21.15 0.93
C LEU C 330 4.72 -19.67 0.79
N ARG C 331 3.67 -19.24 1.48
CA ARG C 331 3.26 -17.85 1.43
C ARG C 331 4.36 -16.93 1.95
N TYR C 332 5.05 -17.34 3.02
CA TYR C 332 6.08 -16.47 3.59
C TYR C 332 7.25 -16.30 2.61
N TRP C 333 7.70 -17.38 1.97
CA TRP C 333 8.81 -17.28 1.03
C TRP C 333 8.42 -16.50 -0.23
N VAL C 334 7.16 -16.61 -0.67
CA VAL C 334 6.72 -15.79 -1.81
C VAL C 334 6.51 -14.34 -1.40
N THR C 335 5.75 -14.10 -0.32
CA THR C 335 5.33 -12.73 -0.02
C THR C 335 6.42 -11.90 0.64
N GLU C 336 7.17 -12.48 1.56
CA GLU C 336 8.15 -11.72 2.32
C GLU C 336 9.57 -11.95 1.84
N MET C 337 9.88 -13.15 1.37
CA MET C 337 11.19 -13.39 0.78
C MET C 337 11.21 -13.12 -0.72
N HIS C 338 10.05 -12.99 -1.36
CA HIS C 338 9.94 -12.54 -2.76
C HIS C 338 10.45 -13.58 -3.77
N VAL C 339 10.36 -14.87 -3.46
CA VAL C 339 10.79 -15.88 -4.42
C VAL C 339 9.63 -16.12 -5.38
N ASP C 340 9.92 -16.79 -6.50
CA ASP C 340 9.06 -16.84 -7.66
C ASP C 340 8.50 -18.23 -7.95
N GLY C 341 8.84 -19.24 -7.15
CA GLY C 341 8.32 -20.56 -7.35
C GLY C 341 9.03 -21.59 -6.51
N PHE C 342 8.55 -22.82 -6.59
CA PHE C 342 9.07 -23.91 -5.78
C PHE C 342 9.19 -25.21 -6.58
N ARG C 343 10.21 -25.99 -6.23
CA ARG C 343 10.36 -27.36 -6.67
C ARG C 343 10.07 -28.24 -5.47
N PHE C 344 9.05 -29.10 -5.59
CA PHE C 344 8.62 -29.99 -4.51
C PHE C 344 9.08 -31.43 -4.78
N ASP C 345 9.24 -32.20 -3.70
CA ASP C 345 9.24 -33.66 -3.76
C ASP C 345 8.22 -34.18 -2.75
N LEU C 346 7.25 -34.97 -3.24
CA LEU C 346 6.13 -35.40 -2.40
C LEU C 346 6.04 -36.91 -2.19
N HIS C 355 -4.06 -43.54 -0.04
CA HIS C 355 -2.84 -43.69 -0.83
C HIS C 355 -2.31 -42.34 -1.32
N GLU C 356 -1.50 -42.37 -2.38
CA GLU C 356 -0.80 -41.16 -2.82
C GLU C 356 -1.74 -40.16 -3.47
N VAL C 357 -2.64 -40.63 -4.36
CA VAL C 357 -3.55 -39.71 -5.06
C VAL C 357 -4.46 -38.98 -4.07
N ASP C 358 -4.72 -39.58 -2.92
CA ASP C 358 -5.74 -39.11 -1.97
C ASP C 358 -5.17 -38.50 -0.69
N ARG C 359 -4.05 -39.00 -0.14
CA ARG C 359 -3.41 -38.36 1.01
C ARG C 359 -2.84 -36.99 0.69
N LEU C 360 -2.83 -36.58 -0.58
CA LEU C 360 -2.31 -35.28 -1.00
C LEU C 360 -3.40 -34.37 -1.58
N SER C 361 -4.67 -34.77 -1.54
CA SER C 361 -5.69 -34.03 -2.27
C SER C 361 -5.99 -32.69 -1.60
N SER C 362 -6.09 -32.68 -0.26
CA SER C 362 -6.19 -31.41 0.45
C SER C 362 -4.99 -30.52 0.13
N PHE C 363 -3.80 -31.10 0.10
CA PHE C 363 -2.63 -30.32 -0.23
C PHE C 363 -2.75 -29.67 -1.61
N PHE C 364 -3.25 -30.42 -2.60
CA PHE C 364 -3.43 -29.84 -3.94
C PHE C 364 -4.58 -28.84 -3.98
N ASP C 365 -5.66 -29.13 -3.23
CA ASP C 365 -6.77 -28.17 -3.10
C ASP C 365 -6.28 -26.84 -2.53
N LEU C 366 -5.57 -26.89 -1.40
CA LEU C 366 -4.97 -25.72 -0.79
C LEU C 366 -4.09 -24.95 -1.77
N VAL C 367 -3.20 -25.65 -2.46
CA VAL C 367 -2.26 -25.01 -3.37
C VAL C 367 -2.98 -24.38 -4.56
N GLN C 368 -3.97 -25.09 -5.12
CA GLN C 368 -4.62 -24.58 -6.32
C GLN C 368 -5.42 -23.29 -6.06
N GLN C 369 -6.03 -23.15 -4.89
CA GLN C 369 -6.90 -22.00 -4.67
C GLN C 369 -6.21 -20.82 -4.00
N ASP C 370 -5.01 -21.00 -3.45
CA ASP C 370 -4.39 -19.89 -2.73
C ASP C 370 -3.92 -18.84 -3.72
N PRO C 371 -4.32 -17.57 -3.57
CA PRO C 371 -4.06 -16.58 -4.62
C PRO C 371 -2.59 -16.21 -4.76
N VAL C 372 -1.77 -16.41 -3.73
CA VAL C 372 -0.34 -16.14 -3.83
C VAL C 372 0.40 -17.33 -4.41
N VAL C 373 0.10 -18.53 -3.89
CA VAL C 373 0.92 -19.69 -4.19
C VAL C 373 0.55 -20.31 -5.54
N SER C 374 -0.73 -20.25 -5.93
CA SER C 374 -1.14 -20.82 -7.22
C SER C 374 -0.59 -20.02 -8.40
N GLN C 375 -0.05 -18.84 -8.16
CA GLN C 375 0.37 -17.93 -9.22
C GLN C 375 1.87 -17.87 -9.38
N VAL C 376 2.62 -18.63 -8.60
CA VAL C 376 4.05 -18.79 -8.82
C VAL C 376 4.29 -20.14 -9.48
N LYS C 377 5.54 -20.37 -9.88
CA LYS C 377 5.86 -21.62 -10.56
C LYS C 377 5.80 -22.80 -9.58
N LEU C 378 5.07 -23.83 -9.97
CA LEU C 378 4.92 -25.04 -9.15
C LEU C 378 5.52 -26.21 -9.93
N ILE C 379 6.71 -26.64 -9.51
CA ILE C 379 7.44 -27.72 -10.16
C ILE C 379 7.46 -28.91 -9.21
N ALA C 380 7.11 -30.08 -9.71
CA ALA C 380 7.01 -31.30 -8.94
C ALA C 380 8.05 -32.30 -9.43
N GLU C 381 8.76 -32.94 -8.49
CA GLU C 381 9.50 -34.15 -8.83
C GLU C 381 8.55 -35.32 -8.68
N PRO C 382 8.09 -35.92 -9.75
CA PRO C 382 6.91 -36.79 -9.64
C PRO C 382 7.24 -38.23 -9.28
N TRP C 383 7.71 -38.46 -8.05
CA TRP C 383 7.84 -39.83 -7.57
C TRP C 383 7.96 -39.86 -6.05
N ASP C 384 7.65 -41.04 -5.50
CA ASP C 384 7.90 -41.45 -4.13
C ASP C 384 8.74 -42.72 -4.16
N VAL C 385 9.29 -43.09 -3.00
CA VAL C 385 9.84 -44.44 -2.83
C VAL C 385 8.85 -45.36 -2.10
N GLY C 386 7.60 -44.91 -1.93
CA GLY C 386 6.55 -45.74 -1.39
C GLY C 386 5.71 -46.38 -2.48
N GLU C 387 4.62 -47.03 -2.04
CA GLU C 387 3.75 -47.73 -2.98
C GLU C 387 3.08 -46.75 -3.94
N GLY C 388 2.95 -47.17 -5.20
CA GLY C 388 2.42 -46.28 -6.24
C GLY C 388 3.24 -45.02 -6.42
N GLY C 389 4.56 -45.16 -6.41
CA GLY C 389 5.42 -43.99 -6.31
C GLY C 389 5.51 -43.20 -7.59
N TYR C 390 5.74 -43.88 -8.71
CA TYR C 390 6.09 -43.19 -9.96
C TYR C 390 4.86 -42.50 -10.54
N GLN C 391 4.90 -41.16 -10.55
CA GLN C 391 3.76 -40.27 -10.80
C GLN C 391 3.91 -39.45 -12.08
N VAL C 392 4.72 -39.94 -13.03
CA VAL C 392 5.10 -39.11 -14.18
C VAL C 392 3.88 -38.88 -15.07
N GLY C 393 3.44 -37.63 -15.16
CA GLY C 393 2.27 -37.26 -15.93
C GLY C 393 0.95 -37.37 -15.17
N ASN C 394 0.99 -37.57 -13.85
CA ASN C 394 -0.24 -37.66 -13.08
C ASN C 394 -0.37 -36.56 -12.03
N PHE C 395 0.38 -35.47 -12.15
CA PHE C 395 0.14 -34.34 -11.27
C PHE C 395 -0.97 -33.46 -11.83
N PRO C 396 -1.60 -32.63 -10.99
CA PRO C 396 -2.74 -31.84 -11.48
C PRO C 396 -2.29 -30.82 -12.52
N PRO C 397 -3.17 -30.45 -13.44
CA PRO C 397 -2.72 -29.67 -14.61
C PRO C 397 -2.17 -28.28 -14.26
N LEU C 398 -2.34 -27.79 -13.03
CA LEU C 398 -1.63 -26.59 -12.64
C LEU C 398 -0.12 -26.81 -12.58
N TRP C 399 0.31 -28.05 -12.39
CA TRP C 399 1.70 -28.32 -12.02
C TRP C 399 2.56 -28.60 -13.25
N THR C 400 3.83 -28.28 -13.10
CA THR C 400 4.90 -28.61 -14.02
C THR C 400 5.74 -29.71 -13.37
N GLU C 401 6.30 -30.62 -14.18
CA GLU C 401 6.99 -31.80 -13.65
C GLU C 401 8.38 -31.99 -14.27
N TRP C 402 9.36 -32.33 -13.42
CA TRP C 402 10.61 -32.89 -13.92
C TRP C 402 10.30 -34.13 -14.74
N ASN C 403 10.80 -34.18 -15.97
CA ASN C 403 10.46 -35.26 -16.92
C ASN C 403 11.65 -36.22 -16.97
N GLY C 404 11.66 -37.15 -16.00
CA GLY C 404 12.70 -38.16 -15.95
C GLY C 404 12.71 -39.06 -17.16
N LYS C 405 11.54 -39.22 -17.81
CA LYS C 405 11.49 -40.00 -19.04
C LYS C 405 12.25 -39.30 -20.17
N TYR C 406 12.29 -37.97 -20.16
CA TYR C 406 13.14 -37.24 -21.09
C TYR C 406 14.61 -37.54 -20.83
N ARG C 407 15.04 -37.38 -19.57
CA ARG C 407 16.43 -37.65 -19.21
C ARG C 407 16.85 -39.05 -19.61
N ASP C 408 15.98 -40.05 -19.38
CA ASP C 408 16.37 -41.42 -19.63
C ASP C 408 16.43 -41.71 -21.13
N CYS C 409 15.50 -41.11 -21.88
CA CYS C 409 15.42 -41.35 -23.32
C CYS C 409 16.54 -40.61 -24.05
N VAL C 410 16.86 -39.38 -23.64
CA VAL C 410 17.96 -38.69 -24.28
C VAL C 410 19.28 -39.37 -23.95
N ARG C 411 19.44 -39.83 -22.70
CA ARG C 411 20.63 -40.61 -22.39
C ARG C 411 20.69 -41.86 -23.24
N ASP C 412 19.55 -42.50 -23.50
CA ASP C 412 19.56 -43.73 -24.27
C ASP C 412 19.92 -43.47 -25.72
N LEU C 413 19.45 -42.36 -26.29
CA LEU C 413 19.71 -42.07 -27.70
C LEU C 413 21.21 -41.95 -27.97
N TRP C 414 21.90 -41.08 -27.22
CA TRP C 414 23.31 -40.85 -27.49
C TRP C 414 24.22 -41.95 -26.96
N ARG C 415 23.68 -42.84 -26.12
CA ARG C 415 24.37 -44.02 -25.64
C ARG C 415 24.42 -45.12 -26.69
N GLY C 416 23.55 -45.05 -27.69
CA GLY C 416 23.45 -46.09 -28.70
C GLY C 416 22.38 -47.14 -28.47
N GLU C 417 21.54 -47.01 -27.43
CA GLU C 417 20.56 -48.05 -27.12
C GLU C 417 19.63 -48.27 -28.31
N PRO C 418 19.42 -49.52 -28.74
CA PRO C 418 19.01 -49.78 -30.14
C PRO C 418 17.69 -49.15 -30.58
N ARG C 419 16.58 -49.39 -29.89
CA ARG C 419 15.29 -48.92 -30.39
C ARG C 419 14.80 -47.80 -29.50
N THR C 420 15.26 -46.59 -29.83
CA THR C 420 14.97 -45.39 -29.05
C THR C 420 14.32 -44.29 -29.87
N LEU C 421 14.33 -44.40 -31.21
CA LEU C 421 13.96 -43.27 -32.05
C LEU C 421 12.50 -42.87 -31.87
N ALA C 422 11.59 -43.85 -31.85
CA ALA C 422 10.17 -43.52 -31.74
C ALA C 422 9.90 -42.69 -30.48
N GLU C 423 10.48 -43.10 -29.34
CA GLU C 423 10.24 -42.38 -28.10
C GLU C 423 11.00 -41.06 -28.07
N PHE C 424 12.22 -41.05 -28.61
CA PHE C 424 12.95 -39.78 -28.73
C PHE C 424 12.14 -38.75 -29.51
N ALA C 425 11.43 -39.19 -30.55
CA ALA C 425 10.58 -38.27 -31.30
C ALA C 425 9.56 -37.60 -30.37
N SER C 426 8.95 -38.38 -29.49
CA SER C 426 7.97 -37.81 -28.58
C SER C 426 8.64 -36.90 -27.55
N ARG C 427 9.79 -37.30 -27.00
CA ARG C 427 10.44 -36.45 -25.99
C ARG C 427 10.95 -35.15 -26.61
N LEU C 428 11.50 -35.21 -27.83
CA LEU C 428 11.85 -34.00 -28.58
C LEU C 428 10.68 -33.03 -28.69
N THR C 429 9.46 -33.56 -28.85
CA THR C 429 8.29 -32.77 -29.18
C THR C 429 7.41 -32.46 -27.97
N GLY C 430 7.97 -32.57 -26.76
CA GLY C 430 7.28 -32.16 -25.55
C GLY C 430 6.48 -33.24 -24.87
N SER C 431 6.70 -34.51 -25.23
CA SER C 431 6.10 -35.66 -24.56
C SER C 431 4.58 -35.59 -24.54
N SER C 432 4.02 -35.54 -25.75
CA SER C 432 2.57 -35.59 -25.94
C SER C 432 1.94 -36.78 -25.22
N ASP C 433 2.63 -37.93 -25.22
CA ASP C 433 2.11 -39.14 -24.57
C ASP C 433 2.02 -39.03 -23.06
N LEU C 434 2.68 -38.04 -22.46
CA LEU C 434 2.64 -37.89 -21.00
C LEU C 434 1.68 -36.79 -20.53
N TYR C 435 1.52 -35.73 -21.33
CA TYR C 435 0.88 -34.50 -20.86
C TYR C 435 -0.32 -34.03 -21.68
N GLN C 436 -0.56 -34.58 -22.87
CA GLN C 436 -1.59 -34.01 -23.73
C GLN C 436 -3.00 -34.37 -23.28
N ASP C 437 -3.21 -35.65 -22.99
CA ASP C 437 -4.55 -36.17 -22.64
C ASP C 437 -5.05 -35.60 -21.33
N ASP C 438 -4.18 -35.06 -20.49
CA ASP C 438 -4.63 -34.46 -19.21
C ASP C 438 -4.89 -32.96 -19.40
N GLY C 439 -4.76 -32.47 -20.61
CA GLY C 439 -5.05 -31.07 -20.95
C GLY C 439 -3.87 -30.15 -20.74
N ARG C 440 -2.69 -30.67 -20.58
CA ARG C 440 -1.55 -29.79 -20.40
C ARG C 440 -0.90 -29.43 -21.73
N ARG C 441 -0.14 -28.35 -21.71
CA ARG C 441 0.65 -27.93 -22.85
C ARG C 441 2.01 -28.60 -22.82
N PRO C 442 2.81 -28.49 -23.90
CA PRO C 442 4.19 -29.02 -23.83
C PRO C 442 5.05 -28.34 -22.78
N LEU C 443 4.64 -27.18 -22.27
CA LEU C 443 5.41 -26.51 -21.22
C LEU C 443 5.33 -27.20 -19.87
N ALA C 444 4.42 -28.16 -19.68
CA ALA C 444 4.39 -28.94 -18.45
C ALA C 444 5.65 -29.78 -18.25
N SER C 445 6.43 -30.01 -19.30
CA SER C 445 7.55 -30.93 -19.28
C SER C 445 8.84 -30.18 -18.96
N VAL C 446 9.34 -30.33 -17.73
CA VAL C 446 10.67 -29.79 -17.44
C VAL C 446 11.69 -30.80 -17.95
N ASN C 447 12.33 -30.47 -19.06
CA ASN C 447 13.31 -31.36 -19.68
C ASN C 447 14.67 -31.13 -19.04
N PHE C 448 15.41 -32.21 -18.87
CA PHE C 448 16.75 -32.09 -18.31
C PHE C 448 17.49 -33.37 -18.63
N VAL C 449 18.81 -33.24 -18.78
CA VAL C 449 19.68 -34.37 -19.03
C VAL C 449 20.49 -34.73 -17.80
N THR C 450 20.81 -33.74 -16.97
CA THR C 450 21.45 -33.93 -15.69
C THR C 450 20.75 -33.00 -14.70
N CYS C 451 20.94 -33.32 -13.43
CA CYS C 451 20.49 -32.51 -12.29
C CYS C 451 21.38 -32.92 -11.13
N HIS C 452 21.11 -32.38 -9.93
CA HIS C 452 22.01 -32.67 -8.82
C HIS C 452 22.02 -34.16 -8.49
N ASP C 453 20.91 -34.85 -8.77
CA ASP C 453 20.82 -36.29 -8.62
C ASP C 453 21.55 -36.97 -9.78
N GLY C 454 22.44 -37.91 -9.47
CA GLY C 454 23.12 -38.63 -10.53
C GLY C 454 24.37 -37.93 -11.01
N PHE C 455 24.78 -38.32 -12.22
CA PHE C 455 26.02 -37.84 -12.84
C PHE C 455 25.92 -36.38 -13.26
N THR C 456 27.04 -35.66 -13.12
CA THR C 456 27.17 -34.41 -13.87
C THR C 456 27.32 -34.72 -15.37
N LEU C 457 27.20 -33.68 -16.21
CA LEU C 457 27.24 -33.88 -17.66
C LEU C 457 28.53 -34.51 -18.12
N ARG C 458 29.65 -34.07 -17.55
CA ARG C 458 30.93 -34.62 -17.99
C ARG C 458 31.13 -36.04 -17.45
N ASP C 459 30.63 -36.32 -16.25
CA ASP C 459 30.70 -37.68 -15.74
C ASP C 459 29.77 -38.61 -16.50
N LEU C 460 28.66 -38.07 -17.03
CA LEU C 460 27.72 -38.87 -17.82
C LEU C 460 28.40 -39.45 -19.05
N VAL C 461 29.42 -38.79 -19.59
CA VAL C 461 30.16 -39.24 -20.76
C VAL C 461 31.53 -39.78 -20.39
N SER C 462 31.80 -39.98 -19.09
CA SER C 462 33.10 -40.40 -18.62
C SER C 462 33.08 -41.66 -17.77
N TYR C 463 31.93 -42.11 -17.30
CA TYR C 463 31.86 -43.22 -16.37
C TYR C 463 30.68 -44.11 -16.73
N ASN C 464 30.90 -45.42 -16.78
CA ASN C 464 29.77 -46.33 -16.92
C ASN C 464 29.11 -46.60 -15.58
N GLU C 465 29.88 -46.53 -14.48
CA GLU C 465 29.47 -46.95 -13.15
C GLU C 465 29.84 -45.87 -12.13
N LYS C 466 29.03 -45.77 -11.07
CA LYS C 466 29.25 -44.72 -10.08
C LYS C 466 30.45 -45.03 -9.18
N ARG C 467 30.97 -43.97 -8.55
CA ARG C 467 32.09 -44.06 -7.60
C ARG C 467 31.70 -43.26 -6.36
N ASN C 468 30.95 -43.91 -5.46
CA ASN C 468 30.37 -43.22 -4.31
C ASN C 468 30.99 -43.69 -3.00
N GLU C 469 32.16 -44.32 -3.06
CA GLU C 469 32.77 -44.87 -1.85
C GLU C 469 33.02 -43.79 -0.79
N ALA C 470 33.19 -42.54 -1.21
CA ALA C 470 33.49 -41.49 -0.25
C ALA C 470 32.25 -41.03 0.52
N ASN C 471 31.05 -41.39 0.08
CA ASN C 471 29.86 -41.09 0.86
C ASN C 471 29.75 -41.96 2.10
N GLY C 472 30.54 -43.02 2.20
CA GLY C 472 30.50 -43.86 3.39
C GLY C 472 29.33 -44.81 3.50
N GLU C 473 28.81 -45.29 2.37
CA GLU C 473 27.72 -46.27 2.37
C GLU C 473 28.05 -47.48 1.52
N GLY C 474 29.33 -47.73 1.26
CA GLY C 474 29.74 -48.89 0.47
C GLY C 474 29.16 -48.96 -0.93
N ASN C 475 29.09 -47.81 -1.62
CA ASN C 475 28.54 -47.70 -2.96
C ASN C 475 27.08 -48.13 -3.05
N ARG C 476 26.40 -48.30 -1.90
CA ARG C 476 25.00 -48.69 -1.91
C ARG C 476 24.05 -47.55 -2.28
N ASP C 477 24.47 -46.29 -2.12
CA ASP C 477 23.62 -45.15 -2.42
C ASP C 477 23.75 -44.76 -3.89
N GLY C 478 22.75 -44.00 -4.37
CA GLY C 478 22.80 -43.44 -5.71
C GLY C 478 22.37 -44.36 -6.84
N GLU C 479 21.91 -43.77 -7.93
CA GLU C 479 21.34 -44.51 -9.05
C GLU C 479 22.27 -45.61 -9.54
N ASN C 480 21.72 -46.81 -9.69
CA ASN C 480 22.52 -47.93 -10.16
C ASN C 480 22.55 -48.02 -11.68
N TYR C 481 21.51 -47.58 -12.37
CA TYR C 481 21.44 -47.64 -13.83
C TYR C 481 21.44 -46.21 -14.39
N ASN C 482 22.64 -45.65 -14.58
CA ASN C 482 22.78 -44.26 -14.98
C ASN C 482 22.59 -44.00 -16.46
N ARG C 483 22.49 -45.03 -17.29
CA ARG C 483 22.33 -44.87 -18.74
C ARG C 483 23.44 -44.00 -19.32
N SER C 484 24.67 -44.32 -18.92
CA SER C 484 25.85 -43.54 -19.25
C SER C 484 26.82 -44.38 -20.09
N TRP C 485 27.73 -43.69 -20.78
CA TRP C 485 28.74 -44.40 -21.55
C TRP C 485 30.03 -43.60 -21.50
N ASN C 486 31.13 -44.27 -21.13
CA ASN C 486 32.40 -43.58 -20.92
C ASN C 486 33.15 -43.23 -22.20
N CYS C 487 32.58 -43.51 -23.38
CA CYS C 487 33.21 -43.21 -24.67
C CYS C 487 34.54 -43.95 -24.88
N GLY C 488 34.79 -45.04 -24.16
CA GLY C 488 35.99 -45.80 -24.46
C GLY C 488 36.84 -46.16 -23.27
N GLU C 489 36.96 -45.26 -22.31
CA GLU C 489 37.79 -45.50 -21.13
C GLU C 489 37.05 -44.99 -19.90
N GLU C 490 37.23 -45.69 -18.78
CA GLU C 490 36.59 -45.32 -17.53
C GLU C 490 37.42 -44.24 -16.84
N GLY C 491 36.82 -43.07 -16.66
CA GLY C 491 37.54 -42.02 -15.98
C GLY C 491 38.45 -41.22 -16.89
N GLU C 492 39.42 -40.56 -16.27
CA GLU C 492 40.36 -39.72 -17.00
C GLU C 492 41.12 -40.54 -18.03
N THR C 493 41.36 -39.93 -19.18
CA THR C 493 42.04 -40.57 -20.29
C THR C 493 43.04 -39.60 -20.89
N GLU C 494 44.14 -40.15 -21.40
CA GLU C 494 45.11 -39.37 -22.15
C GLU C 494 44.94 -39.56 -23.65
N ASP C 495 43.92 -40.27 -24.06
CA ASP C 495 43.60 -40.47 -25.45
C ASP C 495 42.86 -39.23 -25.96
N VAL C 496 43.47 -38.54 -26.92
CA VAL C 496 42.86 -37.33 -27.47
C VAL C 496 41.53 -37.66 -28.14
N GLY C 497 41.44 -38.82 -28.79
CA GLY C 497 40.20 -39.21 -29.44
C GLY C 497 39.04 -39.37 -28.47
N ILE C 498 39.25 -40.13 -27.39
CA ILE C 498 38.21 -40.26 -26.38
C ILE C 498 37.81 -38.88 -25.87
N THR C 499 38.80 -38.01 -25.64
CA THR C 499 38.54 -36.66 -25.16
C THR C 499 37.67 -35.86 -26.13
N GLU C 500 37.96 -35.98 -27.44
CA GLU C 500 37.19 -35.20 -28.41
C GLU C 500 35.77 -35.75 -28.55
N LEU C 501 35.61 -37.07 -28.43
CA LEU C 501 34.28 -37.68 -28.45
C LEU C 501 33.44 -37.23 -27.26
N ARG C 502 34.04 -37.19 -26.05
CA ARG C 502 33.34 -36.73 -24.86
C ARG C 502 32.92 -35.27 -25.00
N ALA C 503 33.78 -34.44 -25.59
CA ALA C 503 33.38 -33.05 -25.80
C ALA C 503 32.19 -32.97 -26.75
N ARG C 504 32.19 -33.79 -27.81
CA ARG C 504 31.05 -33.75 -28.71
C ARG C 504 29.80 -34.34 -28.05
N GLN C 505 29.95 -35.36 -27.23
CA GLN C 505 28.79 -35.92 -26.55
C GLN C 505 28.16 -34.89 -25.61
N MET C 506 28.99 -34.13 -24.90
CA MET C 506 28.45 -33.05 -24.07
C MET C 506 27.68 -32.05 -24.93
N ARG C 507 28.26 -31.65 -26.06
CA ARG C 507 27.54 -30.74 -26.96
C ARG C 507 26.22 -31.36 -27.42
N ASN C 508 26.26 -32.64 -27.79
CA ASN C 508 25.05 -33.32 -28.26
C ASN C 508 23.93 -33.19 -27.23
N PHE C 509 24.26 -33.44 -25.96
CA PHE C 509 23.27 -33.40 -24.89
C PHE C 509 22.67 -32.02 -24.73
N LEU C 510 23.53 -30.99 -24.64
CA LEU C 510 23.05 -29.63 -24.43
C LEU C 510 22.22 -29.14 -25.61
N ALA C 511 22.67 -29.46 -26.83
CA ALA C 511 21.94 -29.03 -28.02
C ALA C 511 20.59 -29.70 -28.09
N THR C 512 20.52 -31.00 -27.78
CA THR C 512 19.23 -31.67 -27.78
C THR C 512 18.26 -31.01 -26.81
N LEU C 513 18.72 -30.77 -25.57
CA LEU C 513 17.88 -30.14 -24.55
C LEU C 513 17.33 -28.80 -25.03
N MET C 514 18.22 -27.95 -25.57
CA MET C 514 17.82 -26.62 -26.00
C MET C 514 16.97 -26.61 -27.27
N LEU C 515 16.83 -27.73 -27.97
CA LEU C 515 15.98 -27.79 -29.15
C LEU C 515 14.65 -28.48 -28.88
N SER C 516 14.45 -29.00 -27.67
CA SER C 516 13.26 -29.75 -27.36
C SER C 516 12.14 -28.84 -26.84
N GLN C 517 10.91 -29.18 -27.21
CA GLN C 517 9.75 -28.52 -26.63
C GLN C 517 9.70 -28.75 -25.13
N GLY C 518 9.18 -27.76 -24.41
CA GLY C 518 9.11 -27.81 -22.96
C GLY C 518 9.94 -26.75 -22.27
N VAL C 519 10.34 -27.04 -21.03
CA VAL C 519 11.08 -26.07 -20.22
C VAL C 519 12.41 -26.71 -19.86
N PRO C 520 13.53 -26.26 -20.43
CA PRO C 520 14.80 -26.91 -20.12
C PRO C 520 15.37 -26.44 -18.80
N MET C 521 16.08 -27.37 -18.14
CA MET C 521 16.82 -27.06 -16.92
C MET C 521 18.27 -27.53 -17.05
N LEU C 522 19.21 -26.63 -16.74
CA LEU C 522 20.63 -26.92 -16.62
C LEU C 522 21.03 -27.24 -15.18
N SER C 523 22.09 -28.04 -15.02
CA SER C 523 22.77 -28.24 -13.74
C SER C 523 23.95 -27.29 -13.64
N HIS C 524 24.07 -26.61 -12.50
CA HIS C 524 25.17 -25.67 -12.28
C HIS C 524 26.51 -26.37 -12.48
N GLY C 525 27.38 -25.71 -13.23
CA GLY C 525 28.67 -26.24 -13.55
C GLY C 525 28.76 -27.00 -14.86
N ASP C 526 27.62 -27.35 -15.47
CA ASP C 526 27.69 -28.10 -16.73
C ASP C 526 28.22 -27.23 -17.86
N GLU C 527 28.06 -25.90 -17.76
CA GLU C 527 28.65 -25.01 -18.75
C GLU C 527 30.16 -24.95 -18.63
N PHE C 528 30.71 -25.41 -17.52
CA PHE C 528 32.15 -25.56 -17.35
C PHE C 528 32.61 -26.99 -17.49
N GLY C 529 31.69 -27.95 -17.65
CA GLY C 529 32.07 -29.35 -17.62
C GLY C 529 32.52 -29.82 -16.25
N ARG C 530 31.77 -29.45 -15.21
CA ARG C 530 32.08 -29.88 -13.86
C ARG C 530 32.07 -31.41 -13.74
N THR C 531 32.92 -31.92 -12.86
CA THR C 531 32.94 -33.34 -12.55
C THR C 531 32.87 -33.53 -11.05
N GLN C 532 32.32 -34.66 -10.63
CA GLN C 532 32.39 -35.11 -9.24
C GLN C 532 33.22 -36.39 -9.11
N GLY C 533 34.19 -36.57 -10.00
CA GLY C 533 35.05 -37.74 -9.96
C GLY C 533 34.32 -39.05 -10.11
N GLY C 534 33.11 -39.05 -10.70
CA GLY C 534 32.31 -40.24 -10.82
C GLY C 534 31.32 -40.48 -9.70
N ASN C 535 31.36 -39.65 -8.65
CA ASN C 535 30.35 -39.68 -7.60
C ASN C 535 29.01 -39.18 -8.15
N ASN C 536 27.99 -40.04 -8.15
CA ASN C 536 26.68 -39.69 -8.69
C ASN C 536 25.64 -39.38 -7.60
N ASN C 537 26.04 -39.41 -6.33
CA ASN C 537 25.14 -39.00 -5.25
C ASN C 537 25.93 -38.26 -4.16
N ALA C 538 26.23 -36.98 -4.41
CA ALA C 538 27.22 -36.28 -3.62
C ALA C 538 26.58 -35.43 -2.51
N TYR C 539 25.46 -35.90 -1.94
CA TYR C 539 24.74 -35.16 -0.91
C TYR C 539 25.56 -34.87 0.34
N CYS C 540 26.61 -35.62 0.62
CA CYS C 540 27.35 -35.39 1.85
C CYS C 540 28.77 -34.91 1.57
N GLN C 541 29.01 -34.32 0.40
CA GLN C 541 30.36 -33.95 -0.02
C GLN C 541 30.45 -32.42 -0.14
N ASP C 542 30.69 -31.76 0.99
CA ASP C 542 30.91 -30.31 1.05
C ASP C 542 32.42 -30.07 0.96
N ASN C 543 32.92 -30.15 -0.26
CA ASN C 543 34.35 -30.11 -0.58
C ASN C 543 34.46 -29.92 -2.10
N GLU C 544 35.67 -30.14 -2.62
CA GLU C 544 35.93 -29.91 -4.03
C GLU C 544 35.27 -30.95 -4.95
N VAL C 545 34.67 -32.02 -4.40
CA VAL C 545 33.87 -32.92 -5.23
C VAL C 545 32.69 -32.19 -5.82
N SER C 546 32.11 -31.24 -5.07
CA SER C 546 30.86 -30.61 -5.43
C SER C 546 30.99 -29.17 -5.91
N TRP C 547 31.95 -28.41 -5.37
CA TRP C 547 32.00 -26.99 -5.64
C TRP C 547 32.35 -26.73 -7.10
N VAL C 548 31.78 -25.67 -7.65
CA VAL C 548 32.02 -25.35 -9.05
C VAL C 548 33.44 -24.80 -9.19
N ARG C 549 34.28 -25.49 -9.96
CA ARG C 549 35.59 -24.94 -10.30
C ARG C 549 35.42 -23.89 -11.38
N TRP C 550 35.88 -22.64 -11.12
CA TRP C 550 35.62 -21.65 -12.14
C TRP C 550 36.81 -21.54 -13.07
N PRO C 551 36.61 -21.17 -14.33
CA PRO C 551 37.68 -21.29 -15.32
C PRO C 551 38.71 -20.19 -15.15
N LYS C 552 39.85 -20.39 -15.79
CA LYS C 552 40.96 -19.43 -15.73
C LYS C 552 41.25 -18.87 -17.13
N SER C 555 40.52 -21.57 -18.73
CA SER C 555 41.12 -22.47 -19.70
C SER C 555 40.43 -22.39 -21.06
N GLU C 556 40.85 -23.29 -21.97
CA GLU C 556 40.48 -23.31 -23.39
C GLU C 556 39.28 -24.19 -23.69
N ALA C 557 39.35 -25.47 -23.26
CA ALA C 557 38.30 -26.42 -23.57
C ALA C 557 36.99 -26.06 -22.87
N GLU C 558 37.11 -25.61 -21.62
CA GLU C 558 35.95 -25.18 -20.85
C GLU C 558 35.33 -23.90 -21.43
N ALA C 559 36.14 -23.03 -22.06
CA ALA C 559 35.57 -21.84 -22.71
C ALA C 559 34.85 -22.18 -24.00
N THR C 560 35.21 -23.29 -24.66
CA THR C 560 34.47 -23.75 -25.83
C THR C 560 33.12 -24.32 -25.42
N LEU C 561 33.08 -25.15 -24.38
CA LEU C 561 31.80 -25.61 -23.86
C LEU C 561 30.95 -24.43 -23.37
N LEU C 562 31.58 -23.44 -22.72
CA LEU C 562 30.81 -22.31 -22.21
C LEU C 562 30.18 -21.51 -23.35
N ARG C 563 30.97 -21.19 -24.39
CA ARG C 563 30.42 -20.40 -25.49
C ARG C 563 29.33 -21.17 -26.24
N PHE C 564 29.48 -22.48 -26.33
CA PHE C 564 28.46 -23.32 -26.97
C PHE C 564 27.17 -23.34 -26.16
N THR C 565 27.27 -23.52 -24.84
CA THR C 565 26.07 -23.50 -24.00
C THR C 565 25.37 -22.16 -24.08
N ARG C 566 26.13 -21.06 -23.95
CA ARG C 566 25.56 -19.72 -24.11
C ARG C 566 24.80 -19.61 -25.42
N SER C 567 25.46 -19.98 -26.52
CA SER C 567 24.90 -19.76 -27.86
C SER C 567 23.67 -20.64 -28.11
N MET C 568 23.65 -21.88 -27.59
CA MET C 568 22.45 -22.72 -27.74
C MET C 568 21.26 -22.12 -26.99
N VAL C 569 21.47 -21.66 -25.76
CA VAL C 569 20.41 -20.93 -25.06
C VAL C 569 19.98 -19.72 -25.88
N ARG C 570 20.94 -19.03 -26.49
CA ARG C 570 20.60 -17.88 -27.34
C ARG C 570 19.77 -18.29 -28.56
N LEU C 571 20.16 -19.38 -29.22
CA LEU C 571 19.40 -19.88 -30.37
C LEU C 571 17.97 -20.21 -29.98
N ARG C 572 17.79 -20.90 -28.85
CA ARG C 572 16.44 -21.17 -28.34
C ARG C 572 15.68 -19.88 -28.03
N ARG C 573 16.34 -18.91 -27.38
CA ARG C 573 15.66 -17.66 -27.05
C ARG C 573 15.25 -16.88 -28.30
N GLU C 574 16.01 -16.96 -29.37
CA GLU C 574 15.75 -16.16 -30.57
C GLU C 574 14.80 -16.83 -31.56
N HIS C 575 14.34 -18.05 -31.31
CA HIS C 575 13.49 -18.78 -32.26
C HIS C 575 12.28 -19.44 -31.59
N PRO C 576 11.08 -18.87 -31.73
CA PRO C 576 9.93 -19.39 -30.96
C PRO C 576 9.53 -20.81 -31.31
N VAL C 577 9.86 -21.30 -32.51
CA VAL C 577 9.46 -22.63 -32.96
C VAL C 577 9.97 -23.72 -32.03
N PHE C 578 11.03 -23.46 -31.26
CA PHE C 578 11.58 -24.43 -30.32
C PHE C 578 10.89 -24.43 -28.96
N ARG C 579 10.03 -23.45 -28.68
CA ARG C 579 9.40 -23.29 -27.36
C ARG C 579 7.91 -22.96 -27.53
N ARG C 580 7.21 -23.84 -28.25
CA ARG C 580 5.79 -23.63 -28.56
C ARG C 580 4.90 -23.81 -27.33
N ARG C 581 3.70 -23.24 -27.41
CA ARG C 581 2.69 -23.34 -26.36
C ARG C 581 1.61 -24.37 -26.67
N ARG C 582 1.61 -24.93 -27.87
CA ARG C 582 0.75 -26.05 -28.24
C ARG C 582 1.65 -27.19 -28.70
N PHE C 583 1.11 -28.41 -28.70
CA PHE C 583 1.83 -29.50 -29.33
C PHE C 583 1.76 -29.35 -30.82
N PHE C 584 2.68 -30.03 -31.51
CA PHE C 584 2.70 -29.94 -32.97
C PHE C 584 1.48 -30.64 -33.57
N HIS C 585 0.92 -30.00 -34.60
CA HIS C 585 -0.32 -30.49 -35.23
C HIS C 585 -0.11 -31.74 -36.07
N GLY C 586 1.09 -31.96 -36.60
CA GLY C 586 1.27 -33.03 -37.57
C GLY C 586 0.71 -32.65 -38.93
N ARG C 587 0.51 -33.66 -39.77
CA ARG C 587 -0.09 -33.43 -41.08
C ARG C 587 -1.61 -33.36 -40.95
N PRO C 588 -2.24 -32.31 -41.47
CA PRO C 588 -3.70 -32.18 -41.33
C PRO C 588 -4.44 -32.92 -42.44
N VAL C 589 -5.43 -33.72 -42.12
CA VAL C 589 -6.13 -34.44 -43.18
C VAL C 589 -7.58 -33.95 -43.34
N LEU C 596 -1.49 -26.24 -43.39
CA LEU C 596 -0.04 -26.18 -43.21
C LEU C 596 0.50 -27.34 -42.37
N THR C 597 1.67 -27.87 -42.76
CA THR C 597 2.29 -28.99 -42.07
C THR C 597 3.41 -28.44 -41.17
N ASP C 598 3.23 -28.56 -39.86
CA ASP C 598 4.13 -27.84 -38.97
C ASP C 598 5.32 -28.66 -38.51
N ILE C 599 5.27 -29.99 -38.60
CA ILE C 599 6.42 -30.84 -38.31
C ILE C 599 6.45 -31.99 -39.32
N ALA C 600 7.66 -32.46 -39.67
CA ALA C 600 7.79 -33.59 -40.57
C ALA C 600 9.04 -34.38 -40.23
N TRP C 601 8.99 -35.69 -40.53
CA TRP C 601 10.02 -36.64 -40.13
C TRP C 601 10.61 -37.33 -41.37
N PHE C 602 11.92 -37.23 -41.53
CA PHE C 602 12.60 -37.72 -42.72
C PHE C 602 13.74 -38.69 -42.39
N THR C 603 14.00 -39.61 -43.33
CA THR C 603 15.17 -40.47 -43.24
C THR C 603 16.43 -39.66 -43.60
N PRO C 604 17.61 -40.19 -43.27
CA PRO C 604 18.86 -39.56 -43.73
C PRO C 604 18.88 -39.30 -45.23
N GLU C 605 18.25 -40.17 -46.01
CA GLU C 605 18.17 -40.03 -47.46
C GLU C 605 17.16 -38.98 -47.91
N GLY C 606 16.35 -38.44 -47.01
CA GLY C 606 15.42 -37.38 -47.36
C GLY C 606 14.03 -37.82 -47.75
N GLU C 607 13.61 -39.02 -47.36
CA GLU C 607 12.23 -39.45 -47.54
C GLU C 607 11.47 -39.39 -46.22
N GLU C 608 10.19 -39.08 -46.31
CA GLU C 608 9.33 -39.13 -45.14
C GLU C 608 9.21 -40.56 -44.62
N MET C 609 9.07 -40.71 -43.31
CA MET C 609 9.08 -42.04 -42.70
C MET C 609 7.68 -42.63 -42.61
N THR C 610 7.63 -43.96 -42.44
CA THR C 610 6.42 -44.77 -42.30
C THR C 610 6.28 -45.26 -40.87
N SER C 611 5.11 -45.82 -40.58
CA SER C 611 5.03 -46.73 -39.45
C SER C 611 6.09 -47.81 -39.59
N ARG C 612 6.35 -48.25 -40.83
CA ARG C 612 7.32 -49.30 -41.07
C ARG C 612 8.75 -48.84 -40.74
N ASP C 613 9.12 -47.63 -41.19
CA ASP C 613 10.44 -47.08 -40.89
C ASP C 613 10.68 -46.92 -39.39
N TRP C 614 9.62 -46.68 -38.60
CA TRP C 614 9.78 -46.02 -37.30
C TRP C 614 10.36 -46.91 -36.20
N GLN C 615 9.82 -48.12 -36.02
CA GLN C 615 10.33 -48.98 -34.95
C GLN C 615 11.49 -49.89 -35.37
N ALA C 616 11.87 -49.87 -36.66
CA ALA C 616 12.82 -50.84 -37.21
C ALA C 616 14.12 -50.87 -36.42
N ALA C 617 14.81 -52.00 -36.51
CA ALA C 617 15.96 -52.29 -35.66
C ALA C 617 17.21 -51.52 -36.06
N HIS C 618 17.21 -50.86 -37.21
CA HIS C 618 18.38 -50.17 -37.73
C HIS C 618 18.07 -48.70 -37.99
N ALA C 619 17.27 -48.12 -37.12
CA ALA C 619 16.86 -46.71 -37.21
C ALA C 619 17.54 -45.96 -36.06
N GLN C 620 18.74 -45.44 -36.33
CA GLN C 620 19.45 -44.60 -35.36
C GLN C 620 19.69 -43.19 -35.88
N ALA C 621 19.02 -42.79 -36.95
CA ALA C 621 19.26 -41.50 -37.57
C ALA C 621 17.95 -40.96 -38.13
N LEU C 622 17.84 -39.64 -38.18
CA LEU C 622 16.54 -38.98 -38.29
C LEU C 622 16.73 -37.53 -38.67
N THR C 623 15.80 -37.00 -39.46
CA THR C 623 15.80 -35.60 -39.84
C THR C 623 14.44 -35.03 -39.46
N VAL C 624 14.43 -33.91 -38.73
CA VAL C 624 13.23 -33.29 -38.20
C VAL C 624 13.02 -31.96 -38.91
N PHE C 625 11.90 -31.79 -39.56
CA PHE C 625 11.54 -30.51 -40.13
C PHE C 625 10.61 -29.78 -39.17
N LEU C 626 10.97 -28.54 -38.80
CA LEU C 626 10.13 -27.67 -37.98
C LEU C 626 9.72 -26.46 -38.82
N ASN C 627 8.42 -26.30 -39.03
CA ASN C 627 7.90 -25.24 -39.89
C ASN C 627 7.68 -24.01 -39.02
N GLY C 628 8.60 -23.04 -39.15
CA GLY C 628 8.45 -21.75 -38.49
C GLY C 628 7.25 -20.98 -38.95
N ASN C 629 6.71 -21.33 -40.11
CA ASN C 629 5.57 -20.60 -40.62
C ASN C 629 4.22 -21.17 -40.18
N ALA C 630 4.22 -22.20 -39.35
CA ALA C 630 2.98 -22.86 -38.93
C ALA C 630 2.83 -22.84 -37.42
N ILE C 631 3.26 -21.76 -36.77
CA ILE C 631 3.07 -21.57 -35.33
C ILE C 631 1.72 -20.89 -35.14
N SER C 632 0.76 -21.60 -34.58
CA SER C 632 -0.61 -21.09 -34.57
C SER C 632 -0.97 -20.30 -33.30
N GLU C 633 -0.24 -20.48 -32.20
CA GLU C 633 -0.61 -19.80 -30.95
C GLU C 633 -0.20 -18.33 -31.00
N PRO C 634 -1.08 -17.41 -30.63
CA PRO C 634 -0.76 -15.98 -30.77
C PRO C 634 0.15 -15.49 -29.67
N GLY C 635 0.73 -14.31 -29.91
CA GLY C 635 1.50 -13.62 -28.90
C GLY C 635 0.61 -12.83 -27.96
N THR C 636 1.27 -12.03 -27.11
CA THR C 636 0.58 -11.35 -26.01
C THR C 636 -0.58 -10.48 -26.49
N GLN C 637 -0.46 -9.89 -27.67
CA GLN C 637 -1.47 -8.96 -28.18
C GLN C 637 -2.24 -9.57 -29.35
N GLY C 638 -2.38 -10.89 -29.36
CA GLY C 638 -3.13 -11.60 -30.37
C GLY C 638 -2.45 -11.73 -31.71
N GLU C 639 -1.23 -11.21 -31.86
CA GLU C 639 -0.54 -11.19 -33.14
C GLU C 639 -0.03 -12.58 -33.53
N ARG C 640 0.18 -12.75 -34.83
CA ARG C 640 0.76 -14.01 -35.29
C ARG C 640 2.24 -14.08 -34.94
N ILE C 641 2.68 -15.26 -34.51
CA ILE C 641 4.08 -15.53 -34.20
C ILE C 641 4.71 -16.27 -35.37
N ALA C 642 5.86 -15.76 -35.85
CA ALA C 642 6.58 -16.35 -36.98
C ALA C 642 8.04 -16.59 -36.63
N ASP C 643 8.62 -17.56 -37.33
CA ASP C 643 9.99 -17.97 -37.08
C ASP C 643 10.57 -18.50 -38.39
N ASP C 644 11.90 -18.58 -38.43
CA ASP C 644 12.54 -19.36 -39.49
C ASP C 644 12.16 -20.84 -39.35
N SER C 645 12.47 -21.62 -40.38
CA SER C 645 12.24 -23.05 -40.32
C SER C 645 13.56 -23.80 -40.23
N PHE C 646 13.52 -24.97 -39.59
CA PHE C 646 14.75 -25.66 -39.15
C PHE C 646 14.71 -27.12 -39.55
N LEU C 647 15.87 -27.65 -39.92
CA LEU C 647 16.08 -29.08 -40.10
C LEU C 647 17.06 -29.54 -39.02
N LEU C 648 16.62 -30.48 -38.19
CA LEU C 648 17.44 -31.08 -37.15
C LEU C 648 17.86 -32.46 -37.64
N MET C 649 19.18 -32.66 -37.76
CA MET C 649 19.73 -33.89 -38.32
C MET C 649 20.50 -34.58 -37.22
N PHE C 650 20.00 -35.74 -36.81
CA PHE C 650 20.52 -36.53 -35.71
C PHE C 650 21.23 -37.76 -36.29
N ASN C 651 22.52 -37.84 -36.10
CA ASN C 651 23.25 -39.07 -36.33
C ASN C 651 23.59 -39.67 -34.98
N ALA C 652 22.68 -40.47 -34.45
CA ALA C 652 22.95 -41.25 -33.26
C ALA C 652 23.52 -42.61 -33.59
N SER C 653 23.93 -42.81 -34.84
CA SER C 653 24.62 -44.00 -35.29
C SER C 653 26.10 -43.97 -34.91
N ALA C 654 26.71 -45.14 -34.95
CA ALA C 654 28.13 -45.25 -34.65
C ALA C 654 29.02 -44.98 -35.87
N LYS C 655 28.44 -44.73 -37.05
CA LYS C 655 29.22 -44.47 -38.25
C LYS C 655 28.91 -43.09 -38.82
N GLU C 656 29.87 -42.55 -39.57
CA GLU C 656 29.62 -41.42 -40.46
C GLU C 656 28.44 -41.73 -41.38
N LEU C 657 27.61 -40.73 -41.59
CA LEU C 657 26.39 -40.89 -42.35
C LEU C 657 26.16 -39.66 -43.23
N GLU C 658 25.64 -39.90 -44.42
CA GLU C 658 25.31 -38.86 -45.38
C GLU C 658 23.83 -38.51 -45.29
N PHE C 659 23.54 -37.22 -45.13
CA PHE C 659 22.20 -36.70 -45.05
C PHE C 659 21.86 -35.91 -46.32
N VAL C 660 20.60 -35.99 -46.75
CA VAL C 660 20.10 -35.23 -47.90
C VAL C 660 19.11 -34.20 -47.41
N VAL C 661 19.31 -32.95 -47.79
CA VAL C 661 18.41 -31.87 -47.36
C VAL C 661 17.06 -32.01 -48.06
N PRO C 662 15.98 -32.36 -47.33
CA PRO C 662 14.70 -32.68 -47.99
C PRO C 662 13.91 -31.43 -48.35
N ASP C 663 14.17 -30.85 -49.52
CA ASP C 663 13.56 -29.57 -49.84
C ASP C 663 13.70 -29.30 -51.33
N SER C 664 12.93 -28.33 -51.81
CA SER C 664 13.04 -27.88 -53.20
C SER C 664 14.44 -27.34 -53.49
N HIS C 665 14.89 -27.52 -54.75
CA HIS C 665 16.31 -27.61 -55.05
C HIS C 665 17.00 -26.27 -55.21
N GLY C 666 16.27 -25.18 -55.40
CA GLY C 666 16.94 -23.88 -55.50
C GLY C 666 16.93 -23.07 -54.22
N ARG C 667 16.80 -23.73 -53.06
CA ARG C 667 16.62 -23.07 -51.77
C ARG C 667 17.80 -23.38 -50.86
N TYR C 668 18.46 -22.35 -50.36
CA TYR C 668 19.62 -22.54 -49.49
C TYR C 668 19.21 -22.59 -48.03
N TRP C 669 19.91 -23.42 -47.25
CA TRP C 669 19.77 -23.55 -45.81
C TRP C 669 21.11 -23.26 -45.15
N ARG C 670 21.07 -22.60 -44.00
CA ARG C 670 22.29 -22.21 -43.30
C ARG C 670 22.52 -23.13 -42.12
N MET C 671 23.71 -23.68 -42.02
CA MET C 671 24.05 -24.50 -40.86
C MET C 671 24.29 -23.62 -39.64
N VAL C 672 23.48 -23.82 -38.59
CA VAL C 672 23.63 -23.07 -37.36
C VAL C 672 24.15 -23.92 -36.21
N VAL C 673 24.02 -25.23 -36.28
CA VAL C 673 24.60 -26.14 -35.29
C VAL C 673 25.30 -27.30 -35.99
N ASP C 674 26.51 -27.61 -35.52
CA ASP C 674 27.13 -28.92 -35.80
C ASP C 674 27.97 -29.29 -34.58
N THR C 675 27.48 -30.24 -33.78
CA THR C 675 28.16 -30.60 -32.55
C THR C 675 29.54 -31.20 -32.78
N SER C 676 29.81 -31.75 -33.97
CA SER C 676 31.15 -32.28 -34.21
C SER C 676 32.18 -31.19 -34.44
N ASP C 677 31.77 -29.93 -34.57
CA ASP C 677 32.75 -28.85 -34.72
C ASP C 677 33.46 -28.59 -33.40
N PRO C 678 34.79 -28.70 -33.34
CA PRO C 678 35.50 -28.69 -32.05
C PRO C 678 35.69 -27.31 -31.43
N GLU C 679 35.44 -26.22 -32.16
CA GLU C 679 35.48 -24.89 -31.55
C GLU C 679 34.12 -24.41 -31.08
N GLY C 680 33.05 -25.12 -31.39
CA GLY C 680 31.73 -24.73 -30.96
C GLY C 680 30.97 -24.05 -32.06
N MET C 681 30.09 -24.78 -32.71
CA MET C 681 29.17 -24.20 -33.69
C MET C 681 27.75 -24.46 -33.20
N PRO C 682 27.04 -23.45 -32.70
CA PRO C 682 27.43 -22.04 -32.49
C PRO C 682 28.43 -21.87 -31.35
N PRO C 683 29.15 -20.73 -31.29
CA PRO C 683 28.92 -19.47 -32.02
C PRO C 683 29.71 -19.30 -33.32
N GLN C 684 30.57 -20.26 -33.67
CA GLN C 684 31.20 -20.21 -34.98
C GLN C 684 30.15 -20.19 -36.08
N GLN C 685 30.35 -19.36 -37.09
CA GLN C 685 29.41 -19.34 -38.19
C GLN C 685 29.66 -20.58 -39.07
N GLY C 686 28.60 -21.03 -39.73
CA GLY C 686 28.66 -22.24 -40.50
C GLY C 686 28.30 -22.02 -41.96
N PRO C 687 28.53 -23.05 -42.77
CA PRO C 687 28.30 -22.98 -44.22
C PRO C 687 26.82 -23.08 -44.59
N GLU C 688 26.54 -23.06 -45.89
CA GLU C 688 25.17 -23.16 -46.39
C GLU C 688 25.03 -24.32 -47.39
N LEU C 689 23.79 -24.80 -47.53
CA LEU C 689 23.46 -25.97 -48.34
C LEU C 689 22.15 -25.74 -49.07
N ALA C 690 22.04 -26.31 -50.26
CA ALA C 690 20.78 -26.20 -51.01
C ALA C 690 19.97 -27.48 -50.86
N GLY C 691 18.66 -27.35 -51.08
CA GLY C 691 17.78 -28.50 -51.07
C GLY C 691 18.33 -29.58 -51.98
N GLY C 692 18.42 -30.81 -51.49
CA GLY C 692 18.88 -31.93 -52.28
C GLY C 692 20.35 -32.25 -52.14
N GLU C 693 21.14 -31.32 -51.65
CA GLU C 693 22.57 -31.55 -51.47
C GLU C 693 22.83 -32.38 -50.23
N ARG C 694 23.96 -33.09 -50.26
CA ARG C 694 24.32 -34.01 -49.20
C ARG C 694 25.27 -33.34 -48.23
N VAL C 695 25.12 -33.66 -46.95
CA VAL C 695 26.09 -33.28 -45.94
C VAL C 695 26.37 -34.50 -45.09
N THR C 696 27.63 -34.66 -44.73
CA THR C 696 28.08 -35.80 -43.95
C THR C 696 28.08 -35.40 -42.48
N LEU C 697 27.52 -36.25 -41.63
CA LEU C 697 27.53 -36.07 -40.17
C LEU C 697 28.45 -37.11 -39.58
N ALA C 698 29.26 -36.69 -38.61
CA ALA C 698 30.10 -37.63 -37.90
C ALA C 698 29.22 -38.57 -37.07
N PRO C 699 29.75 -39.70 -36.64
CA PRO C 699 28.97 -40.55 -35.74
C PRO C 699 28.71 -39.81 -34.44
N LEU C 700 27.55 -40.08 -33.83
CA LEU C 700 27.13 -39.41 -32.59
C LEU C 700 27.26 -37.89 -32.71
N SER C 701 26.44 -37.32 -33.59
CA SER C 701 26.61 -35.94 -33.97
C SER C 701 25.25 -35.38 -34.31
N LEU C 702 25.11 -34.07 -34.19
CA LEU C 702 23.86 -33.40 -34.42
C LEU C 702 24.10 -32.17 -35.27
N THR C 703 23.31 -31.98 -36.30
CA THR C 703 23.46 -30.83 -37.17
C THR C 703 22.11 -30.16 -37.35
N VAL C 704 22.10 -28.83 -37.40
CA VAL C 704 20.88 -28.05 -37.50
C VAL C 704 21.03 -27.02 -38.60
N LEU C 705 20.05 -26.97 -39.52
CA LEU C 705 20.04 -26.06 -40.65
C LEU C 705 18.83 -25.14 -40.54
N ARG C 706 18.98 -23.92 -41.04
CA ARG C 706 18.05 -22.81 -40.84
C ARG C 706 17.69 -22.21 -42.20
N ARG C 707 16.39 -22.05 -42.46
CA ARG C 707 15.96 -21.34 -43.66
C ARG C 707 15.00 -20.22 -43.28
N PRO C 708 15.12 -19.06 -43.92
CA PRO C 708 14.07 -18.03 -43.85
C PRO C 708 12.71 -18.51 -44.41
N MET D 4 -12.83 -6.77 -34.03
CA MET D 4 -12.91 -7.22 -32.64
C MET D 4 -11.58 -7.87 -32.21
N GLN D 5 -10.82 -7.14 -31.38
CA GLN D 5 -9.52 -7.60 -30.92
C GLN D 5 -9.67 -8.57 -29.76
N VAL D 6 -8.92 -9.68 -29.79
CA VAL D 6 -8.96 -10.70 -28.75
C VAL D 6 -7.54 -11.09 -28.40
N TRP D 7 -7.14 -10.81 -27.18
CA TRP D 7 -5.83 -11.26 -26.76
C TRP D 7 -5.95 -12.53 -25.96
N PRO D 8 -4.87 -13.33 -25.90
CA PRO D 8 -4.93 -14.57 -25.11
C PRO D 8 -5.24 -14.32 -23.64
N GLY D 9 -4.64 -13.32 -23.03
CA GLY D 9 -5.00 -12.98 -21.66
C GLY D 9 -4.43 -13.91 -20.59
N GLN D 10 -5.19 -14.10 -19.52
CA GLN D 10 -4.71 -14.76 -18.32
C GLN D 10 -5.81 -15.68 -17.79
N ALA D 11 -5.41 -16.82 -17.22
CA ALA D 11 -6.36 -17.75 -16.62
C ALA D 11 -6.73 -17.38 -15.19
N TYR D 12 -6.20 -16.25 -14.68
CA TYR D 12 -6.36 -15.87 -13.28
C TYR D 12 -6.40 -14.35 -13.17
N PRO D 13 -7.26 -13.78 -12.31
CA PRO D 13 -8.23 -14.57 -11.55
C PRO D 13 -9.44 -14.95 -12.40
N LEU D 14 -10.27 -15.81 -11.84
CA LEU D 14 -11.48 -16.25 -12.50
C LEU D 14 -12.50 -15.14 -12.56
N GLY D 15 -13.34 -15.18 -13.58
CA GLY D 15 -14.35 -14.17 -13.78
C GLY D 15 -13.92 -13.11 -14.78
N ALA D 16 -14.55 -11.93 -14.64
CA ALA D 16 -14.33 -10.78 -15.51
C ALA D 16 -13.55 -9.73 -14.74
N THR D 17 -12.28 -9.53 -15.10
CA THR D 17 -11.39 -8.62 -14.40
C THR D 17 -11.04 -7.43 -15.31
N TYR D 18 -11.54 -6.25 -14.93
CA TYR D 18 -11.32 -5.02 -15.67
C TYR D 18 -10.03 -4.35 -15.19
N ASP D 19 -9.19 -3.97 -16.13
CA ASP D 19 -7.90 -3.38 -15.78
C ASP D 19 -7.74 -1.93 -16.20
N GLY D 20 -8.71 -1.35 -16.91
CA GLY D 20 -8.64 0.03 -17.36
C GLY D 20 -8.59 0.21 -18.87
N ALA D 21 -8.02 -0.76 -19.58
CA ALA D 21 -8.00 -0.71 -21.05
C ALA D 21 -8.85 -1.80 -21.67
N GLY D 22 -9.42 -2.67 -20.85
CA GLY D 22 -10.12 -3.84 -21.33
C GLY D 22 -10.36 -4.79 -20.18
N THR D 23 -10.99 -5.91 -20.51
CA THR D 23 -11.43 -6.85 -19.50
C THR D 23 -10.93 -8.24 -19.86
N ASN D 24 -10.31 -8.89 -18.88
CA ASN D 24 -9.92 -10.29 -18.95
C ASN D 24 -11.07 -11.17 -18.47
N PHE D 25 -11.34 -12.26 -19.18
CA PHE D 25 -12.37 -13.22 -18.79
C PHE D 25 -11.73 -14.58 -18.61
N ALA D 26 -12.00 -15.23 -17.47
CA ALA D 26 -11.60 -16.61 -17.25
C ALA D 26 -12.77 -17.41 -16.66
N VAL D 27 -13.02 -18.60 -17.23
CA VAL D 27 -14.06 -19.50 -16.74
C VAL D 27 -13.57 -20.96 -16.80
N PHE D 28 -13.76 -21.69 -15.71
CA PHE D 28 -13.29 -23.07 -15.64
C PHE D 28 -14.34 -24.02 -16.19
N SER D 29 -13.89 -25.04 -16.91
CA SER D 29 -14.78 -26.12 -17.31
C SER D 29 -14.00 -27.34 -17.79
N GLU D 30 -14.07 -28.43 -17.04
CA GLU D 30 -13.38 -29.65 -17.48
C GLU D 30 -14.17 -30.42 -18.52
N ALA D 31 -15.40 -30.03 -18.78
CA ALA D 31 -16.28 -30.78 -19.67
C ALA D 31 -16.39 -30.16 -21.05
N ALA D 32 -15.93 -28.93 -21.21
CA ALA D 32 -16.22 -28.14 -22.40
C ALA D 32 -15.33 -28.53 -23.58
N HIS D 33 -15.95 -28.66 -24.75
CA HIS D 33 -15.17 -28.77 -25.98
C HIS D 33 -14.74 -27.39 -26.45
N ARG D 34 -15.64 -26.41 -26.37
CA ARG D 34 -15.36 -25.02 -26.68
C ARG D 34 -16.23 -24.16 -25.78
N ILE D 35 -15.74 -22.98 -25.42
CA ILE D 35 -16.53 -22.02 -24.67
C ILE D 35 -16.53 -20.69 -25.40
N GLU D 36 -17.71 -20.11 -25.61
CA GLU D 36 -17.86 -18.81 -26.23
C GLU D 36 -18.22 -17.78 -25.16
N LEU D 37 -17.47 -16.69 -25.13
CA LEU D 37 -17.91 -15.49 -24.43
C LEU D 37 -18.88 -14.71 -25.30
N CYS D 38 -20.03 -14.37 -24.73
CA CYS D 38 -21.11 -13.70 -25.46
C CYS D 38 -21.24 -12.30 -24.87
N LEU D 39 -20.87 -11.27 -25.63
CA LEU D 39 -21.07 -9.90 -25.19
C LEU D 39 -22.46 -9.44 -25.63
N LEU D 40 -23.27 -8.99 -24.68
CA LEU D 40 -24.67 -8.67 -24.95
C LEU D 40 -24.84 -7.18 -25.20
N HIS D 41 -25.77 -6.85 -26.10
CA HIS D 41 -26.05 -5.47 -26.44
C HIS D 41 -27.44 -5.10 -25.94
N ASP D 42 -27.67 -3.80 -25.78
CA ASP D 42 -28.93 -3.36 -25.16
C ASP D 42 -30.14 -3.81 -25.97
N ASP D 43 -29.97 -4.04 -27.27
CA ASP D 43 -31.05 -4.50 -28.11
C ASP D 43 -31.14 -6.01 -28.21
N GLY D 44 -30.54 -6.74 -27.26
CA GLY D 44 -30.66 -8.18 -27.20
C GLY D 44 -29.75 -8.99 -28.11
N SER D 45 -28.98 -8.34 -28.98
CA SER D 45 -28.06 -9.07 -29.84
C SER D 45 -26.77 -9.40 -29.09
N GLU D 46 -26.01 -10.36 -29.64
CA GLU D 46 -24.78 -10.86 -29.03
C GLU D 46 -23.62 -10.82 -30.01
N THR D 47 -22.44 -10.51 -29.50
CA THR D 47 -21.20 -10.76 -30.21
C THR D 47 -20.50 -11.91 -29.49
N ALA D 48 -20.27 -13.00 -30.22
CA ALA D 48 -19.63 -14.19 -29.67
C ALA D 48 -18.14 -14.11 -29.92
N VAL D 49 -17.37 -14.63 -28.98
CA VAL D 49 -15.91 -14.60 -29.03
C VAL D 49 -15.44 -15.89 -28.40
N GLU D 50 -14.71 -16.70 -29.15
CA GLU D 50 -14.26 -17.95 -28.55
C GLU D 50 -13.18 -17.64 -27.52
N LEU D 51 -13.36 -18.19 -26.32
CA LEU D 51 -12.29 -18.26 -25.33
C LEU D 51 -11.42 -19.45 -25.71
N ARG D 52 -10.37 -19.17 -26.50
CA ARG D 52 -9.56 -20.20 -27.16
C ARG D 52 -8.43 -20.71 -26.24
N GLU D 53 -7.68 -19.80 -25.62
CA GLU D 53 -6.63 -20.20 -24.68
C GLU D 53 -7.20 -21.00 -23.50
N THR D 54 -6.56 -22.13 -23.20
CA THR D 54 -7.00 -23.00 -22.12
C THR D 54 -5.82 -23.39 -21.23
N ASP D 55 -5.95 -23.19 -19.92
CA ASP D 55 -4.91 -23.62 -19.00
C ASP D 55 -5.55 -24.24 -17.78
N ALA D 56 -5.22 -25.51 -17.54
CA ALA D 56 -5.77 -26.28 -16.41
C ALA D 56 -7.29 -26.26 -16.47
N PHE D 57 -7.81 -26.39 -17.70
CA PHE D 57 -9.24 -26.42 -18.01
C PHE D 57 -9.92 -25.08 -17.70
N VAL D 58 -9.16 -23.99 -17.67
CA VAL D 58 -9.71 -22.65 -17.55
C VAL D 58 -9.52 -21.95 -18.88
N ARG D 59 -10.63 -21.62 -19.53
CA ARG D 59 -10.57 -20.88 -20.79
C ARG D 59 -10.62 -19.38 -20.54
N HIS D 60 -9.85 -18.63 -21.32
CA HIS D 60 -9.70 -17.22 -21.03
C HIS D 60 -9.33 -16.48 -22.31
N ALA D 61 -9.55 -15.17 -22.24
CA ALA D 61 -9.15 -14.21 -23.26
C ALA D 61 -9.26 -12.85 -22.63
N TYR D 62 -8.46 -11.91 -23.11
CA TYR D 62 -8.55 -10.52 -22.71
C TYR D 62 -9.06 -9.71 -23.88
N LEU D 63 -10.06 -8.87 -23.64
CA LEU D 63 -10.67 -8.10 -24.72
C LEU D 63 -10.46 -6.61 -24.46
N PRO D 64 -9.49 -5.98 -25.14
CA PRO D 64 -9.32 -4.53 -24.98
C PRO D 64 -10.60 -3.83 -25.40
N GLY D 65 -10.91 -2.73 -24.71
CA GLY D 65 -12.08 -1.95 -25.01
C GLY D 65 -13.35 -2.37 -24.30
N VAL D 66 -13.40 -3.59 -23.75
CA VAL D 66 -14.59 -4.01 -23.00
C VAL D 66 -14.56 -3.34 -21.61
N MET D 67 -15.62 -2.62 -21.29
CA MET D 67 -15.70 -1.68 -20.18
C MET D 67 -16.69 -2.15 -19.12
N PRO D 68 -16.52 -1.69 -17.88
CA PRO D 68 -17.56 -1.92 -16.85
C PRO D 68 -18.94 -1.56 -17.35
N GLY D 69 -19.92 -2.36 -16.94
CA GLY D 69 -21.26 -2.20 -17.46
C GLY D 69 -21.57 -3.08 -18.65
N GLN D 70 -20.58 -3.80 -19.15
CA GLN D 70 -20.82 -4.76 -20.21
C GLN D 70 -21.58 -5.95 -19.66
N ARG D 71 -22.76 -6.22 -20.23
CA ARG D 71 -23.44 -7.48 -19.93
C ARG D 71 -22.83 -8.60 -20.76
N TYR D 72 -22.57 -9.73 -20.11
CA TYR D 72 -21.95 -10.85 -20.79
C TYR D 72 -22.48 -12.16 -20.22
N GLY D 73 -22.18 -13.26 -20.91
CA GLY D 73 -22.44 -14.61 -20.45
C GLY D 73 -21.60 -15.60 -21.22
N PHE D 74 -21.73 -16.88 -20.85
CA PHE D 74 -20.98 -17.95 -21.49
C PHE D 74 -21.90 -18.96 -22.15
N ARG D 75 -21.49 -19.43 -23.33
CA ARG D 75 -22.13 -20.56 -24.00
C ARG D 75 -21.11 -21.68 -24.12
N VAL D 76 -21.42 -22.84 -23.55
CA VAL D 76 -20.52 -23.97 -23.52
C VAL D 76 -20.97 -24.96 -24.57
N HIS D 77 -20.06 -25.29 -25.49
CA HIS D 77 -20.21 -26.41 -26.39
C HIS D 77 -19.54 -27.62 -25.75
N GLY D 78 -20.31 -28.64 -25.46
CA GLY D 78 -19.82 -29.80 -24.76
C GLY D 78 -20.84 -30.90 -24.89
N PRO D 79 -20.59 -32.04 -24.28
CA PRO D 79 -21.52 -33.16 -24.40
C PRO D 79 -22.79 -32.93 -23.59
N TYR D 80 -23.92 -33.31 -24.18
CA TYR D 80 -25.18 -33.45 -23.46
C TYR D 80 -25.45 -34.94 -23.33
N ALA D 81 -25.06 -35.48 -22.17
CA ALA D 81 -25.21 -36.91 -21.88
C ALA D 81 -25.54 -37.07 -20.40
N PRO D 82 -26.80 -36.87 -20.01
CA PRO D 82 -27.16 -37.00 -18.58
C PRO D 82 -26.80 -38.34 -17.96
N GLU D 83 -26.77 -39.44 -18.74
CA GLU D 83 -26.38 -40.72 -18.16
C GLU D 83 -24.91 -40.73 -17.74
N ARG D 84 -24.12 -39.75 -18.19
CA ARG D 84 -22.76 -39.54 -17.70
C ARG D 84 -22.66 -38.29 -16.83
N GLY D 85 -23.79 -37.68 -16.50
CA GLY D 85 -23.76 -36.47 -15.68
C GLY D 85 -23.34 -35.22 -16.41
N LEU D 86 -23.34 -35.24 -17.74
CA LEU D 86 -22.91 -34.10 -18.55
C LEU D 86 -24.14 -33.42 -19.13
N ARG D 87 -24.26 -32.10 -18.90
CA ARG D 87 -25.47 -31.39 -19.31
C ARG D 87 -25.14 -30.08 -20.01
N CYS D 88 -24.06 -30.08 -20.79
CA CYS D 88 -23.67 -28.90 -21.54
C CYS D 88 -24.65 -28.67 -22.68
N ASN D 89 -25.05 -27.41 -22.86
CA ASN D 89 -26.12 -27.04 -23.78
C ASN D 89 -25.78 -25.64 -24.28
N ALA D 90 -25.28 -25.54 -25.52
CA ALA D 90 -24.84 -24.27 -26.08
C ALA D 90 -25.97 -23.23 -26.19
N ALA D 91 -27.24 -23.66 -26.18
CA ALA D 91 -28.36 -22.74 -26.28
C ALA D 91 -28.63 -22.00 -24.97
N LYS D 92 -28.06 -22.45 -23.87
CA LYS D 92 -28.28 -21.78 -22.59
C LYS D 92 -27.20 -20.72 -22.43
N LEU D 93 -27.63 -19.48 -22.26
CA LEU D 93 -26.72 -18.37 -21.97
C LEU D 93 -26.39 -18.42 -20.48
N LEU D 94 -25.20 -18.88 -20.14
CA LEU D 94 -24.88 -19.20 -18.74
C LEU D 94 -24.30 -18.01 -18.00
N LEU D 95 -24.65 -17.96 -16.72
CA LEU D 95 -24.11 -16.99 -15.78
C LEU D 95 -22.66 -17.28 -15.44
N ASP D 96 -21.84 -16.26 -15.42
CA ASP D 96 -20.50 -16.40 -14.86
C ASP D 96 -20.62 -16.66 -13.35
N PRO D 97 -20.23 -17.84 -12.85
CA PRO D 97 -20.35 -18.08 -11.41
C PRO D 97 -19.48 -17.16 -10.57
N TYR D 98 -18.57 -16.41 -11.18
CA TYR D 98 -17.78 -15.41 -10.46
C TYR D 98 -18.29 -13.98 -10.68
N ALA D 99 -19.49 -13.82 -11.27
CA ALA D 99 -20.05 -12.51 -11.57
C ALA D 99 -20.09 -11.61 -10.35
N ARG D 100 -19.46 -10.43 -10.46
CA ARG D 100 -19.50 -9.46 -9.37
C ARG D 100 -20.81 -8.68 -9.35
N ALA D 101 -21.57 -8.70 -10.44
CA ALA D 101 -22.88 -8.07 -10.51
C ALA D 101 -23.74 -8.89 -11.46
N VAL D 102 -25.02 -9.03 -11.11
CA VAL D 102 -25.99 -9.75 -11.90
C VAL D 102 -27.17 -8.82 -12.15
N SER D 103 -27.57 -8.69 -13.41
CA SER D 103 -28.69 -7.84 -13.79
C SER D 103 -29.86 -8.71 -14.26
N GLY D 104 -31.08 -8.23 -14.02
CA GLY D 104 -32.27 -8.97 -14.37
C GLY D 104 -32.71 -10.02 -13.35
N ARG D 105 -33.79 -10.69 -13.72
CA ARG D 105 -34.40 -11.79 -12.99
C ARG D 105 -34.66 -12.92 -13.97
N VAL D 106 -35.09 -14.06 -13.46
CA VAL D 106 -35.49 -15.15 -14.33
C VAL D 106 -36.93 -14.93 -14.75
N ARG D 107 -37.17 -14.96 -16.07
CA ARG D 107 -38.52 -15.01 -16.63
C ARG D 107 -38.83 -16.48 -16.90
N TRP D 108 -39.70 -17.06 -16.08
CA TRP D 108 -39.87 -18.51 -16.04
C TRP D 108 -40.62 -19.01 -17.25
N GLY D 109 -40.13 -20.11 -17.80
CA GLY D 109 -40.63 -20.69 -19.03
C GLY D 109 -39.71 -21.81 -19.45
N GLU D 110 -40.07 -22.47 -20.55
CA GLU D 110 -39.30 -23.63 -20.96
C GLU D 110 -37.86 -23.27 -21.37
N ALA D 111 -37.60 -22.02 -21.73
CA ALA D 111 -36.30 -21.68 -22.30
C ALA D 111 -35.17 -21.77 -21.27
N VAL D 112 -35.46 -21.52 -19.99
CA VAL D 112 -34.39 -21.57 -18.97
C VAL D 112 -34.08 -22.98 -18.52
N TYR D 113 -34.80 -24.00 -19.02
CA TYR D 113 -34.55 -25.38 -18.64
C TYR D 113 -33.65 -26.05 -19.67
N GLY D 114 -32.76 -26.94 -19.20
CA GLY D 114 -31.82 -27.61 -20.08
C GLY D 114 -32.39 -28.77 -20.86
N TYR D 115 -33.59 -29.23 -20.48
CA TYR D 115 -34.32 -30.34 -21.04
C TYR D 115 -35.71 -29.88 -21.48
N PRO D 116 -36.31 -30.50 -22.49
CA PRO D 116 -37.69 -30.15 -22.85
C PRO D 116 -38.69 -30.70 -21.82
N PHE D 117 -39.77 -29.95 -21.60
CA PHE D 117 -40.59 -30.14 -20.40
C PHE D 117 -41.06 -31.57 -20.18
N GLY D 118 -41.54 -32.25 -21.22
CA GLY D 118 -41.96 -33.61 -20.91
C GLY D 118 -40.91 -34.71 -21.00
N ARG D 119 -39.62 -34.38 -21.15
CA ARG D 119 -38.60 -35.38 -21.50
C ARG D 119 -37.31 -35.09 -20.77
N PRO D 120 -37.19 -35.55 -19.52
CA PRO D 120 -36.11 -35.04 -18.64
C PRO D 120 -34.70 -35.41 -19.09
N ASP D 121 -34.52 -36.47 -19.88
CA ASP D 121 -33.19 -36.86 -20.32
C ASP D 121 -32.81 -36.25 -21.68
N ALA D 122 -33.76 -35.64 -22.41
CA ALA D 122 -33.48 -35.05 -23.70
C ALA D 122 -32.93 -33.63 -23.52
N ARG D 123 -32.59 -32.99 -24.63
CA ARG D 123 -31.97 -31.67 -24.62
C ARG D 123 -32.91 -30.59 -25.14
N ASN D 124 -32.88 -29.44 -24.47
CA ASN D 124 -33.71 -28.28 -24.77
C ASN D 124 -32.90 -27.31 -25.62
N ASP D 125 -33.39 -27.00 -26.82
CA ASP D 125 -32.64 -26.18 -27.76
C ASP D 125 -33.16 -24.74 -27.86
N LEU D 126 -34.01 -24.31 -26.93
CA LEU D 126 -34.42 -22.91 -26.91
C LEU D 126 -33.31 -22.03 -26.34
N ASP D 127 -33.19 -20.84 -26.90
CA ASP D 127 -32.23 -19.88 -26.38
C ASP D 127 -32.75 -19.33 -25.06
N SER D 128 -31.95 -19.40 -24.01
CA SER D 128 -32.40 -18.90 -22.73
C SER D 128 -32.07 -17.43 -22.52
N ALA D 129 -31.27 -16.84 -23.41
CA ALA D 129 -30.84 -15.45 -23.22
C ALA D 129 -31.96 -14.44 -22.94
N PRO D 130 -33.12 -14.49 -23.62
CA PRO D 130 -34.18 -13.51 -23.30
C PRO D 130 -34.70 -13.58 -21.87
N ASP D 131 -34.71 -14.78 -21.28
CA ASP D 131 -35.45 -15.04 -20.04
C ASP D 131 -34.57 -15.22 -18.82
N THR D 132 -33.25 -15.16 -18.95
CA THR D 132 -32.41 -15.43 -17.78
C THR D 132 -31.72 -14.14 -17.29
N MET D 133 -30.95 -14.31 -16.22
CA MET D 133 -30.13 -13.23 -15.69
C MET D 133 -28.83 -13.11 -16.48
N THR D 134 -28.15 -11.99 -16.32
CA THR D 134 -26.90 -11.77 -17.05
C THR D 134 -25.84 -11.24 -16.09
N SER D 135 -24.60 -11.64 -16.36
CA SER D 135 -23.42 -11.15 -15.68
C SER D 135 -23.07 -9.75 -16.17
N VAL D 136 -22.43 -8.96 -15.31
CA VAL D 136 -22.00 -7.60 -15.64
C VAL D 136 -20.57 -7.40 -15.16
N VAL D 137 -19.76 -6.80 -16.02
CA VAL D 137 -18.42 -6.35 -15.63
C VAL D 137 -18.55 -5.17 -14.70
N VAL D 138 -17.84 -5.19 -13.59
CA VAL D 138 -17.82 -4.06 -12.67
C VAL D 138 -16.46 -3.39 -12.67
N ASN D 139 -16.46 -2.10 -12.36
CA ASN D 139 -15.23 -1.39 -12.00
C ASN D 139 -14.99 -1.60 -10.52
N PRO D 140 -13.84 -2.14 -10.10
CA PRO D 140 -13.67 -2.45 -8.67
C PRO D 140 -13.37 -1.26 -7.78
N TYR D 141 -13.27 -0.04 -8.32
CA TYR D 141 -12.79 1.09 -7.54
C TYR D 141 -13.76 1.43 -6.41
N PHE D 142 -13.22 1.71 -5.24
CA PHE D 142 -14.04 2.23 -4.16
C PHE D 142 -13.15 2.83 -3.08
N ASP D 143 -13.48 4.04 -2.66
CA ASP D 143 -12.64 4.80 -1.73
C ASP D 143 -13.14 4.52 -0.32
N TRP D 144 -12.46 3.61 0.38
CA TRP D 144 -12.89 3.27 1.72
C TRP D 144 -12.47 4.31 2.75
N GLY D 145 -11.71 5.33 2.33
CA GLY D 145 -11.22 6.34 3.25
C GLY D 145 -10.52 5.71 4.44
N ASP D 146 -10.90 6.16 5.64
CA ASP D 146 -10.31 5.63 6.87
C ASP D 146 -11.09 4.44 7.41
N ASP D 147 -11.78 3.67 6.56
CA ASP D 147 -12.49 2.48 7.01
C ASP D 147 -11.62 1.62 7.93
N ARG D 148 -12.20 1.20 9.03
CA ARG D 148 -11.55 0.26 9.93
C ARG D 148 -12.57 -0.80 10.34
N ARG D 149 -12.18 -2.05 10.17
CA ARG D 149 -12.97 -3.19 10.62
C ARG D 149 -12.96 -3.19 12.14
N PRO D 150 -14.12 -3.13 12.80
CA PRO D 150 -14.13 -2.94 14.26
C PRO D 150 -13.33 -3.96 15.03
N ARG D 151 -13.23 -5.20 14.54
CA ARG D 151 -12.55 -6.28 15.27
C ARG D 151 -13.05 -6.36 16.72
N THR D 152 -14.37 -6.28 16.89
CA THR D 152 -14.97 -6.43 18.21
C THR D 152 -14.80 -7.85 18.71
N GLU D 153 -14.09 -8.00 19.83
CA GLU D 153 -13.93 -9.30 20.45
C GLU D 153 -15.29 -9.88 20.80
N TYR D 154 -15.36 -11.21 20.85
CA TYR D 154 -16.63 -11.88 21.08
C TYR D 154 -17.22 -11.47 22.43
N HIS D 155 -16.39 -11.24 23.43
CA HIS D 155 -16.92 -10.94 24.74
C HIS D 155 -17.38 -9.51 24.86
N HIS D 156 -17.41 -8.79 23.75
CA HIS D 156 -18.10 -7.52 23.67
C HIS D 156 -19.15 -7.53 22.57
N THR D 157 -19.49 -8.70 22.03
CA THR D 157 -20.27 -8.80 20.81
C THR D 157 -21.75 -8.98 21.13
N VAL D 158 -22.60 -8.25 20.43
CA VAL D 158 -24.04 -8.47 20.44
C VAL D 158 -24.48 -8.54 19.00
N ILE D 159 -24.96 -9.66 18.59
CA ILE D 159 -25.33 -9.88 17.21
C ILE D 159 -26.79 -9.53 17.04
N TYR D 160 -27.11 -8.90 15.92
CA TYR D 160 -28.47 -8.52 15.55
C TYR D 160 -28.76 -9.11 14.17
N GLU D 161 -29.70 -10.06 14.10
CA GLU D 161 -30.04 -10.70 12.83
C GLU D 161 -31.12 -9.92 12.12
N ALA D 162 -30.87 -9.55 10.86
CA ALA D 162 -31.78 -8.68 10.12
C ALA D 162 -31.90 -9.10 8.65
N HIS D 163 -33.10 -8.89 8.10
CA HIS D 163 -33.34 -9.03 6.68
C HIS D 163 -33.23 -7.64 6.02
N VAL D 164 -32.42 -7.55 4.97
CA VAL D 164 -32.11 -6.26 4.37
C VAL D 164 -33.40 -5.51 4.01
N LYS D 165 -34.38 -6.23 3.45
CA LYS D 165 -35.60 -5.59 3.02
C LYS D 165 -36.54 -5.33 4.20
N GLY D 166 -36.87 -6.38 4.96
CA GLY D 166 -37.83 -6.24 6.04
C GLY D 166 -37.43 -5.22 7.10
N LEU D 167 -36.13 -4.98 7.27
CA LEU D 167 -35.69 -4.08 8.33
C LEU D 167 -36.12 -2.64 8.07
N THR D 168 -36.08 -2.20 6.82
CA THR D 168 -36.29 -0.79 6.53
C THR D 168 -37.46 -0.52 5.61
N MET D 169 -38.16 -1.55 5.14
CA MET D 169 -39.19 -1.35 4.10
C MET D 169 -40.31 -0.43 4.57
N LEU D 170 -40.50 -0.27 5.89
CA LEU D 170 -41.58 0.52 6.46
C LEU D 170 -41.10 1.69 7.31
N HIS D 171 -39.80 1.99 7.29
CA HIS D 171 -39.25 2.96 8.20
C HIS D 171 -39.61 4.37 7.73
N PRO D 172 -40.31 5.17 8.54
CA PRO D 172 -40.82 6.45 8.04
C PRO D 172 -39.84 7.60 8.15
N ASP D 173 -38.55 7.35 8.00
CA ASP D 173 -37.55 8.40 7.94
C ASP D 173 -36.81 8.36 6.63
N LEU D 174 -36.86 7.26 5.96
CA LEU D 174 -36.15 7.08 4.72
C LEU D 174 -37.05 7.50 3.58
N PRO D 175 -36.48 8.13 2.57
CA PRO D 175 -37.23 8.33 1.32
C PRO D 175 -37.72 7.00 0.78
N GLU D 176 -38.81 7.05 0.01
CA GLU D 176 -39.47 5.83 -0.45
C GLU D 176 -38.50 4.92 -1.20
N GLU D 177 -37.61 5.51 -2.00
CA GLU D 177 -36.70 4.73 -2.83
C GLU D 177 -35.59 4.05 -2.04
N LEU D 178 -35.40 4.42 -0.76
CA LEU D 178 -34.40 3.77 0.07
C LEU D 178 -34.95 2.65 0.94
N ARG D 179 -36.27 2.61 1.16
CA ARG D 179 -36.87 1.59 2.03
C ARG D 179 -36.57 0.19 1.52
N GLY D 180 -36.02 -0.65 2.41
CA GLY D 180 -35.75 -2.03 2.04
C GLY D 180 -34.56 -2.25 1.13
N THR D 181 -33.64 -1.29 1.05
CA THR D 181 -32.47 -1.41 0.19
C THR D 181 -31.20 -1.32 1.03
N TYR D 182 -30.08 -1.71 0.40
CA TYR D 182 -28.76 -1.54 1.00
C TYR D 182 -28.53 -0.10 1.44
N ALA D 183 -28.83 0.86 0.57
CA ALA D 183 -28.68 2.27 0.93
C ALA D 183 -29.49 2.61 2.18
N GLY D 184 -30.67 2.00 2.33
CA GLY D 184 -31.45 2.20 3.54
C GLY D 184 -30.76 1.78 4.81
N LEU D 185 -29.92 0.74 4.74
CA LEU D 185 -29.15 0.33 5.91
C LEU D 185 -28.24 1.45 6.39
N ALA D 186 -27.68 2.20 5.46
CA ALA D 186 -26.74 3.26 5.78
C ALA D 186 -27.41 4.56 6.24
N HIS D 187 -28.74 4.63 6.27
CA HIS D 187 -29.41 5.85 6.72
C HIS D 187 -29.14 6.07 8.21
N PRO D 188 -28.92 7.31 8.63
CA PRO D 188 -28.55 7.56 10.04
C PRO D 188 -29.62 7.15 11.04
N SER D 189 -30.89 7.17 10.66
CA SER D 189 -31.94 6.69 11.56
C SER D 189 -31.82 5.20 11.82
N VAL D 190 -31.45 4.42 10.81
CA VAL D 190 -31.30 2.98 11.03
C VAL D 190 -30.02 2.68 11.78
N ILE D 191 -28.91 3.31 11.38
CA ILE D 191 -27.65 3.11 12.11
C ILE D 191 -27.79 3.62 13.55
N GLY D 192 -28.53 4.71 13.74
CA GLY D 192 -28.75 5.22 15.08
C GLY D 192 -29.55 4.27 15.95
N HIS D 193 -30.54 3.58 15.36
CA HIS D 193 -31.32 2.66 16.17
C HIS D 193 -30.48 1.45 16.58
N LEU D 194 -29.67 0.93 15.65
CA LEU D 194 -28.80 -0.20 15.99
C LEU D 194 -27.81 0.18 17.07
N ARG D 195 -27.32 1.41 17.02
CA ARG D 195 -26.31 1.88 17.95
C ARG D 195 -26.88 2.03 19.36
N GLU D 196 -28.02 2.71 19.48
CA GLU D 196 -28.64 2.88 20.79
C GLU D 196 -29.13 1.56 21.35
N LEU D 197 -29.46 0.61 20.49
CA LEU D 197 -29.84 -0.71 20.99
C LEU D 197 -28.63 -1.49 21.51
N GLY D 198 -27.42 -1.03 21.22
CA GLY D 198 -26.24 -1.74 21.66
C GLY D 198 -25.76 -2.83 20.73
N VAL D 199 -26.15 -2.79 19.45
CA VAL D 199 -25.75 -3.81 18.48
C VAL D 199 -24.31 -3.58 18.07
N THR D 200 -23.47 -4.62 18.17
CA THR D 200 -22.10 -4.54 17.68
C THR D 200 -21.87 -5.32 16.38
N ALA D 201 -22.75 -6.24 16.03
CA ALA D 201 -22.61 -7.01 14.80
C ALA D 201 -23.97 -7.16 14.16
N LEU D 202 -24.13 -6.60 12.97
CA LEU D 202 -25.34 -6.78 12.17
C LEU D 202 -25.15 -8.00 11.26
N GLU D 203 -25.95 -9.04 11.48
CA GLU D 203 -25.92 -10.24 10.66
C GLU D 203 -27.03 -10.15 9.62
N LEU D 204 -26.63 -10.09 8.34
CA LEU D 204 -27.58 -9.94 7.24
C LEU D 204 -28.01 -11.30 6.73
N MET D 205 -29.31 -11.47 6.54
CA MET D 205 -29.80 -12.69 5.88
C MET D 205 -29.43 -12.60 4.40
N PRO D 206 -29.43 -13.77 3.65
CA PRO D 206 -28.63 -13.86 2.42
C PRO D 206 -28.64 -12.63 1.54
N VAL D 207 -27.46 -12.06 1.26
CA VAL D 207 -27.35 -10.98 0.28
C VAL D 207 -26.72 -11.44 -1.03
N HIS D 208 -26.24 -12.68 -1.11
CA HIS D 208 -25.75 -13.20 -2.39
C HIS D 208 -26.92 -13.28 -3.35
N GLN D 209 -26.66 -12.97 -4.62
CA GLN D 209 -27.73 -12.95 -5.63
C GLN D 209 -28.48 -14.27 -5.64
N PHE D 210 -29.80 -14.22 -5.43
CA PHE D 210 -30.57 -15.45 -5.40
C PHE D 210 -31.68 -15.43 -6.46
N VAL D 211 -32.38 -16.54 -6.57
CA VAL D 211 -33.41 -16.73 -7.59
C VAL D 211 -34.77 -16.84 -6.92
N ASN D 212 -35.77 -16.22 -7.54
CA ASN D 212 -37.17 -16.33 -7.13
C ASN D 212 -37.73 -17.66 -7.65
N ASP D 213 -37.71 -18.70 -6.78
CA ASP D 213 -38.13 -20.08 -7.10
C ASP D 213 -39.35 -20.11 -8.01
N HIS D 214 -39.32 -20.95 -9.03
CA HIS D 214 -40.48 -21.11 -9.90
C HIS D 214 -41.69 -21.64 -9.15
N ARG D 215 -41.49 -22.62 -8.25
CA ARG D 215 -42.59 -23.13 -7.43
C ARG D 215 -43.29 -22.03 -6.65
N LEU D 216 -42.55 -21.02 -6.20
CA LEU D 216 -43.15 -19.94 -5.41
C LEU D 216 -43.88 -18.93 -6.30
N VAL D 217 -43.28 -18.56 -7.44
CA VAL D 217 -43.93 -17.62 -8.35
C VAL D 217 -45.23 -18.23 -8.88
N ASP D 218 -45.20 -19.50 -9.27
CA ASP D 218 -46.42 -20.17 -9.71
C ASP D 218 -47.50 -20.18 -8.64
N ALA D 219 -47.12 -20.07 -7.36
CA ALA D 219 -48.05 -20.07 -6.24
C ALA D 219 -48.49 -18.67 -5.81
N GLY D 220 -48.01 -17.62 -6.48
CA GLY D 220 -48.36 -16.27 -6.09
C GLY D 220 -47.53 -15.70 -4.95
N LEU D 221 -46.45 -16.38 -4.57
CA LEU D 221 -45.51 -15.96 -3.56
C LEU D 221 -44.20 -15.54 -4.23
N SER D 222 -43.18 -15.32 -3.41
CA SER D 222 -41.81 -15.08 -3.88
C SER D 222 -40.86 -15.71 -2.88
N ASN D 223 -39.55 -15.65 -3.19
CA ASN D 223 -38.54 -16.07 -2.22
C ASN D 223 -38.12 -14.84 -1.43
N TYR D 224 -38.49 -14.78 -0.17
CA TYR D 224 -38.22 -13.60 0.63
C TYR D 224 -36.87 -13.71 1.38
N TRP D 225 -36.63 -14.83 2.06
CA TRP D 225 -35.39 -14.95 2.82
C TRP D 225 -34.17 -15.07 1.89
N GLY D 226 -34.33 -15.72 0.74
CA GLY D 226 -33.28 -15.78 -0.26
C GLY D 226 -32.28 -16.91 -0.12
N TYR D 227 -32.69 -18.04 0.48
CA TYR D 227 -31.82 -19.20 0.63
C TYR D 227 -31.81 -20.01 -0.66
N ASN D 228 -31.48 -19.36 -1.77
CA ASN D 228 -31.48 -19.99 -3.07
C ASN D 228 -30.49 -19.28 -3.98
N THR D 229 -29.21 -19.50 -3.77
CA THR D 229 -28.19 -18.61 -4.30
C THR D 229 -27.85 -19.05 -5.72
N ILE D 230 -27.62 -18.05 -6.58
CA ILE D 230 -27.11 -18.30 -7.92
C ILE D 230 -25.79 -17.58 -8.11
N GLY D 231 -25.59 -16.46 -7.42
CA GLY D 231 -24.37 -15.72 -7.61
C GLY D 231 -23.60 -15.41 -6.34
N PHE D 232 -22.47 -16.07 -6.17
CA PHE D 232 -21.78 -16.06 -4.89
C PHE D 232 -20.86 -14.85 -4.71
N PHE D 233 -20.74 -14.01 -5.72
CA PHE D 233 -19.90 -12.82 -5.67
C PHE D 233 -20.72 -11.57 -5.91
N ALA D 234 -22.03 -11.68 -5.97
CA ALA D 234 -22.83 -10.53 -6.37
C ALA D 234 -23.91 -10.23 -5.33
N PRO D 235 -24.01 -8.97 -4.88
CA PRO D 235 -25.11 -8.59 -3.99
C PRO D 235 -26.43 -8.66 -4.74
N HIS D 236 -27.43 -9.29 -4.10
CA HIS D 236 -28.72 -9.51 -4.72
C HIS D 236 -29.28 -8.20 -5.23
N ASN D 237 -29.65 -8.17 -6.51
CA ASN D 237 -29.93 -6.89 -7.17
C ASN D 237 -31.25 -6.27 -6.72
N ALA D 238 -32.19 -7.08 -6.25
CA ALA D 238 -33.49 -6.57 -5.81
C ALA D 238 -33.40 -5.71 -4.55
N TYR D 239 -32.29 -5.76 -3.82
CA TYR D 239 -32.10 -4.93 -2.64
C TYR D 239 -31.36 -3.63 -2.97
N ALA D 240 -31.17 -3.33 -4.25
CA ALA D 240 -30.40 -2.17 -4.67
C ALA D 240 -31.36 -1.15 -5.27
N SER D 241 -31.42 0.03 -4.65
CA SER D 241 -32.15 1.14 -5.24
C SER D 241 -31.37 1.83 -6.34
N TRP D 242 -30.05 1.62 -6.42
CA TRP D 242 -29.22 2.32 -7.40
C TRP D 242 -29.15 1.64 -8.76
N GLY D 243 -29.59 0.40 -8.89
CA GLY D 243 -29.57 -0.28 -10.18
C GLY D 243 -28.76 -1.56 -10.14
N ASP D 244 -28.84 -2.31 -11.23
CA ASP D 244 -28.29 -3.67 -11.22
C ASP D 244 -27.23 -3.89 -12.27
N ARG D 245 -26.62 -2.84 -12.79
CA ARG D 245 -25.53 -3.00 -13.75
C ARG D 245 -24.19 -2.64 -13.12
N GLY D 246 -24.07 -2.92 -11.83
CA GLY D 246 -22.88 -2.65 -11.04
C GLY D 246 -23.12 -1.75 -9.84
N GLN D 247 -24.19 -0.95 -9.85
CA GLN D 247 -24.47 -0.04 -8.74
C GLN D 247 -24.80 -0.79 -7.46
N GLN D 248 -25.37 -2.00 -7.57
CA GLN D 248 -25.62 -2.82 -6.39
C GLN D 248 -24.34 -3.10 -5.61
N VAL D 249 -23.19 -3.15 -6.31
CA VAL D 249 -21.91 -3.34 -5.63
C VAL D 249 -21.54 -2.08 -4.86
N LEU D 250 -21.55 -0.92 -5.54
CA LEU D 250 -21.26 0.35 -4.90
C LEU D 250 -22.19 0.60 -3.71
N GLU D 251 -23.48 0.28 -3.87
CA GLU D 251 -24.46 0.44 -2.81
C GLU D 251 -24.11 -0.43 -1.60
N PHE D 252 -23.82 -1.71 -1.82
CA PHE D 252 -23.40 -2.55 -0.71
C PHE D 252 -22.19 -1.97 0.01
N LYS D 253 -21.10 -1.70 -0.74
CA LYS D 253 -19.90 -1.17 -0.10
C LYS D 253 -20.21 0.12 0.68
N SER D 254 -21.07 0.98 0.15
CA SER D 254 -21.32 2.21 0.88
C SER D 254 -22.08 1.93 2.18
N ALA D 255 -22.86 0.85 2.24
CA ALA D 255 -23.53 0.51 3.49
C ALA D 255 -22.52 -0.01 4.51
N VAL D 256 -21.60 -0.86 4.08
CA VAL D 256 -20.60 -1.38 4.99
C VAL D 256 -19.77 -0.23 5.55
N ARG D 257 -19.36 0.68 4.67
CA ARG D 257 -18.61 1.86 5.07
C ARG D 257 -19.34 2.64 6.16
N ALA D 258 -20.64 2.89 5.96
CA ALA D 258 -21.40 3.65 6.96
C ALA D 258 -21.50 2.89 8.27
N LEU D 259 -21.80 1.59 8.21
CA LEU D 259 -21.91 0.80 9.44
C LEU D 259 -20.59 0.77 10.21
N HIS D 260 -19.45 0.70 9.49
CA HIS D 260 -18.14 0.72 10.15
C HIS D 260 -17.83 2.08 10.74
N GLN D 261 -18.31 3.16 10.10
CA GLN D 261 -18.14 4.48 10.69
C GLN D 261 -18.78 4.54 12.07
N ALA D 262 -19.84 3.76 12.29
CA ALA D 262 -20.51 3.71 13.59
C ALA D 262 -20.06 2.54 14.44
N GLY D 263 -18.99 1.85 14.07
CA GLY D 263 -18.50 0.74 14.88
C GLY D 263 -19.34 -0.51 14.89
N ILE D 264 -20.12 -0.75 13.84
CA ILE D 264 -20.92 -1.97 13.73
C ILE D 264 -20.30 -2.88 12.67
N GLU D 265 -19.99 -4.11 13.05
CA GLU D 265 -19.53 -5.13 12.11
C GLU D 265 -20.67 -5.61 11.22
N VAL D 266 -20.31 -6.25 10.10
CA VAL D 266 -21.29 -6.85 9.20
C VAL D 266 -21.01 -8.34 9.07
N ILE D 267 -21.99 -9.17 9.40
CA ILE D 267 -21.88 -10.63 9.29
C ILE D 267 -22.85 -11.11 8.21
N LEU D 268 -22.34 -11.88 7.26
CA LEU D 268 -23.14 -12.36 6.13
C LEU D 268 -23.59 -13.80 6.37
N ASP D 269 -24.90 -14.00 6.37
CA ASP D 269 -25.46 -15.34 6.19
C ASP D 269 -25.12 -15.79 4.79
N VAL D 270 -24.46 -16.95 4.65
CA VAL D 270 -24.00 -17.47 3.36
C VAL D 270 -24.47 -18.91 3.17
N VAL D 271 -24.90 -19.23 1.96
CA VAL D 271 -25.59 -20.50 1.69
C VAL D 271 -24.80 -21.23 0.61
N TYR D 272 -23.76 -21.97 1.00
CA TYR D 272 -22.85 -22.57 0.03
C TYR D 272 -23.18 -24.03 -0.24
N ASN D 273 -24.17 -24.60 0.44
CA ASN D 273 -24.40 -26.02 0.33
C ASN D 273 -25.23 -26.42 -0.90
N HIS D 274 -25.96 -25.49 -1.50
CA HIS D 274 -26.83 -25.79 -2.63
C HIS D 274 -26.95 -24.54 -3.49
N THR D 275 -27.59 -24.69 -4.66
CA THR D 275 -27.76 -23.57 -5.58
C THR D 275 -29.19 -23.53 -6.12
N ALA D 276 -29.50 -22.43 -6.81
CA ALA D 276 -30.82 -22.25 -7.44
C ALA D 276 -31.07 -23.18 -8.61
N GLU D 277 -30.10 -23.97 -9.05
CA GLU D 277 -30.38 -24.86 -10.18
C GLU D 277 -31.22 -26.06 -9.75
N GLY D 278 -31.33 -26.34 -8.46
CA GLY D 278 -32.23 -27.37 -7.96
C GLY D 278 -31.79 -28.76 -8.38
N ASN D 279 -32.76 -29.65 -8.57
CA ASN D 279 -32.45 -31.03 -8.95
C ASN D 279 -32.47 -31.12 -10.48
N HIS D 280 -32.47 -32.34 -11.02
CA HIS D 280 -32.37 -32.48 -12.47
C HIS D 280 -33.55 -31.89 -13.22
N LEU D 281 -34.65 -31.54 -12.55
CA LEU D 281 -35.77 -30.86 -13.19
C LEU D 281 -35.70 -29.35 -13.08
N GLY D 282 -34.69 -28.78 -12.40
CA GLY D 282 -34.56 -27.34 -12.30
C GLY D 282 -33.91 -26.74 -13.54
N PRO D 283 -33.69 -25.43 -13.49
CA PRO D 283 -33.20 -24.71 -14.67
C PRO D 283 -31.70 -24.93 -14.88
N THR D 284 -31.25 -24.60 -16.09
CA THR D 284 -29.82 -24.49 -16.37
C THR D 284 -29.49 -23.00 -16.43
N LEU D 285 -28.80 -22.52 -15.40
CA LEU D 285 -28.47 -21.12 -15.21
C LEU D 285 -26.96 -20.90 -15.22
N SER D 286 -26.21 -21.59 -14.36
CA SER D 286 -24.75 -21.46 -14.40
C SER D 286 -23.97 -22.76 -14.46
N MET D 287 -23.95 -23.50 -13.36
CA MET D 287 -22.90 -24.50 -13.22
C MET D 287 -23.29 -25.83 -13.84
N ARG D 288 -24.58 -26.12 -13.89
CA ARG D 288 -25.07 -27.32 -14.57
C ARG D 288 -24.61 -27.36 -16.02
N GLY D 289 -24.56 -26.19 -16.67
CA GLY D 289 -24.14 -26.07 -18.05
C GLY D 289 -22.64 -25.91 -18.23
N LEU D 290 -21.93 -25.55 -17.17
CA LEU D 290 -20.50 -25.30 -17.33
C LEU D 290 -19.69 -26.56 -17.16
N ASP D 291 -19.81 -27.22 -16.01
CA ASP D 291 -19.24 -28.55 -15.79
C ASP D 291 -20.06 -29.16 -14.65
N ASN D 292 -21.13 -29.88 -15.02
CA ASN D 292 -22.02 -30.46 -14.01
C ASN D 292 -21.32 -31.45 -13.07
N PRO D 293 -20.53 -32.42 -13.55
CA PRO D 293 -19.98 -33.40 -12.61
C PRO D 293 -18.94 -32.87 -11.63
N SER D 294 -18.33 -31.72 -11.88
CA SER D 294 -17.36 -31.24 -10.90
C SER D 294 -17.94 -30.16 -9.98
N TYR D 295 -19.16 -29.68 -10.23
CA TYR D 295 -19.79 -28.77 -9.28
C TYR D 295 -20.73 -29.48 -8.32
N TYR D 296 -21.52 -30.44 -8.80
CA TYR D 296 -22.57 -31.03 -8.00
C TYR D 296 -22.25 -32.46 -7.59
N ARG D 297 -22.63 -32.81 -6.37
CA ARG D 297 -22.51 -34.17 -5.88
C ARG D 297 -23.64 -34.98 -6.51
N LEU D 298 -23.27 -35.89 -7.40
CA LEU D 298 -24.24 -36.61 -8.20
C LEU D 298 -24.48 -37.99 -7.62
N ALA D 299 -25.68 -38.50 -7.83
CA ALA D 299 -26.00 -39.84 -7.38
C ALA D 299 -25.20 -40.87 -8.19
N ASP D 300 -25.28 -42.15 -7.82
CA ASP D 300 -24.54 -43.17 -8.56
C ASP D 300 -25.06 -43.29 -10.01
N ASP D 301 -26.36 -43.08 -10.22
CA ASP D 301 -26.91 -42.74 -11.53
C ASP D 301 -26.72 -41.24 -11.75
N PRO D 302 -25.76 -40.82 -12.58
CA PRO D 302 -25.36 -39.40 -12.60
C PRO D 302 -26.40 -38.46 -13.21
N ARG D 303 -27.53 -38.96 -13.72
CA ARG D 303 -28.63 -38.07 -14.05
C ARG D 303 -29.14 -37.33 -12.81
N TYR D 304 -28.99 -37.92 -11.62
CA TYR D 304 -29.68 -37.44 -10.44
C TYR D 304 -28.74 -36.85 -9.39
N TYR D 305 -29.29 -35.93 -8.61
CA TYR D 305 -28.53 -35.13 -7.66
C TYR D 305 -28.81 -35.62 -6.25
N MET D 306 -27.75 -35.75 -5.47
CA MET D 306 -27.96 -36.10 -4.08
C MET D 306 -28.32 -34.87 -3.28
N ASP D 307 -29.23 -35.06 -2.33
CA ASP D 307 -29.95 -33.97 -1.68
C ASP D 307 -29.90 -34.26 -0.20
N THR D 308 -28.85 -33.81 0.47
CA THR D 308 -28.73 -33.96 1.91
C THR D 308 -29.39 -32.81 2.65
N THR D 309 -30.11 -31.96 1.94
CA THR D 309 -30.62 -30.71 2.51
C THR D 309 -32.07 -30.39 2.16
N GLY D 310 -32.73 -31.15 1.29
CA GLY D 310 -34.10 -30.85 0.92
C GLY D 310 -34.28 -29.69 -0.03
N THR D 311 -33.22 -29.20 -0.67
CA THR D 311 -33.30 -28.06 -1.57
C THR D 311 -33.00 -28.42 -3.02
N GLY D 312 -32.78 -29.68 -3.32
CA GLY D 312 -32.61 -30.09 -4.71
C GLY D 312 -31.21 -30.53 -5.10
N ASN D 313 -30.18 -29.82 -4.64
CA ASN D 313 -28.83 -30.25 -4.99
C ASN D 313 -27.90 -29.99 -3.81
N SER D 314 -26.62 -30.21 -4.07
CA SER D 314 -25.56 -30.21 -3.07
C SER D 314 -24.27 -29.95 -3.82
N LEU D 315 -23.48 -28.98 -3.37
CA LEU D 315 -22.18 -28.76 -3.99
C LEU D 315 -21.19 -29.86 -3.61
N LEU D 316 -20.28 -30.17 -4.54
CA LEU D 316 -19.32 -31.25 -4.39
C LEU D 316 -18.13 -30.77 -3.56
N MET D 317 -18.17 -31.04 -2.25
CA MET D 317 -17.21 -30.44 -1.32
C MET D 317 -15.79 -30.98 -1.48
N ARG D 318 -15.59 -31.92 -2.40
CA ARG D 318 -14.32 -32.58 -2.65
C ARG D 318 -13.65 -32.04 -3.90
N SER D 319 -14.43 -31.39 -4.77
CA SER D 319 -13.96 -30.90 -6.06
C SER D 319 -13.11 -29.64 -5.87
N PRO D 320 -11.90 -29.60 -6.45
CA PRO D 320 -11.04 -28.42 -6.24
C PRO D 320 -11.65 -27.12 -6.66
N HIS D 321 -12.48 -27.12 -7.69
CA HIS D 321 -13.01 -25.86 -8.14
C HIS D 321 -14.27 -25.44 -7.40
N VAL D 322 -14.91 -26.36 -6.67
CA VAL D 322 -15.91 -25.94 -5.70
C VAL D 322 -15.25 -25.24 -4.51
N LEU D 323 -14.21 -25.85 -3.96
CA LEU D 323 -13.55 -25.25 -2.81
C LEU D 323 -12.90 -23.92 -3.16
N GLN D 324 -12.34 -23.82 -4.37
CA GLN D 324 -11.75 -22.55 -4.80
C GLN D 324 -12.82 -21.47 -4.93
N LEU D 325 -14.01 -21.83 -5.43
CA LEU D 325 -15.05 -20.82 -5.60
C LEU D 325 -15.56 -20.32 -4.24
N ILE D 326 -15.76 -21.22 -3.27
CA ILE D 326 -16.15 -20.83 -1.92
C ILE D 326 -15.08 -19.95 -1.27
N MET D 327 -13.82 -20.40 -1.33
CA MET D 327 -12.72 -19.62 -0.76
C MET D 327 -12.57 -18.27 -1.46
N ASP D 328 -12.66 -18.24 -2.79
CA ASP D 328 -12.59 -16.96 -3.49
C ASP D 328 -13.75 -16.06 -3.08
N SER D 329 -14.95 -16.63 -2.96
CA SER D 329 -16.10 -15.82 -2.58
C SER D 329 -15.95 -15.29 -1.15
N LEU D 330 -15.49 -16.13 -0.22
CA LEU D 330 -15.26 -15.66 1.14
C LEU D 330 -14.22 -14.53 1.15
N ARG D 331 -13.10 -14.74 0.47
CA ARG D 331 -12.07 -13.70 0.46
C ARG D 331 -12.58 -12.44 -0.22
N TYR D 332 -13.37 -12.58 -1.28
CA TYR D 332 -13.91 -11.40 -1.96
C TYR D 332 -14.83 -10.59 -1.04
N TRP D 333 -15.73 -11.27 -0.33
CA TRP D 333 -16.63 -10.52 0.56
C TRP D 333 -15.87 -9.87 1.72
N VAL D 334 -14.76 -10.46 2.18
CA VAL D 334 -13.97 -9.89 3.26
C VAL D 334 -13.07 -8.76 2.76
N THR D 335 -12.27 -9.05 1.74
CA THR D 335 -11.19 -8.15 1.33
C THR D 335 -11.70 -6.99 0.49
N GLU D 336 -12.71 -7.24 -0.35
CA GLU D 336 -13.24 -6.23 -1.26
C GLU D 336 -14.55 -5.59 -0.76
N MET D 337 -15.40 -6.37 -0.11
CA MET D 337 -16.65 -5.85 0.41
C MET D 337 -16.57 -5.46 1.88
N HIS D 338 -15.46 -5.81 2.57
CA HIS D 338 -15.13 -5.38 3.93
C HIS D 338 -16.05 -5.97 4.99
N VAL D 339 -16.64 -7.12 4.68
CA VAL D 339 -17.47 -7.86 5.61
C VAL D 339 -16.64 -8.41 6.77
N ASP D 340 -17.32 -8.67 7.91
CA ASP D 340 -16.63 -8.96 9.17
C ASP D 340 -16.77 -10.41 9.65
N GLY D 341 -17.70 -11.16 9.10
CA GLY D 341 -17.72 -12.58 9.39
C GLY D 341 -18.83 -13.23 8.61
N PHE D 342 -19.05 -14.51 8.88
CA PHE D 342 -20.04 -15.26 8.12
C PHE D 342 -20.77 -16.22 9.02
N ARG D 343 -22.06 -16.41 8.76
CA ARG D 343 -22.86 -17.46 9.37
C ARG D 343 -23.16 -18.49 8.28
N PHE D 344 -22.63 -19.71 8.47
CA PHE D 344 -22.72 -20.83 7.53
C PHE D 344 -23.83 -21.80 7.90
N ASP D 345 -24.36 -22.49 6.89
CA ASP D 345 -25.01 -23.78 7.13
C ASP D 345 -24.38 -24.79 6.20
N LEU D 346 -23.85 -25.87 6.77
CA LEU D 346 -23.22 -26.93 6.00
C LEU D 346 -23.93 -28.26 6.22
N VAL D 357 -18.34 -35.27 8.42
CA VAL D 357 -17.14 -34.69 9.01
C VAL D 357 -15.97 -34.98 8.07
N ASP D 358 -16.11 -36.05 7.29
CA ASP D 358 -15.07 -36.49 6.37
C ASP D 358 -15.09 -35.69 5.07
N ARG D 359 -16.28 -35.46 4.50
CA ARG D 359 -16.36 -34.74 3.24
C ARG D 359 -16.20 -33.24 3.41
N LEU D 360 -16.44 -32.71 4.62
CA LEU D 360 -16.16 -31.32 4.94
C LEU D 360 -14.73 -31.07 5.41
N SER D 361 -13.94 -32.12 5.59
CA SER D 361 -12.59 -31.98 6.13
C SER D 361 -11.75 -30.96 5.35
N SER D 362 -11.69 -31.06 4.01
CA SER D 362 -10.84 -30.14 3.25
C SER D 362 -11.31 -28.70 3.40
N PHE D 363 -12.63 -28.49 3.40
CA PHE D 363 -13.17 -27.15 3.61
C PHE D 363 -12.68 -26.53 4.92
N PHE D 364 -12.75 -27.30 6.02
CA PHE D 364 -12.24 -26.81 7.29
C PHE D 364 -10.75 -26.51 7.24
N ASP D 365 -9.97 -27.38 6.56
CA ASP D 365 -8.53 -27.15 6.43
C ASP D 365 -8.26 -25.83 5.72
N LEU D 366 -8.99 -25.56 4.64
CA LEU D 366 -8.85 -24.32 3.88
C LEU D 366 -9.15 -23.10 4.75
N VAL D 367 -10.31 -23.11 5.43
CA VAL D 367 -10.71 -21.98 6.26
C VAL D 367 -9.68 -21.71 7.34
N GLN D 368 -9.25 -22.75 8.04
CA GLN D 368 -8.34 -22.55 9.18
C GLN D 368 -7.01 -21.95 8.74
N GLN D 369 -6.50 -22.31 7.56
CA GLN D 369 -5.18 -21.83 7.17
C GLN D 369 -5.20 -20.51 6.39
N ASP D 370 -6.35 -20.05 5.91
CA ASP D 370 -6.35 -18.85 5.08
C ASP D 370 -6.15 -17.60 5.94
N PRO D 371 -5.18 -16.73 5.61
CA PRO D 371 -4.92 -15.55 6.45
C PRO D 371 -6.07 -14.56 6.53
N VAL D 372 -6.85 -14.43 5.45
CA VAL D 372 -7.96 -13.48 5.46
C VAL D 372 -9.19 -14.07 6.15
N VAL D 373 -9.55 -15.30 5.78
CA VAL D 373 -10.82 -15.86 6.21
C VAL D 373 -10.76 -16.40 7.64
N SER D 374 -9.61 -16.92 8.07
CA SER D 374 -9.51 -17.51 9.40
C SER D 374 -9.55 -16.45 10.50
N GLN D 375 -9.46 -15.17 10.15
CA GLN D 375 -9.40 -14.10 11.12
C GLN D 375 -10.70 -13.30 11.23
N VAL D 376 -11.70 -13.59 10.39
CA VAL D 376 -13.03 -13.03 10.58
C VAL D 376 -13.87 -13.95 11.46
N LYS D 377 -15.04 -13.46 11.87
CA LYS D 377 -15.92 -14.27 12.71
C LYS D 377 -16.52 -15.41 11.88
N LEU D 378 -16.41 -16.63 12.40
CA LEU D 378 -16.84 -17.85 11.71
C LEU D 378 -17.90 -18.52 12.57
N ILE D 379 -19.15 -18.48 12.10
CA ILE D 379 -20.28 -18.91 12.90
C ILE D 379 -21.05 -19.99 12.13
N ALA D 380 -21.24 -21.14 12.76
CA ALA D 380 -21.91 -22.27 12.14
C ALA D 380 -23.30 -22.49 12.73
N GLU D 381 -24.24 -22.83 11.84
CA GLU D 381 -25.52 -23.42 12.22
C GLU D 381 -25.36 -24.93 12.17
N PRO D 382 -25.32 -25.61 13.29
CA PRO D 382 -24.82 -26.99 13.34
C PRO D 382 -25.84 -28.10 13.01
N TRP D 383 -26.61 -27.90 11.96
CA TRP D 383 -27.59 -28.93 11.57
C TRP D 383 -27.57 -29.30 10.08
N GLN D 391 -24.80 -31.46 14.87
CA GLN D 391 -23.37 -31.26 15.14
C GLN D 391 -23.08 -30.25 16.26
N VAL D 392 -24.05 -29.94 17.15
CA VAL D 392 -23.83 -28.86 18.11
C VAL D 392 -22.78 -29.29 19.13
N GLY D 393 -21.74 -28.47 19.28
CA GLY D 393 -20.58 -28.84 20.07
C GLY D 393 -19.55 -29.68 19.36
N ASN D 394 -19.58 -29.72 18.02
CA ASN D 394 -18.74 -30.62 17.21
C ASN D 394 -17.83 -29.90 16.21
N PHE D 395 -17.91 -28.58 16.08
CA PHE D 395 -17.15 -27.87 15.05
C PHE D 395 -15.71 -27.66 15.50
N PRO D 396 -14.80 -27.38 14.56
CA PRO D 396 -13.41 -27.15 14.96
C PRO D 396 -13.32 -25.97 15.90
N PRO D 397 -12.36 -25.99 16.83
CA PRO D 397 -12.36 -25.00 17.93
C PRO D 397 -12.21 -23.55 17.48
N LEU D 398 -11.90 -23.30 16.20
CA LEU D 398 -11.93 -21.94 15.67
C LEU D 398 -13.35 -21.44 15.50
N TRP D 399 -14.33 -22.34 15.43
CA TRP D 399 -15.70 -21.96 15.07
C TRP D 399 -16.54 -21.59 16.30
N THR D 400 -17.37 -20.57 16.11
CA THR D 400 -18.49 -20.24 16.98
C THR D 400 -19.75 -20.93 16.44
N GLU D 401 -20.68 -21.29 17.35
CA GLU D 401 -21.87 -22.04 16.95
C GLU D 401 -23.15 -21.40 17.49
N TRP D 402 -24.19 -21.35 16.64
CA TRP D 402 -25.55 -21.22 17.14
C TRP D 402 -25.84 -22.37 18.10
N ASN D 403 -26.28 -22.03 19.31
CA ASN D 403 -26.53 -23.03 20.36
C ASN D 403 -28.03 -23.26 20.47
N GLY D 404 -28.53 -24.16 19.59
CA GLY D 404 -29.95 -24.49 19.61
C GLY D 404 -30.42 -25.07 20.93
N LYS D 405 -29.54 -25.80 21.63
CA LYS D 405 -29.89 -26.32 22.95
C LYS D 405 -30.14 -25.20 23.95
N TYR D 406 -29.48 -24.04 23.79
CA TYR D 406 -29.79 -22.87 24.62
C TYR D 406 -31.22 -22.39 24.37
N ARG D 407 -31.56 -22.19 23.10
CA ARG D 407 -32.91 -21.77 22.70
C ARG D 407 -34.00 -22.65 23.31
N ASP D 408 -33.81 -23.98 23.25
CA ASP D 408 -34.86 -24.91 23.69
C ASP D 408 -34.97 -24.94 25.21
N CYS D 409 -33.83 -24.94 25.90
CA CYS D 409 -33.86 -24.97 27.35
C CYS D 409 -34.48 -23.69 27.92
N VAL D 410 -34.11 -22.52 27.37
CA VAL D 410 -34.68 -21.27 27.88
C VAL D 410 -36.18 -21.23 27.60
N ARG D 411 -36.60 -21.71 26.42
CA ARG D 411 -38.01 -21.71 26.10
C ARG D 411 -38.79 -22.63 27.04
N ASP D 412 -38.17 -23.74 27.43
CA ASP D 412 -38.84 -24.69 28.30
C ASP D 412 -38.88 -24.20 29.74
N LEU D 413 -37.88 -23.41 30.15
CA LEU D 413 -37.90 -22.86 31.51
C LEU D 413 -39.12 -21.97 31.71
N TRP D 414 -39.32 -21.01 30.80
CA TRP D 414 -40.35 -20.00 31.00
C TRP D 414 -41.74 -20.48 30.61
N ARG D 415 -41.88 -21.66 30.01
CA ARG D 415 -43.19 -22.27 29.83
C ARG D 415 -43.49 -23.28 30.94
N GLY D 416 -42.61 -23.39 31.94
CA GLY D 416 -42.86 -24.19 33.12
C GLY D 416 -42.57 -25.67 32.98
N GLU D 417 -41.90 -26.08 31.91
CA GLU D 417 -41.67 -27.49 31.64
C GLU D 417 -40.92 -28.14 32.81
N PRO D 418 -41.26 -29.41 33.16
CA PRO D 418 -40.79 -29.99 34.43
C PRO D 418 -39.28 -30.07 34.67
N ARG D 419 -38.50 -30.72 33.82
CA ARG D 419 -37.09 -31.00 34.14
C ARG D 419 -36.18 -30.12 33.28
N THR D 420 -36.02 -28.87 33.70
CA THR D 420 -35.26 -27.91 32.92
C THR D 420 -34.28 -27.06 33.74
N LEU D 421 -34.37 -27.07 35.07
CA LEU D 421 -33.53 -26.21 35.88
C LEU D 421 -32.05 -26.58 35.76
N ALA D 422 -31.74 -27.88 35.84
CA ALA D 422 -30.34 -28.31 35.83
C ALA D 422 -29.67 -27.97 34.50
N GLU D 423 -30.35 -28.24 33.37
CA GLU D 423 -29.76 -27.84 32.10
C GLU D 423 -29.69 -26.33 31.98
N PHE D 424 -30.71 -25.62 32.46
CA PHE D 424 -30.70 -24.16 32.42
C PHE D 424 -29.49 -23.59 33.14
N ALA D 425 -29.10 -24.18 34.26
CA ALA D 425 -27.90 -23.74 34.97
C ALA D 425 -26.68 -23.78 34.06
N SER D 426 -26.58 -24.83 33.24
CA SER D 426 -25.44 -24.96 32.33
C SER D 426 -25.53 -23.97 31.19
N ARG D 427 -26.72 -23.82 30.60
CA ARG D 427 -26.88 -22.93 29.46
C ARG D 427 -26.68 -21.48 29.87
N LEU D 428 -27.13 -21.13 31.07
CA LEU D 428 -26.94 -19.76 31.53
C LEU D 428 -25.46 -19.44 31.71
N THR D 429 -24.64 -20.46 31.99
CA THR D 429 -23.22 -20.27 32.24
C THR D 429 -22.36 -20.71 31.05
N GLY D 430 -22.92 -20.69 29.83
CA GLY D 430 -22.14 -20.89 28.63
C GLY D 430 -21.95 -22.32 28.18
N SER D 431 -22.74 -23.26 28.70
CA SER D 431 -22.82 -24.61 28.17
C SER D 431 -21.45 -25.29 28.18
N SER D 432 -20.86 -25.39 29.37
CA SER D 432 -19.57 -26.07 29.46
C SER D 432 -19.70 -27.54 29.05
N ASP D 433 -20.88 -28.13 29.27
CA ASP D 433 -21.12 -29.51 28.85
C ASP D 433 -20.93 -29.71 27.34
N LEU D 434 -21.10 -28.66 26.53
CA LEU D 434 -20.95 -28.78 25.08
C LEU D 434 -19.61 -28.30 24.54
N TYR D 435 -18.94 -27.39 25.23
CA TYR D 435 -17.81 -26.68 24.65
C TYR D 435 -16.51 -26.82 25.43
N GLN D 436 -16.55 -27.25 26.69
CA GLN D 436 -15.35 -27.15 27.52
C GLN D 436 -14.30 -28.17 27.12
N ASP D 437 -14.69 -29.45 27.03
CA ASP D 437 -13.71 -30.49 26.73
C ASP D 437 -13.14 -30.36 25.31
N ASP D 438 -13.84 -29.67 24.40
CA ASP D 438 -13.31 -29.30 23.07
C ASP D 438 -12.10 -28.37 23.15
N GLY D 439 -11.82 -27.80 24.31
CA GLY D 439 -10.83 -26.75 24.40
C GLY D 439 -11.35 -25.38 24.04
N ARG D 440 -12.66 -25.17 24.09
CA ARG D 440 -13.23 -23.90 23.70
C ARG D 440 -13.60 -23.07 24.92
N ARG D 441 -14.04 -21.86 24.66
CA ARG D 441 -14.43 -20.87 25.63
C ARG D 441 -15.96 -20.80 25.72
N PRO D 442 -16.51 -20.16 26.77
CA PRO D 442 -17.97 -19.95 26.80
C PRO D 442 -18.48 -19.17 25.60
N LEU D 443 -17.60 -18.39 24.94
CA LEU D 443 -17.95 -17.52 23.82
C LEU D 443 -18.10 -18.26 22.49
N ALA D 444 -17.89 -19.57 22.46
CA ALA D 444 -18.26 -20.32 21.26
C ALA D 444 -19.78 -20.49 21.15
N SER D 445 -20.52 -20.26 22.23
CA SER D 445 -21.97 -20.42 22.27
C SER D 445 -22.63 -19.11 21.86
N VAL D 446 -23.20 -19.06 20.66
CA VAL D 446 -24.12 -17.98 20.33
C VAL D 446 -25.47 -18.37 20.88
N ASN D 447 -25.97 -17.60 21.84
CA ASN D 447 -27.24 -17.86 22.48
C ASN D 447 -28.31 -17.03 21.81
N PHE D 448 -29.51 -17.59 21.78
CA PHE D 448 -30.64 -16.88 21.20
C PHE D 448 -31.91 -17.56 21.69
N VAL D 449 -32.99 -16.80 21.71
CA VAL D 449 -34.31 -17.36 21.98
C VAL D 449 -35.19 -17.36 20.74
N THR D 450 -34.91 -16.49 19.78
CA THR D 450 -35.65 -16.44 18.52
C THR D 450 -34.64 -16.13 17.43
N CYS D 451 -34.93 -16.59 16.21
CA CYS D 451 -34.23 -16.11 15.02
C CYS D 451 -35.27 -16.04 13.91
N HIS D 452 -34.79 -15.86 12.68
CA HIS D 452 -35.71 -15.85 11.54
C HIS D 452 -36.45 -17.17 11.41
N ASP D 453 -35.81 -18.27 11.80
CA ASP D 453 -36.48 -19.56 11.85
C ASP D 453 -37.31 -19.68 13.11
N GLY D 454 -38.60 -19.90 12.96
CA GLY D 454 -39.48 -20.09 14.10
C GLY D 454 -40.29 -18.86 14.43
N PHE D 455 -40.76 -18.83 15.67
CA PHE D 455 -41.54 -17.70 16.17
C PHE D 455 -40.65 -16.49 16.42
N THR D 456 -41.17 -15.30 16.07
CA THR D 456 -40.67 -14.08 16.69
C THR D 456 -40.92 -14.13 18.21
N LEU D 457 -40.24 -13.23 18.94
CA LEU D 457 -40.36 -13.20 20.40
C LEU D 457 -41.81 -13.09 20.83
N ARG D 458 -42.57 -12.18 20.21
CA ARG D 458 -43.95 -11.98 20.62
C ARG D 458 -44.82 -13.19 20.29
N ASP D 459 -44.69 -13.75 19.09
CA ASP D 459 -45.48 -14.95 18.74
C ASP D 459 -45.08 -16.15 19.58
N LEU D 460 -43.86 -16.16 20.12
CA LEU D 460 -43.46 -17.23 21.04
C LEU D 460 -44.28 -17.18 22.34
N VAL D 461 -44.81 -16.02 22.72
CA VAL D 461 -45.65 -15.91 23.90
C VAL D 461 -47.14 -15.73 23.56
N SER D 462 -47.51 -15.84 22.27
CA SER D 462 -48.92 -15.72 21.87
C SER D 462 -49.47 -16.89 21.05
N TYR D 463 -48.69 -17.94 20.77
CA TYR D 463 -49.18 -19.07 19.98
C TYR D 463 -48.58 -20.37 20.45
N ASN D 464 -49.43 -21.39 20.66
CA ASN D 464 -48.92 -22.75 20.87
C ASN D 464 -48.61 -23.45 19.55
N GLU D 465 -49.37 -23.18 18.50
CA GLU D 465 -49.21 -23.86 17.22
C GLU D 465 -48.94 -22.86 16.11
N LYS D 466 -48.06 -23.25 15.18
CA LYS D 466 -47.76 -22.42 14.02
C LYS D 466 -49.01 -22.23 13.16
N ARG D 467 -48.98 -21.14 12.39
CA ARG D 467 -50.02 -20.74 11.45
C ARG D 467 -49.37 -20.46 10.09
N ASN D 468 -48.79 -21.51 9.49
CA ASN D 468 -48.03 -21.39 8.24
C ASN D 468 -48.87 -21.68 6.99
N GLU D 469 -50.20 -21.60 7.06
CA GLU D 469 -51.02 -22.02 5.93
C GLU D 469 -50.75 -21.17 4.69
N ALA D 470 -50.50 -19.88 4.88
CA ALA D 470 -50.29 -18.99 3.75
C ALA D 470 -49.05 -19.33 2.96
N ASN D 471 -48.15 -20.15 3.50
CA ASN D 471 -46.96 -20.59 2.79
C ASN D 471 -47.25 -21.63 1.72
N GLY D 472 -48.50 -22.04 1.55
CA GLY D 472 -48.85 -22.98 0.49
C GLY D 472 -48.31 -24.39 0.65
N GLU D 473 -47.83 -24.76 1.84
CA GLU D 473 -47.40 -26.14 2.07
C GLU D 473 -48.31 -26.87 3.03
N GLY D 474 -49.57 -26.45 3.12
CA GLY D 474 -50.52 -27.09 4.00
C GLY D 474 -50.08 -27.15 5.45
N ASN D 475 -49.33 -26.14 5.90
CA ASN D 475 -48.90 -26.03 7.30
C ASN D 475 -48.04 -27.22 7.73
N ARG D 476 -47.22 -27.72 6.80
CA ARG D 476 -46.30 -28.79 7.10
C ARG D 476 -44.84 -28.33 7.15
N ASP D 477 -44.57 -27.13 6.66
CA ASP D 477 -43.24 -26.54 6.73
C ASP D 477 -43.04 -25.88 8.09
N GLY D 478 -41.78 -25.77 8.49
CA GLY D 478 -41.42 -25.13 9.73
C GLY D 478 -41.53 -26.06 10.91
N GLU D 479 -40.80 -25.71 11.97
CA GLU D 479 -40.65 -26.58 13.14
C GLU D 479 -42.00 -26.86 13.78
N ASN D 480 -42.14 -28.06 14.35
CA ASN D 480 -43.34 -28.47 15.03
C ASN D 480 -43.25 -28.37 16.54
N TYR D 481 -42.04 -28.47 17.11
CA TYR D 481 -41.85 -28.33 18.56
C TYR D 481 -41.28 -26.95 18.83
N ASN D 482 -42.18 -25.98 18.95
CA ASN D 482 -41.82 -24.59 19.20
C ASN D 482 -41.55 -24.28 20.67
N ARG D 483 -41.95 -25.16 21.58
CA ARG D 483 -41.77 -24.95 23.03
C ARG D 483 -42.30 -23.59 23.45
N SER D 484 -43.50 -23.27 22.96
CA SER D 484 -44.13 -21.98 23.19
C SER D 484 -45.36 -22.13 24.07
N TRP D 485 -45.81 -20.98 24.57
CA TRP D 485 -47.03 -20.93 25.34
C TRP D 485 -47.67 -19.56 25.14
N ASN D 486 -48.97 -19.58 24.86
CA ASN D 486 -49.72 -18.40 24.50
C ASN D 486 -50.10 -17.52 25.70
N CYS D 487 -49.78 -17.94 26.92
CA CYS D 487 -50.11 -17.19 28.13
C CYS D 487 -51.62 -17.05 28.34
N GLY D 488 -52.41 -17.97 27.80
CA GLY D 488 -53.82 -17.94 28.10
C GLY D 488 -54.80 -17.93 26.93
N GLU D 489 -54.36 -17.46 25.77
CA GLU D 489 -55.23 -17.43 24.60
C GLU D 489 -54.39 -17.56 23.34
N GLU D 490 -54.91 -18.29 22.36
CA GLU D 490 -54.25 -18.43 21.07
C GLU D 490 -54.46 -17.18 20.22
N GLY D 491 -53.37 -16.49 19.87
CA GLY D 491 -53.45 -15.33 19.00
C GLY D 491 -53.70 -14.04 19.76
N GLU D 492 -54.03 -13.00 19.00
CA GLU D 492 -54.28 -11.68 19.58
C GLU D 492 -55.33 -11.75 20.68
N THR D 493 -55.22 -10.84 21.65
CA THR D 493 -56.15 -10.85 22.76
C THR D 493 -56.17 -9.49 23.43
N GLU D 494 -57.27 -9.22 24.12
CA GLU D 494 -57.44 -7.96 24.84
C GLU D 494 -57.37 -8.11 26.34
N ASP D 495 -57.45 -9.34 26.87
CA ASP D 495 -57.28 -9.53 28.30
C ASP D 495 -56.04 -8.80 28.78
N VAL D 496 -56.25 -7.82 29.65
CA VAL D 496 -55.15 -7.06 30.24
C VAL D 496 -54.19 -8.00 30.95
N GLY D 497 -54.72 -8.99 31.65
CA GLY D 497 -53.91 -10.02 32.28
C GLY D 497 -52.99 -10.72 31.31
N ILE D 498 -53.56 -11.39 30.29
CA ILE D 498 -52.73 -12.06 29.29
C ILE D 498 -51.73 -11.07 28.69
N THR D 499 -52.17 -9.83 28.44
CA THR D 499 -51.26 -8.86 27.81
C THR D 499 -50.11 -8.48 28.73
N GLU D 500 -50.34 -8.35 30.05
CA GLU D 500 -49.21 -8.08 30.92
C GLU D 500 -48.32 -9.31 31.07
N LEU D 501 -48.92 -10.50 31.15
CA LEU D 501 -48.13 -11.73 31.22
C LEU D 501 -47.21 -11.87 30.00
N ARG D 502 -47.73 -11.55 28.81
CA ARG D 502 -46.91 -11.64 27.61
C ARG D 502 -45.80 -10.60 27.63
N ALA D 503 -46.13 -9.38 28.06
CA ALA D 503 -45.12 -8.34 28.20
C ALA D 503 -43.99 -8.80 29.12
N ARG D 504 -44.34 -9.45 30.23
CA ARG D 504 -43.34 -9.91 31.19
C ARG D 504 -42.57 -11.12 30.68
N GLN D 505 -43.22 -12.05 29.98
CA GLN D 505 -42.50 -13.20 29.44
C GLN D 505 -41.45 -12.75 28.41
N MET D 506 -41.81 -11.81 27.54
CA MET D 506 -40.83 -11.24 26.61
C MET D 506 -39.66 -10.61 27.36
N ARG D 507 -39.93 -9.92 28.48
CA ARG D 507 -38.84 -9.37 29.29
C ARG D 507 -38.01 -10.47 29.92
N ASN D 508 -38.64 -11.58 30.33
CA ASN D 508 -37.90 -12.73 30.85
C ASN D 508 -36.92 -13.29 29.82
N PHE D 509 -37.35 -13.39 28.57
CA PHE D 509 -36.48 -13.96 27.55
C PHE D 509 -35.29 -13.05 27.28
N LEU D 510 -35.54 -11.78 26.99
CA LEU D 510 -34.46 -10.85 26.70
C LEU D 510 -33.52 -10.70 27.88
N ALA D 511 -34.07 -10.66 29.11
CA ALA D 511 -33.23 -10.57 30.29
C ALA D 511 -32.38 -11.83 30.47
N THR D 512 -33.00 -13.02 30.35
CA THR D 512 -32.22 -14.25 30.45
C THR D 512 -31.09 -14.26 29.43
N LEU D 513 -31.38 -13.85 28.19
CA LEU D 513 -30.37 -13.86 27.15
C LEU D 513 -29.18 -12.98 27.54
N MET D 514 -29.44 -11.76 27.99
CA MET D 514 -28.34 -10.86 28.24
C MET D 514 -27.57 -11.16 29.53
N LEU D 515 -28.10 -12.01 30.42
CA LEU D 515 -27.35 -12.42 31.62
C LEU D 515 -26.66 -13.76 31.46
N SER D 516 -26.58 -14.29 30.25
CA SER D 516 -25.99 -15.59 29.99
C SER D 516 -24.59 -15.43 29.43
N GLN D 517 -23.64 -16.22 29.95
CA GLN D 517 -22.35 -16.41 29.29
C GLN D 517 -22.54 -16.82 27.84
N GLY D 518 -21.66 -16.33 26.98
CA GLY D 518 -21.70 -16.65 25.57
C GLY D 518 -21.79 -15.38 24.73
N VAL D 519 -22.36 -15.52 23.54
CA VAL D 519 -22.59 -14.38 22.66
C VAL D 519 -24.09 -14.30 22.39
N PRO D 520 -24.74 -13.19 22.71
CA PRO D 520 -26.17 -13.09 22.46
C PRO D 520 -26.47 -12.65 21.04
N MET D 521 -27.57 -13.17 20.51
CA MET D 521 -28.09 -12.71 19.24
C MET D 521 -29.57 -12.40 19.39
N LEU D 522 -29.98 -11.26 18.86
CA LEU D 522 -31.36 -10.77 18.84
C LEU D 522 -31.93 -10.91 17.44
N SER D 523 -33.24 -11.10 17.37
CA SER D 523 -33.92 -11.18 16.08
C SER D 523 -34.55 -9.82 15.81
N HIS D 524 -34.23 -9.25 14.64
CA HIS D 524 -34.68 -7.90 14.32
C HIS D 524 -36.19 -7.75 14.48
N GLY D 525 -36.59 -6.72 15.25
CA GLY D 525 -37.98 -6.41 15.50
C GLY D 525 -38.52 -6.89 16.84
N ASP D 526 -37.82 -7.83 17.48
CA ASP D 526 -38.25 -8.31 18.79
C ASP D 526 -38.17 -7.22 19.85
N GLU D 527 -37.32 -6.23 19.65
CA GLU D 527 -37.35 -5.01 20.45
C GLU D 527 -38.62 -4.20 20.22
N PHE D 528 -39.39 -4.51 19.17
CA PHE D 528 -40.66 -3.88 18.87
C PHE D 528 -41.83 -4.83 19.01
N GLY D 529 -41.58 -6.05 19.47
CA GLY D 529 -42.65 -7.03 19.49
C GLY D 529 -43.21 -7.38 18.13
N ARG D 530 -42.35 -7.45 17.11
CA ARG D 530 -42.75 -7.93 15.79
C ARG D 530 -43.51 -9.25 15.87
N THR D 531 -44.57 -9.34 15.09
CA THR D 531 -45.40 -10.54 15.01
C THR D 531 -45.53 -10.95 13.56
N GLN D 532 -45.42 -12.25 13.30
CA GLN D 532 -45.73 -12.78 11.98
C GLN D 532 -47.11 -13.42 11.91
N GLY D 533 -48.01 -13.06 12.83
CA GLY D 533 -49.34 -13.64 12.85
C GLY D 533 -49.37 -15.09 13.24
N GLY D 534 -48.32 -15.58 13.90
CA GLY D 534 -48.19 -16.99 14.19
C GLY D 534 -47.50 -17.79 13.11
N ASN D 535 -47.21 -17.20 11.95
CA ASN D 535 -46.41 -17.87 10.94
C ASN D 535 -45.00 -18.05 11.45
N ASN D 536 -44.57 -19.31 11.60
CA ASN D 536 -43.26 -19.60 12.16
C ASN D 536 -42.24 -20.00 11.10
N ASN D 537 -42.58 -19.87 9.82
CA ASN D 537 -41.59 -20.15 8.79
C ASN D 537 -41.92 -19.28 7.57
N ALA D 538 -41.47 -18.02 7.61
CA ALA D 538 -42.00 -17.02 6.69
C ALA D 538 -41.03 -16.76 5.52
N TYR D 539 -40.41 -17.83 5.01
CA TYR D 539 -39.41 -17.72 3.95
C TYR D 539 -39.97 -17.10 2.68
N CYS D 540 -41.27 -17.27 2.44
CA CYS D 540 -41.86 -16.88 1.17
C CYS D 540 -42.85 -15.71 1.30
N GLN D 541 -42.75 -14.93 2.37
CA GLN D 541 -43.70 -13.85 2.66
C GLN D 541 -43.01 -12.49 2.61
N ASP D 542 -42.95 -11.89 1.42
CA ASP D 542 -42.35 -10.58 1.23
C ASP D 542 -43.48 -9.56 1.25
N ASN D 543 -43.95 -9.28 2.46
CA ASN D 543 -45.17 -8.51 2.71
C ASN D 543 -45.21 -8.17 4.19
N GLU D 544 -46.36 -7.66 4.66
CA GLU D 544 -46.43 -7.15 6.02
C GLU D 544 -46.34 -8.25 7.07
N VAL D 545 -46.51 -9.52 6.68
CA VAL D 545 -46.24 -10.62 7.60
C VAL D 545 -44.81 -10.54 8.12
N SER D 546 -43.86 -10.18 7.25
CA SER D 546 -42.44 -10.23 7.58
C SER D 546 -41.85 -8.88 8.02
N TRP D 547 -42.23 -7.81 7.35
CA TRP D 547 -41.58 -6.49 7.55
C TRP D 547 -41.67 -5.94 8.96
N VAL D 548 -40.63 -5.23 9.33
CA VAL D 548 -40.58 -4.57 10.65
C VAL D 548 -41.49 -3.35 10.66
N ARG D 549 -42.33 -3.28 11.68
CA ARG D 549 -43.21 -2.12 11.91
C ARG D 549 -42.51 -1.25 12.92
N TRP D 550 -42.21 -0.04 12.52
CA TRP D 550 -41.53 0.95 13.37
C TRP D 550 -42.54 1.75 14.18
N PRO D 551 -42.19 2.21 15.38
CA PRO D 551 -43.07 3.06 16.14
C PRO D 551 -42.82 4.49 15.69
N GLU D 558 -39.52 5.01 23.30
CA GLU D 558 -40.48 5.38 24.34
C GLU D 558 -41.33 4.20 24.81
N ALA D 559 -41.47 3.16 23.98
CA ALA D 559 -42.18 1.95 24.38
C ALA D 559 -41.36 1.15 25.39
N THR D 560 -42.08 0.47 26.29
CA THR D 560 -41.43 -0.18 27.43
C THR D 560 -40.46 -1.26 26.97
N LEU D 561 -40.89 -2.14 26.05
CA LEU D 561 -40.03 -3.24 25.61
C LEU D 561 -38.70 -2.72 25.06
N LEU D 562 -38.77 -1.77 24.11
CA LEU D 562 -37.55 -1.18 23.56
C LEU D 562 -36.68 -0.52 24.63
N ARG D 563 -37.30 0.10 25.64
CA ARG D 563 -36.50 0.73 26.68
C ARG D 563 -35.89 -0.32 27.59
N PHE D 564 -36.61 -1.41 27.83
CA PHE D 564 -36.07 -2.53 28.61
C PHE D 564 -34.93 -3.23 27.86
N THR D 565 -35.07 -3.38 26.54
CA THR D 565 -34.06 -4.11 25.77
C THR D 565 -32.75 -3.33 25.72
N ARG D 566 -32.81 -2.05 25.31
CA ARG D 566 -31.62 -1.19 25.33
C ARG D 566 -30.94 -1.17 26.69
N SER D 567 -31.73 -1.12 27.76
CA SER D 567 -31.18 -1.10 29.11
C SER D 567 -30.52 -2.42 29.46
N MET D 568 -31.13 -3.54 29.07
CA MET D 568 -30.52 -4.83 29.38
C MET D 568 -29.24 -5.04 28.59
N VAL D 569 -29.19 -4.55 27.34
CA VAL D 569 -27.92 -4.63 26.61
C VAL D 569 -26.87 -3.75 27.28
N ARG D 570 -27.26 -2.55 27.75
CA ARG D 570 -26.32 -1.70 28.47
C ARG D 570 -25.79 -2.41 29.71
N LEU D 571 -26.67 -3.09 30.46
CA LEU D 571 -26.26 -3.80 31.68
C LEU D 571 -25.16 -4.81 31.39
N ARG D 572 -25.34 -5.61 30.34
CA ARG D 572 -24.33 -6.61 30.00
C ARG D 572 -23.04 -5.95 29.50
N ARG D 573 -23.16 -4.84 28.76
CA ARG D 573 -21.96 -4.14 28.29
C ARG D 573 -21.17 -3.56 29.47
N GLU D 574 -21.86 -3.07 30.50
CA GLU D 574 -21.20 -2.38 31.59
C GLU D 574 -20.55 -3.32 32.59
N HIS D 575 -20.84 -4.62 32.55
CA HIS D 575 -20.42 -5.56 33.59
C HIS D 575 -19.76 -6.82 33.03
N PRO D 576 -18.46 -6.99 33.21
CA PRO D 576 -17.76 -8.10 32.54
C PRO D 576 -18.11 -9.51 33.05
N VAL D 577 -18.74 -9.67 34.24
CA VAL D 577 -19.07 -11.01 34.71
C VAL D 577 -20.13 -11.69 33.88
N PHE D 578 -20.90 -10.94 33.10
CA PHE D 578 -21.91 -11.55 32.26
C PHE D 578 -21.34 -12.03 30.94
N ARG D 579 -20.08 -11.70 30.64
CA ARG D 579 -19.45 -12.03 29.37
C ARG D 579 -18.00 -12.51 29.59
N ARG D 580 -17.81 -13.49 30.48
CA ARG D 580 -16.45 -13.95 30.79
C ARG D 580 -15.82 -14.68 29.59
N ARG D 581 -14.49 -14.81 29.64
CA ARG D 581 -13.72 -15.52 28.63
C ARG D 581 -13.29 -16.91 29.10
N ARG D 582 -13.56 -17.26 30.36
CA ARG D 582 -13.35 -18.60 30.88
C ARG D 582 -14.66 -19.09 31.46
N PHE D 583 -14.79 -20.42 31.58
CA PHE D 583 -15.89 -21.00 32.33
C PHE D 583 -15.73 -20.70 33.81
N PHE D 584 -16.85 -20.70 34.54
CA PHE D 584 -16.79 -20.52 35.98
C PHE D 584 -16.07 -21.69 36.63
N HIS D 585 -15.21 -21.34 37.60
CA HIS D 585 -14.40 -22.33 38.32
C HIS D 585 -15.25 -23.17 39.27
N GLY D 586 -16.26 -22.57 39.91
CA GLY D 586 -17.00 -23.25 40.95
C GLY D 586 -16.31 -23.11 42.29
N ARG D 587 -16.54 -24.06 43.20
CA ARG D 587 -15.86 -24.05 44.50
C ARG D 587 -14.45 -24.62 44.35
N PRO D 588 -13.43 -23.96 44.89
CA PRO D 588 -12.06 -24.45 44.68
C PRO D 588 -11.77 -25.68 45.52
N VAL D 589 -10.99 -26.59 44.94
CA VAL D 589 -10.64 -27.84 45.63
C VAL D 589 -9.36 -27.67 46.46
N LEU D 596 -10.87 -18.92 46.23
CA LEU D 596 -11.95 -17.98 45.93
C LEU D 596 -13.05 -18.65 45.11
N THR D 597 -14.31 -18.29 45.37
CA THR D 597 -15.46 -18.89 44.71
C THR D 597 -16.15 -17.87 43.82
N ASP D 598 -16.27 -18.18 42.53
CA ASP D 598 -16.81 -17.23 41.57
C ASP D 598 -18.27 -17.48 41.24
N ILE D 599 -18.82 -18.65 41.57
CA ILE D 599 -20.24 -18.89 41.36
C ILE D 599 -20.76 -19.76 42.51
N ALA D 600 -22.03 -19.50 42.87
CA ALA D 600 -22.72 -20.24 43.92
C ALA D 600 -24.19 -20.36 43.54
N TRP D 601 -24.81 -21.49 43.87
CA TRP D 601 -26.23 -21.73 43.61
C TRP D 601 -26.98 -21.89 44.94
N PHE D 602 -28.11 -21.19 45.07
CA PHE D 602 -28.90 -21.23 46.30
C PHE D 602 -30.36 -21.58 46.02
N THR D 603 -30.96 -22.34 46.95
CA THR D 603 -32.41 -22.51 47.01
C THR D 603 -33.08 -21.14 47.23
N PRO D 604 -34.36 -21.01 46.83
CA PRO D 604 -35.04 -19.72 47.06
C PRO D 604 -35.04 -19.30 48.52
N GLU D 605 -35.15 -20.25 49.45
CA GLU D 605 -35.08 -19.85 50.86
C GLU D 605 -33.63 -19.72 51.34
N GLY D 606 -32.64 -19.84 50.46
CA GLY D 606 -31.31 -19.31 50.72
C GLY D 606 -30.22 -20.30 51.07
N GLU D 607 -30.48 -21.60 51.02
CA GLU D 607 -29.44 -22.59 51.30
C GLU D 607 -28.68 -22.93 50.04
N GLU D 608 -27.39 -23.24 50.20
CA GLU D 608 -26.60 -23.74 49.08
C GLU D 608 -27.22 -25.03 48.55
N MET D 609 -27.28 -25.14 47.22
CA MET D 609 -27.92 -26.30 46.63
C MET D 609 -26.99 -27.50 46.67
N THR D 610 -27.59 -28.69 46.80
CA THR D 610 -26.89 -29.96 46.77
C THR D 610 -27.13 -30.62 45.42
N SER D 611 -26.49 -31.78 45.23
CA SER D 611 -26.81 -32.57 44.05
C SER D 611 -28.26 -33.04 44.09
N ARG D 612 -28.77 -33.36 45.28
CA ARG D 612 -30.16 -33.78 45.42
C ARG D 612 -31.13 -32.70 44.96
N ASP D 613 -30.88 -31.46 45.40
CA ASP D 613 -31.70 -30.33 44.96
C ASP D 613 -31.68 -30.16 43.45
N TRP D 614 -30.53 -30.46 42.81
CA TRP D 614 -30.44 -30.40 41.35
C TRP D 614 -31.21 -31.54 40.69
N GLN D 615 -31.19 -32.72 41.32
CA GLN D 615 -31.85 -33.89 40.77
C GLN D 615 -33.34 -33.92 41.07
N ALA D 616 -33.80 -33.07 41.98
CA ALA D 616 -35.24 -32.91 42.19
C ALA D 616 -35.87 -32.52 40.86
N ALA D 617 -36.70 -33.42 40.33
CA ALA D 617 -37.24 -33.21 38.99
C ALA D 617 -38.19 -32.02 38.94
N HIS D 618 -38.98 -31.82 39.99
CA HIS D 618 -39.93 -30.72 40.02
C HIS D 618 -39.41 -29.64 40.98
N ALA D 619 -38.59 -28.75 40.42
CA ALA D 619 -37.99 -27.61 41.10
C ALA D 619 -37.83 -26.50 40.05
N GLN D 620 -38.31 -25.30 40.36
CA GLN D 620 -38.43 -24.27 39.33
C GLN D 620 -37.85 -22.92 39.76
N ALA D 621 -36.99 -22.88 40.77
CA ALA D 621 -36.55 -21.61 41.33
C ALA D 621 -35.11 -21.73 41.79
N LEU D 622 -34.37 -20.63 41.62
CA LEU D 622 -32.92 -20.63 41.73
C LEU D 622 -32.49 -19.21 42.06
N THR D 623 -31.53 -19.07 42.96
CA THR D 623 -30.77 -17.83 43.06
C THR D 623 -29.32 -18.15 42.72
N VAL D 624 -28.72 -17.33 41.87
CA VAL D 624 -27.35 -17.51 41.37
C VAL D 624 -26.50 -16.34 41.83
N PHE D 625 -25.40 -16.65 42.50
CA PHE D 625 -24.39 -15.66 42.86
C PHE D 625 -23.26 -15.63 41.81
N LEU D 626 -22.99 -14.46 41.26
CA LEU D 626 -21.87 -14.23 40.35
C LEU D 626 -20.86 -13.29 41.02
N ASN D 627 -19.65 -13.79 41.26
CA ASN D 627 -18.65 -13.03 42.01
C ASN D 627 -17.85 -12.14 41.06
N GLY D 628 -18.13 -10.83 41.11
CA GLY D 628 -17.38 -9.87 40.32
C GLY D 628 -15.94 -9.68 40.73
N ASN D 629 -15.56 -10.20 41.91
CA ASN D 629 -14.18 -10.17 42.39
C ASN D 629 -13.39 -11.41 42.00
N ALA D 630 -14.00 -12.34 41.26
CA ALA D 630 -13.38 -13.61 40.96
C ALA D 630 -13.25 -13.86 39.46
N ILE D 631 -13.11 -12.80 38.68
CA ILE D 631 -12.80 -12.90 37.26
C ILE D 631 -11.29 -13.03 37.11
N SER D 632 -10.81 -14.23 36.74
CA SER D 632 -9.38 -14.51 36.70
C SER D 632 -8.70 -14.08 35.40
N GLU D 633 -9.44 -13.96 34.32
CA GLU D 633 -8.77 -13.74 33.05
C GLU D 633 -8.37 -12.27 32.91
N PRO D 634 -7.20 -12.00 32.35
CA PRO D 634 -6.71 -10.61 32.27
C PRO D 634 -7.27 -9.86 31.08
N GLY D 635 -7.29 -8.54 31.20
CA GLY D 635 -7.57 -7.67 30.08
C GLY D 635 -6.38 -7.61 29.12
N THR D 636 -6.56 -6.81 28.05
CA THR D 636 -5.59 -6.77 26.94
C THR D 636 -4.16 -6.49 27.39
N GLN D 637 -3.98 -5.83 28.54
CA GLN D 637 -2.65 -5.50 29.05
C GLN D 637 -2.30 -6.25 30.32
N GLY D 638 -2.90 -7.41 30.56
CA GLY D 638 -2.61 -8.18 31.76
C GLY D 638 -3.28 -7.67 33.02
N GLU D 639 -3.95 -6.53 32.94
CA GLU D 639 -4.71 -5.93 34.03
C GLU D 639 -5.75 -6.91 34.59
N ARG D 640 -5.95 -6.88 35.91
CA ARG D 640 -7.06 -7.66 36.46
C ARG D 640 -8.38 -6.96 36.16
N ILE D 641 -9.37 -7.74 35.75
CA ILE D 641 -10.71 -7.26 35.43
C ILE D 641 -11.58 -7.43 36.67
N ALA D 642 -12.23 -6.34 37.11
CA ALA D 642 -13.05 -6.31 38.32
C ALA D 642 -14.45 -5.81 38.01
N ASP D 643 -15.45 -6.46 38.59
CA ASP D 643 -16.84 -6.11 38.39
C ASP D 643 -17.58 -6.09 39.72
N ASP D 644 -18.78 -5.50 39.70
CA ASP D 644 -19.73 -5.69 40.78
C ASP D 644 -20.16 -7.16 40.87
N SER D 645 -20.67 -7.53 42.03
CA SER D 645 -21.24 -8.87 42.21
C SER D 645 -22.76 -8.83 42.11
N PHE D 646 -23.33 -10.01 41.82
CA PHE D 646 -24.68 -10.06 41.29
C PHE D 646 -25.38 -11.28 41.88
N LEU D 647 -26.66 -11.10 42.20
CA LEU D 647 -27.58 -12.18 42.52
C LEU D 647 -28.66 -12.18 41.45
N LEU D 648 -28.83 -13.31 40.77
CA LEU D 648 -29.94 -13.51 39.84
C LEU D 648 -30.95 -14.44 40.48
N MET D 649 -32.22 -14.02 40.49
CA MET D 649 -33.30 -14.78 41.12
C MET D 649 -34.34 -15.11 40.05
N PHE D 650 -34.51 -16.40 39.75
CA PHE D 650 -35.43 -16.88 38.73
C PHE D 650 -36.61 -17.56 39.40
N ASN D 651 -37.82 -17.11 39.05
CA ASN D 651 -39.04 -17.80 39.48
C ASN D 651 -39.73 -18.23 38.19
N ALA D 652 -39.49 -19.47 37.78
CA ALA D 652 -40.11 -20.07 36.60
C ALA D 652 -41.31 -20.92 36.97
N SER D 653 -41.78 -20.81 38.20
CA SER D 653 -43.00 -21.45 38.68
C SER D 653 -44.22 -20.55 38.42
N ALA D 654 -45.40 -21.14 38.58
CA ALA D 654 -46.65 -20.44 38.34
C ALA D 654 -47.15 -19.69 39.59
N LYS D 655 -46.55 -19.92 40.75
CA LYS D 655 -46.98 -19.23 41.95
C LYS D 655 -45.94 -18.20 42.34
N GLU D 656 -46.39 -17.19 43.09
CA GLU D 656 -45.44 -16.27 43.69
C GLU D 656 -44.54 -17.03 44.66
N LEU D 657 -43.27 -16.64 44.72
CA LEU D 657 -42.28 -17.34 45.52
C LEU D 657 -41.49 -16.36 46.36
N GLU D 658 -41.35 -16.65 47.64
CA GLU D 658 -40.51 -15.82 48.48
C GLU D 658 -39.07 -16.27 48.36
N PHE D 659 -38.17 -15.32 48.15
CA PHE D 659 -36.74 -15.58 48.06
C PHE D 659 -36.05 -14.86 49.21
N VAL D 660 -35.01 -15.47 49.74
CA VAL D 660 -34.17 -14.84 50.74
C VAL D 660 -32.85 -14.48 50.08
N VAL D 661 -32.37 -13.27 50.38
CA VAL D 661 -31.07 -12.80 49.89
C VAL D 661 -29.99 -13.56 50.65
N PRO D 662 -29.27 -14.50 50.03
CA PRO D 662 -28.25 -15.28 50.74
C PRO D 662 -26.92 -14.52 50.78
N ASP D 663 -26.58 -14.02 51.94
CA ASP D 663 -25.41 -13.16 52.07
C ASP D 663 -25.15 -12.97 53.56
N SER D 664 -24.28 -12.00 53.87
CA SER D 664 -24.16 -11.47 55.21
C SER D 664 -25.48 -10.86 55.63
N HIS D 665 -25.58 -10.43 56.89
CA HIS D 665 -26.76 -9.72 57.36
C HIS D 665 -26.48 -8.23 57.56
N GLY D 666 -25.34 -7.75 57.07
CA GLY D 666 -25.00 -6.34 57.08
C GLY D 666 -24.56 -5.80 55.74
N ARG D 667 -24.70 -6.59 54.67
CA ARG D 667 -24.36 -6.18 53.31
C ARG D 667 -25.62 -5.85 52.53
N TYR D 668 -25.64 -4.68 51.89
CA TYR D 668 -26.80 -4.19 51.15
C TYR D 668 -26.65 -4.43 49.65
N TRP D 669 -27.74 -4.85 49.03
CA TRP D 669 -27.82 -5.08 47.60
C TRP D 669 -28.82 -4.12 46.99
N ARG D 670 -28.64 -3.84 45.71
CA ARG D 670 -29.49 -2.94 44.96
C ARG D 670 -30.21 -3.75 43.90
N MET D 671 -31.53 -3.61 43.84
CA MET D 671 -32.30 -4.25 42.78
C MET D 671 -32.09 -3.49 41.48
N VAL D 672 -31.51 -4.15 40.47
CA VAL D 672 -31.26 -3.52 39.19
C VAL D 672 -32.19 -4.03 38.11
N VAL D 673 -32.72 -5.25 38.22
CA VAL D 673 -33.63 -5.84 37.24
C VAL D 673 -34.83 -6.42 37.97
N ASP D 674 -36.02 -6.17 37.43
CA ASP D 674 -37.23 -6.87 37.87
C ASP D 674 -38.16 -6.96 36.67
N THR D 675 -38.26 -8.15 36.07
CA THR D 675 -39.09 -8.33 34.88
C THR D 675 -40.57 -8.10 35.14
N SER D 676 -41.02 -8.23 36.39
CA SER D 676 -42.44 -8.02 36.67
C SER D 676 -42.84 -6.55 36.73
N ASP D 677 -41.89 -5.62 36.86
CA ASP D 677 -42.24 -4.19 36.81
C ASP D 677 -42.72 -3.82 35.42
N PRO D 678 -44.00 -3.44 35.25
CA PRO D 678 -44.53 -3.25 33.89
C PRO D 678 -44.04 -1.98 33.20
N GLU D 679 -43.28 -1.14 33.90
CA GLU D 679 -42.72 0.07 33.32
C GLU D 679 -41.31 -0.12 32.79
N GLY D 680 -40.68 -1.26 33.10
CA GLY D 680 -39.34 -1.52 32.64
C GLY D 680 -38.33 -1.29 33.74
N MET D 681 -37.91 -2.36 34.40
CA MET D 681 -36.81 -2.32 35.36
C MET D 681 -35.73 -3.30 34.91
N PRO D 682 -34.62 -2.83 34.30
CA PRO D 682 -34.24 -1.45 33.99
C PRO D 682 -35.10 -0.86 32.86
N PRO D 683 -35.03 0.46 32.62
CA PRO D 683 -34.14 1.48 33.20
C PRO D 683 -34.61 2.10 34.53
N GLN D 684 -35.78 1.70 35.02
CA GLN D 684 -36.20 2.13 36.34
C GLN D 684 -35.32 1.48 37.40
N GLN D 685 -35.19 2.14 38.54
CA GLN D 685 -34.30 1.69 39.60
C GLN D 685 -35.10 1.31 40.84
N GLY D 686 -34.71 0.21 41.48
CA GLY D 686 -35.44 -0.33 42.60
C GLY D 686 -34.70 -0.24 43.92
N PRO D 687 -35.24 -0.90 44.93
CA PRO D 687 -34.84 -0.62 46.32
C PRO D 687 -33.51 -1.28 46.68
N GLU D 688 -32.96 -0.86 47.81
CA GLU D 688 -31.92 -1.64 48.48
C GLU D 688 -32.57 -2.81 49.19
N LEU D 689 -31.91 -3.96 49.14
CA LEU D 689 -32.28 -5.09 49.98
C LEU D 689 -31.07 -5.50 50.81
N ALA D 690 -31.30 -5.82 52.06
CA ALA D 690 -30.22 -6.32 52.90
C ALA D 690 -30.05 -7.82 52.69
N GLY D 691 -28.88 -8.32 53.07
CA GLY D 691 -28.70 -9.77 53.14
C GLY D 691 -29.61 -10.38 54.17
N GLY D 692 -30.04 -11.62 53.92
CA GLY D 692 -30.99 -12.29 54.78
C GLY D 692 -32.43 -11.79 54.70
N GLU D 693 -32.68 -10.71 53.96
CA GLU D 693 -34.02 -10.20 53.77
C GLU D 693 -34.83 -11.12 52.85
N ARG D 694 -36.10 -11.29 53.19
CA ARG D 694 -37.05 -12.02 52.35
C ARG D 694 -37.58 -11.10 51.24
N VAL D 695 -37.76 -11.65 50.04
CA VAL D 695 -38.29 -10.86 48.92
C VAL D 695 -39.15 -11.77 48.04
N THR D 696 -40.33 -11.28 47.68
CA THR D 696 -41.35 -12.08 47.01
C THR D 696 -41.31 -11.79 45.51
N LEU D 697 -41.21 -12.84 44.70
CA LEU D 697 -41.10 -12.70 43.24
C LEU D 697 -42.40 -13.15 42.59
N ALA D 698 -42.92 -12.34 41.67
CA ALA D 698 -44.12 -12.71 40.94
C ALA D 698 -43.88 -14.01 40.17
N PRO D 699 -44.94 -14.76 39.87
CA PRO D 699 -44.76 -15.93 39.01
C PRO D 699 -44.17 -15.52 37.67
N LEU D 700 -43.35 -16.41 37.12
CA LEU D 700 -42.71 -16.21 35.81
C LEU D 700 -42.02 -14.84 35.73
N SER D 701 -41.08 -14.64 36.65
CA SER D 701 -40.39 -13.36 36.76
C SER D 701 -38.92 -13.59 37.08
N LEU D 702 -38.16 -12.53 36.94
CA LEU D 702 -36.72 -12.60 37.21
C LEU D 702 -36.31 -11.30 37.87
N THR D 703 -35.50 -11.40 38.93
CA THR D 703 -35.02 -10.25 39.69
C THR D 703 -33.50 -10.35 39.83
N VAL D 704 -32.83 -9.22 39.64
CA VAL D 704 -31.37 -9.18 39.71
C VAL D 704 -30.96 -8.12 40.73
N LEU D 705 -30.16 -8.53 41.71
CA LEU D 705 -29.56 -7.63 42.69
C LEU D 705 -28.08 -7.45 42.39
N ARG D 706 -27.53 -6.32 42.81
CA ARG D 706 -26.16 -5.94 42.47
C ARG D 706 -25.54 -5.23 43.65
N ARG D 707 -24.41 -5.73 44.15
CA ARG D 707 -23.69 -5.02 45.20
C ARG D 707 -22.27 -4.74 44.77
N PRO D 708 -21.68 -3.63 45.21
CA PRO D 708 -20.25 -3.43 44.98
C PRO D 708 -19.43 -4.24 45.96
N ALA D 709 -18.34 -4.81 45.46
CA ALA D 709 -17.46 -5.63 46.30
C ALA D 709 -16.04 -5.59 45.77
#